data_9GU0
#
_entry.id   9GU0
#
_cell.length_a   1.00
_cell.length_b   1.00
_cell.length_c   1.00
_cell.angle_alpha   90.00
_cell.angle_beta   90.00
_cell.angle_gamma   90.00
#
_symmetry.space_group_name_H-M   'P 1'
#
loop_
_entity.id
_entity.type
_entity.pdbx_description
1 polymer 'Acetylcholine receptor subunit alpha'
2 polymer 'Acetylcholine receptor subunit beta'
3 polymer 'Fab35 light chain'
4 polymer 'Acetylcholine receptor subunit delta'
5 polymer 'Acetylcholine receptor subunit epsilon,Green fluorescent protein'
6 polymer 'Fab35 heavy chain'
7 polymer Alpha-bungarotoxin
8 branched alpha-D-mannopyranose-(1-3)-[alpha-D-mannopyranose-(1-6)]alpha-D-mannopyranose-(1-6)-[alpha-D-mannopyranose-(1-3)]beta-D-mannopyranose-(1-4)-2-acetamido-2-deoxy-beta-D-glucopyranose-(1-4)-2-acetamido-2-deoxy-beta-D-glucopyranose
9 branched alpha-D-mannopyranose-(1-6)-beta-D-mannopyranose-(1-4)-2-acetamido-2-deoxy-beta-D-glucopyranose-(1-4)-2-acetamido-2-deoxy-beta-D-glucopyranose
10 branched 2-acetamido-2-deoxy-beta-D-glucopyranose-(1-2)-alpha-D-mannopyranose-(1-3)-[alpha-D-mannopyranose-(1-3)-alpha-D-mannopyranose-(1-6)]beta-D-mannopyranose-(1-4)-2-acetamido-2-deoxy-beta-D-glucopyranose-(1-4)-2-acetamido-2-deoxy-beta-D-glucopyranose
11 branched 2-acetamido-2-deoxy-beta-D-glucopyranose-(1-4)-2-acetamido-2-deoxy-beta-D-glucopyranose
12 branched beta-D-mannopyranose-(1-4)-2-acetamido-2-deoxy-beta-D-glucopyranose-(1-4)-2-acetamido-2-deoxy-beta-D-glucopyranose
13 non-polymer 2-acetamido-2-deoxy-beta-D-glucopyranose
#
loop_
_entity_poly.entity_id
_entity_poly.type
_entity_poly.pdbx_seq_one_letter_code
_entity_poly.pdbx_strand_id
1 'polypeptide(L)'
;SEHETRLVAKLFKDYSSVVRPVEDHRQVVEVTVGLQLIQLINVDEVNQIVTTNVRLKQQWVDYNLKWNPDDYGGVKKIHI
PSEKIWRPDLVLYNNADGDFAIVKFTKVLLQYTGHITWTPPAIFKSYCEIIVTHFPFDEQNCSMKLGTWTYDGSVVAINP
ESDQPDLSNFMESGEWVIKESRGWKHSVTYSCCPDTPYLDITYHFVMQRLPLYFIVNVIIPCLLFSFLTGLVFYLPTDSG
EKMTLSISVLLSLTVFLLVIVELIPSTSSAVPLIGKYMLFTMVFVIASIIITVIVINTHHRSPSTHVMPNWVRKVFIDTI
PNIMFFSTMKRPSREKQDKKIFTEDIDISDISGKPGPPPMGFHSPLIKHPEVKSAIEGIKYIAETMKSDQESNNAAAEWK
YVAMVMDHILLGVFMLVCIIGTLAVFAGRLIELNQQG
;
A,L
2 'polypeptide(L)'
;SEAEGRLREKLFSGYDSSVRPAREVGDRVRVSVGLILAQLISLNEKDEEMSTKVYLDLEWTDYRLSWDPAEHDGIDSLRI
TAESVWLPDVVLLNNNDGNFDVALDISVVVSSDGSVRWQPPGIYRSSCSIQVTYFPFDWQNCTMVFSSYSYDSSEVSLQT
GLGPDGQGHQEIHIHEGTFIENGQWEIIHKPSRLIQPPGDPRGGREGQRQEVIFYLIIRRKPLFYLVNVIAPCILITLLA
IFVFYLPPDAGEKMGLSIFALLTLTVFLLLLADKVPETSLSVPIIIKYLMFTMVLVTFSVILSVVVLNLHHRSPHTHQMP
LWVRQIFIHKLPLYLRLKRPKPERDLMPEPPHCSSPGSGWGRGTDEYFIRKPPSDFLFPKPNRFQPELSAPDLRRFIDGP
NRAVALLPELREVVSSISYIARQLQEQEDHDALKEDWQFVAMVVDRLFLWTFIIFTSVGTLVIFLDATYHLPPPDPFP
;
B
3 'polypeptide(L)'
;DIVITQSPSLLSASVGDRVTLTCKGSQNIDNYLAWYQQKLGEAPKLLIYKTNSLQTGIPSRFSGSGSGTDYTLTISSLHS
EDLATYYCYQYINGYTFGTGTKLELKRADAAPTVSIFPPSTEQLATGGASVVCLMNNFYPRDISVKWKIDGTERRDGVLD
SVTDQDSKDSTYSMSSTLSLTKADYESHNLYTCEVVHKTSSSPVVKSFNRNEC
;
C,G
4 'polypeptide(L)'
;LNEEERLIRHLFQEKGYNKELRPVAHKEESVDVALALTLSNLISLKEVEETLTTNVWIEHGWTDNRLKWNAEEFGNISVL
RLPPDMVWLPEIVLENNNDGSFQISYSCNVLVYHYGFVYWLPPAIFRSSCPISVTYFPFDWQNCSLKFSSLKYTAKEITL
SLKQDAKENRTYPVEWIIIDPEGFTENGEWEIVHRPARVNVDPRAPLDSPSRQDITFYLIIRRKPLFYIINILVPCVLIS
FMVNLVFYLPADSGEKTSVAISVLLAQSVFLLLISKRLPATSMAIPLIGKFLLFGMVLVTMVVVICVIVLNIHFRTPSTH
VLSEGVKKLFLETLPELLHMSRPAEDGPSPGALVRRSSSLGYISKAEEYFLLKSRSDLMFEKQSERHGLARRLTTARRPP
ASSEQAQQELFNELKPAVDGANFIVNHMRDQNNYNEEKDSWNRVARTVDRLCLFVVTPVMVVGTAWIFLQGVYNQPPPQP
FPGDPYSYNVQDKRFI
;
D
5 'polypeptide(L)'
;KNEELRLYHHLFNNYDPGSRPVREPEDTVTISLKVTLTNLISLNEKEETLTTSVWIGIDWQDYRLNYSKDDFGGIETLRV
PSELVWLPEIVLENNIDGQFGVAYDANVLVYEGGSVTWLPPAIYRSVCAVEVTYFPFDWQNCSLIFRSQTYNAEEVEFTF
AVDNDGKTINKIDIDTEAYTENGEWAIDFCPGVIRRHHGGATDGPGETDVIYSLIIRRKPLFYVINIIVPCVLISGLVLL
AYFLPAQAGGQKCTVSINVLLAQTVFLFLIAQKIPETSLSVPLLGRFLIFVMVVATLIVMNCVIVLNVSQRTPTTHAMSP
RLRHVLLELLPRLLGSPPPPEAPRAPPVATMVSKGEELFTGVVPILVELDGDVNGHKFSVSGEGEGDATYGKLTLKFICT
TGKLPVPWPTLVTTLTYGVQCFSRYPDHMKQHDFFKSAMPEGYVQERTIFFKDDGNYKTRAEVKFEGDTLVNRIELKGID
FKEDGNILGHKLEYNYNSHNVYIMADKQKNGIKVNFKIRHNIEDGSVQLADHYQQNTPIGDGPVLLPDNHYLSTQSALSK
DPNEKRDHMVLLEFVTAAGITLGMDELYKAPRAASPPRRASSVGLLLRAEELILKKPRSELVFEGQRHRQGTWTAAFCQS
LGAAAPEVRCCVDAVNFVAESTRDQEATGEEVSDWVRMGNALDNICFWAALVLFSVGSSLIFLGAYFNRVPDLPYAPCIQ
P
;
E
6 'polypeptide(L)'
;EVQLQESGPGLVQPSETLSLTCTVSGFSLTSYSVSWLRQPSGKGPEWMGRMWDDGGTVYNSGLKSRLSISRDTSKNQVFL
KMNSLQTDDTGTYYCTRDERIRAINWFAYWGQGTLVTVSSAETTAPSVYPLAPGTALKSNSMVTLGCLVKGYFPEPVTVT
WNSGALSSGVHTFPAVLQSGLYTLTSSVTVPSSTWPSQTVTCNVAHPGQQHQRWTRKLC
;
F,H
7 'polypeptide(L)' IVCHTTATSPISAVTCPPGENLCYRKMWCDAFCSSRGKVVELGCAATCPSKKPYEEVTCCSTDKCNPHPKQRPG J,I
#
# COMPACT_ATOMS: atom_id res chain seq x y z
N SER A 1 -24.27 23.48 21.16
CA SER A 1 -22.82 23.50 21.02
C SER A 1 -22.36 24.76 20.30
N GLU A 2 -23.02 25.88 20.59
CA GLU A 2 -22.54 27.16 20.07
C GLU A 2 -21.24 27.56 20.75
N HIS A 3 -21.14 27.34 22.06
CA HIS A 3 -19.92 27.69 22.78
C HIS A 3 -18.73 26.88 22.27
N GLU A 4 -18.90 25.57 22.11
CA GLU A 4 -17.80 24.74 21.62
C GLU A 4 -17.44 25.08 20.18
N THR A 5 -18.43 25.41 19.34
CA THR A 5 -18.13 25.83 17.98
C THR A 5 -17.32 27.11 17.95
N ARG A 6 -17.71 28.08 18.77
CA ARG A 6 -16.96 29.33 18.87
C ARG A 6 -15.55 29.08 19.38
N LEU A 7 -15.41 28.22 20.38
CA LEU A 7 -14.09 27.90 20.92
C LEU A 7 -13.20 27.28 19.86
N VAL A 8 -13.70 26.28 19.14
CA VAL A 8 -12.90 25.64 18.11
C VAL A 8 -12.53 26.63 17.00
N ALA A 9 -13.47 27.52 16.64
CA ALA A 9 -13.17 28.52 15.64
C ALA A 9 -12.07 29.46 16.09
N LYS A 10 -12.12 29.91 17.34
CA LYS A 10 -11.16 30.90 17.82
C LYS A 10 -9.80 30.30 18.15
N LEU A 11 -9.74 29.03 18.52
CA LEU A 11 -8.45 28.39 18.79
C LEU A 11 -7.60 28.32 17.52
N PHE A 12 -8.19 27.86 16.43
CA PHE A 12 -7.45 27.49 15.23
C PHE A 12 -7.46 28.57 14.16
N LYS A 13 -8.00 29.75 14.46
CA LYS A 13 -8.10 30.80 13.45
C LYS A 13 -6.73 31.15 12.88
N ASP A 14 -5.70 31.16 13.72
CA ASP A 14 -4.34 31.43 13.29
C ASP A 14 -3.34 30.48 13.94
N TYR A 15 -3.76 29.24 14.17
CA TYR A 15 -2.87 28.22 14.69
C TYR A 15 -1.88 27.78 13.62
N SER A 16 -0.64 27.51 14.06
CA SER A 16 0.39 26.98 13.17
C SER A 16 0.80 25.61 13.67
N SER A 17 0.64 24.61 12.81
CA SER A 17 1.06 23.25 13.12
C SER A 17 2.51 22.96 12.74
N VAL A 18 3.21 23.94 12.18
CA VAL A 18 4.60 23.73 11.79
C VAL A 18 5.54 23.96 12.97
N VAL A 19 5.40 25.10 13.64
CA VAL A 19 6.27 25.41 14.77
C VAL A 19 5.85 24.61 15.99
N ARG A 20 6.81 24.34 16.86
CA ARG A 20 6.54 23.61 18.08
C ARG A 20 5.65 24.43 19.02
N PRO A 21 4.82 23.78 19.82
CA PRO A 21 3.88 24.51 20.67
C PRO A 21 4.51 25.04 21.95
N VAL A 22 5.70 25.60 21.86
CA VAL A 22 6.36 26.18 23.02
C VAL A 22 6.06 27.68 23.08
N GLU A 23 6.22 28.24 24.28
CA GLU A 23 6.16 29.69 24.43
C GLU A 23 7.45 30.34 23.95
N ASP A 24 8.58 29.70 24.16
CA ASP A 24 9.88 30.21 23.76
C ASP A 24 10.64 29.07 23.09
N HIS A 25 11.27 29.38 21.95
CA HIS A 25 11.89 28.34 21.13
C HIS A 25 13.00 27.61 21.86
N ARG A 26 13.55 28.18 22.93
CA ARG A 26 14.58 27.51 23.71
C ARG A 26 14.01 26.44 24.63
N GLN A 27 12.70 26.45 24.88
CA GLN A 27 12.08 25.43 25.71
C GLN A 27 11.98 24.11 24.96
N VAL A 28 11.85 23.03 25.71
CA VAL A 28 11.75 21.68 25.17
C VAL A 28 10.31 21.20 25.34
N VAL A 29 9.74 20.65 24.27
CA VAL A 29 8.46 19.96 24.37
C VAL A 29 8.66 18.63 25.09
N GLU A 30 7.88 18.40 26.13
CA GLU A 30 7.96 17.16 26.90
C GLU A 30 6.74 16.30 26.56
N VAL A 31 6.99 15.12 25.99
CA VAL A 31 5.94 14.21 25.55
C VAL A 31 5.99 12.98 26.42
N THR A 32 4.88 12.65 27.06
CA THR A 32 4.74 11.40 27.80
C THR A 32 4.23 10.33 26.85
N VAL A 33 4.99 9.26 26.70
CA VAL A 33 4.67 8.18 25.77
C VAL A 33 4.37 6.92 26.56
N GLY A 34 3.26 6.26 26.23
CA GLY A 34 2.92 5.00 26.86
C GLY A 34 2.43 3.98 25.87
N LEU A 35 3.17 2.89 25.72
CA LEU A 35 2.73 1.80 24.86
C LEU A 35 1.68 0.94 25.56
N GLN A 36 0.57 0.69 24.88
CA GLN A 36 -0.41 -0.29 25.30
C GLN A 36 -0.45 -1.41 24.26
N LEU A 37 -0.27 -2.64 24.72
CA LEU A 37 -0.30 -3.81 23.84
C LEU A 37 -1.68 -4.44 23.89
N ILE A 38 -2.38 -4.42 22.76
CA ILE A 38 -3.74 -4.95 22.71
C ILE A 38 -3.76 -6.42 22.33
N GLN A 39 -2.93 -6.83 21.37
CA GLN A 39 -2.99 -8.19 20.85
C GLN A 39 -1.68 -8.53 20.16
N LEU A 40 -1.14 -9.71 20.47
CA LEU A 40 -0.01 -10.26 19.73
C LEU A 40 -0.57 -11.00 18.53
N ILE A 41 -0.51 -10.37 17.35
CA ILE A 41 -1.15 -10.93 16.17
C ILE A 41 -0.38 -12.14 15.65
N ASN A 42 0.95 -12.00 15.50
CA ASN A 42 1.73 -13.06 14.90
C ASN A 42 3.20 -12.90 15.29
N VAL A 43 3.91 -14.03 15.30
CA VAL A 43 5.36 -14.06 15.37
C VAL A 43 5.86 -14.89 14.19
N ASP A 44 6.74 -14.31 13.38
CA ASP A 44 7.29 -14.98 12.21
C ASP A 44 8.76 -15.28 12.50
N GLU A 45 9.07 -16.57 12.69
CA GLU A 45 10.44 -16.97 12.97
C GLU A 45 11.33 -16.92 11.74
N VAL A 46 10.75 -17.07 10.54
CA VAL A 46 11.56 -17.14 9.33
C VAL A 46 12.06 -15.75 8.92
N ASN A 47 11.14 -14.80 8.83
CA ASN A 47 11.50 -13.42 8.48
C ASN A 47 11.91 -12.59 9.69
N GLN A 48 11.74 -13.11 10.90
CA GLN A 48 12.10 -12.42 12.14
C GLN A 48 11.26 -11.17 12.34
N ILE A 49 9.94 -11.33 12.22
CA ILE A 49 8.99 -10.23 12.33
C ILE A 49 7.94 -10.60 13.36
N VAL A 50 7.59 -9.65 14.23
CA VAL A 50 6.53 -9.82 15.22
C VAL A 50 5.48 -8.75 14.96
N THR A 51 4.23 -9.19 14.79
CA THR A 51 3.12 -8.32 14.46
C THR A 51 2.27 -8.13 15.71
N THR A 52 2.08 -6.88 16.13
CA THR A 52 1.37 -6.57 17.36
C THR A 52 0.38 -5.45 17.13
N ASN A 53 -0.83 -5.63 17.67
CA ASN A 53 -1.80 -4.54 17.74
C ASN A 53 -1.54 -3.73 19.00
N VAL A 54 -1.31 -2.43 18.84
CA VAL A 54 -0.87 -1.58 19.94
C VAL A 54 -1.65 -0.26 19.92
N ARG A 55 -1.57 0.45 21.04
CA ARG A 55 -1.99 1.84 21.14
C ARG A 55 -0.82 2.66 21.66
N LEU A 56 -0.53 3.78 21.02
CA LEU A 56 0.48 4.72 21.51
C LEU A 56 -0.21 5.91 22.17
N LYS A 57 -0.33 5.88 23.49
CA LYS A 57 -0.76 7.08 24.20
C LYS A 57 0.36 8.11 24.18
N GLN A 58 0.05 9.31 23.70
CA GLN A 58 0.99 10.41 23.71
C GLN A 58 0.34 11.60 24.38
N GLN A 59 1.06 12.23 25.30
CA GLN A 59 0.55 13.38 26.03
C GLN A 59 1.59 14.50 26.05
N TRP A 60 1.13 15.72 25.75
CA TRP A 60 1.97 16.89 25.84
C TRP A 60 1.08 18.10 26.03
N VAL A 61 1.68 19.21 26.45
CA VAL A 61 0.98 20.47 26.65
C VAL A 61 1.24 21.37 25.46
N ASP A 62 0.17 21.92 24.88
CA ASP A 62 0.26 22.91 23.82
C ASP A 62 -0.01 24.28 24.42
N TYR A 63 0.98 25.17 24.31
CA TYR A 63 0.87 26.48 24.92
C TYR A 63 -0.24 27.32 24.30
N ASN A 64 -0.49 27.16 23.01
CA ASN A 64 -1.44 28.01 22.31
C ASN A 64 -2.88 27.56 22.44
N LEU A 65 -3.13 26.35 22.91
CA LEU A 65 -4.47 25.79 22.93
C LEU A 65 -5.13 25.90 24.31
N LYS A 66 -4.71 26.87 25.13
CA LYS A 66 -5.42 27.15 26.36
C LYS A 66 -6.69 27.96 26.07
N TRP A 67 -7.67 27.84 26.98
CA TRP A 67 -8.79 28.76 26.97
C TRP A 67 -9.33 28.90 28.39
N ASN A 68 -10.12 29.94 28.59
CA ASN A 68 -10.82 30.14 29.86
C ASN A 68 -12.17 29.44 29.80
N PRO A 69 -12.45 28.49 30.70
CA PRO A 69 -13.73 27.76 30.62
C PRO A 69 -14.94 28.65 30.77
N ASP A 70 -14.86 29.72 31.56
CA ASP A 70 -16.04 30.56 31.79
C ASP A 70 -16.44 31.32 30.54
N ASP A 71 -15.50 31.61 29.65
CA ASP A 71 -15.84 32.30 28.40
C ASP A 71 -16.73 31.46 27.50
N TYR A 72 -16.62 30.14 27.59
CA TYR A 72 -17.31 29.24 26.67
C TYR A 72 -18.27 28.32 27.42
N GLY A 73 -19.03 28.89 28.36
CA GLY A 73 -20.10 28.16 29.02
C GLY A 73 -19.67 27.07 29.96
N GLY A 74 -18.38 26.95 30.25
CA GLY A 74 -17.88 25.89 31.10
C GLY A 74 -17.33 24.68 30.38
N VAL A 75 -17.16 24.74 29.07
CA VAL A 75 -16.54 23.66 28.30
C VAL A 75 -15.12 23.47 28.78
N LYS A 76 -14.83 22.32 29.38
CA LYS A 76 -13.50 22.03 29.88
C LYS A 76 -12.70 21.09 29.00
N LYS A 77 -13.34 20.33 28.11
CA LYS A 77 -12.65 19.46 27.20
C LYS A 77 -13.35 19.45 25.85
N ILE A 78 -12.57 19.26 24.79
CA ILE A 78 -13.08 19.09 23.44
C ILE A 78 -12.28 18.02 22.73
N HIS A 79 -12.90 17.41 21.72
CA HIS A 79 -12.24 16.46 20.85
C HIS A 79 -12.05 17.10 19.48
N ILE A 80 -10.83 17.07 18.96
CA ILE A 80 -10.51 17.76 17.71
C ILE A 80 -9.77 16.83 16.77
N PRO A 81 -9.89 17.01 15.45
CA PRO A 81 -9.08 16.21 14.51
C PRO A 81 -7.59 16.43 14.74
N SER A 82 -6.87 15.34 14.94
CA SER A 82 -5.45 15.41 15.27
C SER A 82 -4.60 15.86 14.09
N GLU A 83 -5.14 15.87 12.87
CA GLU A 83 -4.38 16.38 11.72
C GLU A 83 -4.10 17.86 11.83
N LYS A 84 -4.88 18.60 12.63
CA LYS A 84 -4.71 20.04 12.70
C LYS A 84 -3.59 20.45 13.65
N ILE A 85 -3.45 19.75 14.77
CA ILE A 85 -2.48 20.15 15.78
C ILE A 85 -1.09 19.64 15.41
N TRP A 86 -0.07 20.26 16.00
CA TRP A 86 1.28 19.73 15.96
C TRP A 86 1.35 18.43 16.74
N ARG A 87 2.07 17.46 16.18
CA ARG A 87 2.19 16.15 16.82
C ARG A 87 3.64 15.70 16.79
N PRO A 88 4.08 14.96 17.82
CA PRO A 88 5.39 14.33 17.76
C PRO A 88 5.41 13.23 16.69
N ASP A 89 6.54 13.12 16.01
CA ASP A 89 6.70 12.17 14.91
C ASP A 89 7.35 10.87 15.36
N LEU A 90 6.73 10.18 16.31
CA LEU A 90 7.26 8.91 16.78
C LEU A 90 7.34 7.91 15.63
N VAL A 91 8.52 7.33 15.42
CA VAL A 91 8.75 6.33 14.40
C VAL A 91 9.25 5.06 15.07
N LEU A 92 8.75 3.91 14.62
CA LEU A 92 9.26 2.61 15.03
C LEU A 92 10.60 2.39 14.34
N TYR A 93 11.69 2.58 15.08
CA TYR A 93 13.02 2.53 14.47
C TYR A 93 13.32 1.16 13.88
N ASN A 94 12.91 0.09 14.56
CA ASN A 94 13.18 -1.26 14.09
C ASN A 94 11.99 -1.86 13.34
N ASN A 95 11.26 -1.05 12.59
CA ASN A 95 10.20 -1.57 11.73
C ASN A 95 10.79 -2.49 10.68
N ALA A 96 10.12 -3.64 10.47
CA ALA A 96 10.56 -4.58 9.44
C ALA A 96 9.97 -4.23 8.08
N ASP A 97 8.65 -4.35 7.94
CA ASP A 97 8.03 -4.00 6.66
C ASP A 97 6.63 -3.39 6.84
N GLY A 98 6.29 -2.88 8.01
CA GLY A 98 5.04 -2.20 8.22
C GLY A 98 5.17 -0.69 8.06
N ASP A 99 4.14 0.01 8.54
CA ASP A 99 4.19 1.47 8.54
C ASP A 99 5.12 1.96 9.63
N PHE A 100 6.00 2.91 9.27
CA PHE A 100 6.96 3.43 10.23
C PHE A 100 6.26 4.27 11.30
N ALA A 101 5.41 5.20 10.88
CA ALA A 101 4.77 6.12 11.79
C ALA A 101 3.29 5.79 11.96
N ILE A 102 2.63 6.57 12.83
CA ILE A 102 1.19 6.48 12.98
C ILE A 102 0.50 6.90 11.70
N VAL A 103 -0.47 6.12 11.26
CA VAL A 103 -1.27 6.45 10.08
C VAL A 103 -2.75 6.58 10.40
N LYS A 104 -3.19 6.24 11.62
CA LYS A 104 -4.60 6.32 12.01
C LYS A 104 -4.78 7.55 12.89
N PHE A 105 -5.11 8.68 12.27
CA PHE A 105 -5.21 9.96 12.97
C PHE A 105 -6.58 10.09 13.63
N THR A 106 -6.73 9.38 14.75
CA THR A 106 -7.92 9.52 15.58
C THR A 106 -7.95 10.88 16.27
N LYS A 107 -9.12 11.23 16.81
CA LYS A 107 -9.31 12.52 17.44
C LYS A 107 -8.43 12.67 18.68
N VAL A 108 -8.11 13.93 18.99
CA VAL A 108 -7.31 14.29 20.16
C VAL A 108 -8.25 14.84 21.23
N LEU A 109 -8.06 14.38 22.46
CA LEU A 109 -8.72 14.99 23.61
C LEU A 109 -7.91 16.18 24.08
N LEU A 110 -8.47 17.38 23.96
CA LEU A 110 -7.82 18.62 24.37
C LEU A 110 -8.53 19.20 25.58
N GLN A 111 -7.75 19.64 26.57
CA GLN A 111 -8.28 20.19 27.80
C GLN A 111 -7.94 21.67 27.93
N TYR A 112 -8.73 22.38 28.74
CA TYR A 112 -8.58 23.82 28.85
C TYR A 112 -7.21 24.23 29.35
N THR A 113 -6.48 23.34 30.01
CA THR A 113 -5.11 23.62 30.41
C THR A 113 -4.13 23.52 29.25
N GLY A 114 -4.59 23.12 28.07
CA GLY A 114 -3.71 22.86 26.94
C GLY A 114 -3.17 21.46 26.87
N HIS A 115 -3.50 20.60 27.83
CA HIS A 115 -3.00 19.23 27.85
C HIS A 115 -3.67 18.42 26.75
N ILE A 116 -2.86 17.80 25.88
CA ILE A 116 -3.33 16.99 24.78
C ILE A 116 -3.09 15.53 25.09
N THR A 117 -4.11 14.70 24.90
CA THR A 117 -3.97 13.25 24.99
C THR A 117 -4.36 12.64 23.65
N TRP A 118 -3.44 11.86 23.07
CA TRP A 118 -3.65 11.22 21.79
C TRP A 118 -3.31 9.75 21.91
N THR A 119 -4.24 8.87 21.51
CA THR A 119 -4.04 7.42 21.57
C THR A 119 -4.38 6.78 20.24
N PRO A 120 -3.61 7.05 19.19
CA PRO A 120 -3.89 6.42 17.89
C PRO A 120 -3.59 4.94 17.92
N PRO A 121 -4.35 4.13 17.21
CA PRO A 121 -4.00 2.71 17.07
C PRO A 121 -2.91 2.52 16.03
N ALA A 122 -2.17 1.43 16.18
CA ALA A 122 -1.17 1.06 15.20
C ALA A 122 -0.99 -0.46 15.21
N ILE A 123 -0.54 -0.98 14.08
CA ILE A 123 -0.03 -2.35 13.97
C ILE A 123 1.46 -2.24 13.70
N PHE A 124 2.27 -2.70 14.66
CA PHE A 124 3.72 -2.64 14.55
C PHE A 124 4.24 -3.99 14.07
N LYS A 125 4.91 -3.99 12.92
CA LYS A 125 5.67 -5.15 12.46
C LYS A 125 7.14 -4.91 12.81
N SER A 126 7.44 -5.09 14.10
CA SER A 126 8.80 -4.88 14.58
C SER A 126 9.72 -6.01 14.10
N TYR A 127 10.99 -5.66 13.91
CA TYR A 127 12.01 -6.61 13.51
C TYR A 127 12.88 -6.94 14.71
N CYS A 128 13.08 -8.24 14.97
CA CYS A 128 13.86 -8.67 16.12
C CYS A 128 14.55 -9.98 15.80
N GLU A 129 15.67 -10.21 16.46
CA GLU A 129 16.41 -11.46 16.28
C GLU A 129 15.66 -12.61 16.94
N ILE A 130 15.46 -13.69 16.18
CA ILE A 130 14.76 -14.88 16.66
C ILE A 130 15.78 -15.97 16.93
N ILE A 131 15.73 -16.55 18.12
CA ILE A 131 16.64 -17.62 18.53
C ILE A 131 15.86 -18.93 18.45
N VAL A 132 16.28 -19.80 17.52
CA VAL A 132 15.51 -21.00 17.19
C VAL A 132 16.09 -22.27 17.81
N THR A 133 17.24 -22.19 18.49
CA THR A 133 17.95 -23.38 18.92
C THR A 133 17.11 -24.26 19.84
N HIS A 134 16.21 -23.67 20.63
CA HIS A 134 15.38 -24.42 21.56
C HIS A 134 13.99 -24.75 21.01
N PHE A 135 13.72 -24.42 19.75
CA PHE A 135 12.40 -24.63 19.17
C PHE A 135 12.01 -26.10 19.30
N PRO A 136 10.77 -26.40 19.73
CA PRO A 136 9.65 -25.49 19.99
C PRO A 136 9.59 -24.98 21.42
N PHE A 137 10.57 -25.30 22.27
CA PHE A 137 10.57 -24.87 23.66
C PHE A 137 11.32 -23.56 23.86
N ASP A 138 11.40 -22.73 22.83
CA ASP A 138 12.23 -21.53 22.85
C ASP A 138 11.49 -20.37 23.51
N GLU A 139 12.24 -19.34 23.82
CA GLU A 139 11.68 -18.06 24.24
C GLU A 139 12.37 -16.95 23.45
N GLN A 140 11.62 -15.88 23.21
CA GLN A 140 12.08 -14.82 22.32
C GLN A 140 11.97 -13.47 23.04
N ASN A 141 13.03 -12.69 22.95
CA ASN A 141 13.05 -11.34 23.51
C ASN A 141 13.00 -10.38 22.33
N CYS A 142 11.81 -9.88 22.03
CA CYS A 142 11.59 -8.99 20.91
C CYS A 142 11.17 -7.62 21.42
N SER A 143 11.48 -6.59 20.65
CA SER A 143 11.47 -5.23 21.17
C SER A 143 10.93 -4.27 20.13
N MET A 144 10.54 -3.09 20.61
CA MET A 144 9.96 -2.03 19.78
C MET A 144 10.65 -0.73 20.16
N LYS A 145 11.52 -0.23 19.29
CA LYS A 145 12.27 0.98 19.56
C LYS A 145 11.49 2.18 19.01
N LEU A 146 11.00 3.02 19.91
CA LEU A 146 10.21 4.20 19.55
C LEU A 146 11.02 5.45 19.83
N GLY A 147 11.03 6.38 18.87
CA GLY A 147 11.66 7.67 19.08
C GLY A 147 11.20 8.66 18.04
N THR A 148 11.31 9.95 18.39
CA THR A 148 11.05 11.00 17.43
C THR A 148 12.09 10.95 16.31
N TRP A 149 11.61 10.93 15.07
CA TRP A 149 12.51 10.71 13.94
C TRP A 149 13.40 11.93 13.69
N THR A 150 12.80 13.12 13.59
CA THR A 150 13.54 14.31 13.20
C THR A 150 13.82 15.27 14.35
N TYR A 151 13.07 15.20 15.44
CA TYR A 151 13.33 16.02 16.61
C TYR A 151 14.33 15.31 17.52
N ASP A 152 15.27 16.08 18.07
CA ASP A 152 16.27 15.57 18.99
C ASP A 152 15.92 15.98 20.41
N GLY A 153 16.69 15.44 21.36
CA GLY A 153 16.38 15.60 22.77
C GLY A 153 16.50 17.00 23.30
N SER A 154 17.17 17.90 22.59
CA SER A 154 17.22 19.30 22.97
C SER A 154 16.00 20.07 22.49
N VAL A 155 15.12 19.43 21.74
CA VAL A 155 14.02 20.12 21.06
C VAL A 155 12.70 19.49 21.46
N VAL A 156 12.64 18.16 21.45
CA VAL A 156 11.51 17.40 21.96
C VAL A 156 12.02 16.29 22.85
N ALA A 157 11.51 16.22 24.09
CA ALA A 157 11.88 15.17 25.03
C ALA A 157 10.72 14.22 25.20
N ILE A 158 10.98 12.92 25.06
CA ILE A 158 9.99 11.89 25.30
C ILE A 158 10.31 11.17 26.59
N ASN A 159 9.29 10.87 27.38
CA ASN A 159 9.43 10.16 28.64
C ASN A 159 8.41 9.04 28.71
N PRO A 160 8.80 7.86 29.17
CA PRO A 160 7.83 6.77 29.32
C PRO A 160 6.79 7.09 30.37
N GLU A 161 5.53 6.75 30.07
CA GLU A 161 4.46 6.98 31.03
C GLU A 161 4.61 6.09 32.25
N SER A 162 4.93 4.82 32.04
CA SER A 162 5.17 3.87 33.12
C SER A 162 6.27 2.93 32.68
N ASP A 163 6.93 2.31 33.65
CA ASP A 163 8.05 1.44 33.34
C ASP A 163 7.63 0.16 32.63
N GLN A 164 6.34 -0.16 32.60
CA GLN A 164 5.90 -1.32 31.85
C GLN A 164 4.83 -0.95 30.84
N PRO A 165 4.77 -1.65 29.71
CA PRO A 165 3.61 -1.51 28.82
C PRO A 165 2.31 -1.86 29.54
N ASP A 166 1.25 -1.15 29.17
CA ASP A 166 -0.07 -1.45 29.72
C ASP A 166 -0.60 -2.72 29.08
N LEU A 167 -0.69 -3.79 29.87
CA LEU A 167 -1.23 -5.07 29.42
C LEU A 167 -2.64 -5.32 29.93
N SER A 168 -3.31 -4.32 30.47
CA SER A 168 -4.64 -4.53 31.04
C SER A 168 -5.67 -4.89 29.98
N ASN A 169 -5.50 -4.42 28.75
CA ASN A 169 -6.39 -4.74 27.65
C ASN A 169 -5.88 -5.88 26.78
N PHE A 170 -4.80 -6.54 27.19
CA PHE A 170 -4.14 -7.54 26.34
C PHE A 170 -5.05 -8.74 26.12
N MET A 171 -5.35 -9.04 24.86
CA MET A 171 -6.07 -10.26 24.52
C MET A 171 -5.15 -11.47 24.70
N GLU A 172 -5.65 -12.49 25.41
CA GLU A 172 -4.82 -13.65 25.70
C GLU A 172 -4.44 -14.38 24.42
N SER A 173 -3.13 -14.49 24.18
CA SER A 173 -2.64 -15.19 23.01
C SER A 173 -2.78 -16.70 23.19
N GLY A 174 -3.13 -17.39 22.11
CA GLY A 174 -3.18 -18.83 22.11
C GLY A 174 -1.88 -19.53 21.78
N GLU A 175 -0.78 -18.78 21.65
CA GLU A 175 0.48 -19.36 21.22
C GLU A 175 1.69 -18.91 22.04
N TRP A 176 1.66 -17.74 22.67
CA TRP A 176 2.79 -17.22 23.41
C TRP A 176 2.32 -16.69 24.76
N VAL A 177 3.19 -16.82 25.76
CA VAL A 177 2.98 -16.24 27.08
C VAL A 177 4.03 -15.17 27.30
N ILE A 178 3.58 -13.95 27.61
CA ILE A 178 4.49 -12.86 27.93
C ILE A 178 4.93 -13.01 29.38
N LYS A 179 6.17 -13.45 29.59
CA LYS A 179 6.67 -13.66 30.94
C LYS A 179 6.99 -12.35 31.64
N GLU A 180 7.56 -11.39 30.92
CA GLU A 180 7.85 -10.08 31.51
C GLU A 180 7.97 -9.06 30.39
N SER A 181 7.84 -7.79 30.76
CA SER A 181 8.02 -6.70 29.81
C SER A 181 8.45 -5.45 30.57
N ARG A 182 9.12 -4.56 29.86
CA ARG A 182 9.56 -3.29 30.43
C ARG A 182 9.86 -2.31 29.30
N GLY A 183 9.90 -1.03 29.66
CA GLY A 183 10.36 -0.01 28.75
C GLY A 183 11.48 0.83 29.33
N TRP A 184 12.59 0.93 28.61
CA TRP A 184 13.75 1.71 29.04
C TRP A 184 13.92 2.92 28.13
N LYS A 185 14.15 4.08 28.74
CA LYS A 185 14.53 5.26 27.99
C LYS A 185 16.05 5.29 27.81
N HIS A 186 16.49 5.60 26.59
CA HIS A 186 17.91 5.72 26.30
C HIS A 186 18.21 7.08 25.70
N SER A 187 19.43 7.58 25.97
CA SER A 187 19.85 8.92 25.56
C SER A 187 21.30 8.81 25.07
N VAL A 188 21.46 8.50 23.79
CA VAL A 188 22.80 8.41 23.21
C VAL A 188 23.27 9.80 22.81
N THR A 189 24.58 10.01 22.84
CA THR A 189 25.20 11.23 22.35
C THR A 189 26.24 10.88 21.31
N TYR A 190 26.35 11.73 20.29
CA TYR A 190 27.26 11.49 19.17
C TYR A 190 28.38 12.53 19.17
N SER A 191 29.51 12.14 18.59
CA SER A 191 30.75 12.91 18.70
C SER A 191 30.71 14.26 18.02
N CYS A 192 29.72 14.53 17.16
CA CYS A 192 29.62 15.87 16.58
C CYS A 192 29.20 16.89 17.60
N CYS A 193 28.31 16.52 18.50
CA CYS A 193 27.41 17.48 19.13
C CYS A 193 27.13 17.06 20.56
N PRO A 194 27.79 17.68 21.54
CA PRO A 194 27.42 17.43 22.94
C PRO A 194 26.11 18.08 23.34
N ASP A 195 25.63 19.06 22.57
CA ASP A 195 24.43 19.79 22.93
C ASP A 195 23.14 19.04 22.59
N THR A 196 23.19 18.07 21.67
CA THR A 196 21.98 17.47 21.10
C THR A 196 22.00 15.96 21.37
N PRO A 197 21.56 15.52 22.55
CA PRO A 197 21.33 14.10 22.76
C PRO A 197 20.12 13.63 21.97
N TYR A 198 20.15 12.36 21.56
CA TYR A 198 19.04 11.74 20.86
C TYR A 198 18.39 10.70 21.74
N LEU A 199 17.06 10.76 21.84
CA LEU A 199 16.30 9.95 22.79
C LEU A 199 15.50 8.88 22.06
N ASP A 200 15.38 7.72 22.69
CA ASP A 200 14.43 6.71 22.27
C ASP A 200 13.92 5.97 23.51
N ILE A 201 12.74 5.36 23.38
CA ILE A 201 12.20 4.46 24.38
C ILE A 201 12.07 3.09 23.74
N THR A 202 12.75 2.09 24.30
CA THR A 202 12.72 0.73 23.79
C THR A 202 11.88 -0.14 24.72
N TYR A 203 10.71 -0.54 24.25
CA TYR A 203 9.91 -1.55 24.93
C TYR A 203 10.34 -2.94 24.48
N HIS A 204 10.21 -3.91 25.38
CA HIS A 204 10.56 -5.28 25.04
C HIS A 204 9.65 -6.25 25.78
N PHE A 205 9.44 -7.42 25.17
CA PHE A 205 8.57 -8.45 25.71
C PHE A 205 9.29 -9.78 25.66
N VAL A 206 9.33 -10.49 26.78
CA VAL A 206 9.91 -11.83 26.82
C VAL A 206 8.78 -12.84 26.66
N MET A 207 8.71 -13.47 25.51
CA MET A 207 7.63 -14.39 25.16
C MET A 207 8.16 -15.82 25.13
N GLN A 208 7.45 -16.72 25.81
CA GLN A 208 7.76 -18.14 25.76
C GLN A 208 6.66 -18.88 25.01
N ARG A 209 7.07 -19.75 24.09
CA ARG A 209 6.12 -20.50 23.28
C ARG A 209 5.38 -21.55 24.11
N LEU A 210 4.11 -21.77 23.78
CA LEU A 210 3.36 -22.90 24.28
C LEU A 210 3.56 -24.08 23.33
N PRO A 211 4.34 -25.08 23.73
CA PRO A 211 4.82 -26.08 22.77
C PRO A 211 3.83 -27.19 22.42
N LEU A 212 2.66 -27.23 23.07
CA LEU A 212 1.79 -28.41 22.98
C LEU A 212 1.41 -28.73 21.53
N TYR A 213 1.15 -27.70 20.72
CA TYR A 213 0.78 -27.94 19.32
C TYR A 213 1.88 -28.68 18.58
N PHE A 214 3.13 -28.21 18.72
CA PHE A 214 4.23 -28.86 18.01
C PHE A 214 4.53 -30.23 18.59
N ILE A 215 4.41 -30.38 19.91
CA ILE A 215 4.62 -31.69 20.52
C ILE A 215 3.66 -32.71 19.93
N VAL A 216 2.37 -32.38 19.91
CA VAL A 216 1.36 -33.33 19.44
C VAL A 216 1.52 -33.57 17.94
N ASN A 217 1.70 -32.52 17.15
CA ASN A 217 1.66 -32.66 15.71
C ASN A 217 3.00 -33.07 15.10
N VAL A 218 4.08 -33.15 15.88
CA VAL A 218 5.36 -33.57 15.33
C VAL A 218 5.96 -34.71 16.14
N ILE A 219 6.12 -34.49 17.45
CA ILE A 219 6.95 -35.40 18.25
C ILE A 219 6.35 -36.79 18.30
N ILE A 220 5.03 -36.89 18.50
CA ILE A 220 4.40 -38.20 18.66
C ILE A 220 4.56 -39.07 17.42
N PRO A 221 4.24 -38.61 16.20
CA PRO A 221 4.51 -39.46 15.02
C PRO A 221 5.98 -39.82 14.86
N CYS A 222 6.88 -38.85 15.10
CA CYS A 222 8.31 -39.15 15.05
C CYS A 222 8.69 -40.20 16.08
N LEU A 223 8.11 -40.12 17.28
CA LEU A 223 8.37 -41.12 18.30
C LEU A 223 7.89 -42.49 17.87
N LEU A 224 6.71 -42.57 17.26
CA LEU A 224 6.20 -43.84 16.75
C LEU A 224 7.14 -44.42 15.69
N PHE A 225 7.57 -43.58 14.74
CA PHE A 225 8.49 -44.06 13.71
C PHE A 225 9.81 -44.53 14.31
N SER A 226 10.33 -43.80 15.30
CA SER A 226 11.57 -44.20 15.95
C SER A 226 11.39 -45.54 16.67
N PHE A 227 10.26 -45.74 17.33
CA PHE A 227 10.01 -46.99 18.03
C PHE A 227 9.92 -48.15 17.03
N LEU A 228 9.18 -47.96 15.94
CA LEU A 228 9.12 -48.99 14.91
C LEU A 228 10.45 -49.22 14.22
N THR A 229 11.35 -48.23 14.26
CA THR A 229 12.64 -48.39 13.58
C THR A 229 13.46 -49.52 14.18
N GLY A 230 13.55 -49.58 15.51
CA GLY A 230 14.31 -50.63 16.15
C GLY A 230 13.60 -51.96 16.18
N LEU A 231 12.27 -51.96 16.07
CA LEU A 231 11.48 -53.19 16.16
C LEU A 231 11.88 -54.20 15.09
N VAL A 232 12.40 -53.74 13.95
CA VAL A 232 12.69 -54.62 12.83
C VAL A 232 13.65 -55.75 13.23
N PHE A 233 14.53 -55.50 14.18
CA PHE A 233 15.49 -56.52 14.60
C PHE A 233 14.84 -57.66 15.37
N TYR A 234 13.59 -57.51 15.81
CA TYR A 234 12.84 -58.61 16.37
C TYR A 234 12.13 -59.45 15.31
N LEU A 235 11.93 -58.89 14.12
CA LEU A 235 11.31 -59.63 13.03
C LEU A 235 12.31 -60.61 12.43
N PRO A 236 11.99 -61.90 12.39
CA PRO A 236 12.94 -62.87 11.82
C PRO A 236 13.19 -62.64 10.35
N THR A 237 14.41 -62.98 9.92
CA THR A 237 14.76 -62.88 8.51
C THR A 237 13.92 -63.81 7.65
N ASP A 238 13.54 -64.98 8.20
CA ASP A 238 12.72 -65.93 7.46
C ASP A 238 11.37 -65.35 7.07
N SER A 239 10.93 -64.28 7.73
CA SER A 239 9.68 -63.62 7.33
C SER A 239 9.79 -63.02 5.93
N GLY A 240 11.00 -62.66 5.50
CA GLY A 240 11.16 -62.00 4.22
C GLY A 240 10.58 -60.62 4.14
N GLU A 241 10.35 -59.97 5.28
CA GLU A 241 9.70 -58.67 5.30
C GLU A 241 10.48 -57.60 6.06
N LYS A 242 11.69 -57.90 6.53
CA LYS A 242 12.45 -56.91 7.28
C LYS A 242 12.76 -55.68 6.44
N MET A 243 13.18 -55.88 5.19
CA MET A 243 13.43 -54.75 4.30
C MET A 243 12.14 -54.00 3.99
N THR A 244 11.05 -54.73 3.75
CA THR A 244 9.77 -54.07 3.51
C THR A 244 9.39 -53.18 4.69
N LEU A 245 9.49 -53.72 5.90
CA LEU A 245 9.19 -52.94 7.11
C LEU A 245 10.07 -51.70 7.20
N SER A 246 11.39 -51.87 7.09
CA SER A 246 12.30 -50.75 7.30
C SER A 246 12.11 -49.67 6.23
N ILE A 247 12.02 -50.08 4.97
CA ILE A 247 11.89 -49.11 3.88
C ILE A 247 10.55 -48.41 3.93
N SER A 248 9.48 -49.14 4.29
CA SER A 248 8.17 -48.50 4.38
C SER A 248 8.11 -47.51 5.55
N VAL A 249 8.78 -47.84 6.66
CA VAL A 249 8.91 -46.88 7.75
C VAL A 249 9.66 -45.65 7.27
N LEU A 250 10.73 -45.85 6.51
CA LEU A 250 11.46 -44.73 5.93
C LEU A 250 10.57 -43.86 5.04
N LEU A 251 9.74 -44.50 4.22
CA LEU A 251 8.80 -43.77 3.36
C LEU A 251 7.82 -42.94 4.19
N SER A 252 7.25 -43.56 5.23
CA SER A 252 6.32 -42.82 6.10
C SER A 252 7.02 -41.64 6.76
N LEU A 253 8.27 -41.84 7.19
CA LEU A 253 9.03 -40.74 7.79
C LEU A 253 9.31 -39.64 6.78
N THR A 254 9.54 -40.00 5.51
CA THR A 254 9.74 -38.99 4.48
C THR A 254 8.47 -38.20 4.23
N VAL A 255 7.32 -38.87 4.19
CA VAL A 255 6.05 -38.17 4.03
C VAL A 255 5.79 -37.25 5.21
N PHE A 256 6.11 -37.69 6.43
CA PHE A 256 5.92 -36.81 7.58
C PHE A 256 6.92 -35.67 7.59
N LEU A 257 8.12 -35.87 7.03
CA LEU A 257 9.03 -34.76 6.81
C LEU A 257 8.41 -33.75 5.85
N LEU A 258 7.77 -34.22 4.79
CA LEU A 258 7.03 -33.34 3.90
C LEU A 258 5.94 -32.60 4.66
N VAL A 259 5.31 -33.25 5.64
CA VAL A 259 4.39 -32.56 6.54
C VAL A 259 5.15 -31.55 7.40
N ILE A 260 6.26 -31.98 8.00
CA ILE A 260 6.99 -31.15 8.97
C ILE A 260 7.44 -29.84 8.36
N VAL A 261 7.88 -29.85 7.10
CA VAL A 261 8.39 -28.65 6.47
C VAL A 261 7.33 -27.55 6.41
N GLU A 262 6.06 -27.91 6.49
CA GLU A 262 5.00 -26.91 6.57
C GLU A 262 4.97 -26.22 7.93
N LEU A 263 5.45 -26.88 8.97
CA LEU A 263 5.28 -26.41 10.35
C LEU A 263 6.53 -25.73 10.91
N ILE A 264 7.70 -26.36 10.79
CA ILE A 264 8.91 -25.85 11.41
C ILE A 264 9.46 -24.67 10.60
N PRO A 265 10.17 -23.75 11.23
CA PRO A 265 10.72 -22.60 10.49
C PRO A 265 11.86 -23.02 9.57
N SER A 266 11.98 -22.32 8.45
CA SER A 266 13.05 -22.54 7.49
C SER A 266 14.29 -21.70 7.79
N THR A 267 14.48 -21.30 9.05
CA THR A 267 15.64 -20.51 9.42
C THR A 267 16.94 -21.29 9.22
N SER A 268 17.99 -20.58 8.82
CA SER A 268 19.30 -21.15 8.61
C SER A 268 20.33 -20.65 9.62
N SER A 269 19.93 -19.80 10.56
CA SER A 269 20.87 -19.28 11.55
C SER A 269 21.44 -20.39 12.41
N ALA A 270 20.59 -21.30 12.88
CA ALA A 270 21.05 -22.42 13.69
C ALA A 270 20.06 -23.56 13.55
N VAL A 271 20.54 -24.76 13.83
CA VAL A 271 19.70 -25.95 13.71
C VAL A 271 18.65 -25.96 14.82
N PRO A 272 17.37 -26.06 14.51
CA PRO A 272 16.35 -26.20 15.56
C PRO A 272 16.50 -27.51 16.31
N LEU A 273 16.11 -27.48 17.58
CA LEU A 273 16.07 -28.70 18.37
C LEU A 273 15.18 -29.75 17.72
N ILE A 274 14.00 -29.34 17.25
CA ILE A 274 13.12 -30.26 16.54
C ILE A 274 13.80 -30.73 15.25
N GLY A 275 14.55 -29.86 14.59
CA GLY A 275 15.27 -30.28 13.40
C GLY A 275 16.38 -31.26 13.72
N LYS A 276 17.08 -31.03 14.84
CA LYS A 276 18.09 -32.00 15.28
C LYS A 276 17.46 -33.36 15.57
N TYR A 277 16.29 -33.36 16.23
CA TYR A 277 15.61 -34.62 16.51
C TYR A 277 15.15 -35.30 15.22
N MET A 278 14.68 -34.53 14.24
CA MET A 278 14.28 -35.10 12.96
C MET A 278 15.45 -35.73 12.24
N LEU A 279 16.59 -35.02 12.20
CA LEU A 279 17.78 -35.58 11.58
C LEU A 279 18.26 -36.82 12.32
N PHE A 280 18.19 -36.81 13.65
CA PHE A 280 18.50 -37.99 14.45
C PHE A 280 17.63 -39.17 14.05
N THR A 281 16.32 -38.95 13.93
CA THR A 281 15.42 -40.03 13.56
C THR A 281 15.72 -40.55 12.16
N MET A 282 15.99 -39.66 11.22
CA MET A 282 16.30 -40.09 9.85
C MET A 282 17.58 -40.91 9.81
N VAL A 283 18.63 -40.44 10.49
CA VAL A 283 19.89 -41.18 10.52
C VAL A 283 19.72 -42.51 11.23
N PHE A 284 18.89 -42.54 12.28
CA PHE A 284 18.61 -43.78 12.99
C PHE A 284 17.93 -44.79 12.08
N VAL A 285 16.95 -44.34 11.30
CA VAL A 285 16.28 -45.22 10.33
C VAL A 285 17.29 -45.74 9.31
N ILE A 286 18.13 -44.86 8.77
CA ILE A 286 19.10 -45.26 7.75
C ILE A 286 20.08 -46.28 8.31
N ALA A 287 20.58 -46.04 9.53
CA ALA A 287 21.49 -46.99 10.17
C ALA A 287 20.81 -48.33 10.40
N SER A 288 19.55 -48.31 10.83
CA SER A 288 18.82 -49.57 11.02
C SER A 288 18.67 -50.32 9.71
N ILE A 289 18.44 -49.60 8.61
CA ILE A 289 18.32 -50.25 7.31
C ILE A 289 19.65 -50.88 6.92
N ILE A 290 20.75 -50.16 7.11
CA ILE A 290 22.08 -50.69 6.78
C ILE A 290 22.35 -51.96 7.58
N ILE A 291 22.09 -51.90 8.88
CA ILE A 291 22.33 -53.06 9.75
C ILE A 291 21.43 -54.22 9.37
N THR A 292 20.18 -53.95 9.00
CA THR A 292 19.29 -55.01 8.56
C THR A 292 19.81 -55.69 7.29
N VAL A 293 20.35 -54.88 6.36
CA VAL A 293 20.93 -55.46 5.15
C VAL A 293 22.11 -56.35 5.51
N ILE A 294 22.96 -55.90 6.43
CA ILE A 294 24.11 -56.70 6.84
C ILE A 294 23.67 -58.02 7.47
N VAL A 295 22.65 -57.95 8.35
CA VAL A 295 22.17 -59.17 9.00
C VAL A 295 21.56 -60.13 7.99
N ILE A 296 20.79 -59.62 7.03
CA ILE A 296 20.21 -60.47 5.99
C ILE A 296 21.30 -61.13 5.16
N ASN A 297 22.33 -60.36 4.80
CA ASN A 297 23.45 -60.93 4.05
C ASN A 297 24.17 -62.00 4.87
N THR A 298 24.20 -61.85 6.20
CA THR A 298 24.79 -62.87 7.04
C THR A 298 23.93 -64.13 7.08
N HIS A 299 22.61 -63.97 7.19
CA HIS A 299 21.71 -65.12 7.35
C HIS A 299 21.74 -66.04 6.13
N HIS A 300 21.72 -65.47 4.93
CA HIS A 300 21.65 -66.26 3.71
C HIS A 300 23.01 -66.70 3.19
N ARG A 301 24.09 -66.43 3.93
CA ARG A 301 25.41 -66.86 3.50
C ARG A 301 25.48 -68.37 3.38
N SER A 302 26.10 -68.85 2.30
CA SER A 302 26.15 -70.28 1.98
C SER A 302 27.47 -70.88 2.44
N PRO A 303 27.46 -72.01 3.14
CA PRO A 303 28.72 -72.64 3.58
C PRO A 303 29.53 -73.25 2.46
N SER A 304 28.97 -73.37 1.25
CA SER A 304 29.75 -73.89 0.13
C SER A 304 30.90 -72.95 -0.24
N THR A 305 30.64 -71.65 -0.22
CA THR A 305 31.66 -70.65 -0.56
C THR A 305 32.30 -70.04 0.67
N HIS A 306 31.55 -69.84 1.75
CA HIS A 306 32.04 -69.13 2.93
C HIS A 306 31.84 -70.03 4.15
N VAL A 307 32.85 -70.86 4.44
CA VAL A 307 32.87 -71.59 5.70
C VAL A 307 32.98 -70.61 6.86
N MET A 308 32.31 -70.92 7.96
CA MET A 308 32.34 -70.05 9.13
C MET A 308 33.72 -70.10 9.79
N PRO A 309 34.41 -68.99 9.93
CA PRO A 309 35.71 -69.01 10.63
C PRO A 309 35.52 -69.24 12.12
N ASN A 310 36.54 -69.86 12.72
CA ASN A 310 36.43 -70.32 14.10
C ASN A 310 36.18 -69.17 15.07
N TRP A 311 36.70 -67.97 14.78
CA TRP A 311 36.49 -66.85 15.69
C TRP A 311 35.03 -66.41 15.70
N VAL A 312 34.37 -66.41 14.55
CA VAL A 312 32.94 -66.08 14.51
C VAL A 312 32.14 -67.11 15.30
N ARG A 313 32.47 -68.40 15.14
CA ARG A 313 31.78 -69.43 15.90
C ARG A 313 31.97 -69.23 17.39
N LYS A 314 33.23 -69.11 17.83
CA LYS A 314 33.52 -69.04 19.26
C LYS A 314 32.94 -67.78 19.89
N VAL A 315 32.83 -66.69 19.14
CA VAL A 315 32.14 -65.52 19.68
C VAL A 315 30.64 -65.76 19.73
N PHE A 316 30.01 -65.90 18.56
CA PHE A 316 28.56 -65.80 18.51
C PHE A 316 27.83 -67.02 19.03
N ILE A 317 28.28 -68.23 18.69
CA ILE A 317 27.58 -69.42 19.16
C ILE A 317 27.87 -69.67 20.63
N ASP A 318 29.13 -69.55 21.05
CA ASP A 318 29.50 -69.88 22.41
C ASP A 318 29.25 -68.73 23.39
N THR A 319 29.94 -67.61 23.21
CA THR A 319 30.01 -66.61 24.26
C THR A 319 28.74 -65.77 24.36
N ILE A 320 28.22 -65.32 23.22
CA ILE A 320 27.12 -64.35 23.22
C ILE A 320 25.92 -64.84 24.00
N PRO A 321 25.37 -66.04 23.78
CA PRO A 321 24.25 -66.50 24.62
C PRO A 321 24.64 -66.82 26.05
N ASN A 322 25.93 -66.95 26.34
CA ASN A 322 26.40 -67.21 27.69
C ASN A 322 27.03 -66.00 28.36
N ILE A 323 27.04 -64.85 27.70
CA ILE A 323 27.63 -63.64 28.25
C ILE A 323 26.81 -63.14 29.44
N PRO A 370 22.03 -107.54 -12.72
CA PRO A 370 22.62 -106.26 -12.33
C PRO A 370 21.59 -105.29 -11.75
N GLU A 371 20.31 -105.66 -11.86
CA GLU A 371 19.25 -104.79 -11.35
C GLU A 371 19.34 -104.61 -9.84
N VAL A 372 19.56 -105.72 -9.12
CA VAL A 372 19.63 -105.64 -7.66
C VAL A 372 20.86 -104.87 -7.22
N LYS A 373 22.00 -105.11 -7.88
CA LYS A 373 23.22 -104.36 -7.55
C LYS A 373 23.03 -102.87 -7.81
N SER A 374 22.41 -102.52 -8.93
CA SER A 374 22.14 -101.12 -9.23
C SER A 374 21.20 -100.49 -8.20
N ALA A 375 20.18 -101.25 -7.78
CA ALA A 375 19.27 -100.74 -6.75
C ALA A 375 20.01 -100.51 -5.43
N ILE A 376 20.88 -101.43 -5.05
CA ILE A 376 21.65 -101.28 -3.81
C ILE A 376 22.55 -100.06 -3.88
N GLU A 377 23.24 -99.90 -5.02
CA GLU A 377 24.11 -98.74 -5.20
C GLU A 377 23.30 -97.45 -5.17
N GLY A 378 22.09 -97.46 -5.74
CA GLY A 378 21.23 -96.30 -5.67
C GLY A 378 20.80 -95.96 -4.26
N ILE A 379 20.46 -96.98 -3.47
CA ILE A 379 20.10 -96.75 -2.07
C ILE A 379 21.28 -96.16 -1.30
N LYS A 380 22.47 -96.68 -1.53
CA LYS A 380 23.67 -96.13 -0.89
C LYS A 380 23.90 -94.68 -1.31
N TYR A 381 23.71 -94.39 -2.61
CA TYR A 381 23.84 -93.02 -3.08
C TYR A 381 22.82 -92.10 -2.42
N ILE A 382 21.59 -92.58 -2.24
CA ILE A 382 20.56 -91.79 -1.58
C ILE A 382 20.96 -91.49 -0.14
N ALA A 383 21.47 -92.50 0.57
CA ALA A 383 21.90 -92.29 1.95
C ALA A 383 23.04 -91.27 2.03
N GLU A 384 24.03 -91.40 1.14
CA GLU A 384 25.14 -90.44 1.12
C GLU A 384 24.66 -89.03 0.80
N THR A 385 23.75 -88.91 -0.17
CA THR A 385 23.21 -87.60 -0.54
C THR A 385 22.46 -86.97 0.63
N MET A 386 21.65 -87.78 1.33
CA MET A 386 20.95 -87.26 2.50
C MET A 386 21.92 -86.84 3.60
N LYS A 387 23.02 -87.57 3.77
CA LYS A 387 24.03 -87.15 4.74
C LYS A 387 24.66 -85.81 4.37
N SER A 388 25.03 -85.65 3.09
CA SER A 388 25.59 -84.38 2.64
C SER A 388 24.58 -83.24 2.79
N ASP A 389 23.32 -83.50 2.46
CA ASP A 389 22.26 -82.51 2.63
C ASP A 389 22.14 -82.10 4.10
N GLN A 390 22.11 -83.07 5.00
CA GLN A 390 22.04 -82.77 6.42
C GLN A 390 23.21 -81.91 6.87
N GLU A 391 24.42 -82.26 6.42
CA GLU A 391 25.60 -81.48 6.80
C GLU A 391 25.49 -80.04 6.30
N SER A 392 25.08 -79.86 5.04
CA SER A 392 24.95 -78.52 4.48
C SER A 392 23.87 -77.71 5.21
N ASN A 393 22.75 -78.36 5.52
CA ASN A 393 21.68 -77.66 6.23
C ASN A 393 22.12 -77.24 7.63
N ASN A 394 22.86 -78.11 8.33
CA ASN A 394 23.38 -77.74 9.65
C ASN A 394 24.36 -76.57 9.54
N ALA A 395 25.23 -76.60 8.53
CA ALA A 395 26.18 -75.51 8.37
C ALA A 395 25.48 -74.19 8.06
N ALA A 396 24.39 -74.24 7.28
CA ALA A 396 23.61 -73.03 7.03
C ALA A 396 22.87 -72.58 8.28
N ALA A 397 22.34 -73.53 9.06
CA ALA A 397 21.65 -73.18 10.29
C ALA A 397 22.58 -72.53 11.30
N GLU A 398 23.88 -72.86 11.24
CA GLU A 398 24.84 -72.16 12.09
C GLU A 398 24.88 -70.67 11.77
N TRP A 399 24.95 -70.34 10.47
CA TRP A 399 24.90 -68.93 10.07
C TRP A 399 23.57 -68.29 10.46
N LYS A 400 22.47 -69.03 10.31
CA LYS A 400 21.17 -68.49 10.71
C LYS A 400 21.14 -68.18 12.21
N TYR A 401 21.69 -69.06 13.04
CA TYR A 401 21.75 -68.82 14.48
C TYR A 401 22.62 -67.61 14.80
N VAL A 402 23.76 -67.48 14.12
CA VAL A 402 24.63 -66.32 14.33
C VAL A 402 23.89 -65.04 13.98
N ALA A 403 23.16 -65.06 12.85
CA ALA A 403 22.37 -63.88 12.45
C ALA A 403 21.29 -63.57 13.47
N MET A 404 20.66 -64.60 14.04
CA MET A 404 19.64 -64.37 15.06
C MET A 404 20.24 -63.75 16.32
N VAL A 405 21.43 -64.22 16.73
CA VAL A 405 22.08 -63.64 17.92
C VAL A 405 22.45 -62.18 17.66
N MET A 406 22.97 -61.89 16.45
CA MET A 406 23.21 -60.51 16.07
C MET A 406 21.93 -59.69 16.12
N ASP A 407 20.83 -60.26 15.63
CA ASP A 407 19.54 -59.59 15.67
C ASP A 407 19.14 -59.22 17.10
N HIS A 408 19.30 -60.17 18.03
CA HIS A 408 18.95 -59.89 19.43
C HIS A 408 19.81 -58.76 19.99
N ILE A 409 21.13 -58.83 19.77
CA ILE A 409 22.03 -57.79 20.29
C ILE A 409 21.66 -56.44 19.71
N LEU A 410 21.43 -56.40 18.40
CA LEU A 410 21.12 -55.14 17.71
C LEU A 410 19.77 -54.59 18.15
N LEU A 411 18.79 -55.46 18.39
CA LEU A 411 17.52 -55.02 18.93
C LEU A 411 17.71 -54.33 20.27
N GLY A 412 18.46 -54.97 21.17
CA GLY A 412 18.69 -54.34 22.46
C GLY A 412 19.40 -53.00 22.34
N VAL A 413 20.43 -52.94 21.49
CA VAL A 413 21.20 -51.72 21.33
C VAL A 413 20.33 -50.60 20.76
N PHE A 414 19.59 -50.90 19.68
CA PHE A 414 18.79 -49.87 19.03
C PHE A 414 17.64 -49.39 19.92
N MET A 415 16.98 -50.31 20.64
CA MET A 415 15.92 -49.89 21.55
C MET A 415 16.48 -49.07 22.71
N LEU A 416 17.73 -49.28 23.09
CA LEU A 416 18.33 -48.38 24.07
C LEU A 416 18.69 -47.03 23.44
N VAL A 417 19.23 -47.05 22.22
CA VAL A 417 19.67 -45.83 21.55
C VAL A 417 18.51 -44.89 21.31
N CYS A 418 17.33 -45.42 21.02
CA CYS A 418 16.15 -44.57 20.82
C CYS A 418 15.94 -43.63 22.01
N ILE A 419 15.82 -44.21 23.21
CA ILE A 419 15.57 -43.39 24.39
C ILE A 419 16.80 -42.57 24.76
N ILE A 420 18.00 -43.12 24.53
CA ILE A 420 19.22 -42.36 24.79
C ILE A 420 19.22 -41.06 24.00
N GLY A 421 18.95 -41.14 22.69
CA GLY A 421 18.91 -39.95 21.87
C GLY A 421 17.78 -39.01 22.22
N THR A 422 16.60 -39.56 22.51
CA THR A 422 15.47 -38.72 22.91
C THR A 422 15.81 -37.90 24.16
N LEU A 423 16.34 -38.57 25.18
CA LEU A 423 16.73 -37.85 26.40
C LEU A 423 17.87 -36.88 26.12
N ALA A 424 18.86 -37.28 25.32
CA ALA A 424 20.01 -36.43 25.06
C ALA A 424 19.58 -35.12 24.39
N VAL A 425 18.59 -35.19 23.51
CA VAL A 425 18.16 -33.97 22.82
C VAL A 425 17.21 -33.14 23.70
N PHE A 426 16.26 -33.78 24.39
CA PHE A 426 15.22 -33.01 25.07
C PHE A 426 15.54 -32.61 26.52
N ALA A 427 16.26 -33.46 27.26
CA ALA A 427 16.33 -33.32 28.71
C ALA A 427 16.94 -31.99 29.14
N GLY A 428 17.93 -31.49 28.41
CA GLY A 428 18.54 -30.23 28.79
C GLY A 428 17.54 -29.09 28.85
N ARG A 429 16.79 -28.89 27.76
CA ARG A 429 15.80 -27.83 27.73
C ARG A 429 14.63 -28.13 28.65
N LEU A 430 14.28 -29.41 28.83
CA LEU A 430 13.22 -29.76 29.77
C LEU A 430 13.59 -29.38 31.20
N ILE A 431 14.84 -29.60 31.58
CA ILE A 431 15.33 -29.17 32.89
C ILE A 431 15.37 -27.64 32.97
N GLU A 432 15.85 -26.99 31.92
CA GLU A 432 15.92 -25.53 31.92
C GLU A 432 14.54 -24.91 32.14
N LEU A 433 13.52 -25.39 31.42
CA LEU A 433 12.19 -24.83 31.58
C LEU A 433 11.57 -25.18 32.93
N ASN A 434 11.90 -26.36 33.48
CA ASN A 434 11.42 -26.71 34.81
C ASN A 434 12.06 -25.81 35.87
N GLN A 435 13.37 -25.64 35.81
CA GLN A 435 14.09 -24.83 36.78
C GLN A 435 14.20 -23.38 36.30
N SER B 1 -34.13 21.65 -8.03
CA SER B 1 -34.67 21.57 -6.68
C SER B 1 -34.19 22.75 -5.84
N GLU B 2 -34.75 23.92 -6.11
CA GLU B 2 -34.21 25.16 -5.54
C GLU B 2 -34.48 25.24 -4.04
N ALA B 3 -35.68 24.88 -3.61
CA ALA B 3 -36.01 24.96 -2.19
C ALA B 3 -35.15 24.01 -1.36
N GLU B 4 -34.82 22.83 -1.91
CA GLU B 4 -33.92 21.94 -1.21
C GLU B 4 -32.52 22.54 -1.09
N GLY B 5 -32.04 23.18 -2.15
CA GLY B 5 -30.76 23.86 -2.07
C GLY B 5 -30.75 24.96 -1.03
N ARG B 6 -31.83 25.75 -0.96
CA ARG B 6 -31.90 26.83 0.02
C ARG B 6 -31.96 26.31 1.44
N LEU B 7 -32.75 25.24 1.67
CA LEU B 7 -32.77 24.62 2.99
C LEU B 7 -31.40 24.08 3.38
N ARG B 8 -30.74 23.39 2.44
CA ARG B 8 -29.43 22.82 2.71
C ARG B 8 -28.41 23.90 3.02
N GLU B 9 -28.46 25.02 2.31
CA GLU B 9 -27.56 26.13 2.62
C GLU B 9 -27.88 26.75 3.97
N LYS B 10 -29.16 26.80 4.34
CA LYS B 10 -29.53 27.31 5.66
C LYS B 10 -28.96 26.44 6.77
N LEU B 11 -29.12 25.12 6.66
CA LEU B 11 -28.73 24.22 7.73
C LEU B 11 -27.23 24.31 8.03
N PHE B 12 -26.40 24.37 7.00
CA PHE B 12 -24.96 24.33 7.17
C PHE B 12 -24.33 25.71 7.30
N SER B 13 -25.13 26.75 7.47
CA SER B 13 -24.58 28.08 7.76
C SER B 13 -24.05 28.09 9.18
N GLY B 14 -22.72 28.09 9.32
CA GLY B 14 -22.09 28.06 10.63
C GLY B 14 -22.03 26.70 11.27
N TYR B 15 -22.41 25.65 10.56
CA TYR B 15 -22.35 24.29 11.11
C TYR B 15 -20.91 23.81 11.15
N ASP B 16 -20.52 23.21 12.28
CA ASP B 16 -19.19 22.63 12.46
C ASP B 16 -19.36 21.13 12.66
N SER B 17 -18.88 20.35 11.69
CA SER B 17 -19.04 18.90 11.75
C SER B 17 -18.11 18.22 12.73
N SER B 18 -17.07 18.91 13.21
CA SER B 18 -16.16 18.32 14.20
C SER B 18 -16.68 18.43 15.62
N VAL B 19 -17.79 19.14 15.85
CA VAL B 19 -18.30 19.40 17.18
C VAL B 19 -19.58 18.61 17.39
N ARG B 20 -19.64 17.84 18.48
CA ARG B 20 -20.81 17.03 18.75
C ARG B 20 -21.98 17.92 19.15
N PRO B 21 -23.22 17.51 18.82
CA PRO B 21 -24.39 18.38 18.98
C PRO B 21 -25.00 18.36 20.37
N ALA B 22 -24.18 18.53 21.40
CA ALA B 22 -24.71 18.84 22.72
C ALA B 22 -25.31 20.24 22.72
N ARG B 23 -26.53 20.37 23.25
CA ARG B 23 -27.13 21.70 23.36
C ARG B 23 -26.57 22.44 24.57
N GLU B 24 -26.81 21.92 25.76
CA GLU B 24 -26.11 22.39 26.94
C GLU B 24 -24.73 21.75 27.03
N VAL B 25 -23.83 22.40 27.77
CA VAL B 25 -22.44 21.97 27.78
C VAL B 25 -22.28 20.57 28.38
N GLY B 26 -23.21 20.14 29.23
CA GLY B 26 -23.17 18.83 29.83
C GLY B 26 -23.95 17.74 29.14
N ASP B 27 -24.68 18.05 28.08
CA ASP B 27 -25.57 17.08 27.46
C ASP B 27 -24.80 15.96 26.78
N ARG B 28 -25.43 14.79 26.72
CA ARG B 28 -24.87 13.61 26.05
C ARG B 28 -25.68 13.30 24.80
N VAL B 29 -24.98 12.87 23.76
CA VAL B 29 -25.61 12.45 22.51
C VAL B 29 -25.88 10.95 22.61
N ARG B 30 -27.16 10.58 22.67
CA ARG B 30 -27.55 9.18 22.69
C ARG B 30 -27.56 8.63 21.27
N VAL B 31 -26.78 7.57 21.05
CA VAL B 31 -26.65 6.94 19.74
C VAL B 31 -27.16 5.51 19.84
N SER B 32 -28.16 5.18 19.02
CA SER B 32 -28.63 3.80 18.92
C SER B 32 -27.81 3.04 17.89
N VAL B 33 -27.26 1.89 18.29
CA VAL B 33 -26.45 1.06 17.42
C VAL B 33 -27.24 -0.20 17.07
N GLY B 34 -27.50 -0.41 15.79
CA GLY B 34 -28.02 -1.67 15.31
C GLY B 34 -27.07 -2.31 14.31
N LEU B 35 -27.24 -3.61 14.05
CA LEU B 35 -26.40 -4.30 13.08
C LEU B 35 -27.26 -5.18 12.19
N ILE B 36 -27.06 -5.08 10.88
CA ILE B 36 -27.70 -5.95 9.91
C ILE B 36 -26.59 -6.79 9.27
N LEU B 37 -26.69 -8.10 9.39
CA LEU B 37 -25.70 -9.00 8.83
C LEU B 37 -26.08 -9.36 7.41
N ALA B 38 -25.24 -9.00 6.45
CA ALA B 38 -25.49 -9.28 5.05
C ALA B 38 -24.90 -10.61 4.60
N GLN B 39 -23.69 -10.92 5.05
CA GLN B 39 -23.02 -12.16 4.66
C GLN B 39 -21.95 -12.50 5.68
N LEU B 40 -21.99 -13.72 6.20
CA LEU B 40 -20.87 -14.27 6.97
C LEU B 40 -19.87 -14.84 5.98
N ILE B 41 -18.80 -14.07 5.70
CA ILE B 41 -17.92 -14.42 4.60
C ILE B 41 -17.13 -15.68 4.91
N SER B 42 -16.48 -15.72 6.07
CA SER B 42 -15.68 -16.87 6.44
C SER B 42 -15.34 -16.80 7.92
N LEU B 43 -14.86 -17.92 8.45
CA LEU B 43 -14.21 -17.98 9.74
C LEU B 43 -12.92 -18.76 9.59
N ASN B 44 -11.81 -18.18 10.06
CA ASN B 44 -10.48 -18.74 9.87
C ASN B 44 -9.96 -19.16 11.24
N GLU B 45 -9.76 -20.46 11.43
CA GLU B 45 -9.31 -20.95 12.73
C GLU B 45 -7.81 -20.82 12.92
N LYS B 46 -7.05 -20.80 11.83
CA LYS B 46 -5.61 -20.58 11.94
C LYS B 46 -5.31 -19.16 12.41
N ASP B 47 -6.04 -18.18 11.89
CA ASP B 47 -5.84 -16.78 12.26
C ASP B 47 -6.79 -16.31 13.35
N GLU B 48 -7.69 -17.17 13.82
CA GLU B 48 -8.68 -16.81 14.84
C GLU B 48 -9.44 -15.55 14.46
N GLU B 49 -9.93 -15.53 13.22
CA GLU B 49 -10.48 -14.33 12.63
C GLU B 49 -11.79 -14.67 11.93
N MET B 50 -12.82 -13.86 12.18
CA MET B 50 -14.11 -13.99 11.51
C MET B 50 -14.31 -12.81 10.58
N SER B 51 -14.69 -13.08 9.34
CA SER B 51 -14.95 -12.05 8.34
C SER B 51 -16.45 -11.95 8.10
N THR B 52 -16.98 -10.73 8.19
CA THR B 52 -18.41 -10.50 8.02
C THR B 52 -18.64 -9.26 7.16
N LYS B 53 -19.66 -9.32 6.31
CA LYS B 53 -20.16 -8.16 5.61
C LYS B 53 -21.46 -7.73 6.28
N VAL B 54 -21.48 -6.49 6.81
CA VAL B 54 -22.60 -6.03 7.61
C VAL B 54 -22.99 -4.62 7.18
N TYR B 55 -24.20 -4.23 7.53
CA TYR B 55 -24.63 -2.84 7.54
C TYR B 55 -24.84 -2.40 8.98
N LEU B 56 -24.15 -1.35 9.38
CA LEU B 56 -24.45 -0.72 10.65
C LEU B 56 -25.79 -0.01 10.58
N ASP B 57 -26.34 0.31 11.75
CA ASP B 57 -27.59 1.08 11.82
C ASP B 57 -27.44 2.05 13.00
N LEU B 58 -26.94 3.25 12.70
CA LEU B 58 -26.67 4.26 13.72
C LEU B 58 -27.72 5.35 13.63
N GLU B 59 -28.29 5.71 14.78
CA GLU B 59 -29.31 6.75 14.83
C GLU B 59 -29.07 7.64 16.04
N TRP B 60 -29.12 8.96 15.82
CA TRP B 60 -29.00 9.93 16.89
C TRP B 60 -29.80 11.16 16.50
N THR B 61 -29.69 12.23 17.28
CA THR B 61 -30.31 13.50 16.96
C THR B 61 -29.28 14.62 17.00
N ASP B 62 -29.34 15.50 16.01
CA ASP B 62 -28.53 16.70 15.94
C ASP B 62 -29.47 17.89 15.89
N TYR B 63 -29.54 18.64 16.99
CA TYR B 63 -30.50 19.75 17.08
C TYR B 63 -30.22 20.82 16.04
N ARG B 64 -28.96 20.94 15.60
CA ARG B 64 -28.62 21.95 14.59
C ARG B 64 -29.24 21.64 13.25
N LEU B 65 -29.54 20.37 12.98
CA LEU B 65 -30.12 19.94 11.71
C LEU B 65 -31.63 19.82 11.75
N SER B 66 -32.32 20.71 12.45
CA SER B 66 -33.77 20.69 12.52
C SER B 66 -34.34 21.95 11.88
N TRP B 67 -35.52 21.81 11.30
CA TRP B 67 -36.16 22.91 10.59
C TRP B 67 -37.67 22.69 10.59
N ASP B 68 -38.40 23.75 10.26
CA ASP B 68 -39.84 23.67 10.10
C ASP B 68 -40.15 23.34 8.64
N PRO B 69 -40.73 22.18 8.33
CA PRO B 69 -41.02 21.86 6.93
C PRO B 69 -41.98 22.83 6.26
N ALA B 70 -42.91 23.43 7.02
CA ALA B 70 -43.85 24.36 6.43
C ALA B 70 -43.19 25.63 5.92
N GLU B 71 -42.03 25.99 6.47
CA GLU B 71 -41.28 27.14 6.00
C GLU B 71 -40.36 26.79 4.83
N HIS B 72 -40.16 25.50 4.54
CA HIS B 72 -39.25 25.09 3.49
C HIS B 72 -39.93 24.18 2.48
N ASP B 73 -41.09 24.63 1.97
CA ASP B 73 -41.78 23.97 0.85
C ASP B 73 -42.17 22.53 1.16
N GLY B 74 -42.44 22.24 2.43
CA GLY B 74 -42.89 20.90 2.79
C GLY B 74 -41.82 19.83 2.77
N ILE B 75 -40.54 20.20 2.69
CA ILE B 75 -39.46 19.21 2.69
C ILE B 75 -39.39 18.58 4.07
N ASP B 76 -39.77 17.32 4.17
CA ASP B 76 -39.86 16.63 5.46
C ASP B 76 -38.63 15.79 5.79
N SER B 77 -37.73 15.57 4.83
CA SER B 77 -36.49 14.88 5.10
C SER B 77 -35.44 15.32 4.09
N LEU B 78 -34.18 15.09 4.45
CA LEU B 78 -33.07 15.53 3.63
C LEU B 78 -31.98 14.46 3.66
N ARG B 79 -31.35 14.21 2.51
CA ARG B 79 -30.25 13.28 2.41
C ARG B 79 -28.95 14.05 2.21
N ILE B 80 -27.98 13.79 3.07
CA ILE B 80 -26.77 14.58 3.19
C ILE B 80 -25.57 13.65 3.22
N THR B 81 -24.53 13.99 2.47
CA THR B 81 -23.32 13.18 2.47
C THR B 81 -22.70 13.19 3.86
N ALA B 82 -22.32 12.01 4.34
CA ALA B 82 -21.99 11.84 5.76
C ALA B 82 -20.78 12.67 6.18
N GLU B 83 -19.87 12.98 5.24
CA GLU B 83 -18.68 13.73 5.59
C GLU B 83 -18.98 15.15 6.04
N SER B 84 -20.19 15.66 5.77
CA SER B 84 -20.52 17.04 6.06
C SER B 84 -21.36 17.23 7.32
N VAL B 85 -21.76 16.14 7.97
CA VAL B 85 -22.41 16.21 9.27
C VAL B 85 -21.47 15.61 10.31
N TRP B 86 -21.78 15.88 11.58
CA TRP B 86 -21.07 15.22 12.67
C TRP B 86 -21.47 13.75 12.72
N LEU B 87 -20.48 12.87 12.69
CA LEU B 87 -20.71 11.45 12.84
C LEU B 87 -20.05 10.92 14.10
N PRO B 88 -20.74 10.08 14.88
CA PRO B 88 -20.06 9.41 15.98
C PRO B 88 -18.99 8.46 15.45
N ASP B 89 -17.85 8.45 16.11
CA ASP B 89 -16.73 7.64 15.63
C ASP B 89 -16.86 6.20 16.11
N VAL B 90 -18.01 5.58 15.86
CA VAL B 90 -18.21 4.19 16.23
C VAL B 90 -17.32 3.32 15.36
N VAL B 91 -16.48 2.50 16.00
CA VAL B 91 -15.54 1.64 15.30
C VAL B 91 -15.60 0.25 15.92
N LEU B 92 -15.11 -0.73 15.16
CA LEU B 92 -14.98 -2.10 15.66
C LEU B 92 -13.72 -2.19 16.51
N LEU B 93 -13.89 -2.30 17.83
CA LEU B 93 -12.72 -2.29 18.72
C LEU B 93 -11.89 -3.55 18.56
N ASN B 94 -12.53 -4.71 18.39
CA ASN B 94 -11.82 -5.98 18.36
C ASN B 94 -11.48 -6.43 16.94
N ASN B 95 -11.35 -5.50 16.01
CA ASN B 95 -10.93 -5.84 14.66
C ASN B 95 -9.52 -6.42 14.66
N ASN B 96 -9.28 -7.35 13.74
CA ASN B 96 -8.01 -8.08 13.70
C ASN B 96 -7.03 -7.54 12.66
N ASP B 97 -7.52 -6.93 11.58
CA ASP B 97 -6.66 -6.46 10.50
C ASP B 97 -6.27 -4.99 10.65
N GLY B 98 -6.66 -4.32 11.72
CA GLY B 98 -6.34 -2.92 11.89
C GLY B 98 -7.25 -1.95 11.16
N ASN B 99 -8.38 -2.41 10.65
CA ASN B 99 -9.34 -1.54 9.97
C ASN B 99 -10.51 -1.27 10.90
N PHE B 100 -10.69 -0.01 11.27
CA PHE B 100 -11.72 0.41 12.21
C PHE B 100 -12.97 0.96 11.52
N ASP B 101 -12.81 1.81 10.51
CA ASP B 101 -13.91 2.55 9.93
C ASP B 101 -14.73 1.68 8.98
N VAL B 102 -15.88 2.21 8.58
CA VAL B 102 -16.77 1.51 7.65
C VAL B 102 -16.19 1.53 6.24
N ALA B 103 -16.70 0.62 5.41
CA ALA B 103 -16.15 0.45 4.08
C ALA B 103 -16.54 1.58 3.14
N LEU B 104 -17.67 2.24 3.37
CA LEU B 104 -18.16 3.27 2.45
C LEU B 104 -19.03 4.24 3.23
N ASP B 105 -18.64 5.51 3.25
CA ASP B 105 -19.42 6.57 3.87
C ASP B 105 -20.55 6.99 2.94
N ILE B 106 -21.71 6.34 3.10
CA ILE B 106 -22.88 6.70 2.33
C ILE B 106 -23.54 7.91 2.99
N SER B 107 -24.50 8.52 2.30
CA SER B 107 -25.21 9.69 2.81
C SER B 107 -26.08 9.32 4.00
N VAL B 108 -26.18 10.24 4.95
CA VAL B 108 -27.09 10.11 6.08
C VAL B 108 -28.48 10.63 5.69
N VAL B 109 -29.49 10.17 6.40
CA VAL B 109 -30.85 10.69 6.26
C VAL B 109 -31.17 11.55 7.47
N VAL B 110 -31.57 12.79 7.24
CA VAL B 110 -31.87 13.74 8.31
C VAL B 110 -33.36 14.05 8.27
N SER B 111 -34.05 13.76 9.37
CA SER B 111 -35.45 14.12 9.51
C SER B 111 -35.60 15.57 9.98
N SER B 112 -36.77 16.15 9.70
CA SER B 112 -36.99 17.55 9.99
C SER B 112 -36.89 17.88 11.48
N ASP B 113 -37.05 16.88 12.35
CA ASP B 113 -36.87 17.11 13.78
C ASP B 113 -35.42 17.02 14.22
N GLY B 114 -34.49 16.84 13.29
CA GLY B 114 -33.09 16.69 13.61
C GLY B 114 -32.63 15.27 13.88
N SER B 115 -33.51 14.28 13.76
CA SER B 115 -33.10 12.89 13.89
C SER B 115 -32.28 12.48 12.68
N VAL B 116 -31.07 11.98 12.92
CA VAL B 116 -30.16 11.54 11.88
C VAL B 116 -30.08 10.03 11.93
N ARG B 117 -30.18 9.38 10.76
CA ARG B 117 -30.03 7.95 10.65
C ARG B 117 -28.96 7.63 9.62
N TRP B 118 -28.05 6.73 9.98
CA TRP B 118 -26.91 6.40 9.13
C TRP B 118 -26.76 4.89 9.09
N GLN B 119 -26.62 4.34 7.89
CA GLN B 119 -26.54 2.88 7.69
C GLN B 119 -25.37 2.52 6.78
N PRO B 120 -24.14 2.79 7.21
CA PRO B 120 -22.98 2.55 6.34
C PRO B 120 -22.69 1.06 6.22
N PRO B 121 -22.26 0.60 5.05
CA PRO B 121 -21.81 -0.79 4.93
C PRO B 121 -20.44 -0.99 5.55
N GLY B 122 -20.16 -2.23 5.93
CA GLY B 122 -18.85 -2.57 6.45
C GLY B 122 -18.35 -3.95 6.10
N ILE B 123 -17.06 -4.06 5.81
CA ILE B 123 -16.35 -5.34 5.79
C ILE B 123 -15.47 -5.39 7.02
N TYR B 124 -15.72 -6.36 7.91
CA TYR B 124 -15.04 -6.42 9.18
C TYR B 124 -14.39 -7.79 9.37
N ARG B 125 -13.23 -7.79 10.02
CA ARG B 125 -12.54 -9.01 10.41
C ARG B 125 -12.27 -8.96 11.91
N SER B 126 -13.28 -9.30 12.69
CA SER B 126 -13.15 -9.34 14.14
C SER B 126 -12.38 -10.58 14.59
N SER B 127 -11.47 -10.40 15.54
CA SER B 127 -10.83 -11.54 16.17
C SER B 127 -11.86 -12.37 16.95
N CYS B 128 -11.64 -13.68 16.97
CA CYS B 128 -12.56 -14.59 17.64
C CYS B 128 -11.76 -15.76 18.19
N SER B 129 -11.79 -15.92 19.51
CA SER B 129 -11.06 -17.03 20.15
C SER B 129 -11.71 -18.35 19.79
N ILE B 130 -10.96 -19.24 19.16
CA ILE B 130 -11.50 -20.48 18.61
C ILE B 130 -11.52 -21.54 19.71
N GLN B 131 -12.70 -22.11 19.96
CA GLN B 131 -12.83 -23.28 20.81
C GLN B 131 -12.39 -24.51 20.02
N VAL B 132 -11.09 -24.79 20.08
CA VAL B 132 -10.49 -25.83 19.25
C VAL B 132 -10.83 -27.24 19.72
N THR B 133 -11.35 -27.39 20.93
CA THR B 133 -11.38 -28.69 21.59
C THR B 133 -12.13 -29.74 20.77
N TYR B 134 -13.29 -29.38 20.22
CA TYR B 134 -14.14 -30.32 19.52
C TYR B 134 -14.13 -30.14 18.01
N PHE B 135 -13.16 -29.40 17.47
CA PHE B 135 -13.04 -29.23 16.03
C PHE B 135 -12.91 -30.60 15.37
N PRO B 136 -13.60 -30.83 14.24
CA PRO B 136 -14.43 -29.91 13.48
C PRO B 136 -15.92 -30.04 13.78
N PHE B 137 -16.30 -30.50 14.97
CA PHE B 137 -17.68 -30.52 15.40
C PHE B 137 -18.01 -29.37 16.34
N ASP B 138 -17.13 -28.39 16.43
CA ASP B 138 -17.24 -27.31 17.38
C ASP B 138 -18.36 -26.34 16.99
N TRP B 139 -18.82 -25.59 17.99
CA TRP B 139 -19.58 -24.37 17.79
C TRP B 139 -18.75 -23.21 18.32
N GLN B 140 -18.90 -22.04 17.70
CA GLN B 140 -18.08 -20.89 18.04
C GLN B 140 -18.94 -19.74 18.54
N ASN B 141 -18.32 -18.89 19.35
CA ASN B 141 -18.98 -17.74 19.99
C ASN B 141 -18.14 -16.51 19.66
N CYS B 142 -18.44 -15.84 18.55
CA CYS B 142 -17.66 -14.72 18.06
C CYS B 142 -18.38 -13.41 18.35
N THR B 143 -17.64 -12.44 18.90
CA THR B 143 -18.19 -11.16 19.31
C THR B 143 -17.69 -10.06 18.39
N MET B 144 -18.58 -9.12 18.06
CA MET B 144 -18.22 -7.86 17.43
C MET B 144 -18.48 -6.73 18.42
N VAL B 145 -17.43 -6.00 18.78
CA VAL B 145 -17.50 -4.98 19.82
C VAL B 145 -17.46 -3.61 19.14
N PHE B 146 -18.59 -2.90 19.17
CA PHE B 146 -18.68 -1.56 18.59
C PHE B 146 -18.71 -0.53 19.71
N SER B 147 -17.88 0.50 19.60
CA SER B 147 -17.90 1.60 20.55
C SER B 147 -17.27 2.82 19.91
N SER B 148 -17.62 3.99 20.46
CA SER B 148 -16.94 5.21 20.07
C SER B 148 -15.49 5.16 20.50
N TYR B 149 -14.59 5.42 19.55
CA TYR B 149 -13.17 5.35 19.85
C TYR B 149 -12.73 6.44 20.81
N SER B 150 -13.24 7.67 20.63
CA SER B 150 -12.79 8.82 21.40
C SER B 150 -13.75 9.22 22.51
N TYR B 151 -15.02 9.44 22.17
CA TYR B 151 -15.95 10.06 23.11
C TYR B 151 -16.22 9.16 24.31
N ASP B 152 -16.24 9.76 25.50
CA ASP B 152 -16.50 9.05 26.73
C ASP B 152 -17.98 8.70 26.85
N SER B 153 -18.29 7.87 27.85
CA SER B 153 -19.69 7.59 28.18
C SER B 153 -20.43 8.82 28.68
N SER B 154 -19.70 9.86 29.09
CA SER B 154 -20.32 11.12 29.49
C SER B 154 -20.49 12.08 28.31
N GLU B 155 -20.22 11.63 27.09
CA GLU B 155 -20.34 12.48 25.92
C GLU B 155 -21.21 11.82 24.86
N VAL B 156 -21.01 10.51 24.66
CA VAL B 156 -21.82 9.71 23.75
C VAL B 156 -22.31 8.48 24.51
N SER B 157 -23.62 8.26 24.50
CA SER B 157 -24.23 7.12 25.16
C SER B 157 -24.74 6.16 24.09
N LEU B 158 -24.17 4.97 24.05
CA LEU B 158 -24.58 3.96 23.09
C LEU B 158 -25.79 3.18 23.60
N GLN B 159 -26.66 2.78 22.68
CA GLN B 159 -27.82 1.97 23.00
C GLN B 159 -28.04 0.95 21.89
N THR B 160 -28.56 -0.21 22.27
CA THR B 160 -28.94 -1.21 21.28
C THR B 160 -30.18 -0.75 20.51
N GLY B 161 -30.10 -0.78 19.18
CA GLY B 161 -31.22 -0.33 18.38
C GLY B 161 -32.46 -1.17 18.62
N LEU B 162 -33.59 -0.50 18.76
CA LEU B 162 -34.85 -1.18 19.03
C LEU B 162 -35.36 -1.88 17.78
N GLY B 163 -36.30 -2.80 17.98
CA GLY B 163 -36.98 -3.45 16.89
C GLY B 163 -38.00 -2.53 16.24
N PRO B 164 -38.56 -2.97 15.11
CA PRO B 164 -39.55 -2.12 14.41
C PRO B 164 -40.79 -1.82 15.23
N ASP B 165 -41.13 -2.68 16.20
CA ASP B 165 -42.23 -2.43 17.11
C ASP B 165 -41.85 -1.50 18.26
N GLY B 166 -40.59 -1.08 18.34
CA GLY B 166 -40.08 -0.35 19.48
C GLY B 166 -39.72 -1.23 20.66
N GLN B 167 -39.83 -2.54 20.54
CA GLN B 167 -39.43 -3.46 21.59
C GLN B 167 -37.92 -3.61 21.61
N GLY B 168 -37.38 -3.99 22.77
CA GLY B 168 -35.96 -4.16 22.93
C GLY B 168 -35.41 -5.37 22.20
N HIS B 169 -35.59 -5.40 20.88
CA HIS B 169 -35.12 -6.51 20.04
C HIS B 169 -33.60 -6.43 19.89
N GLN B 170 -32.92 -6.77 20.99
CA GLN B 170 -31.47 -6.75 21.04
C GLN B 170 -30.88 -7.92 20.26
N GLU B 171 -30.97 -7.89 18.94
CA GLU B 171 -30.48 -8.98 18.10
C GLU B 171 -29.87 -8.44 16.84
N ILE B 172 -28.93 -9.21 16.28
CA ILE B 172 -28.47 -8.96 14.91
C ILE B 172 -29.63 -9.20 13.96
N HIS B 173 -29.97 -8.18 13.18
CA HIS B 173 -31.04 -8.31 12.21
C HIS B 173 -30.55 -9.06 10.99
N ILE B 174 -31.29 -10.07 10.56
CA ILE B 174 -30.98 -10.85 9.37
C ILE B 174 -32.19 -10.81 8.44
N HIS B 175 -31.99 -10.30 7.23
CA HIS B 175 -33.03 -10.34 6.21
C HIS B 175 -33.18 -11.77 5.73
N GLU B 176 -34.25 -12.44 6.16
CA GLU B 176 -34.34 -13.88 6.02
C GLU B 176 -34.37 -14.32 4.56
N GLY B 177 -34.87 -13.48 3.66
CA GLY B 177 -34.88 -13.80 2.25
C GLY B 177 -33.80 -13.08 1.44
N THR B 178 -32.79 -12.54 2.11
CA THR B 178 -31.76 -11.78 1.42
C THR B 178 -30.37 -12.16 1.92
N PHE B 179 -30.31 -12.66 3.15
CA PHE B 179 -29.04 -13.09 3.72
C PHE B 179 -28.36 -14.16 2.86
N ILE B 180 -27.08 -13.96 2.57
CA ILE B 180 -26.29 -14.89 1.78
C ILE B 180 -25.85 -16.02 2.69
N GLU B 181 -26.48 -17.18 2.56
CA GLU B 181 -26.28 -18.27 3.52
C GLU B 181 -24.88 -18.86 3.38
N ASN B 182 -24.17 -18.94 4.50
CA ASN B 182 -22.84 -19.55 4.50
C ASN B 182 -22.98 -21.06 4.43
N GLY B 183 -22.13 -21.70 3.64
CA GLY B 183 -22.25 -23.13 3.41
C GLY B 183 -21.69 -24.00 4.51
N GLN B 184 -20.81 -23.46 5.35
CA GLN B 184 -20.16 -24.26 6.39
C GLN B 184 -20.66 -23.96 7.80
N TRP B 185 -21.26 -22.79 8.03
CA TRP B 185 -21.63 -22.37 9.37
C TRP B 185 -23.12 -22.06 9.44
N GLU B 186 -23.75 -22.48 10.53
CA GLU B 186 -25.17 -22.25 10.78
C GLU B 186 -25.32 -21.29 11.95
N ILE B 187 -26.04 -20.20 11.73
CA ILE B 187 -26.27 -19.21 12.78
C ILE B 187 -27.36 -19.72 13.71
N ILE B 188 -27.06 -19.81 14.99
CA ILE B 188 -27.98 -20.32 16.01
C ILE B 188 -28.53 -19.19 16.88
N HIS B 189 -27.64 -18.48 17.56
CA HIS B 189 -28.01 -17.35 18.41
C HIS B 189 -27.29 -16.09 17.94
N LYS B 190 -28.00 -14.97 17.97
CA LYS B 190 -27.44 -13.72 17.46
C LYS B 190 -27.81 -12.52 18.33
N PRO B 191 -27.64 -12.59 19.67
CA PRO B 191 -28.10 -11.49 20.52
C PRO B 191 -27.18 -10.28 20.48
N SER B 192 -27.57 -9.21 21.15
CA SER B 192 -26.69 -8.09 21.42
C SER B 192 -26.87 -7.65 22.87
N ARG B 193 -25.83 -7.03 23.43
CA ARG B 193 -25.86 -6.51 24.78
C ARG B 193 -25.13 -5.18 24.86
N LEU B 194 -25.72 -4.22 25.56
CA LEU B 194 -25.01 -3.02 25.97
C LEU B 194 -24.17 -3.33 27.20
N ILE B 195 -22.87 -3.04 27.14
CA ILE B 195 -21.95 -3.31 28.24
C ILE B 195 -21.64 -2.00 28.94
N GLN B 196 -21.97 -1.93 30.23
CA GLN B 196 -21.66 -0.77 31.03
C GLN B 196 -20.18 -0.76 31.40
N PRO B 197 -19.59 0.42 31.60
CA PRO B 197 -18.21 0.49 32.05
C PRO B 197 -18.06 -0.07 33.45
N PRO B 198 -16.87 -0.58 33.80
CA PRO B 198 -16.59 -1.19 35.11
C PRO B 198 -16.92 -0.27 36.28
N GLY B 207 -12.68 8.43 31.65
CA GLY B 207 -12.24 7.63 30.53
C GLY B 207 -13.12 6.42 30.28
N GLN B 208 -14.17 6.28 31.08
CA GLN B 208 -15.07 5.16 30.94
C GLN B 208 -15.88 5.27 29.65
N ARG B 209 -15.90 4.20 28.87
CA ARG B 209 -16.66 4.14 27.64
C ARG B 209 -17.57 2.92 27.63
N GLN B 210 -18.74 3.08 27.04
CA GLN B 210 -19.66 1.97 26.87
C GLN B 210 -19.33 1.20 25.59
N GLU B 211 -19.78 -0.05 25.53
CA GLU B 211 -19.65 -0.87 24.35
C GLU B 211 -20.99 -1.53 24.04
N VAL B 212 -21.28 -1.66 22.75
CA VAL B 212 -22.35 -2.53 22.26
C VAL B 212 -21.70 -3.74 21.61
N ILE B 213 -21.98 -4.93 22.13
CA ILE B 213 -21.39 -6.17 21.65
C ILE B 213 -22.47 -6.98 20.96
N PHE B 214 -22.19 -7.39 19.72
CA PHE B 214 -23.05 -8.29 18.98
C PHE B 214 -22.41 -9.68 18.97
N TYR B 215 -23.21 -10.69 19.29
CA TYR B 215 -22.72 -12.06 19.42
C TYR B 215 -23.25 -12.90 18.27
N LEU B 216 -22.34 -13.51 17.52
CA LEU B 216 -22.70 -14.57 16.58
C LEU B 216 -22.27 -15.90 17.17
N ILE B 217 -23.24 -16.78 17.39
CA ILE B 217 -22.98 -18.16 17.81
C ILE B 217 -23.32 -19.06 16.64
N ILE B 218 -22.32 -19.77 16.12
CA ILE B 218 -22.42 -20.49 14.87
C ILE B 218 -21.88 -21.90 15.06
N ARG B 219 -22.59 -22.88 14.51
CA ARG B 219 -22.20 -24.28 14.59
C ARG B 219 -21.61 -24.70 13.24
N ARG B 220 -20.46 -25.37 13.29
CA ARG B 220 -19.86 -25.89 12.06
C ARG B 220 -20.67 -27.07 11.53
N LYS B 221 -20.91 -27.07 10.23
CA LYS B 221 -21.53 -28.20 9.56
C LYS B 221 -20.44 -29.19 9.15
N PRO B 222 -20.44 -30.40 9.71
CA PRO B 222 -19.25 -31.27 9.68
C PRO B 222 -19.15 -32.20 8.47
N LEU B 223 -20.10 -32.16 7.53
CA LEU B 223 -20.18 -33.20 6.51
C LEU B 223 -18.87 -33.36 5.73
N PHE B 224 -18.21 -32.24 5.40
CA PHE B 224 -16.95 -32.31 4.68
C PHE B 224 -15.94 -33.20 5.40
N TYR B 225 -15.76 -32.97 6.70
CA TYR B 225 -14.75 -33.72 7.44
C TYR B 225 -15.21 -35.15 7.71
N LEU B 226 -16.51 -35.36 7.90
CA LEU B 226 -17.03 -36.72 8.01
C LEU B 226 -16.66 -37.53 6.77
N VAL B 227 -16.92 -36.97 5.59
CA VAL B 227 -16.69 -37.71 4.36
C VAL B 227 -15.19 -37.88 4.10
N ASN B 228 -14.43 -36.80 4.22
CA ASN B 228 -13.05 -36.81 3.73
C ASN B 228 -12.00 -37.19 4.77
N VAL B 229 -12.36 -37.30 6.05
CA VAL B 229 -11.34 -37.63 7.05
C VAL B 229 -11.75 -38.84 7.89
N ILE B 230 -12.93 -38.75 8.51
CA ILE B 230 -13.29 -39.75 9.53
C ILE B 230 -13.54 -41.11 8.89
N ALA B 231 -14.34 -41.15 7.84
CA ALA B 231 -14.62 -42.43 7.18
C ALA B 231 -13.37 -43.11 6.62
N PRO B 232 -12.46 -42.42 5.93
CA PRO B 232 -11.20 -43.07 5.54
C PRO B 232 -10.42 -43.64 6.72
N CYS B 233 -10.39 -42.93 7.85
CA CYS B 233 -9.67 -43.44 9.01
C CYS B 233 -10.37 -44.65 9.60
N ILE B 234 -11.70 -44.69 9.55
CA ILE B 234 -12.44 -45.88 9.99
C ILE B 234 -12.07 -47.07 9.11
N LEU B 235 -12.03 -46.85 7.79
CA LEU B 235 -11.66 -47.92 6.88
C LEU B 235 -10.23 -48.42 7.15
N ILE B 236 -9.31 -47.48 7.36
CA ILE B 236 -7.93 -47.85 7.65
C ILE B 236 -7.84 -48.64 8.95
N THR B 237 -8.61 -48.24 9.96
CA THR B 237 -8.63 -48.96 11.22
C THR B 237 -9.18 -50.37 11.04
N LEU B 238 -10.25 -50.50 10.24
CA LEU B 238 -10.81 -51.82 9.95
C LEU B 238 -9.78 -52.72 9.29
N LEU B 239 -9.00 -52.15 8.36
CA LEU B 239 -7.94 -52.94 7.73
C LEU B 239 -6.85 -53.31 8.72
N ALA B 240 -6.50 -52.39 9.62
CA ALA B 240 -5.47 -52.68 10.62
C ALA B 240 -5.91 -53.79 11.58
N ILE B 241 -7.22 -53.95 11.78
CA ILE B 241 -7.71 -55.07 12.58
C ILE B 241 -7.50 -56.38 11.84
N PHE B 242 -7.89 -56.43 10.57
CA PHE B 242 -7.81 -57.67 9.80
C PHE B 242 -6.38 -58.11 9.56
N VAL B 243 -5.39 -57.25 9.83
CA VAL B 243 -3.99 -57.65 9.80
C VAL B 243 -3.78 -58.95 10.59
N PHE B 244 -4.45 -59.08 11.73
CA PHE B 244 -4.28 -60.25 12.57
C PHE B 244 -4.97 -61.49 12.02
N TYR B 245 -5.89 -61.35 11.07
CA TYR B 245 -6.49 -62.49 10.43
C TYR B 245 -5.66 -63.04 9.27
N LEU B 246 -4.74 -62.23 8.74
CA LEU B 246 -3.85 -62.71 7.69
C LEU B 246 -2.88 -63.75 8.25
N PRO B 247 -2.76 -64.92 7.64
CA PRO B 247 -1.86 -65.94 8.18
C PRO B 247 -0.42 -65.49 8.07
N PRO B 248 0.43 -65.91 9.00
CA PRO B 248 1.85 -65.50 8.94
C PRO B 248 2.57 -65.98 7.70
N ASP B 249 2.16 -67.12 7.14
CA ASP B 249 2.83 -67.67 5.96
C ASP B 249 2.61 -66.83 4.72
N ALA B 250 1.61 -65.94 4.71
CA ALA B 250 1.33 -65.15 3.52
C ALA B 250 2.45 -64.18 3.20
N GLY B 251 3.18 -63.69 4.21
CA GLY B 251 4.27 -62.79 3.97
C GLY B 251 3.88 -61.41 3.52
N GLU B 252 2.65 -60.98 3.80
CA GLU B 252 2.18 -59.65 3.44
C GLU B 252 1.74 -58.84 4.65
N LYS B 253 2.00 -59.32 5.86
CA LYS B 253 1.46 -58.71 7.06
C LYS B 253 2.10 -57.34 7.32
N MET B 254 3.43 -57.27 7.19
CA MET B 254 4.12 -55.99 7.34
C MET B 254 3.72 -55.02 6.25
N GLY B 255 3.65 -55.49 5.00
CA GLY B 255 3.22 -54.62 3.92
C GLY B 255 1.88 -53.99 4.21
N LEU B 256 0.89 -54.81 4.58
CA LEU B 256 -0.44 -54.29 4.87
C LEU B 256 -0.41 -53.30 6.02
N SER B 257 0.21 -53.66 7.14
CA SER B 257 0.15 -52.79 8.32
C SER B 257 0.87 -51.46 8.09
N ILE B 258 2.06 -51.51 7.50
CA ILE B 258 2.81 -50.27 7.32
C ILE B 258 2.18 -49.41 6.21
N PHE B 259 1.63 -50.03 5.16
CA PHE B 259 0.93 -49.24 4.17
C PHE B 259 -0.32 -48.59 4.73
N ALA B 260 -1.00 -49.26 5.66
CA ALA B 260 -2.11 -48.62 6.38
C ALA B 260 -1.61 -47.42 7.17
N LEU B 261 -0.47 -47.57 7.85
CA LEU B 261 0.09 -46.45 8.59
C LEU B 261 0.49 -45.31 7.67
N LEU B 262 1.03 -45.63 6.50
CA LEU B 262 1.38 -44.61 5.51
C LEU B 262 0.15 -43.87 5.00
N THR B 263 -0.93 -44.60 4.73
CA THR B 263 -2.17 -43.95 4.31
C THR B 263 -2.70 -43.04 5.41
N LEU B 264 -2.61 -43.47 6.67
CA LEU B 264 -3.00 -42.61 7.77
C LEU B 264 -2.13 -41.36 7.84
N THR B 265 -0.83 -41.51 7.57
CA THR B 265 0.06 -40.35 7.53
C THR B 265 -0.31 -39.40 6.41
N VAL B 266 -0.76 -39.93 5.26
CA VAL B 266 -1.20 -39.06 4.18
C VAL B 266 -2.46 -38.30 4.57
N PHE B 267 -3.40 -38.97 5.25
CA PHE B 267 -4.58 -38.26 5.72
C PHE B 267 -4.24 -37.24 6.81
N LEU B 268 -3.19 -37.51 7.59
CA LEU B 268 -2.69 -36.51 8.53
C LEU B 268 -2.12 -35.31 7.80
N LEU B 269 -1.42 -35.54 6.68
CA LEU B 269 -0.98 -34.45 5.83
C LEU B 269 -2.16 -33.64 5.31
N LEU B 270 -3.26 -34.32 4.98
CA LEU B 270 -4.47 -33.61 4.56
C LEU B 270 -5.00 -32.73 5.68
N LEU B 271 -5.16 -33.30 6.87
CA LEU B 271 -5.78 -32.57 7.97
C LEU B 271 -4.91 -31.42 8.47
N ALA B 272 -3.59 -31.54 8.37
CA ALA B 272 -2.70 -30.49 8.85
C ALA B 272 -2.93 -29.15 8.17
N ASP B 273 -3.51 -29.15 6.97
CA ASP B 273 -3.89 -27.90 6.32
C ASP B 273 -5.11 -27.25 6.95
N LYS B 274 -5.89 -28.01 7.73
CA LYS B 274 -7.18 -27.56 8.22
C LYS B 274 -7.19 -27.16 9.69
N VAL B 275 -6.37 -27.79 10.52
CA VAL B 275 -6.45 -27.61 11.97
C VAL B 275 -5.93 -26.25 12.39
N PRO B 276 -6.48 -25.66 13.46
CA PRO B 276 -5.92 -24.43 14.01
C PRO B 276 -4.54 -24.67 14.62
N GLU B 277 -3.70 -23.65 14.58
CA GLU B 277 -2.35 -23.72 15.12
C GLU B 277 -2.29 -23.37 16.61
N THR B 278 -3.39 -22.89 17.19
CA THR B 278 -3.39 -22.55 18.61
C THR B 278 -3.20 -23.79 19.46
N SER B 279 -2.39 -23.65 20.52
CA SER B 279 -1.97 -24.78 21.34
C SER B 279 -2.65 -24.81 22.70
N LEU B 280 -3.78 -24.11 22.87
CA LEU B 280 -4.47 -24.13 24.15
C LEU B 280 -5.16 -25.47 24.40
N SER B 281 -5.49 -26.21 23.34
CA SER B 281 -6.17 -27.49 23.48
C SER B 281 -5.96 -28.26 22.19
N VAL B 282 -6.31 -29.54 22.24
CA VAL B 282 -6.12 -30.47 21.12
C VAL B 282 -7.48 -30.77 20.51
N PRO B 283 -7.64 -30.60 19.19
CA PRO B 283 -8.91 -30.97 18.55
C PRO B 283 -9.23 -32.45 18.74
N ILE B 284 -10.52 -32.74 18.88
CA ILE B 284 -10.95 -34.13 19.04
C ILE B 284 -10.56 -34.97 17.83
N ILE B 285 -10.56 -34.37 16.64
CA ILE B 285 -10.14 -35.11 15.45
C ILE B 285 -8.66 -35.43 15.50
N ILE B 286 -7.84 -34.54 16.08
CA ILE B 286 -6.42 -34.82 16.21
C ILE B 286 -6.19 -35.94 17.21
N LYS B 287 -6.94 -35.93 18.33
CA LYS B 287 -6.89 -37.04 19.27
C LYS B 287 -7.28 -38.35 18.60
N TYR B 288 -8.33 -38.31 17.77
CA TYR B 288 -8.76 -39.51 17.06
C TYR B 288 -7.68 -40.02 16.11
N LEU B 289 -7.04 -39.12 15.37
CA LEU B 289 -5.98 -39.52 14.47
C LEU B 289 -4.79 -40.12 15.23
N MET B 290 -4.41 -39.49 16.33
CA MET B 290 -3.29 -40.02 17.12
C MET B 290 -3.63 -41.38 17.71
N PHE B 291 -4.86 -41.55 18.21
CA PHE B 291 -5.30 -42.85 18.69
C PHE B 291 -5.25 -43.90 17.59
N THR B 292 -5.67 -43.53 16.38
CA THR B 292 -5.62 -44.47 15.27
C THR B 292 -4.18 -44.84 14.90
N MET B 293 -3.28 -43.85 14.91
CA MET B 293 -1.87 -44.13 14.64
C MET B 293 -1.28 -45.04 15.71
N VAL B 294 -1.67 -44.84 16.96
CA VAL B 294 -1.23 -45.72 18.04
C VAL B 294 -1.75 -47.14 17.80
N LEU B 295 -3.01 -47.26 17.39
CA LEU B 295 -3.58 -48.57 17.09
C LEU B 295 -2.78 -49.26 15.98
N VAL B 296 -2.46 -48.55 14.91
CA VAL B 296 -1.71 -49.15 13.81
C VAL B 296 -0.31 -49.54 14.27
N THR B 297 0.31 -48.70 15.10
CA THR B 297 1.64 -49.02 15.61
C THR B 297 1.62 -50.29 16.45
N PHE B 298 0.62 -50.43 17.32
CA PHE B 298 0.50 -51.65 18.12
C PHE B 298 0.17 -52.85 17.25
N SER B 299 -0.63 -52.66 16.21
CA SER B 299 -0.89 -53.75 15.26
C SER B 299 0.41 -54.22 14.62
N VAL B 300 1.28 -53.28 14.23
CA VAL B 300 2.57 -53.64 13.67
C VAL B 300 3.41 -54.41 14.69
N ILE B 301 3.49 -53.88 15.92
CA ILE B 301 4.31 -54.51 16.95
C ILE B 301 3.83 -55.94 17.21
N LEU B 302 2.52 -56.12 17.37
CA LEU B 302 1.98 -57.44 17.66
C LEU B 302 2.13 -58.38 16.47
N SER B 303 2.05 -57.86 15.25
CA SER B 303 2.31 -58.70 14.09
C SER B 303 3.76 -59.15 14.04
N VAL B 304 4.69 -58.27 14.43
CA VAL B 304 6.09 -58.66 14.50
C VAL B 304 6.29 -59.73 15.56
N VAL B 305 5.60 -59.60 16.70
CA VAL B 305 5.67 -60.63 17.74
C VAL B 305 5.15 -61.96 17.22
N VAL B 306 4.00 -61.93 16.53
CA VAL B 306 3.42 -63.16 15.98
C VAL B 306 4.37 -63.80 14.98
N LEU B 307 4.97 -63.00 14.10
CA LEU B 307 5.91 -63.54 13.11
C LEU B 307 7.16 -64.09 13.79
N ASN B 308 7.62 -63.46 14.87
CA ASN B 308 8.73 -64.00 15.63
C ASN B 308 8.40 -65.36 16.19
N LEU B 309 7.20 -65.51 16.77
CA LEU B 309 6.77 -66.81 17.27
C LEU B 309 6.67 -67.84 16.15
N HIS B 310 6.17 -67.42 14.99
CA HIS B 310 5.90 -68.35 13.89
C HIS B 310 7.17 -69.02 13.38
N HIS B 311 8.29 -68.31 13.37
CA HIS B 311 9.52 -68.82 12.77
C HIS B 311 10.48 -69.44 13.78
N ARG B 312 10.06 -69.57 15.04
CA ARG B 312 10.89 -70.28 16.00
C ARG B 312 10.93 -71.77 15.68
N SER B 313 12.06 -72.39 15.99
CA SER B 313 12.32 -73.77 15.62
C SER B 313 13.25 -74.38 16.67
N PRO B 314 13.28 -75.72 16.77
CA PRO B 314 14.24 -76.34 17.70
C PRO B 314 15.69 -76.05 17.36
N HIS B 315 15.98 -75.62 16.14
CA HIS B 315 17.33 -75.18 15.82
C HIS B 315 17.70 -73.86 16.49
N THR B 316 16.72 -73.15 17.05
CA THR B 316 16.93 -71.80 17.59
C THR B 316 16.41 -71.64 19.01
N HIS B 317 15.28 -72.27 19.35
CA HIS B 317 14.68 -72.10 20.66
C HIS B 317 14.06 -73.41 21.12
N GLN B 318 13.97 -73.55 22.45
CA GLN B 318 13.25 -74.64 23.09
C GLN B 318 12.05 -74.04 23.81
N MET B 319 10.86 -74.54 23.49
CA MET B 319 9.65 -73.99 24.07
C MET B 319 9.56 -74.35 25.55
N PRO B 320 9.43 -73.36 26.45
CA PRO B 320 9.29 -73.68 27.87
C PRO B 320 7.92 -74.26 28.17
N LEU B 321 7.85 -74.97 29.30
CA LEU B 321 6.64 -75.70 29.66
C LEU B 321 5.44 -74.78 29.88
N TRP B 322 5.66 -73.59 30.44
CA TRP B 322 4.55 -72.69 30.71
C TRP B 322 3.91 -72.16 29.42
N VAL B 323 4.74 -71.86 28.41
CA VAL B 323 4.18 -71.45 27.12
C VAL B 323 3.37 -72.57 26.50
N ARG B 324 3.93 -73.79 26.50
CA ARG B 324 3.21 -74.94 25.97
C ARG B 324 1.86 -75.10 26.66
N GLN B 325 1.87 -75.14 28.00
CA GLN B 325 0.64 -75.30 28.74
C GLN B 325 -0.37 -74.22 28.36
N ILE B 326 -0.02 -72.96 28.60
CA ILE B 326 -0.98 -71.88 28.45
C ILE B 326 -1.53 -71.84 27.03
N PHE B 327 -0.63 -71.73 26.04
CA PHE B 327 -1.09 -71.42 24.69
C PHE B 327 -1.58 -72.64 23.92
N ILE B 328 -1.12 -73.85 24.22
CA ILE B 328 -1.62 -75.02 23.52
C ILE B 328 -2.86 -75.61 24.18
N HIS B 329 -3.06 -75.42 25.48
CA HIS B 329 -4.18 -76.04 26.17
C HIS B 329 -5.21 -75.04 26.69
N LYS B 330 -4.77 -74.02 27.42
CA LYS B 330 -5.74 -73.17 28.13
C LYS B 330 -6.43 -72.20 27.17
N LEU B 331 -5.66 -71.33 26.52
CA LEU B 331 -6.24 -70.29 25.68
C LEU B 331 -7.09 -70.81 24.53
N PRO B 332 -6.75 -71.89 23.82
CA PRO B 332 -7.64 -72.36 22.74
C PRO B 332 -9.07 -72.64 23.18
N LEU B 333 -9.24 -73.16 24.40
CA LEU B 333 -10.59 -73.44 24.89
C LEU B 333 -11.39 -72.15 25.07
N TYR B 334 -10.75 -71.09 25.55
CA TYR B 334 -11.42 -69.80 25.62
C TYR B 334 -11.71 -69.24 24.24
N LEU B 335 -10.74 -69.33 23.33
CA LEU B 335 -10.90 -68.80 21.97
C LEU B 335 -11.70 -69.72 21.07
N ARG B 336 -12.21 -70.84 21.60
CA ARG B 336 -12.95 -71.85 20.85
C ARG B 336 -12.12 -72.46 19.72
N LEU B 337 -10.80 -72.34 19.80
CA LEU B 337 -9.91 -73.04 18.88
C LEU B 337 -9.72 -74.48 19.34
N LYS B 338 -9.53 -75.38 18.38
CA LYS B 338 -9.20 -76.77 18.67
C LYS B 338 -8.12 -77.24 17.72
N ARG B 339 -7.07 -77.85 18.28
CA ARG B 339 -6.00 -78.40 17.45
C ARG B 339 -6.48 -79.70 16.81
N PRO B 340 -6.40 -79.84 15.48
CA PRO B 340 -6.78 -81.06 14.77
C PRO B 340 -6.01 -82.29 15.24
N PRO B 408 28.96 -108.12 2.27
CA PRO B 408 28.74 -106.84 2.95
C PRO B 408 27.59 -106.05 2.35
N GLU B 409 27.03 -106.53 1.25
CA GLU B 409 25.96 -105.82 0.57
C GLU B 409 24.74 -105.68 1.46
N LEU B 410 24.38 -106.74 2.18
CA LEU B 410 23.23 -106.67 3.08
C LEU B 410 23.49 -105.69 4.22
N ARG B 411 24.71 -105.67 4.75
CA ARG B 411 25.04 -104.71 5.80
C ARG B 411 24.97 -103.27 5.28
N GLU B 412 25.46 -103.03 4.06
CA GLU B 412 25.36 -101.71 3.46
C GLU B 412 23.90 -101.29 3.28
N VAL B 413 23.07 -102.21 2.80
CA VAL B 413 21.64 -101.91 2.62
C VAL B 413 21.00 -101.58 3.96
N VAL B 414 21.28 -102.39 4.98
CA VAL B 414 20.68 -102.17 6.29
C VAL B 414 21.11 -100.83 6.87
N SER B 415 22.41 -100.52 6.76
CA SER B 415 22.90 -99.25 7.28
C SER B 415 22.27 -98.06 6.55
N SER B 416 22.17 -98.15 5.22
CA SER B 416 21.58 -97.06 4.45
C SER B 416 20.11 -96.85 4.82
N ILE B 417 19.35 -97.95 4.87
CA ILE B 417 17.93 -97.83 5.16
C ILE B 417 17.70 -97.34 6.58
N SER B 418 18.50 -97.81 7.54
CA SER B 418 18.38 -97.34 8.92
C SER B 418 18.72 -95.87 9.02
N TYR B 419 19.75 -95.40 8.32
CA TYR B 419 20.08 -93.98 8.34
C TYR B 419 18.95 -93.15 7.75
N ILE B 420 18.39 -93.59 6.62
CA ILE B 420 17.29 -92.85 5.99
C ILE B 420 16.09 -92.78 6.94
N ALA B 421 15.74 -93.91 7.56
CA ALA B 421 14.60 -93.92 8.47
C ALA B 421 14.84 -93.04 9.68
N ARG B 422 16.05 -93.07 10.23
CA ARG B 422 16.39 -92.20 11.36
C ARG B 422 16.29 -90.73 10.98
N GLN B 423 16.79 -90.37 9.80
CA GLN B 423 16.71 -88.98 9.34
C GLN B 423 15.27 -88.55 9.16
N LEU B 424 14.43 -89.42 8.58
CA LEU B 424 13.02 -89.08 8.40
C LEU B 424 12.31 -88.93 9.73
N GLN B 425 12.63 -89.78 10.71
CA GLN B 425 12.04 -89.64 12.04
C GLN B 425 12.46 -88.33 12.70
N GLU B 426 13.74 -87.96 12.57
CA GLU B 426 14.21 -86.69 13.12
C GLU B 426 13.51 -85.52 12.45
N GLN B 427 13.33 -85.59 11.13
CA GLN B 427 12.61 -84.54 10.42
C GLN B 427 11.16 -84.46 10.88
N GLU B 428 10.52 -85.61 11.12
CA GLU B 428 9.15 -85.60 11.61
C GLU B 428 9.06 -84.96 13.00
N ASP B 429 10.05 -85.23 13.86
CA ASP B 429 10.06 -84.59 15.18
C ASP B 429 10.27 -83.09 15.08
N HIS B 430 11.18 -82.67 14.20
CA HIS B 430 11.38 -81.24 13.95
C HIS B 430 10.08 -80.59 13.45
N ASP B 431 9.40 -81.26 12.52
CA ASP B 431 8.13 -80.72 12.01
C ASP B 431 7.09 -80.64 13.11
N ALA B 432 7.06 -81.62 14.02
CA ALA B 432 6.12 -81.57 15.13
C ALA B 432 6.40 -80.37 16.04
N LEU B 433 7.67 -80.12 16.34
CA LEU B 433 8.00 -78.96 17.17
C LEU B 433 7.67 -77.65 16.45
N LYS B 434 7.95 -77.59 15.15
CA LYS B 434 7.59 -76.40 14.37
C LYS B 434 6.09 -76.18 14.36
N GLU B 435 5.31 -77.26 14.20
CA GLU B 435 3.85 -77.14 14.25
C GLU B 435 3.38 -76.67 15.62
N ASP B 436 4.04 -77.14 16.69
CA ASP B 436 3.71 -76.65 18.02
C ASP B 436 3.92 -75.14 18.13
N TRP B 437 5.09 -74.67 17.67
CA TRP B 437 5.34 -73.22 17.69
C TRP B 437 4.33 -72.46 16.83
N GLN B 438 3.98 -73.01 15.67
CA GLN B 438 3.02 -72.33 14.80
C GLN B 438 1.63 -72.28 15.43
N PHE B 439 1.25 -73.33 16.16
CA PHE B 439 -0.03 -73.31 16.86
C PHE B 439 -0.02 -72.27 17.99
N VAL B 440 1.09 -72.18 18.72
CA VAL B 440 1.23 -71.12 19.71
C VAL B 440 1.07 -69.75 19.05
N ALA B 441 1.72 -69.57 17.88
CA ALA B 441 1.61 -68.31 17.16
C ALA B 441 0.17 -68.01 16.74
N MET B 442 -0.55 -69.03 16.29
CA MET B 442 -1.95 -68.82 15.89
C MET B 442 -2.81 -68.44 17.09
N VAL B 443 -2.61 -69.10 18.23
CA VAL B 443 -3.37 -68.76 19.42
C VAL B 443 -3.08 -67.32 19.86
N VAL B 444 -1.80 -66.93 19.81
CA VAL B 444 -1.43 -65.56 20.15
C VAL B 444 -2.06 -64.57 19.17
N ASP B 445 -2.09 -64.92 17.89
CA ASP B 445 -2.70 -64.06 16.88
C ASP B 445 -4.19 -63.87 17.15
N ARG B 446 -4.89 -64.94 17.51
CA ARG B 446 -6.32 -64.80 17.85
C ARG B 446 -6.51 -63.94 19.09
N LEU B 447 -5.69 -64.14 20.11
CA LEU B 447 -5.80 -63.32 21.32
C LEU B 447 -5.56 -61.85 21.01
N PHE B 448 -4.55 -61.55 20.18
CA PHE B 448 -4.31 -60.18 19.77
C PHE B 448 -5.49 -59.62 18.98
N LEU B 449 -6.06 -60.43 18.07
CA LEU B 449 -7.21 -59.97 17.31
C LEU B 449 -8.35 -59.57 18.24
N TRP B 450 -8.65 -60.40 19.23
CA TRP B 450 -9.75 -60.09 20.15
C TRP B 450 -9.45 -58.86 20.99
N THR B 451 -8.25 -58.79 21.57
CA THR B 451 -7.90 -57.64 22.41
C THR B 451 -7.90 -56.34 21.60
N PHE B 452 -7.38 -56.39 20.38
CA PHE B 452 -7.34 -55.21 19.53
C PHE B 452 -8.74 -54.79 19.12
N ILE B 453 -9.63 -55.75 18.82
CA ILE B 453 -11.03 -55.41 18.57
C ILE B 453 -11.63 -54.69 19.76
N ILE B 454 -11.38 -55.19 20.97
CA ILE B 454 -11.95 -54.59 22.17
C ILE B 454 -11.44 -53.17 22.34
N PHE B 455 -10.12 -52.98 22.28
CA PHE B 455 -9.54 -51.66 22.47
C PHE B 455 -10.02 -50.68 21.40
N THR B 456 -10.06 -51.10 20.14
CA THR B 456 -10.52 -50.23 19.07
C THR B 456 -11.97 -49.82 19.27
N SER B 457 -12.83 -50.80 19.59
CA SER B 457 -14.24 -50.48 19.76
C SER B 457 -14.44 -49.51 20.92
N VAL B 458 -13.76 -49.75 22.04
CA VAL B 458 -13.93 -48.87 23.19
C VAL B 458 -13.44 -47.46 22.87
N GLY B 459 -12.24 -47.34 22.29
CA GLY B 459 -11.70 -46.02 22.02
C GLY B 459 -12.54 -45.24 21.01
N THR B 460 -12.91 -45.89 19.90
CA THR B 460 -13.73 -45.22 18.90
C THR B 460 -15.09 -44.83 19.46
N LEU B 461 -15.72 -45.72 20.23
CA LEU B 461 -17.01 -45.40 20.82
C LEU B 461 -16.91 -44.21 21.75
N VAL B 462 -15.89 -44.18 22.61
CA VAL B 462 -15.71 -43.06 23.53
C VAL B 462 -15.52 -41.76 22.75
N ILE B 463 -14.67 -41.78 21.74
CA ILE B 463 -14.39 -40.57 20.97
C ILE B 463 -15.65 -40.06 20.27
N PHE B 464 -16.38 -40.97 19.61
CA PHE B 464 -17.56 -40.55 18.87
C PHE B 464 -18.67 -40.08 19.80
N LEU B 465 -18.83 -40.74 20.96
CA LEU B 465 -19.82 -40.28 21.93
C LEU B 465 -19.48 -38.89 22.44
N ASP B 466 -18.20 -38.65 22.76
CA ASP B 466 -17.80 -37.32 23.22
C ASP B 466 -18.06 -36.27 22.15
N ALA B 467 -17.74 -36.58 20.89
CA ALA B 467 -18.00 -35.64 19.81
C ALA B 467 -19.49 -35.40 19.60
N THR B 468 -20.32 -36.42 19.80
CA THR B 468 -21.75 -36.29 19.51
C THR B 468 -22.49 -35.52 20.60
N TYR B 469 -22.10 -35.70 21.86
CA TYR B 469 -22.77 -35.00 22.96
C TYR B 469 -22.45 -33.51 22.99
N HIS B 470 -21.47 -33.05 22.23
CA HIS B 470 -21.11 -31.64 22.23
C HIS B 470 -22.15 -30.83 21.45
N LEU B 471 -23.34 -30.66 22.02
CA LEU B 471 -24.39 -29.85 21.44
C LEU B 471 -24.08 -28.36 21.61
N PRO B 472 -24.59 -27.52 20.71
CA PRO B 472 -24.51 -26.07 20.93
C PRO B 472 -25.29 -25.67 22.16
N PRO B 473 -24.94 -24.54 22.79
CA PRO B 473 -25.60 -24.18 24.04
C PRO B 473 -27.04 -23.77 23.80
N PRO B 474 -27.94 -24.08 24.73
CA PRO B 474 -29.33 -23.61 24.62
C PRO B 474 -29.53 -22.16 25.04
N ASP B 475 -28.47 -21.48 25.49
CA ASP B 475 -28.58 -20.17 26.11
C ASP B 475 -27.35 -19.35 25.78
N PRO B 476 -27.50 -18.19 25.12
CA PRO B 476 -26.33 -17.37 24.79
C PRO B 476 -25.69 -16.71 26.00
N PHE B 477 -26.39 -16.61 27.13
CA PHE B 477 -25.83 -16.05 28.36
C PHE B 477 -26.26 -16.90 29.54
N PRO B 478 -25.66 -18.11 29.67
CA PRO B 478 -26.02 -19.03 30.76
C PRO B 478 -25.72 -18.47 32.14
N ASP C 1 16.59 34.74 -32.07
CA ASP C 1 15.29 35.35 -32.33
C ASP C 1 14.94 35.29 -33.82
N ILE C 2 13.64 35.36 -34.11
CA ILE C 2 13.18 35.29 -35.49
C ILE C 2 13.47 36.59 -36.21
N VAL C 3 14.18 36.50 -37.34
CA VAL C 3 14.43 37.66 -38.17
C VAL C 3 13.19 37.96 -39.00
N ILE C 4 12.88 39.24 -39.18
CA ILE C 4 11.71 39.67 -39.94
C ILE C 4 12.15 40.70 -40.97
N THR C 5 11.64 40.56 -42.19
CA THR C 5 11.88 41.53 -43.26
C THR C 5 10.56 41.99 -43.82
N GLN C 6 10.53 43.24 -44.30
CA GLN C 6 9.35 43.82 -44.91
C GLN C 6 9.64 44.24 -46.34
N SER C 7 8.59 44.20 -47.17
CA SER C 7 8.68 44.71 -48.53
C SER C 7 7.32 45.28 -48.90
N PRO C 8 7.28 46.32 -49.76
CA PRO C 8 8.40 47.13 -50.25
C PRO C 8 8.89 48.10 -49.17
N SER C 9 10.10 48.64 -49.32
CA SER C 9 10.59 49.60 -48.32
C SER C 9 9.81 50.91 -48.41
N LEU C 10 9.49 51.36 -49.61
CA LEU C 10 8.63 52.51 -49.82
C LEU C 10 7.52 52.13 -50.79
N LEU C 11 6.29 52.54 -50.48
CA LEU C 11 5.14 52.26 -51.32
C LEU C 11 4.42 53.57 -51.61
N SER C 12 4.27 53.91 -52.88
CA SER C 12 3.58 55.10 -53.32
C SER C 12 2.17 54.73 -53.76
N ALA C 13 1.17 55.37 -53.15
CA ALA C 13 -0.22 55.03 -53.42
C ALA C 13 -1.07 56.29 -53.35
N SER C 14 -2.26 56.21 -53.91
CA SER C 14 -3.18 57.33 -54.01
C SER C 14 -4.45 57.04 -53.22
N VAL C 15 -5.11 58.12 -52.79
CA VAL C 15 -6.29 57.98 -51.93
C VAL C 15 -7.33 57.10 -52.58
N GLY C 16 -7.81 56.10 -51.83
CA GLY C 16 -8.80 55.16 -52.32
C GLY C 16 -8.24 53.89 -52.91
N ASP C 17 -6.94 53.81 -53.14
CA ASP C 17 -6.34 52.59 -53.70
C ASP C 17 -6.36 51.46 -52.69
N ARG C 18 -6.54 50.24 -53.19
CA ARG C 18 -6.25 49.05 -52.40
C ARG C 18 -4.75 48.89 -52.27
N VAL C 19 -4.26 48.85 -51.03
CA VAL C 19 -2.83 48.74 -50.76
C VAL C 19 -2.59 47.64 -49.74
N THR C 20 -1.51 46.89 -49.93
CA THR C 20 -1.20 45.75 -49.08
C THR C 20 0.29 45.73 -48.77
N LEU C 21 0.64 45.29 -47.57
CA LEU C 21 2.00 45.30 -47.07
C LEU C 21 2.39 43.88 -46.67
N THR C 22 3.60 43.47 -47.02
CA THR C 22 4.07 42.11 -46.79
C THR C 22 5.10 42.09 -45.68
N CYS C 23 4.93 41.17 -44.74
CA CYS C 23 5.89 40.92 -43.67
C CYS C 23 6.26 39.44 -43.70
N LYS C 24 7.55 39.15 -43.66
CA LYS C 24 8.02 37.78 -43.85
C LYS C 24 9.08 37.45 -42.80
N GLY C 25 8.85 36.36 -42.07
CA GLY C 25 9.77 35.94 -41.04
C GLY C 25 10.83 34.97 -41.55
N SER C 26 11.83 34.73 -40.70
CA SER C 26 12.79 33.67 -40.95
C SER C 26 12.36 32.33 -40.40
N GLN C 27 11.35 32.31 -39.52
CA GLN C 27 10.87 31.07 -38.91
C GLN C 27 9.36 31.16 -38.78
N ASN C 28 8.75 30.03 -38.41
CA ASN C 28 7.32 29.97 -38.16
C ASN C 28 6.94 30.89 -37.00
N ILE C 29 6.20 31.97 -37.31
CA ILE C 29 5.75 32.93 -36.29
C ILE C 29 4.44 32.50 -35.66
N ASP C 30 3.75 31.51 -36.21
CA ASP C 30 2.59 30.89 -35.58
C ASP C 30 1.47 31.91 -35.33
N ASN C 31 1.28 32.82 -36.29
CA ASN C 31 0.22 33.83 -36.26
C ASN C 31 0.38 34.84 -35.13
N TYR C 32 1.45 34.74 -34.34
CA TYR C 32 1.74 35.73 -33.30
C TYR C 32 2.53 36.91 -33.88
N LEU C 33 1.90 37.62 -34.80
CA LEU C 33 2.49 38.79 -35.42
C LEU C 33 1.52 39.96 -35.29
N ALA C 34 2.05 41.16 -35.09
CA ALA C 34 1.25 42.34 -34.87
C ALA C 34 1.74 43.49 -35.74
N TRP C 35 0.83 44.43 -36.00
CA TRP C 35 1.10 45.60 -36.84
C TRP C 35 0.78 46.86 -36.06
N TYR C 36 1.66 47.85 -36.12
CA TYR C 36 1.39 49.15 -35.52
C TYR C 36 1.77 50.26 -36.50
N GLN C 37 1.08 51.38 -36.36
CA GLN C 37 1.27 52.55 -37.21
C GLN C 37 2.06 53.61 -36.45
N GLN C 38 2.98 54.27 -37.16
CA GLN C 38 3.78 55.35 -36.59
C GLN C 38 3.80 56.55 -37.51
N LYS C 39 3.64 57.73 -36.92
CA LYS C 39 3.73 59.00 -37.64
C LYS C 39 4.84 59.84 -37.02
N LEU C 40 5.41 60.72 -37.83
CA LEU C 40 6.55 61.54 -37.41
C LEU C 40 6.21 62.32 -36.14
N GLY C 41 6.93 62.01 -35.06
CA GLY C 41 6.73 62.67 -33.79
C GLY C 41 5.50 62.25 -33.02
N GLU C 42 4.67 61.37 -33.59
CA GLU C 42 3.48 60.89 -32.91
C GLU C 42 3.76 59.58 -32.18
N ALA C 43 2.97 59.32 -31.15
CA ALA C 43 3.04 58.03 -30.46
C ALA C 43 2.58 56.91 -31.40
N PRO C 44 3.37 55.86 -31.58
CA PRO C 44 2.93 54.73 -32.41
C PRO C 44 1.65 54.13 -31.89
N LYS C 45 0.84 53.62 -32.81
CA LYS C 45 -0.50 53.13 -32.52
C LYS C 45 -0.65 51.71 -33.04
N LEU C 46 -1.02 50.78 -32.16
CA LEU C 46 -1.23 49.41 -32.57
C LEU C 46 -2.48 49.28 -33.43
N LEU C 47 -2.34 48.64 -34.59
CA LEU C 47 -3.46 48.38 -35.49
C LEU C 47 -4.00 46.96 -35.35
N ILE C 48 -3.14 45.96 -35.50
CA ILE C 48 -3.54 44.57 -35.62
C ILE C 48 -2.66 43.73 -34.70
N TYR C 49 -3.26 42.72 -34.06
CA TYR C 49 -2.49 41.73 -33.33
C TYR C 49 -3.08 40.35 -33.61
N LYS C 50 -2.28 39.33 -33.33
CA LYS C 50 -2.62 37.93 -33.65
C LYS C 50 -3.02 37.78 -35.12
N THR C 51 -2.43 38.61 -35.97
CA THR C 51 -2.50 38.51 -37.43
C THR C 51 -3.88 38.84 -37.99
N ASN C 52 -4.90 38.93 -37.13
CA ASN C 52 -6.27 39.06 -37.62
C ASN C 52 -7.09 40.07 -36.84
N SER C 53 -6.73 40.39 -35.61
CA SER C 53 -7.61 41.07 -34.69
C SER C 53 -7.36 42.57 -34.74
N LEU C 54 -8.41 43.33 -35.03
CA LEU C 54 -8.33 44.78 -34.98
C LEU C 54 -8.15 45.25 -33.54
N GLN C 55 -7.29 46.24 -33.36
CA GLN C 55 -7.27 46.98 -32.10
C GLN C 55 -8.51 47.84 -31.99
N THR C 56 -9.05 47.93 -30.77
CA THR C 56 -10.26 48.73 -30.55
C THR C 56 -10.05 50.18 -30.98
N GLY C 57 -11.05 50.73 -31.67
CA GLY C 57 -11.00 52.08 -32.16
C GLY C 57 -10.22 52.28 -33.45
N ILE C 58 -9.67 51.23 -34.03
CA ILE C 58 -9.01 51.30 -35.33
C ILE C 58 -10.07 51.18 -36.42
N PRO C 59 -9.98 51.96 -37.51
CA PRO C 59 -10.94 51.81 -38.60
C PRO C 59 -10.89 50.41 -39.20
N SER C 60 -12.07 49.91 -39.58
CA SER C 60 -12.18 48.59 -40.22
C SER C 60 -11.55 48.55 -41.61
N ARG C 61 -10.95 49.63 -42.08
CA ARG C 61 -10.17 49.58 -43.31
C ARG C 61 -9.04 48.57 -43.22
N PHE C 62 -8.34 48.56 -42.09
CA PHE C 62 -7.20 47.68 -41.90
C PHE C 62 -7.67 46.26 -41.62
N SER C 63 -7.08 45.29 -42.32
CA SER C 63 -7.28 43.89 -42.00
C SER C 63 -5.98 43.14 -42.26
N GLY C 64 -5.68 42.18 -41.39
CA GLY C 64 -4.47 41.38 -41.56
C GLY C 64 -4.78 39.97 -41.98
N SER C 65 -3.79 39.29 -42.55
CA SER C 65 -3.95 37.90 -42.94
C SER C 65 -2.58 37.24 -42.97
N GLY C 66 -2.59 35.91 -42.95
CA GLY C 66 -1.36 35.15 -43.09
C GLY C 66 -1.31 33.94 -42.19
N SER C 67 -0.31 33.09 -42.41
CA SER C 67 -0.07 31.95 -41.55
C SER C 67 1.37 31.49 -41.76
N GLY C 68 1.88 30.75 -40.79
CA GLY C 68 3.23 30.24 -40.88
C GLY C 68 4.30 31.33 -40.94
N THR C 69 4.89 31.51 -42.11
CA THR C 69 6.04 32.39 -42.26
C THR C 69 5.70 33.73 -42.91
N ASP C 70 4.59 33.82 -43.62
CA ASP C 70 4.27 35.00 -44.43
C ASP C 70 2.98 35.64 -43.94
N TYR C 71 2.99 36.96 -43.79
CA TYR C 71 1.87 37.70 -43.24
C TYR C 71 1.70 38.98 -44.05
N THR C 72 0.47 39.50 -44.06
CA THR C 72 0.17 40.73 -44.78
C THR C 72 -0.76 41.62 -43.97
N LEU C 73 -0.63 42.93 -44.19
CA LEU C 73 -1.61 43.92 -43.75
C LEU C 73 -2.21 44.60 -44.98
N THR C 74 -3.52 44.71 -45.01
CA THR C 74 -4.22 45.28 -46.16
C THR C 74 -5.13 46.41 -45.72
N ILE C 75 -5.11 47.50 -46.49
CA ILE C 75 -5.99 48.65 -46.29
C ILE C 75 -7.01 48.66 -47.42
N SER C 76 -8.30 48.61 -47.06
CA SER C 76 -9.34 48.46 -48.07
C SER C 76 -9.48 49.70 -48.95
N SER C 77 -9.29 50.89 -48.37
CA SER C 77 -9.49 52.13 -49.13
C SER C 77 -8.61 53.21 -48.49
N LEU C 78 -7.44 53.44 -49.09
CA LEU C 78 -6.45 54.33 -48.50
C LEU C 78 -7.01 55.74 -48.30
N HIS C 79 -7.05 56.18 -47.05
CA HIS C 79 -7.38 57.56 -46.73
C HIS C 79 -6.11 58.39 -46.58
N SER C 80 -6.27 59.71 -46.68
CA SER C 80 -5.14 60.61 -46.51
C SER C 80 -4.56 60.54 -45.10
N GLU C 81 -5.39 60.18 -44.11
CA GLU C 81 -4.91 60.04 -42.74
C GLU C 81 -4.01 58.83 -42.54
N ASP C 82 -3.97 57.91 -43.51
CA ASP C 82 -3.26 56.65 -43.35
C ASP C 82 -1.82 56.68 -43.85
N LEU C 83 -1.36 57.80 -44.39
CA LEU C 83 0.04 57.93 -44.81
C LEU C 83 0.94 57.95 -43.59
N ALA C 84 1.72 56.89 -43.40
CA ALA C 84 2.52 56.70 -42.20
C ALA C 84 3.50 55.55 -42.45
N THR C 85 4.28 55.23 -41.43
CA THR C 85 5.18 54.08 -41.46
C THR C 85 4.55 52.93 -40.68
N TYR C 86 4.58 51.74 -41.26
CA TYR C 86 3.97 50.54 -40.67
C TYR C 86 5.04 49.53 -40.33
N TYR C 87 5.07 49.11 -39.07
CA TYR C 87 6.02 48.12 -38.57
C TYR C 87 5.29 46.84 -38.17
N CYS C 88 5.75 45.71 -38.66
CA CYS C 88 5.33 44.42 -38.12
C CYS C 88 6.34 43.93 -37.08
N TYR C 89 5.83 43.22 -36.07
CA TYR C 89 6.71 42.59 -35.09
C TYR C 89 6.08 41.31 -34.58
N GLN C 90 6.92 40.38 -34.15
CA GLN C 90 6.50 39.10 -33.59
C GLN C 90 6.88 39.03 -32.12
N TYR C 91 6.14 38.21 -31.37
CA TYR C 91 6.33 38.18 -29.92
C TYR C 91 6.21 36.79 -29.30
N ILE C 92 6.49 35.72 -30.05
CA ILE C 92 6.57 34.40 -29.43
C ILE C 92 7.99 34.06 -28.97
N ASN C 93 9.01 34.55 -29.65
CA ASN C 93 10.40 34.16 -29.38
C ASN C 93 11.24 35.43 -29.43
N GLY C 94 11.40 36.05 -28.28
CA GLY C 94 11.93 37.39 -28.25
C GLY C 94 10.96 38.38 -28.90
N TYR C 95 11.43 39.61 -29.00
CA TYR C 95 10.72 40.66 -29.72
C TYR C 95 11.63 41.17 -30.83
N THR C 96 11.15 41.07 -32.08
CA THR C 96 11.88 41.56 -33.22
C THR C 96 10.96 42.38 -34.10
N PHE C 97 11.45 43.50 -34.59
CA PHE C 97 10.66 44.45 -35.37
C PHE C 97 11.19 44.50 -36.79
N GLY C 98 10.28 44.64 -37.74
CA GLY C 98 10.67 44.86 -39.12
C GLY C 98 11.30 46.23 -39.32
N THR C 99 11.90 46.41 -40.49
CA THR C 99 12.51 47.68 -40.83
C THR C 99 11.48 48.78 -41.07
N GLY C 100 10.20 48.43 -41.17
CA GLY C 100 9.17 49.41 -41.46
C GLY C 100 9.04 49.74 -42.93
N THR C 101 7.82 49.93 -43.40
CA THR C 101 7.54 50.41 -44.74
C THR C 101 6.87 51.78 -44.65
N LYS C 102 7.34 52.72 -45.45
CA LYS C 102 6.82 54.08 -45.44
C LYS C 102 5.78 54.21 -46.54
N LEU C 103 4.57 54.58 -46.16
CA LEU C 103 3.44 54.72 -47.08
C LEU C 103 3.30 56.19 -47.44
N GLU C 104 3.40 56.50 -48.74
CA GLU C 104 3.54 57.88 -49.19
C GLU C 104 2.60 58.13 -50.36
N LEU C 105 2.23 59.39 -50.54
CA LEU C 105 1.23 59.77 -51.52
C LEU C 105 1.82 59.71 -52.94
N LYS C 106 1.08 59.07 -53.84
CA LYS C 106 1.47 59.06 -55.25
C LYS C 106 1.29 60.45 -55.86
N ARG C 107 2.23 60.83 -56.72
CA ARG C 107 2.20 62.14 -57.36
C ARG C 107 2.75 62.01 -58.78
N ALA C 108 2.39 62.99 -59.61
CA ALA C 108 3.00 63.12 -60.93
C ALA C 108 4.49 63.44 -60.81
N ASP C 109 5.24 63.02 -61.82
CA ASP C 109 6.66 63.37 -61.92
C ASP C 109 6.85 64.88 -61.85
N ALA C 110 7.85 65.31 -61.07
CA ALA C 110 8.23 66.71 -60.97
C ALA C 110 9.74 66.82 -61.17
N ALA C 111 10.14 67.71 -62.08
CA ALA C 111 11.56 67.89 -62.36
C ALA C 111 12.23 68.66 -61.22
N PRO C 112 13.43 68.26 -60.82
CA PRO C 112 14.16 69.02 -59.79
C PRO C 112 14.57 70.40 -60.28
N THR C 113 14.35 71.40 -59.44
CA THR C 113 14.89 72.74 -59.65
C THR C 113 16.37 72.73 -59.25
N VAL C 114 17.21 72.33 -60.21
CA VAL C 114 18.64 72.19 -59.96
C VAL C 114 19.26 73.56 -59.73
N SER C 115 20.08 73.68 -58.68
CA SER C 115 20.77 74.92 -58.38
C SER C 115 22.06 74.59 -57.63
N ILE C 116 23.01 75.52 -57.69
CA ILE C 116 24.29 75.38 -57.00
C ILE C 116 24.74 76.76 -56.53
N PHE C 117 25.39 76.80 -55.37
CA PHE C 117 25.99 78.02 -54.86
C PHE C 117 27.47 77.77 -54.57
N PRO C 118 28.33 78.74 -54.84
CA PRO C 118 29.77 78.53 -54.69
C PRO C 118 30.21 78.74 -53.26
N PRO C 119 31.42 78.29 -52.90
CA PRO C 119 32.01 78.73 -51.64
C PRO C 119 32.25 80.24 -51.63
N SER C 120 31.74 80.90 -50.58
CA SER C 120 31.84 82.34 -50.50
C SER C 120 33.26 82.78 -50.21
N THR C 121 33.50 84.10 -50.31
CA THR C 121 34.79 84.66 -49.93
C THR C 121 35.12 84.42 -48.47
N GLU C 122 34.10 84.37 -47.60
CA GLU C 122 34.33 84.03 -46.20
C GLU C 122 34.83 82.60 -46.06
N GLN C 123 34.30 81.68 -46.87
CA GLN C 123 34.77 80.30 -46.84
C GLN C 123 36.23 80.20 -47.27
N LEU C 124 36.67 81.04 -48.20
CA LEU C 124 38.09 81.09 -48.55
C LEU C 124 38.91 81.71 -47.43
N ALA C 125 38.39 82.76 -46.80
CA ALA C 125 39.12 83.44 -45.74
C ALA C 125 39.13 82.65 -44.44
N THR C 126 38.17 81.75 -44.23
CA THR C 126 38.10 80.96 -43.01
C THR C 126 39.35 80.09 -42.82
N SER C 130 32.41 75.69 -48.53
CA SER C 130 32.27 74.73 -49.62
C SER C 130 31.01 74.99 -50.44
N VAL C 131 30.98 74.46 -51.67
CA VAL C 131 29.79 74.60 -52.50
C VAL C 131 28.65 73.75 -51.94
N VAL C 132 27.43 74.16 -52.27
CA VAL C 132 26.23 73.45 -51.86
C VAL C 132 25.35 73.26 -53.09
N CYS C 133 24.82 72.05 -53.25
CA CYS C 133 24.06 71.67 -54.44
C CYS C 133 22.67 71.22 -54.00
N LEU C 134 21.64 71.84 -54.57
CA LEU C 134 20.28 71.72 -54.06
C LEU C 134 19.32 71.41 -55.20
N MET C 135 18.46 70.41 -55.00
CA MET C 135 17.56 69.89 -56.02
C MET C 135 16.14 69.94 -55.45
N ASN C 136 15.47 71.08 -55.64
CA ASN C 136 14.20 71.33 -55.00
C ASN C 136 13.02 70.78 -55.81
N ASN C 137 11.95 70.41 -55.10
CA ASN C 137 10.65 70.09 -55.69
C ASN C 137 10.73 69.00 -56.75
N PHE C 138 11.55 67.98 -56.49
CA PHE C 138 11.59 66.84 -57.37
C PHE C 138 10.64 65.74 -56.89
N TYR C 139 10.23 64.88 -57.82
CA TYR C 139 9.42 63.70 -57.53
C TYR C 139 9.59 62.72 -58.67
N PRO C 140 9.71 61.41 -58.40
CA PRO C 140 9.74 60.75 -57.07
C PRO C 140 11.06 60.90 -56.32
N ARG C 141 11.10 60.39 -55.08
CA ARG C 141 12.30 60.47 -54.26
C ARG C 141 13.44 59.60 -54.77
N ASP C 142 13.19 58.74 -55.76
CA ASP C 142 14.24 57.90 -56.32
C ASP C 142 15.23 58.75 -57.12
N ILE C 143 16.32 59.17 -56.47
CA ILE C 143 17.28 60.06 -57.08
C ILE C 143 18.66 59.78 -56.50
N SER C 144 19.70 60.23 -57.20
CA SER C 144 21.07 60.11 -56.74
C SER C 144 21.84 61.32 -57.27
N VAL C 145 22.92 61.67 -56.58
CA VAL C 145 23.75 62.80 -56.97
C VAL C 145 25.19 62.50 -56.59
N LYS C 146 26.11 63.11 -57.32
CA LYS C 146 27.55 62.90 -57.09
C LYS C 146 28.30 64.12 -57.60
N TRP C 147 29.54 64.26 -57.13
CA TRP C 147 30.41 65.36 -57.51
C TRP C 147 31.54 64.83 -58.38
N LYS C 148 31.85 65.58 -59.45
CA LYS C 148 32.99 65.29 -60.32
C LYS C 148 33.77 66.57 -60.54
N ILE C 149 35.10 66.46 -60.50
CA ILE C 149 35.98 67.61 -60.69
C ILE C 149 37.31 67.13 -61.25
N ASP C 150 37.91 67.96 -62.10
CA ASP C 150 39.23 67.68 -62.69
C ASP C 150 39.27 66.31 -63.37
N GLY C 151 38.13 65.84 -63.86
CA GLY C 151 38.08 64.53 -64.48
C GLY C 151 38.07 63.37 -63.51
N THR C 152 37.78 63.61 -62.23
CA THR C 152 37.78 62.57 -61.22
C THR C 152 36.69 62.85 -60.21
N GLU C 153 36.43 61.86 -59.34
CA GLU C 153 35.50 62.04 -58.25
C GLU C 153 36.00 63.12 -57.30
N ARG C 154 35.06 63.84 -56.68
CA ARG C 154 35.37 65.01 -55.88
C ARG C 154 34.56 64.99 -54.60
N ARG C 155 34.83 65.97 -53.74
CA ARG C 155 34.12 66.17 -52.47
C ARG C 155 34.24 64.93 -51.57
N ASP C 156 35.48 64.69 -51.14
CA ASP C 156 35.75 63.57 -50.25
C ASP C 156 35.06 63.73 -48.90
N GLY C 157 34.64 64.94 -48.55
CA GLY C 157 33.86 65.20 -47.35
C GLY C 157 32.37 65.39 -47.58
N VAL C 158 31.86 65.04 -48.77
CA VAL C 158 30.50 65.38 -49.13
C VAL C 158 29.48 64.77 -48.17
N LEU C 159 28.30 65.37 -48.12
CA LEU C 159 27.18 64.88 -47.34
C LEU C 159 25.90 65.20 -48.09
N ASP C 160 24.84 64.48 -47.76
CA ASP C 160 23.57 64.63 -48.47
C ASP C 160 22.40 64.48 -47.51
N SER C 161 21.27 65.08 -47.88
CA SER C 161 20.06 65.04 -47.10
C SER C 161 18.87 65.14 -48.04
N VAL C 162 17.76 64.54 -47.61
CA VAL C 162 16.50 64.60 -48.37
C VAL C 162 15.37 64.92 -47.41
N THR C 163 14.51 65.86 -47.81
CA THR C 163 13.34 66.20 -47.02
C THR C 163 12.20 65.24 -47.31
N ASP C 164 11.24 65.19 -46.40
CA ASP C 164 10.01 64.43 -46.62
C ASP C 164 9.14 65.14 -47.66
N GLN C 165 8.01 64.51 -47.98
CA GLN C 165 7.04 65.13 -48.88
C GLN C 165 6.47 66.40 -48.28
N ASP C 166 6.71 67.53 -48.94
CA ASP C 166 6.14 68.79 -48.52
C ASP C 166 4.66 68.82 -48.87
N SER C 167 3.81 68.86 -47.84
CA SER C 167 2.36 68.71 -48.05
C SER C 167 1.81 69.72 -49.05
N LYS C 168 2.39 70.92 -49.10
CA LYS C 168 1.92 71.94 -50.03
C LYS C 168 2.24 71.61 -51.49
N ASP C 169 3.12 70.65 -51.76
CA ASP C 169 3.46 70.31 -53.13
C ASP C 169 3.60 68.81 -53.33
N SER C 170 3.64 68.04 -52.23
CA SER C 170 3.89 66.61 -52.22
C SER C 170 5.23 66.23 -52.84
N THR C 171 6.07 67.21 -53.17
CA THR C 171 7.39 66.95 -53.74
C THR C 171 8.45 66.85 -52.65
N TYR C 172 9.58 66.25 -53.02
CA TYR C 172 10.74 66.18 -52.16
C TYR C 172 11.73 67.29 -52.52
N SER C 173 12.64 67.56 -51.59
CA SER C 173 13.77 68.44 -51.84
C SER C 173 15.04 67.78 -51.31
N MET C 174 16.11 67.88 -52.09
CA MET C 174 17.40 67.32 -51.72
C MET C 174 18.45 68.42 -51.67
N SER C 175 19.42 68.24 -50.78
CA SER C 175 20.53 69.18 -50.65
C SER C 175 21.80 68.39 -50.32
N SER C 176 22.90 68.75 -50.98
CA SER C 176 24.17 68.10 -50.76
C SER C 176 25.29 69.13 -50.76
N THR C 177 26.36 68.83 -50.04
CA THR C 177 27.49 69.74 -49.87
C THR C 177 28.70 69.21 -50.61
N LEU C 178 29.29 70.07 -51.44
CA LEU C 178 30.56 69.76 -52.09
C LEU C 178 31.72 70.00 -51.14
N SER C 179 31.69 69.33 -49.98
CA SER C 179 32.63 69.65 -48.91
C SER C 179 34.04 69.22 -49.28
N LEU C 180 34.99 70.14 -49.14
CA LEU C 180 36.39 69.86 -49.43
C LEU C 180 37.25 70.85 -48.66
N THR C 181 38.54 70.53 -48.55
CA THR C 181 39.47 71.42 -47.87
C THR C 181 39.60 72.74 -48.62
N LYS C 182 39.79 73.82 -47.87
CA LYS C 182 39.91 75.14 -48.48
C LYS C 182 41.14 75.24 -49.37
N ALA C 183 42.26 74.63 -48.95
CA ALA C 183 43.43 74.60 -49.81
C ALA C 183 43.18 73.79 -51.07
N ASP C 184 42.53 72.63 -50.94
CA ASP C 184 42.16 71.85 -52.12
C ASP C 184 41.14 72.58 -52.98
N TYR C 185 40.21 73.31 -52.35
CA TYR C 185 39.25 74.10 -53.10
C TYR C 185 39.93 75.20 -53.90
N GLU C 186 40.96 75.82 -53.34
CA GLU C 186 41.72 76.81 -54.08
C GLU C 186 42.57 76.18 -55.18
N SER C 187 43.09 74.97 -54.92
CA SER C 187 43.93 74.31 -55.92
C SER C 187 43.11 73.75 -57.08
N HIS C 188 41.93 73.20 -56.79
CA HIS C 188 41.10 72.63 -57.83
C HIS C 188 40.57 73.72 -58.75
N ASN C 189 40.70 73.50 -60.07
CA ASN C 189 40.33 74.53 -61.03
C ASN C 189 38.82 74.70 -61.13
N LEU C 190 38.08 73.59 -61.06
CA LEU C 190 36.62 73.65 -61.16
C LEU C 190 36.04 72.37 -60.62
N TYR C 191 34.73 72.41 -60.32
CA TYR C 191 34.01 71.26 -59.81
C TYR C 191 32.58 71.31 -60.31
N THR C 192 31.96 70.14 -60.41
CA THR C 192 30.62 70.01 -60.94
C THR C 192 29.79 69.08 -60.08
N CYS C 193 28.56 69.50 -59.78
CA CYS C 193 27.55 68.62 -59.20
C CYS C 193 26.67 68.07 -60.31
N GLU C 194 26.42 66.76 -60.27
CA GLU C 194 25.60 66.08 -61.27
C GLU C 194 24.71 65.07 -60.57
N VAL C 195 23.53 64.84 -61.16
CA VAL C 195 22.52 64.01 -60.53
C VAL C 195 21.68 63.34 -61.60
N VAL C 196 21.09 62.19 -61.24
CA VAL C 196 20.22 61.43 -62.13
C VAL C 196 19.04 60.93 -61.30
N HIS C 197 17.88 60.84 -61.95
CA HIS C 197 16.68 60.38 -61.26
C HIS C 197 15.62 59.99 -62.28
N LYS C 198 14.63 59.24 -61.79
CA LYS C 198 13.39 59.08 -62.54
C LYS C 198 12.61 60.39 -62.64
N THR C 199 12.97 61.39 -61.81
CA THR C 199 12.36 62.71 -61.87
C THR C 199 12.93 63.53 -63.03
N SER C 200 13.59 62.86 -63.97
CA SER C 200 14.15 63.54 -65.13
C SER C 200 14.31 62.52 -66.25
N SER C 201 14.41 63.04 -67.47
CA SER C 201 14.64 62.20 -68.64
C SER C 201 16.11 62.05 -68.99
N SER C 202 16.99 62.86 -68.39
CA SER C 202 18.41 62.84 -68.73
C SER C 202 19.17 63.43 -67.56
N PRO C 203 20.48 63.17 -67.47
CA PRO C 203 21.28 63.80 -66.42
C PRO C 203 21.36 65.31 -66.57
N VAL C 204 21.55 65.98 -65.44
CA VAL C 204 21.65 67.44 -65.38
C VAL C 204 22.75 67.78 -64.38
N VAL C 205 23.45 68.88 -64.63
CA VAL C 205 24.63 69.23 -63.85
C VAL C 205 24.80 70.74 -63.85
N LYS C 206 25.55 71.24 -62.86
CA LYS C 206 25.87 72.66 -62.73
C LYS C 206 27.24 72.75 -62.07
N SER C 207 27.95 73.85 -62.36
CA SER C 207 29.37 73.88 -62.03
C SER C 207 29.82 75.30 -61.70
N PHE C 208 30.98 75.37 -61.05
CA PHE C 208 31.67 76.62 -60.76
C PHE C 208 33.16 76.42 -60.98
N ASN C 209 33.85 77.52 -61.26
CA ASN C 209 35.30 77.51 -61.42
C ASN C 209 35.98 77.94 -60.11
N ARG C 210 37.31 78.02 -60.15
CA ARG C 210 38.12 78.29 -58.97
C ARG C 210 37.99 79.70 -58.41
N ASN C 211 37.04 80.48 -58.92
CA ASN C 211 36.81 81.81 -58.38
C ASN C 211 35.33 82.16 -58.48
N GLU C 212 34.91 83.14 -57.69
CA GLU C 212 33.54 83.64 -57.73
C GLU C 212 33.27 84.38 -59.04
N LEU D 1 -10.88 32.53 -29.28
CA LEU D 1 -11.87 32.13 -28.30
C LEU D 1 -12.28 30.68 -28.53
N ASN D 2 -12.32 29.89 -27.47
CA ASN D 2 -12.69 28.49 -27.53
C ASN D 2 -14.13 28.34 -27.07
N GLU D 3 -14.96 27.69 -27.90
CA GLU D 3 -16.38 27.59 -27.59
C GLU D 3 -16.65 26.65 -26.42
N GLU D 4 -15.81 25.64 -26.22
CA GLU D 4 -16.02 24.71 -25.11
C GLU D 4 -15.84 25.40 -23.76
N GLU D 5 -14.85 26.28 -23.65
CA GLU D 5 -14.64 26.99 -22.40
C GLU D 5 -15.82 27.92 -22.10
N ARG D 6 -16.32 28.61 -23.11
CA ARG D 6 -17.48 29.47 -22.92
C ARG D 6 -18.71 28.66 -22.55
N LEU D 7 -18.88 27.48 -23.16
CA LEU D 7 -20.02 26.63 -22.84
C LEU D 7 -19.94 26.14 -21.39
N ILE D 8 -18.76 25.72 -20.95
CA ILE D 8 -18.62 25.25 -19.57
C ILE D 8 -18.84 26.38 -18.58
N ARG D 9 -18.33 27.57 -18.90
CA ARG D 9 -18.57 28.73 -18.02
C ARG D 9 -20.07 29.06 -17.96
N HIS D 10 -20.76 28.95 -19.09
CA HIS D 10 -22.20 29.17 -19.10
C HIS D 10 -22.93 28.15 -18.23
N LEU D 11 -22.57 26.88 -18.38
CA LEU D 11 -23.32 25.82 -17.69
C LEU D 11 -23.06 25.81 -16.19
N PHE D 12 -21.80 25.94 -15.77
CA PHE D 12 -21.47 25.69 -14.37
C PHE D 12 -21.30 26.95 -13.54
N GLN D 13 -20.78 28.04 -14.10
CA GLN D 13 -20.65 29.27 -13.34
C GLN D 13 -21.90 30.14 -13.46
N GLU D 14 -22.29 30.47 -14.69
CA GLU D 14 -23.43 31.38 -14.89
C GLU D 14 -24.72 30.77 -14.37
N LYS D 15 -25.05 29.55 -14.78
CA LYS D 15 -26.29 28.93 -14.34
C LYS D 15 -26.25 28.43 -12.90
N GLY D 16 -25.10 28.49 -12.24
CA GLY D 16 -25.05 28.12 -10.83
C GLY D 16 -25.35 26.66 -10.57
N TYR D 17 -24.83 25.77 -11.40
CA TYR D 17 -25.07 24.33 -11.25
C TYR D 17 -24.62 23.86 -9.87
N ASN D 18 -25.45 23.03 -9.24
CA ASN D 18 -25.17 22.46 -7.94
C ASN D 18 -25.18 20.93 -8.07
N LYS D 19 -24.01 20.32 -7.95
CA LYS D 19 -23.88 18.88 -8.15
C LYS D 19 -24.55 18.07 -7.04
N GLU D 20 -24.87 18.68 -5.91
CA GLU D 20 -25.44 17.95 -4.78
C GLU D 20 -26.95 17.79 -4.87
N LEU D 21 -27.61 18.44 -5.83
CA LEU D 21 -29.05 18.38 -5.96
C LEU D 21 -29.42 17.52 -7.16
N ARG D 22 -30.42 16.65 -6.98
CA ARG D 22 -30.87 15.80 -8.06
C ARG D 22 -31.45 16.65 -9.19
N PRO D 23 -31.29 16.22 -10.44
CA PRO D 23 -31.87 16.96 -11.59
C PRO D 23 -33.36 16.75 -11.73
N VAL D 24 -34.12 17.41 -10.87
CA VAL D 24 -35.58 17.30 -10.86
C VAL D 24 -36.19 18.68 -10.64
N ALA D 25 -37.42 18.84 -11.12
CA ALA D 25 -38.15 20.08 -10.89
C ALA D 25 -38.60 20.20 -9.45
N HIS D 26 -38.98 19.08 -8.84
CA HIS D 26 -39.45 19.05 -7.46
C HIS D 26 -38.89 17.81 -6.78
N LYS D 27 -38.73 17.90 -5.46
CA LYS D 27 -38.14 16.80 -4.70
C LYS D 27 -38.92 15.50 -4.89
N GLU D 28 -40.23 15.58 -5.10
CA GLU D 28 -41.04 14.38 -5.25
C GLU D 28 -40.77 13.62 -6.54
N GLU D 29 -40.12 14.24 -7.53
CA GLU D 29 -39.79 13.56 -8.76
C GLU D 29 -38.62 12.61 -8.56
N SER D 30 -38.62 11.52 -9.34
CA SER D 30 -37.54 10.54 -9.33
C SER D 30 -36.77 10.59 -10.65
N VAL D 31 -35.44 10.49 -10.55
CA VAL D 31 -34.59 10.46 -11.72
C VAL D 31 -34.57 9.05 -12.31
N ASP D 32 -34.98 8.93 -13.57
CA ASP D 32 -34.88 7.66 -14.29
C ASP D 32 -33.43 7.42 -14.72
N VAL D 33 -32.81 6.39 -14.15
CA VAL D 33 -31.46 5.99 -14.51
C VAL D 33 -31.53 4.67 -15.27
N ALA D 34 -30.91 4.63 -16.46
CA ALA D 34 -30.87 3.44 -17.28
C ALA D 34 -29.51 2.78 -17.16
N LEU D 35 -29.51 1.48 -16.90
CA LEU D 35 -28.27 0.72 -16.78
C LEU D 35 -28.20 -0.38 -17.84
N ALA D 36 -26.98 -0.65 -18.28
CA ALA D 36 -26.66 -1.88 -19.01
C ALA D 36 -25.23 -2.25 -18.68
N LEU D 37 -24.96 -3.55 -18.59
CA LEU D 37 -23.65 -4.07 -18.24
C LEU D 37 -23.05 -4.79 -19.44
N THR D 38 -21.85 -4.39 -19.83
CA THR D 38 -21.05 -5.11 -20.81
C THR D 38 -20.00 -5.93 -20.09
N LEU D 39 -19.99 -7.23 -20.34
CA LEU D 39 -18.98 -8.11 -19.74
C LEU D 39 -17.74 -8.11 -20.62
N SER D 40 -16.62 -7.64 -20.08
CA SER D 40 -15.37 -7.63 -20.81
C SER D 40 -14.60 -8.95 -20.65
N ASN D 41 -14.45 -9.42 -19.42
CA ASN D 41 -13.79 -10.71 -19.16
C ASN D 41 -14.35 -11.31 -17.88
N LEU D 42 -14.64 -12.60 -17.92
CA LEU D 42 -14.81 -13.39 -16.71
C LEU D 42 -13.42 -13.85 -16.27
N ILE D 43 -12.87 -13.20 -15.25
CA ILE D 43 -11.47 -13.44 -14.90
C ILE D 43 -11.29 -14.80 -14.25
N SER D 44 -12.07 -15.10 -13.23
CA SER D 44 -11.98 -16.38 -12.54
C SER D 44 -13.21 -16.59 -11.69
N LEU D 45 -13.42 -17.84 -11.29
CA LEU D 45 -14.39 -18.21 -10.27
C LEU D 45 -13.68 -19.12 -9.28
N LYS D 46 -13.21 -18.54 -8.17
CA LYS D 46 -12.52 -19.29 -7.13
C LYS D 46 -13.56 -20.01 -6.29
N GLU D 47 -13.66 -21.33 -6.45
CA GLU D 47 -14.69 -22.08 -5.73
C GLU D 47 -14.40 -22.11 -4.23
N VAL D 48 -13.12 -22.19 -3.86
CA VAL D 48 -12.77 -22.24 -2.44
C VAL D 48 -13.16 -20.95 -1.74
N GLU D 49 -12.93 -19.81 -2.38
CA GLU D 49 -13.33 -18.52 -1.84
C GLU D 49 -14.74 -18.11 -2.25
N GLU D 50 -15.38 -18.88 -3.13
CA GLU D 50 -16.72 -18.55 -3.64
C GLU D 50 -16.79 -17.12 -4.15
N THR D 51 -15.75 -16.71 -4.89
CA THR D 51 -15.60 -15.34 -5.34
C THR D 51 -15.53 -15.30 -6.85
N LEU D 52 -16.45 -14.55 -7.47
CA LEU D 52 -16.45 -14.33 -8.91
C LEU D 52 -15.76 -13.00 -9.21
N THR D 53 -14.74 -13.04 -10.06
CA THR D 53 -14.06 -11.84 -10.52
C THR D 53 -14.42 -11.59 -11.97
N THR D 54 -14.96 -10.40 -12.26
CA THR D 54 -15.38 -10.04 -13.60
C THR D 54 -14.92 -8.63 -13.93
N ASN D 55 -14.50 -8.42 -15.17
CA ASN D 55 -14.25 -7.09 -15.71
C ASN D 55 -15.49 -6.67 -16.49
N VAL D 56 -16.14 -5.59 -16.07
CA VAL D 56 -17.41 -5.15 -16.65
C VAL D 56 -17.38 -3.65 -16.86
N TRP D 57 -18.20 -3.20 -17.82
CA TRP D 57 -18.45 -1.78 -18.06
C TRP D 57 -19.91 -1.49 -17.76
N ILE D 58 -20.16 -0.56 -16.85
CA ILE D 58 -21.51 -0.26 -16.38
C ILE D 58 -21.97 1.00 -17.11
N GLU D 59 -22.71 0.81 -18.18
CA GLU D 59 -23.24 1.96 -18.93
C GLU D 59 -24.39 2.60 -18.14
N HIS D 60 -24.17 3.82 -17.67
CA HIS D 60 -25.24 4.60 -17.08
C HIS D 60 -25.88 5.51 -18.11
N GLY D 61 -27.14 5.86 -17.88
CA GLY D 61 -27.78 6.92 -18.64
C GLY D 61 -28.88 7.60 -17.87
N TRP D 62 -28.86 8.93 -17.84
CA TRP D 62 -29.92 9.70 -17.22
C TRP D 62 -29.98 11.06 -17.88
N THR D 63 -31.07 11.79 -17.63
CA THR D 63 -31.29 13.11 -18.20
C THR D 63 -31.10 14.17 -17.11
N ASP D 64 -30.25 15.15 -17.39
CA ASP D 64 -30.01 16.28 -16.49
C ASP D 64 -30.40 17.54 -17.26
N ASN D 65 -31.62 18.03 -17.03
CA ASN D 65 -32.14 19.18 -17.76
C ASN D 65 -31.34 20.45 -17.49
N ARG D 66 -30.54 20.48 -16.42
CA ARG D 66 -29.73 21.66 -16.15
C ARG D 66 -28.56 21.81 -17.10
N LEU D 67 -28.19 20.74 -17.81
CA LEU D 67 -27.04 20.76 -18.72
C LEU D 67 -27.45 20.85 -20.18
N LYS D 68 -28.68 21.28 -20.47
CA LYS D 68 -29.08 21.53 -21.85
C LYS D 68 -28.46 22.83 -22.36
N TRP D 69 -28.14 22.85 -23.65
CA TRP D 69 -27.73 24.10 -24.30
C TRP D 69 -28.15 24.05 -25.75
N ASN D 70 -28.26 25.24 -26.35
CA ASN D 70 -28.53 25.38 -27.78
C ASN D 70 -27.22 25.24 -28.54
N ALA D 71 -27.13 24.22 -29.39
CA ALA D 71 -25.87 23.94 -30.08
C ALA D 71 -25.47 25.09 -31.00
N GLU D 72 -26.43 25.69 -31.70
CA GLU D 72 -26.11 26.78 -32.62
C GLU D 72 -25.52 27.99 -31.92
N GLU D 73 -25.80 28.17 -30.63
CA GLU D 73 -25.24 29.29 -29.90
C GLU D 73 -23.81 29.06 -29.44
N PHE D 74 -23.32 27.82 -29.48
CA PHE D 74 -22.00 27.48 -28.97
C PHE D 74 -21.22 26.69 -30.02
N GLY D 75 -21.18 27.21 -31.24
CA GLY D 75 -20.31 26.66 -32.26
C GLY D 75 -20.67 25.27 -32.74
N ASN D 76 -21.92 24.86 -32.51
CA ASN D 76 -22.45 23.56 -32.95
C ASN D 76 -21.92 22.42 -32.10
N ILE D 77 -21.34 22.73 -30.94
CA ILE D 77 -20.93 21.70 -29.99
C ILE D 77 -22.14 20.86 -29.62
N SER D 78 -22.08 19.56 -29.95
CA SER D 78 -23.19 18.65 -29.69
C SER D 78 -22.93 17.69 -28.55
N VAL D 79 -21.67 17.48 -28.17
CA VAL D 79 -21.33 16.61 -27.06
C VAL D 79 -20.19 17.26 -26.28
N LEU D 80 -20.24 17.11 -24.96
CA LEU D 80 -19.27 17.72 -24.06
C LEU D 80 -18.81 16.69 -23.06
N ARG D 81 -17.51 16.64 -22.80
CA ARG D 81 -16.92 15.65 -21.93
C ARG D 81 -16.41 16.32 -20.67
N LEU D 82 -16.89 15.86 -19.51
CA LEU D 82 -16.65 16.51 -18.23
C LEU D 82 -16.14 15.48 -17.23
N PRO D 83 -15.30 15.91 -16.30
CA PRO D 83 -14.95 15.05 -15.15
C PRO D 83 -16.20 14.67 -14.37
N PRO D 84 -16.31 13.43 -13.90
CA PRO D 84 -17.49 13.03 -13.13
C PRO D 84 -17.65 13.79 -11.82
N ASP D 85 -16.57 14.36 -11.28
CA ASP D 85 -16.67 15.16 -10.06
C ASP D 85 -17.48 16.43 -10.27
N MET D 86 -17.61 16.90 -11.52
CA MET D 86 -18.32 18.14 -11.77
C MET D 86 -19.84 17.97 -11.74
N VAL D 87 -20.34 16.83 -12.21
CA VAL D 87 -21.76 16.64 -12.41
C VAL D 87 -22.33 15.78 -11.29
N TRP D 88 -23.65 15.82 -11.15
CA TRP D 88 -24.36 14.90 -10.27
C TRP D 88 -24.29 13.48 -10.81
N LEU D 89 -24.04 12.52 -9.93
CA LEU D 89 -23.96 11.12 -10.28
C LEU D 89 -24.95 10.31 -9.47
N PRO D 90 -25.54 9.25 -10.05
CA PRO D 90 -26.53 8.46 -9.30
C PRO D 90 -25.93 7.58 -8.22
N GLU D 91 -24.61 7.40 -8.20
CA GLU D 91 -23.91 6.66 -7.15
C GLU D 91 -24.46 5.23 -7.03
N ILE D 92 -24.28 4.46 -8.10
CA ILE D 92 -24.72 3.08 -8.16
C ILE D 92 -23.52 2.18 -7.88
N VAL D 93 -23.71 1.19 -7.00
CA VAL D 93 -22.62 0.37 -6.50
C VAL D 93 -23.03 -1.10 -6.57
N LEU D 94 -22.03 -1.98 -6.60
CA LEU D 94 -22.25 -3.42 -6.56
C LEU D 94 -22.58 -3.81 -5.12
N GLU D 95 -23.85 -4.14 -4.87
CA GLU D 95 -24.28 -4.38 -3.50
C GLU D 95 -23.73 -5.69 -2.93
N ASN D 96 -23.69 -6.75 -3.75
CA ASN D 96 -23.26 -8.05 -3.29
C ASN D 96 -21.77 -8.30 -3.51
N ASN D 97 -20.95 -7.26 -3.47
CA ASN D 97 -19.51 -7.43 -3.57
C ASN D 97 -18.98 -8.20 -2.37
N ASN D 98 -17.87 -8.91 -2.58
CA ASN D 98 -17.29 -9.78 -1.57
C ASN D 98 -16.08 -9.18 -0.86
N ASP D 99 -15.48 -8.13 -1.40
CA ASP D 99 -14.21 -7.62 -0.89
C ASP D 99 -14.30 -6.20 -0.34
N GLY D 100 -15.46 -5.55 -0.41
CA GLY D 100 -15.60 -4.19 0.04
C GLY D 100 -15.38 -3.12 -1.01
N SER D 101 -15.09 -3.49 -2.25
CA SER D 101 -15.02 -2.54 -3.35
C SER D 101 -16.42 -2.35 -3.92
N PHE D 102 -17.19 -1.45 -3.30
CA PHE D 102 -18.53 -1.15 -3.77
C PHE D 102 -18.51 -0.38 -5.08
N GLN D 103 -17.57 0.55 -5.22
CA GLN D 103 -17.60 1.52 -6.31
C GLN D 103 -16.84 1.03 -7.53
N ILE D 104 -17.07 1.71 -8.65
CA ILE D 104 -16.36 1.50 -9.91
C ILE D 104 -14.86 1.66 -9.72
N SER D 105 -14.08 1.07 -10.63
CA SER D 105 -12.63 1.17 -10.55
C SER D 105 -12.12 2.49 -11.13
N TYR D 106 -12.59 2.86 -12.32
CA TYR D 106 -12.10 4.03 -13.03
C TYR D 106 -13.24 5.01 -13.27
N SER D 107 -13.13 6.21 -12.70
CA SER D 107 -14.11 7.28 -12.88
C SER D 107 -13.78 8.04 -14.17
N CYS D 108 -14.22 7.46 -15.30
CA CYS D 108 -13.95 8.07 -16.59
C CYS D 108 -14.76 9.36 -16.75
N ASN D 109 -14.44 10.11 -17.80
CA ASN D 109 -15.17 11.33 -18.11
C ASN D 109 -16.63 11.03 -18.41
N VAL D 110 -17.49 11.95 -17.99
CA VAL D 110 -18.89 11.93 -18.36
C VAL D 110 -19.07 12.60 -19.71
N LEU D 111 -19.94 12.04 -20.56
CA LEU D 111 -20.33 12.67 -21.81
C LEU D 111 -21.70 13.31 -21.63
N VAL D 112 -21.78 14.62 -21.88
CA VAL D 112 -23.02 15.37 -21.79
C VAL D 112 -23.42 15.80 -23.19
N TYR D 113 -24.66 15.52 -23.57
CA TYR D 113 -25.18 15.90 -24.86
C TYR D 113 -26.04 17.15 -24.75
N HIS D 114 -26.14 17.88 -25.86
CA HIS D 114 -26.80 19.19 -25.85
C HIS D 114 -28.25 19.11 -25.43
N TYR D 115 -28.92 17.99 -25.69
CA TYR D 115 -30.31 17.82 -25.26
C TYR D 115 -30.43 17.31 -23.84
N GLY D 116 -29.36 17.37 -23.06
CA GLY D 116 -29.41 17.08 -21.64
C GLY D 116 -29.18 15.64 -21.24
N PHE D 117 -29.09 14.72 -22.20
CA PHE D 117 -28.80 13.33 -21.87
C PHE D 117 -27.37 13.20 -21.37
N VAL D 118 -27.18 12.44 -20.31
CA VAL D 118 -25.88 12.24 -19.69
C VAL D 118 -25.51 10.76 -19.81
N TYR D 119 -24.36 10.50 -20.40
CA TYR D 119 -23.91 9.14 -20.69
C TYR D 119 -22.61 8.89 -19.95
N TRP D 120 -22.51 7.73 -19.29
CA TRP D 120 -21.36 7.40 -18.49
C TRP D 120 -21.08 5.91 -18.61
N LEU D 121 -19.84 5.55 -18.93
CA LEU D 121 -19.45 4.15 -19.13
C LEU D 121 -18.18 3.84 -18.35
N PRO D 122 -18.24 3.87 -17.01
CA PRO D 122 -17.07 3.53 -16.22
C PRO D 122 -16.72 2.06 -16.33
N PRO D 123 -15.45 1.73 -16.51
CA PRO D 123 -15.03 0.34 -16.38
C PRO D 123 -14.76 -0.02 -14.93
N ALA D 124 -15.05 -1.26 -14.57
CA ALA D 124 -14.89 -1.72 -13.21
C ALA D 124 -14.48 -3.17 -13.18
N ILE D 125 -13.64 -3.51 -12.20
CA ILE D 125 -13.34 -4.90 -11.86
C ILE D 125 -14.05 -5.20 -10.54
N PHE D 126 -14.90 -6.21 -10.54
CA PHE D 126 -15.73 -6.56 -9.40
C PHE D 126 -15.42 -7.96 -8.91
N ARG D 127 -15.54 -8.15 -7.61
CA ARG D 127 -15.38 -9.46 -6.98
C ARG D 127 -16.66 -9.75 -6.18
N SER D 128 -17.67 -10.24 -6.87
CA SER D 128 -18.95 -10.53 -6.25
C SER D 128 -18.94 -11.92 -5.60
N SER D 129 -19.77 -12.06 -4.57
CA SER D 129 -19.98 -13.36 -3.94
C SER D 129 -20.82 -14.25 -4.85
N CYS D 130 -20.33 -15.46 -5.11
CA CYS D 130 -21.04 -16.46 -5.90
C CYS D 130 -20.96 -17.81 -5.21
N PRO D 131 -21.98 -18.18 -4.42
CA PRO D 131 -21.96 -19.48 -3.75
C PRO D 131 -21.95 -20.62 -4.77
N ILE D 132 -21.18 -21.66 -4.46
CA ILE D 132 -20.82 -22.70 -5.41
C ILE D 132 -21.63 -23.95 -5.12
N SER D 133 -22.31 -24.48 -6.14
CA SER D 133 -22.95 -25.80 -6.07
C SER D 133 -21.89 -26.86 -6.40
N VAL D 134 -21.35 -27.50 -5.37
CA VAL D 134 -20.29 -28.49 -5.55
C VAL D 134 -20.83 -29.82 -6.07
N THR D 135 -22.15 -30.02 -6.05
CA THR D 135 -22.72 -31.36 -6.11
C THR D 135 -22.20 -32.18 -7.28
N TYR D 136 -22.24 -31.63 -8.49
CA TYR D 136 -21.93 -32.38 -9.70
C TYR D 136 -20.50 -32.18 -10.19
N PHE D 137 -19.64 -31.55 -9.40
CA PHE D 137 -18.27 -31.30 -9.80
C PHE D 137 -17.59 -32.61 -10.20
N PRO D 138 -16.86 -32.66 -11.32
CA PRO D 138 -16.47 -31.55 -12.20
C PRO D 138 -17.47 -31.24 -13.32
N PHE D 139 -18.66 -31.86 -13.34
CA PHE D 139 -19.65 -31.59 -14.37
C PHE D 139 -20.68 -30.56 -13.93
N ASP D 140 -20.32 -29.71 -12.98
CA ASP D 140 -21.25 -28.77 -12.38
C ASP D 140 -21.40 -27.52 -13.25
N TRP D 141 -22.50 -26.81 -13.02
CA TRP D 141 -22.70 -25.48 -13.55
C TRP D 141 -23.09 -24.56 -12.41
N GLN D 142 -22.71 -23.29 -12.52
CA GLN D 142 -22.87 -22.33 -11.43
C GLN D 142 -23.75 -21.18 -11.89
N ASN D 143 -24.43 -20.57 -10.92
CA ASN D 143 -25.38 -19.49 -11.16
C ASN D 143 -24.94 -18.27 -10.35
N CYS D 144 -23.99 -17.52 -10.90
CA CYS D 144 -23.54 -16.30 -10.25
C CYS D 144 -24.45 -15.13 -10.62
N SER D 145 -24.38 -14.08 -9.82
CA SER D 145 -25.17 -12.88 -10.08
C SER D 145 -24.40 -11.65 -9.63
N LEU D 146 -24.70 -10.53 -10.27
CA LEU D 146 -24.22 -9.22 -9.87
C LEU D 146 -25.43 -8.34 -9.57
N LYS D 147 -25.49 -7.80 -8.35
CA LYS D 147 -26.63 -7.00 -7.91
C LYS D 147 -26.18 -5.55 -7.76
N PHE D 148 -26.76 -4.67 -8.56
CA PHE D 148 -26.45 -3.25 -8.54
C PHE D 148 -27.60 -2.47 -7.91
N SER D 149 -27.27 -1.58 -6.98
CA SER D 149 -28.25 -0.72 -6.35
C SER D 149 -27.55 0.56 -5.91
N SER D 150 -28.35 1.55 -5.56
CA SER D 150 -27.83 2.80 -5.00
C SER D 150 -28.09 2.82 -3.50
N LEU D 151 -27.04 3.08 -2.73
CA LEU D 151 -27.18 3.25 -1.29
C LEU D 151 -27.46 4.69 -0.88
N LYS D 152 -26.95 5.65 -1.64
CA LYS D 152 -27.19 7.06 -1.31
C LYS D 152 -28.59 7.50 -1.69
N TYR D 153 -29.19 6.89 -2.72
CA TYR D 153 -30.53 7.23 -3.16
C TYR D 153 -31.37 5.97 -3.23
N THR D 154 -32.63 6.09 -2.84
CA THR D 154 -33.57 4.98 -2.79
C THR D 154 -34.62 5.13 -3.89
N ALA D 155 -35.55 4.17 -3.94
CA ALA D 155 -36.53 4.13 -5.01
C ALA D 155 -37.41 5.36 -5.05
N LYS D 156 -37.47 6.12 -3.96
CA LYS D 156 -38.16 7.40 -3.97
C LYS D 156 -37.33 8.47 -4.67
N GLU D 157 -36.00 8.38 -4.59
CA GLU D 157 -35.09 9.37 -5.14
C GLU D 157 -34.62 9.05 -6.54
N ILE D 158 -34.38 7.77 -6.84
CA ILE D 158 -33.91 7.34 -8.15
C ILE D 158 -34.71 6.12 -8.58
N THR D 159 -35.08 6.08 -9.86
CA THR D 159 -35.75 4.93 -10.45
C THR D 159 -34.78 4.23 -11.39
N LEU D 160 -34.40 3.00 -11.05
CA LEU D 160 -33.55 2.21 -11.93
C LEU D 160 -34.38 1.52 -13.01
N SER D 161 -33.79 1.42 -14.20
CA SER D 161 -34.44 0.74 -15.31
C SER D 161 -33.36 0.18 -16.23
N LEU D 162 -33.73 -0.86 -16.97
CA LEU D 162 -32.81 -1.42 -17.96
C LEU D 162 -32.72 -0.51 -19.18
N LYS D 163 -31.53 -0.44 -19.78
CA LYS D 163 -31.34 0.35 -20.98
C LYS D 163 -32.28 -0.14 -22.09
N GLN D 164 -32.92 0.81 -22.76
CA GLN D 164 -33.67 0.52 -23.97
C GLN D 164 -32.82 0.77 -25.20
N ASP D 165 -32.88 -0.16 -26.14
CA ASP D 165 -32.32 -0.01 -27.46
C ASP D 165 -33.47 0.07 -28.47
N ALA D 166 -33.14 0.24 -29.74
CA ALA D 166 -34.14 0.26 -30.78
C ALA D 166 -33.63 -0.44 -32.03
N LYS D 167 -34.55 -1.10 -32.74
CA LYS D 167 -34.29 -1.67 -34.04
C LYS D 167 -35.55 -1.56 -34.87
N GLU D 168 -35.38 -1.22 -36.16
CA GLU D 168 -36.50 -1.02 -37.07
C GLU D 168 -37.54 -0.05 -36.49
N ASN D 169 -37.04 1.02 -35.87
CA ASN D 169 -37.84 2.08 -35.25
C ASN D 169 -38.67 1.58 -34.08
N ARG D 170 -38.48 0.35 -33.63
CA ARG D 170 -39.17 -0.19 -32.47
C ARG D 170 -38.16 -0.34 -31.33
N THR D 171 -38.51 0.19 -30.16
CA THR D 171 -37.66 0.06 -28.99
C THR D 171 -37.89 -1.28 -28.29
N TYR D 172 -36.85 -1.78 -27.62
CA TYR D 172 -36.94 -2.97 -26.80
C TYR D 172 -35.98 -2.82 -25.62
N PRO D 173 -36.33 -3.39 -24.46
CA PRO D 173 -35.39 -3.34 -23.33
C PRO D 173 -34.25 -4.33 -23.52
N VAL D 174 -33.05 -3.91 -23.12
CA VAL D 174 -31.88 -4.77 -23.15
C VAL D 174 -31.86 -5.61 -21.88
N GLU D 175 -32.51 -6.77 -21.92
CA GLU D 175 -32.69 -7.64 -20.75
C GLU D 175 -31.59 -8.68 -20.61
N TRP D 176 -30.38 -8.37 -21.07
CA TRP D 176 -29.30 -9.35 -21.01
C TRP D 176 -27.96 -8.64 -20.85
N ILE D 177 -26.98 -9.37 -20.31
CA ILE D 177 -25.61 -8.86 -20.28
C ILE D 177 -25.07 -8.76 -21.70
N ILE D 178 -24.53 -7.61 -22.04
CA ILE D 178 -23.98 -7.38 -23.36
C ILE D 178 -22.60 -8.02 -23.44
N ILE D 179 -22.37 -8.80 -24.48
CA ILE D 179 -21.08 -9.46 -24.71
C ILE D 179 -20.66 -9.23 -26.15
N ASP D 180 -19.39 -8.91 -26.35
CA ASP D 180 -18.83 -8.74 -27.69
C ASP D 180 -18.70 -10.10 -28.36
N PRO D 181 -19.39 -10.35 -29.49
CA PRO D 181 -19.23 -11.64 -30.15
C PRO D 181 -17.86 -11.83 -30.79
N GLU D 182 -17.12 -10.76 -31.02
CA GLU D 182 -15.81 -10.80 -31.68
C GLU D 182 -14.65 -10.69 -30.70
N GLY D 183 -14.72 -9.77 -29.75
CA GLY D 183 -13.59 -9.45 -28.91
C GLY D 183 -13.63 -10.04 -27.51
N PHE D 184 -14.72 -10.69 -27.14
CA PHE D 184 -14.78 -11.38 -25.85
C PHE D 184 -13.96 -12.67 -25.92
N THR D 185 -12.82 -12.67 -25.24
CA THR D 185 -12.02 -13.88 -25.07
C THR D 185 -12.73 -14.81 -24.10
N GLU D 186 -13.27 -15.90 -24.61
CA GLU D 186 -13.96 -16.88 -23.78
C GLU D 186 -13.04 -17.41 -22.68
N ASN D 187 -13.61 -17.65 -21.51
CA ASN D 187 -12.82 -18.09 -20.37
C ASN D 187 -12.32 -19.51 -20.57
N GLY D 188 -11.21 -19.83 -19.91
CA GLY D 188 -10.58 -21.13 -20.08
C GLY D 188 -11.35 -22.29 -19.49
N GLU D 189 -12.23 -22.03 -18.52
CA GLU D 189 -12.91 -23.11 -17.82
C GLU D 189 -14.42 -22.99 -17.76
N TRP D 190 -15.00 -21.85 -18.09
CA TRP D 190 -16.43 -21.64 -17.92
C TRP D 190 -17.05 -21.10 -19.20
N GLU D 191 -18.13 -21.71 -19.64
CA GLU D 191 -18.90 -21.24 -20.78
C GLU D 191 -20.18 -20.59 -20.29
N ILE D 192 -20.45 -19.38 -20.75
CA ILE D 192 -21.64 -18.63 -20.35
C ILE D 192 -22.85 -19.19 -21.11
N VAL D 193 -23.74 -19.85 -20.39
CA VAL D 193 -24.93 -20.44 -21.01
C VAL D 193 -26.08 -19.45 -21.09
N HIS D 194 -26.34 -18.71 -20.01
CA HIS D 194 -27.37 -17.70 -19.99
C HIS D 194 -26.86 -16.46 -19.28
N ARG D 195 -27.45 -15.32 -19.61
CA ARG D 195 -27.00 -14.05 -19.04
C ARG D 195 -28.14 -13.04 -18.93
N PRO D 196 -29.23 -13.35 -18.23
CA PRO D 196 -30.37 -12.44 -18.17
C PRO D 196 -30.08 -11.22 -17.30
N ALA D 197 -30.96 -10.23 -17.41
CA ALA D 197 -30.97 -9.09 -16.51
C ALA D 197 -32.41 -8.82 -16.06
N ARG D 198 -32.57 -8.48 -14.79
CA ARG D 198 -33.86 -8.14 -14.23
C ARG D 198 -33.76 -6.86 -13.40
N VAL D 199 -34.77 -6.00 -13.51
CA VAL D 199 -35.02 -5.00 -12.47
C VAL D 199 -35.91 -5.65 -11.42
N ASN D 200 -35.40 -5.75 -10.20
CA ASN D 200 -36.15 -6.33 -9.09
C ASN D 200 -36.67 -5.21 -8.20
N VAL D 201 -37.98 -5.20 -7.98
CA VAL D 201 -38.62 -4.27 -7.05
C VAL D 201 -39.28 -5.10 -5.96
N ASP D 202 -38.88 -4.85 -4.72
CA ASP D 202 -39.45 -5.56 -3.57
C ASP D 202 -40.72 -4.85 -3.13
N PRO D 203 -41.89 -5.48 -3.26
CA PRO D 203 -43.14 -4.80 -2.88
C PRO D 203 -43.31 -4.62 -1.39
N ARG D 204 -42.69 -5.48 -0.57
CA ARG D 204 -42.84 -5.36 0.88
C ARG D 204 -41.98 -4.24 1.45
N ALA D 205 -40.81 -4.01 0.88
CA ALA D 205 -39.90 -3.01 1.42
C ALA D 205 -40.50 -1.61 1.31
N PRO D 206 -40.31 -0.76 2.31
CA PRO D 206 -40.82 0.62 2.22
C PRO D 206 -40.22 1.35 1.03
N LEU D 207 -41.01 2.28 0.48
CA LEU D 207 -40.57 3.00 -0.70
C LEU D 207 -39.28 3.77 -0.47
N ASP D 208 -39.02 4.17 0.77
CA ASP D 208 -37.81 4.90 1.11
C ASP D 208 -36.66 3.99 1.54
N SER D 209 -36.87 2.68 1.58
CA SER D 209 -35.81 1.77 1.98
C SER D 209 -34.82 1.58 0.82
N PRO D 210 -33.54 1.34 1.13
CA PRO D 210 -32.56 1.14 0.04
C PRO D 210 -32.68 -0.22 -0.63
N SER D 211 -33.32 -1.19 0.01
CA SER D 211 -33.44 -2.53 -0.55
C SER D 211 -34.61 -2.70 -1.50
N ARG D 212 -35.42 -1.65 -1.72
CA ARG D 212 -36.63 -1.82 -2.50
C ARG D 212 -36.33 -2.19 -3.96
N GLN D 213 -35.33 -1.56 -4.57
CA GLN D 213 -35.06 -1.79 -5.98
C GLN D 213 -33.58 -2.07 -6.21
N ASP D 214 -33.33 -2.93 -7.21
CA ASP D 214 -32.00 -3.16 -7.72
C ASP D 214 -32.11 -3.68 -9.14
N ILE D 215 -31.01 -3.61 -9.88
CA ILE D 215 -30.87 -4.29 -11.17
C ILE D 215 -29.85 -5.39 -10.99
N THR D 216 -30.27 -6.63 -11.24
CA THR D 216 -29.41 -7.79 -11.06
C THR D 216 -29.07 -8.40 -12.42
N PHE D 217 -27.79 -8.63 -12.66
CA PHE D 217 -27.31 -9.33 -13.84
C PHE D 217 -26.84 -10.71 -13.43
N TYR D 218 -27.25 -11.73 -14.17
CA TYR D 218 -26.97 -13.12 -13.83
C TYR D 218 -26.05 -13.75 -14.85
N LEU D 219 -25.17 -14.62 -14.37
CA LEU D 219 -24.30 -15.43 -15.23
C LEU D 219 -24.53 -16.89 -14.90
N ILE D 220 -25.05 -17.65 -15.85
CA ILE D 220 -25.18 -19.10 -15.73
C ILE D 220 -24.07 -19.71 -16.55
N ILE D 221 -23.10 -20.33 -15.88
CA ILE D 221 -21.84 -20.74 -16.49
C ILE D 221 -21.64 -22.22 -16.25
N ARG D 222 -21.29 -22.95 -17.31
CA ARG D 222 -21.02 -24.38 -17.24
C ARG D 222 -19.52 -24.62 -17.28
N ARG D 223 -19.03 -25.45 -16.38
CA ARG D 223 -17.61 -25.79 -16.38
C ARG D 223 -17.23 -26.59 -17.61
N LYS D 224 -16.10 -26.25 -18.21
CA LYS D 224 -15.49 -27.09 -19.24
C LYS D 224 -14.75 -28.23 -18.57
N PRO D 225 -15.22 -29.47 -18.71
CA PRO D 225 -14.71 -30.57 -17.89
C PRO D 225 -13.46 -31.27 -18.44
N LEU D 226 -13.04 -30.98 -19.66
CA LEU D 226 -12.03 -31.80 -20.33
C LEU D 226 -10.72 -31.84 -19.54
N PHE D 227 -10.30 -30.70 -18.98
CA PHE D 227 -9.08 -30.68 -18.19
C PHE D 227 -9.15 -31.65 -17.02
N TYR D 228 -10.23 -31.58 -16.24
CA TYR D 228 -10.37 -32.47 -15.09
C TYR D 228 -10.57 -33.91 -15.53
N ILE D 229 -11.35 -34.13 -16.59
CA ILE D 229 -11.56 -35.49 -17.09
C ILE D 229 -10.22 -36.14 -17.43
N ILE D 230 -9.36 -35.43 -18.16
CA ILE D 230 -8.07 -35.99 -18.56
C ILE D 230 -7.17 -36.16 -17.34
N ASN D 231 -7.06 -35.12 -16.51
CA ASN D 231 -5.99 -35.09 -15.51
C ASN D 231 -6.31 -35.84 -14.22
N ILE D 232 -7.59 -36.02 -13.87
CA ILE D 232 -7.92 -36.59 -12.57
C ILE D 232 -8.85 -37.79 -12.73
N LEU D 233 -9.97 -37.59 -13.44
CA LEU D 233 -11.01 -38.61 -13.46
C LEU D 233 -10.53 -39.91 -14.08
N VAL D 234 -9.95 -39.85 -15.28
CA VAL D 234 -9.45 -41.07 -15.93
C VAL D 234 -8.39 -41.77 -15.08
N PRO D 235 -7.36 -41.09 -14.57
CA PRO D 235 -6.45 -41.77 -13.64
C PRO D 235 -7.14 -42.37 -12.43
N CYS D 236 -8.04 -41.61 -11.79
CA CYS D 236 -8.72 -42.10 -10.59
C CYS D 236 -9.56 -43.33 -10.89
N VAL D 237 -10.28 -43.32 -12.01
CA VAL D 237 -11.11 -44.47 -12.36
C VAL D 237 -10.25 -45.69 -12.71
N LEU D 238 -9.23 -45.49 -13.54
CA LEU D 238 -8.38 -46.60 -13.94
C LEU D 238 -7.67 -47.23 -12.74
N ILE D 239 -7.11 -46.39 -11.86
CA ILE D 239 -6.42 -46.91 -10.68
C ILE D 239 -7.40 -47.64 -9.77
N SER D 240 -8.62 -47.11 -9.63
CA SER D 240 -9.62 -47.78 -8.81
C SER D 240 -10.01 -49.13 -9.40
N PHE D 241 -10.20 -49.20 -10.72
CA PHE D 241 -10.57 -50.45 -11.37
C PHE D 241 -9.45 -51.48 -11.33
N MET D 242 -8.21 -51.06 -11.07
CA MET D 242 -7.10 -52.00 -10.92
C MET D 242 -7.39 -53.06 -9.86
N VAL D 243 -8.21 -52.73 -8.86
CA VAL D 243 -8.44 -53.64 -7.74
C VAL D 243 -9.12 -54.93 -8.17
N ASN D 244 -9.85 -54.92 -9.29
CA ASN D 244 -10.48 -56.15 -9.77
C ASN D 244 -9.47 -57.22 -10.14
N LEU D 245 -8.23 -56.84 -10.49
CA LEU D 245 -7.21 -57.83 -10.81
C LEU D 245 -6.76 -58.61 -9.58
N VAL D 246 -6.98 -58.09 -8.38
CA VAL D 246 -6.53 -58.78 -7.16
C VAL D 246 -7.15 -60.17 -7.09
N PHE D 247 -8.40 -60.30 -7.51
CA PHE D 247 -9.04 -61.62 -7.52
C PHE D 247 -8.40 -62.55 -8.54
N TYR D 248 -7.87 -62.01 -9.63
CA TYR D 248 -7.22 -62.83 -10.64
C TYR D 248 -5.77 -63.13 -10.30
N LEU D 249 -5.16 -62.31 -9.46
CA LEU D 249 -3.78 -62.54 -9.04
C LEU D 249 -3.68 -63.77 -8.15
N PRO D 250 -2.83 -64.74 -8.47
CA PRO D 250 -2.74 -65.94 -7.64
C PRO D 250 -2.25 -65.64 -6.24
N ALA D 251 -2.73 -66.44 -5.28
CA ALA D 251 -2.31 -66.30 -3.89
C ALA D 251 -0.85 -66.65 -3.70
N ASP D 252 -0.32 -67.61 -4.46
CA ASP D 252 1.06 -68.01 -4.33
C ASP D 252 2.06 -66.91 -4.71
N SER D 253 1.59 -65.85 -5.37
CA SER D 253 2.49 -64.73 -5.66
C SER D 253 2.82 -63.94 -4.40
N GLY D 254 1.92 -63.95 -3.41
CA GLY D 254 2.13 -63.18 -2.21
C GLY D 254 2.13 -61.68 -2.40
N GLU D 255 1.30 -61.18 -3.32
CA GLU D 255 1.26 -59.76 -3.64
C GLU D 255 -0.17 -59.23 -3.72
N LYS D 256 -1.17 -60.01 -3.29
CA LYS D 256 -2.56 -59.63 -3.51
C LYS D 256 -2.97 -58.46 -2.64
N THR D 257 -2.55 -58.46 -1.37
CA THR D 257 -2.88 -57.34 -0.49
C THR D 257 -2.13 -56.08 -0.89
N SER D 258 -0.90 -56.24 -1.40
CA SER D 258 -0.08 -55.09 -1.79
C SER D 258 -0.79 -54.22 -2.82
N VAL D 259 -1.37 -54.85 -3.84
CA VAL D 259 -2.07 -54.09 -4.90
C VAL D 259 -3.22 -53.30 -4.30
N ALA D 260 -4.08 -53.98 -3.54
CA ALA D 260 -5.27 -53.33 -3.01
C ALA D 260 -4.91 -52.18 -2.07
N ILE D 261 -3.95 -52.41 -1.17
CA ILE D 261 -3.59 -51.36 -0.23
C ILE D 261 -2.88 -50.20 -0.93
N SER D 262 -2.11 -50.47 -1.98
CA SER D 262 -1.49 -49.38 -2.72
C SER D 262 -2.51 -48.59 -3.51
N VAL D 263 -3.53 -49.25 -4.03
CA VAL D 263 -4.60 -48.51 -4.69
C VAL D 263 -5.37 -47.66 -3.68
N LEU D 264 -5.56 -48.18 -2.48
CA LEU D 264 -6.16 -47.38 -1.42
C LEU D 264 -5.30 -46.16 -1.10
N LEU D 265 -3.98 -46.33 -1.07
CA LEU D 265 -3.08 -45.19 -0.87
C LEU D 265 -3.20 -44.19 -2.01
N ALA D 266 -3.28 -44.66 -3.25
CA ALA D 266 -3.43 -43.76 -4.39
C ALA D 266 -4.75 -43.00 -4.33
N GLN D 267 -5.83 -43.68 -3.93
CA GLN D 267 -7.10 -42.99 -3.75
C GLN D 267 -7.03 -41.97 -2.64
N SER D 268 -6.28 -42.27 -1.57
CA SER D 268 -6.05 -41.29 -0.52
C SER D 268 -5.32 -40.07 -1.06
N VAL D 269 -4.32 -40.28 -1.93
CA VAL D 269 -3.60 -39.17 -2.54
C VAL D 269 -4.53 -38.33 -3.40
N PHE D 270 -5.39 -38.99 -4.18
CA PHE D 270 -6.35 -38.25 -5.00
C PHE D 270 -7.35 -37.48 -4.15
N LEU D 271 -7.77 -38.06 -3.02
CA LEU D 271 -8.66 -37.35 -2.11
C LEU D 271 -7.97 -36.14 -1.50
N LEU D 272 -6.68 -36.27 -1.18
CA LEU D 272 -5.90 -35.12 -0.74
C LEU D 272 -5.87 -34.03 -1.81
N LEU D 273 -5.63 -34.43 -3.07
CA LEU D 273 -5.56 -33.46 -4.16
C LEU D 273 -6.89 -32.74 -4.37
N ILE D 274 -7.97 -33.51 -4.49
CA ILE D 274 -9.26 -32.94 -4.86
C ILE D 274 -9.83 -32.08 -3.73
N SER D 275 -9.70 -32.54 -2.48
CA SER D 275 -10.29 -31.81 -1.36
C SER D 275 -9.70 -30.41 -1.19
N LYS D 276 -8.51 -30.17 -1.73
CA LYS D 276 -7.92 -28.84 -1.68
C LYS D 276 -8.50 -27.89 -2.72
N ARG D 277 -9.30 -28.40 -3.67
CA ARG D 277 -9.80 -27.60 -4.78
C ARG D 277 -11.24 -27.13 -4.59
N LEU D 278 -11.91 -27.55 -3.52
CA LEU D 278 -13.33 -27.24 -3.34
C LEU D 278 -13.58 -26.69 -1.95
N PRO D 279 -14.57 -25.82 -1.80
CA PRO D 279 -14.93 -25.32 -0.48
C PRO D 279 -15.53 -26.42 0.38
N ALA D 280 -15.28 -26.35 1.69
CA ALA D 280 -15.78 -27.37 2.62
C ALA D 280 -17.24 -27.18 2.99
N THR D 281 -18.11 -27.01 2.01
CA THR D 281 -19.53 -26.83 2.27
C THR D 281 -20.17 -28.15 2.66
N SER D 282 -21.33 -28.06 3.31
CA SER D 282 -22.10 -29.21 3.73
C SER D 282 -23.39 -29.39 2.94
N MET D 283 -23.56 -28.66 1.84
CA MET D 283 -24.79 -28.78 1.07
C MET D 283 -24.88 -30.12 0.37
N ALA D 284 -23.76 -30.64 -0.12
CA ALA D 284 -23.74 -31.91 -0.82
C ALA D 284 -22.30 -32.41 -0.93
N ILE D 285 -22.16 -33.70 -1.18
CA ILE D 285 -20.86 -34.28 -1.53
C ILE D 285 -20.64 -34.11 -3.03
N PRO D 286 -19.47 -33.60 -3.45
CA PRO D 286 -19.21 -33.50 -4.88
C PRO D 286 -19.18 -34.87 -5.53
N LEU D 287 -19.51 -34.89 -6.83
CA LEU D 287 -19.62 -36.14 -7.56
C LEU D 287 -18.33 -36.95 -7.48
N ILE D 288 -17.19 -36.29 -7.71
CA ILE D 288 -15.91 -36.98 -7.60
C ILE D 288 -15.67 -37.43 -6.16
N GLY D 289 -16.17 -36.68 -5.18
CA GLY D 289 -16.06 -37.12 -3.80
C GLY D 289 -16.89 -38.36 -3.52
N LYS D 290 -18.09 -38.43 -4.10
CA LYS D 290 -18.91 -39.64 -3.98
C LYS D 290 -18.20 -40.82 -4.61
N PHE D 291 -17.65 -40.63 -5.81
CA PHE D 291 -16.92 -41.70 -6.47
C PHE D 291 -15.72 -42.16 -5.64
N LEU D 292 -14.97 -41.20 -5.08
CA LEU D 292 -13.83 -41.56 -4.23
C LEU D 292 -14.26 -42.35 -3.01
N LEU D 293 -15.34 -41.91 -2.34
CA LEU D 293 -15.82 -42.62 -1.16
C LEU D 293 -16.26 -44.04 -1.50
N PHE D 294 -17.05 -44.18 -2.58
CA PHE D 294 -17.51 -45.49 -3.02
C PHE D 294 -16.33 -46.39 -3.38
N GLY D 295 -15.36 -45.85 -4.12
CA GLY D 295 -14.19 -46.63 -4.47
C GLY D 295 -13.37 -47.06 -3.28
N MET D 296 -13.21 -46.16 -2.30
CA MET D 296 -12.45 -46.53 -1.10
C MET D 296 -13.18 -47.59 -0.28
N VAL D 297 -14.51 -47.50 -0.21
CA VAL D 297 -15.28 -48.53 0.47
C VAL D 297 -15.09 -49.88 -0.21
N LEU D 298 -15.19 -49.91 -1.53
CA LEU D 298 -15.00 -51.16 -2.25
C LEU D 298 -13.57 -51.68 -2.11
N VAL D 299 -12.58 -50.80 -2.15
CA VAL D 299 -11.19 -51.24 -1.99
C VAL D 299 -10.98 -51.85 -0.61
N THR D 300 -11.53 -51.22 0.42
CA THR D 300 -11.46 -51.80 1.76
C THR D 300 -12.13 -53.17 1.81
N MET D 301 -13.30 -53.30 1.19
CA MET D 301 -13.99 -54.59 1.15
C MET D 301 -13.15 -55.64 0.43
N VAL D 302 -12.48 -55.25 -0.66
CA VAL D 302 -11.64 -56.18 -1.40
C VAL D 302 -10.41 -56.57 -0.58
N VAL D 303 -9.86 -55.64 0.19
CA VAL D 303 -8.76 -55.99 1.09
C VAL D 303 -9.22 -57.05 2.09
N VAL D 304 -10.41 -56.85 2.67
CA VAL D 304 -10.93 -57.82 3.64
C VAL D 304 -11.14 -59.17 2.96
N ILE D 305 -11.72 -59.16 1.77
CA ILE D 305 -11.94 -60.39 1.02
C ILE D 305 -10.63 -61.09 0.71
N CYS D 306 -9.61 -60.32 0.31
CA CYS D 306 -8.30 -60.89 0.02
C CYS D 306 -7.67 -61.49 1.27
N VAL D 307 -7.83 -60.84 2.42
CA VAL D 307 -7.31 -61.41 3.66
C VAL D 307 -8.00 -62.72 3.97
N ILE D 308 -9.31 -62.79 3.75
CA ILE D 308 -10.04 -64.05 3.96
C ILE D 308 -9.56 -65.12 2.99
N VAL D 309 -9.38 -64.76 1.72
CA VAL D 309 -8.91 -65.72 0.72
C VAL D 309 -7.54 -66.26 1.07
N LEU D 310 -6.62 -65.37 1.47
CA LEU D 310 -5.29 -65.80 1.84
C LEU D 310 -5.31 -66.67 3.11
N ASN D 311 -6.19 -66.33 4.06
CA ASN D 311 -6.33 -67.18 5.24
C ASN D 311 -6.80 -68.57 4.86
N ILE D 312 -7.74 -68.66 3.92
CA ILE D 312 -8.20 -69.97 3.46
C ILE D 312 -7.09 -70.71 2.73
N HIS D 313 -6.33 -70.00 1.90
CA HIS D 313 -5.36 -70.65 1.02
C HIS D 313 -4.28 -71.38 1.82
N PHE D 314 -3.81 -70.78 2.91
CA PHE D 314 -2.73 -71.35 3.69
C PHE D 314 -3.22 -72.27 4.81
N ARG D 315 -4.49 -72.65 4.80
CA ARG D 315 -4.98 -73.61 5.77
C ARG D 315 -4.37 -74.99 5.50
N THR D 316 -4.22 -75.76 6.57
CA THR D 316 -3.58 -77.07 6.53
C THR D 316 -4.34 -78.00 7.47
N PRO D 317 -4.23 -79.32 7.28
CA PRO D 317 -4.80 -80.25 8.27
C PRO D 317 -4.10 -80.25 9.61
N SER D 318 -3.00 -79.51 9.76
CA SER D 318 -2.41 -79.29 11.08
C SER D 318 -3.15 -78.23 11.88
N THR D 319 -4.01 -77.43 11.22
CA THR D 319 -4.66 -76.30 11.87
C THR D 319 -6.15 -76.21 11.61
N HIS D 320 -6.68 -76.84 10.55
CA HIS D 320 -8.09 -76.75 10.22
C HIS D 320 -8.54 -78.09 9.68
N VAL D 321 -9.85 -78.32 9.69
CA VAL D 321 -10.45 -79.55 9.19
C VAL D 321 -11.33 -79.18 8.00
N LEU D 322 -11.03 -79.76 6.84
CA LEU D 322 -11.78 -79.50 5.61
C LEU D 322 -12.93 -80.49 5.51
N SER D 323 -14.14 -80.04 5.81
CA SER D 323 -15.30 -80.92 5.81
C SER D 323 -15.66 -81.34 4.39
N GLU D 324 -16.24 -82.54 4.28
CA GLU D 324 -16.61 -83.07 2.97
C GLU D 324 -17.67 -82.22 2.27
N GLY D 325 -18.60 -81.65 3.05
CA GLY D 325 -19.58 -80.75 2.44
C GLY D 325 -18.94 -79.51 1.85
N VAL D 326 -17.97 -78.94 2.57
CA VAL D 326 -17.24 -77.79 2.05
C VAL D 326 -16.47 -78.18 0.79
N LYS D 327 -15.85 -79.36 0.79
CA LYS D 327 -15.16 -79.84 -0.40
C LYS D 327 -16.10 -79.93 -1.59
N LYS D 328 -17.26 -80.58 -1.41
CA LYS D 328 -18.22 -80.70 -2.49
C LYS D 328 -18.67 -79.32 -2.99
N LEU D 329 -19.00 -78.43 -2.05
CA LEU D 329 -19.52 -77.11 -2.42
C LEU D 329 -18.50 -76.32 -3.21
N PHE D 330 -17.27 -76.21 -2.71
CA PHE D 330 -16.28 -75.33 -3.31
C PHE D 330 -15.43 -75.98 -4.39
N LEU D 331 -15.53 -77.30 -4.61
CA LEU D 331 -14.78 -77.94 -5.67
C LEU D 331 -15.66 -78.57 -6.75
N GLU D 332 -16.96 -78.71 -6.53
CA GLU D 332 -17.82 -79.29 -7.56
C GLU D 332 -18.92 -78.34 -8.00
N THR D 333 -19.73 -77.88 -7.05
CA THR D 333 -20.92 -77.09 -7.37
C THR D 333 -20.54 -75.68 -7.83
N LEU D 334 -19.85 -74.94 -6.96
CA LEU D 334 -19.48 -73.57 -7.28
C LEU D 334 -18.62 -73.44 -8.53
N PRO D 335 -17.54 -74.21 -8.72
CA PRO D 335 -16.79 -74.09 -9.98
C PRO D 335 -17.62 -74.43 -11.21
N GLU D 336 -18.58 -75.34 -11.08
CA GLU D 336 -19.48 -75.63 -12.19
C GLU D 336 -20.35 -74.41 -12.51
N LEU D 337 -20.91 -73.79 -11.47
CA LEU D 337 -21.73 -72.60 -11.68
C LEU D 337 -20.90 -71.46 -12.28
N LEU D 338 -19.66 -71.30 -11.83
CA LEU D 338 -18.78 -70.22 -12.26
C LEU D 338 -18.01 -70.56 -13.53
N HIS D 339 -18.24 -71.73 -14.12
CA HIS D 339 -17.57 -72.14 -15.36
C HIS D 339 -16.04 -72.15 -15.20
N MET D 340 -15.57 -72.59 -14.05
CA MET D 340 -14.13 -72.69 -13.82
C MET D 340 -13.52 -73.80 -14.66
N LYS D 415 15.75 -108.04 8.31
CA LYS D 415 14.54 -107.63 9.01
C LYS D 415 14.50 -106.13 9.36
N PRO D 416 15.61 -105.55 9.88
CA PRO D 416 15.60 -104.10 10.11
C PRO D 416 15.38 -103.28 8.86
N ALA D 417 15.86 -103.77 7.72
CA ALA D 417 15.61 -103.08 6.46
C ALA D 417 14.13 -102.99 6.15
N VAL D 418 13.39 -104.07 6.39
CA VAL D 418 11.95 -104.07 6.16
C VAL D 418 11.26 -103.04 7.04
N ASP D 419 11.66 -102.96 8.32
CA ASP D 419 11.06 -101.98 9.23
C ASP D 419 11.37 -100.56 8.79
N GLY D 420 12.61 -100.30 8.39
CA GLY D 420 12.95 -98.98 7.90
C GLY D 420 12.19 -98.60 6.65
N ALA D 421 12.05 -99.56 5.72
CA ALA D 421 11.26 -99.32 4.52
C ALA D 421 9.80 -99.02 4.85
N ASN D 422 9.23 -99.77 5.80
CA ASN D 422 7.85 -99.50 6.22
C ASN D 422 7.70 -98.10 6.81
N PHE D 423 8.66 -97.70 7.65
CA PHE D 423 8.61 -96.35 8.21
C PHE D 423 8.71 -95.29 7.11
N ILE D 424 9.60 -95.49 6.15
CA ILE D 424 9.73 -94.56 5.04
C ILE D 424 8.43 -94.47 4.24
N VAL D 425 7.80 -95.62 3.98
CA VAL D 425 6.56 -95.64 3.23
C VAL D 425 5.46 -94.89 3.97
N ASN D 426 5.36 -95.12 5.29
CA ASN D 426 4.36 -94.41 6.08
C ASN D 426 4.60 -92.90 6.05
N HIS D 427 5.86 -92.48 6.18
CA HIS D 427 6.18 -91.06 6.12
C HIS D 427 5.80 -90.46 4.77
N MET D 428 6.14 -91.16 3.68
CA MET D 428 5.80 -90.67 2.35
C MET D 428 4.30 -90.58 2.14
N ARG D 429 3.55 -91.57 2.65
CA ARG D 429 2.09 -91.53 2.52
C ARG D 429 1.50 -90.36 3.29
N ASP D 430 2.00 -90.10 4.50
CA ASP D 430 1.53 -88.95 5.27
C ASP D 430 1.84 -87.64 4.55
N GLN D 431 3.05 -87.53 3.99
CA GLN D 431 3.42 -86.36 3.21
C GLN D 431 2.47 -86.15 2.03
N ASN D 432 2.17 -87.24 1.30
CA ASN D 432 1.27 -87.14 0.16
C ASN D 432 -0.12 -86.69 0.58
N ASN D 433 -0.65 -87.25 1.67
CA ASN D 433 -1.96 -86.84 2.17
C ASN D 433 -1.96 -85.36 2.55
N TYR D 434 -0.91 -84.91 3.23
CA TYR D 434 -0.80 -83.51 3.62
C TYR D 434 -0.81 -82.60 2.40
N ASN D 435 -0.01 -82.95 1.39
CA ASN D 435 0.04 -82.14 0.17
C ASN D 435 -1.31 -82.13 -0.55
N GLU D 436 -2.01 -83.27 -0.55
CA GLU D 436 -3.33 -83.32 -1.17
C GLU D 436 -4.31 -82.38 -0.46
N GLU D 437 -4.28 -82.38 0.88
CA GLU D 437 -5.16 -81.47 1.61
C GLU D 437 -4.80 -80.01 1.32
N LYS D 438 -3.50 -79.71 1.23
CA LYS D 438 -3.08 -78.35 0.89
C LYS D 438 -3.60 -77.94 -0.48
N ASP D 439 -3.49 -78.83 -1.47
CA ASP D 439 -3.98 -78.52 -2.82
C ASP D 439 -5.49 -78.33 -2.83
N SER D 440 -6.21 -79.12 -2.02
CA SER D 440 -7.65 -78.93 -1.92
C SER D 440 -7.98 -77.55 -1.36
N TRP D 441 -7.28 -77.13 -0.30
CA TRP D 441 -7.48 -75.79 0.22
C TRP D 441 -7.14 -74.72 -0.82
N ASN D 442 -6.10 -74.95 -1.62
CA ASN D 442 -5.75 -73.99 -2.66
C ASN D 442 -6.87 -73.85 -3.69
N ARG D 443 -7.46 -74.97 -4.10
CA ARG D 443 -8.55 -74.88 -5.08
C ARG D 443 -9.78 -74.23 -4.47
N VAL D 444 -10.06 -74.49 -3.19
CA VAL D 444 -11.15 -73.79 -2.51
C VAL D 444 -10.90 -72.29 -2.53
N ALA D 445 -9.67 -71.87 -2.23
CA ALA D 445 -9.33 -70.45 -2.25
C ALA D 445 -9.53 -69.85 -3.63
N ARG D 446 -9.10 -70.56 -4.68
CA ARG D 446 -9.29 -70.05 -6.03
C ARG D 446 -10.77 -69.91 -6.39
N THR D 447 -11.60 -70.87 -5.95
CA THR D 447 -13.04 -70.78 -6.19
C THR D 447 -13.61 -69.55 -5.49
N VAL D 448 -13.21 -69.31 -4.24
CA VAL D 448 -13.68 -68.12 -3.52
C VAL D 448 -13.22 -66.86 -4.23
N ASP D 449 -11.99 -66.86 -4.75
CA ASP D 449 -11.49 -65.72 -5.51
C ASP D 449 -12.38 -65.40 -6.71
N ARG D 450 -12.68 -66.42 -7.52
CA ARG D 450 -13.51 -66.16 -8.69
C ARG D 450 -14.93 -65.75 -8.31
N LEU D 451 -15.50 -66.36 -7.27
CA LEU D 451 -16.81 -65.95 -6.79
C LEU D 451 -16.82 -64.49 -6.41
N CYS D 452 -15.83 -64.05 -5.62
CA CYS D 452 -15.78 -62.66 -5.20
C CYS D 452 -15.51 -61.72 -6.37
N LEU D 453 -14.74 -62.18 -7.37
CA LEU D 453 -14.59 -61.38 -8.58
C LEU D 453 -15.93 -61.14 -9.25
N PHE D 454 -16.69 -62.21 -9.48
CA PHE D 454 -17.97 -62.09 -10.18
C PHE D 454 -18.99 -61.31 -9.36
N VAL D 455 -18.83 -61.29 -8.04
CA VAL D 455 -19.72 -60.48 -7.22
C VAL D 455 -19.33 -59.01 -7.27
N VAL D 456 -18.06 -58.70 -7.00
CA VAL D 456 -17.64 -57.33 -6.76
C VAL D 456 -17.52 -56.53 -8.05
N THR D 457 -16.92 -57.12 -9.11
CA THR D 457 -16.64 -56.34 -10.31
C THR D 457 -17.87 -55.68 -10.92
N PRO D 458 -19.00 -56.38 -11.13
CA PRO D 458 -20.18 -55.68 -11.64
C PRO D 458 -20.69 -54.62 -10.69
N VAL D 459 -20.57 -54.81 -9.37
CA VAL D 459 -20.98 -53.77 -8.43
C VAL D 459 -20.14 -52.52 -8.63
N MET D 460 -18.82 -52.68 -8.74
CA MET D 460 -17.94 -51.55 -8.99
C MET D 460 -18.32 -50.83 -10.28
N VAL D 461 -18.50 -51.58 -11.36
CA VAL D 461 -18.80 -50.97 -12.65
C VAL D 461 -20.13 -50.24 -12.61
N VAL D 462 -21.17 -50.88 -12.05
CA VAL D 462 -22.49 -50.28 -12.02
C VAL D 462 -22.49 -49.03 -11.15
N GLY D 463 -21.84 -49.07 -9.98
CA GLY D 463 -21.79 -47.88 -9.15
C GLY D 463 -21.06 -46.73 -9.81
N THR D 464 -19.92 -47.02 -10.45
CA THR D 464 -19.18 -45.98 -11.15
C THR D 464 -20.03 -45.38 -12.27
N ALA D 465 -20.69 -46.23 -13.06
CA ALA D 465 -21.54 -45.73 -14.14
C ALA D 465 -22.70 -44.91 -13.60
N TRP D 466 -23.32 -45.37 -12.51
CA TRP D 466 -24.46 -44.66 -11.93
C TRP D 466 -24.06 -43.28 -11.44
N ILE D 467 -22.86 -43.16 -10.87
CA ILE D 467 -22.39 -41.85 -10.44
C ILE D 467 -22.09 -40.97 -11.64
N PHE D 468 -21.29 -41.48 -12.59
CA PHE D 468 -20.81 -40.63 -13.68
C PHE D 468 -21.92 -40.25 -14.66
N LEU D 469 -22.88 -41.14 -14.93
CA LEU D 469 -23.99 -40.77 -15.79
C LEU D 469 -24.89 -39.73 -15.13
N GLN D 470 -25.09 -39.85 -13.82
CA GLN D 470 -25.81 -38.80 -13.09
C GLN D 470 -25.08 -37.47 -13.18
N GLY D 471 -23.75 -37.50 -13.19
CA GLY D 471 -23.00 -36.28 -13.39
C GLY D 471 -23.11 -35.71 -14.79
N VAL D 472 -22.93 -36.56 -15.81
CA VAL D 472 -22.84 -36.09 -17.19
C VAL D 472 -24.12 -35.42 -17.64
N TYR D 473 -25.28 -35.97 -17.26
CA TYR D 473 -26.56 -35.44 -17.70
C TYR D 473 -27.01 -34.22 -16.91
N ASN D 474 -26.19 -33.71 -16.01
CA ASN D 474 -26.48 -32.43 -15.38
C ASN D 474 -26.32 -31.32 -16.41
N GLN D 475 -27.41 -30.56 -16.63
CA GLN D 475 -27.40 -29.48 -17.59
C GLN D 475 -28.14 -28.28 -17.02
N PRO D 476 -27.70 -27.07 -17.33
CA PRO D 476 -28.46 -25.89 -16.92
C PRO D 476 -29.81 -25.88 -17.59
N PRO D 477 -30.84 -25.37 -16.91
CA PRO D 477 -32.18 -25.35 -17.50
C PRO D 477 -32.22 -24.44 -18.71
N PRO D 478 -33.01 -24.77 -19.72
CA PRO D 478 -33.03 -23.96 -20.95
C PRO D 478 -33.55 -22.54 -20.73
N GLN D 479 -34.30 -22.30 -19.66
CA GLN D 479 -34.68 -20.95 -19.28
C GLN D 479 -33.92 -20.54 -18.03
N PRO D 480 -33.40 -19.31 -17.98
CA PRO D 480 -32.56 -18.93 -16.84
C PRO D 480 -33.32 -18.89 -15.53
N PHE D 481 -34.62 -18.62 -15.55
CA PHE D 481 -35.45 -18.69 -14.36
C PHE D 481 -36.48 -19.80 -14.52
N PRO D 482 -36.47 -20.82 -13.67
CA PRO D 482 -37.51 -21.85 -13.75
C PRO D 482 -38.88 -21.26 -13.45
N GLY D 483 -39.86 -21.66 -14.26
CA GLY D 483 -41.18 -21.08 -14.19
C GLY D 483 -41.36 -19.81 -15.00
N ASP D 484 -40.29 -19.29 -15.61
CA ASP D 484 -40.37 -18.17 -16.51
C ASP D 484 -40.13 -18.67 -17.93
N PRO D 485 -41.09 -18.53 -18.85
CA PRO D 485 -40.90 -19.06 -20.21
C PRO D 485 -39.98 -18.22 -21.09
N TYR D 486 -39.63 -17.00 -20.68
CA TYR D 486 -38.81 -16.14 -21.50
C TYR D 486 -37.35 -16.59 -21.46
N SER D 487 -36.69 -16.51 -22.62
CA SER D 487 -35.30 -16.97 -22.74
C SER D 487 -34.29 -15.91 -22.31
N TYR D 488 -34.66 -14.63 -22.35
CA TYR D 488 -33.73 -13.52 -22.15
C TYR D 488 -32.58 -13.54 -23.15
N ASN D 489 -32.77 -14.18 -24.29
CA ASN D 489 -31.73 -14.30 -25.29
C ASN D 489 -31.82 -13.14 -26.28
N VAL D 490 -30.67 -12.80 -26.87
CA VAL D 490 -30.59 -11.63 -27.74
C VAL D 490 -31.51 -11.78 -28.94
N GLN D 491 -31.81 -13.01 -29.34
CA GLN D 491 -32.67 -13.24 -30.50
C GLN D 491 -34.13 -12.91 -30.22
N ASP D 492 -34.56 -12.98 -28.97
CA ASP D 492 -35.96 -12.76 -28.60
C ASP D 492 -36.19 -11.34 -28.11
N LYS D 493 -35.87 -10.35 -28.95
CA LYS D 493 -36.04 -8.95 -28.59
C LYS D 493 -37.50 -8.65 -28.27
N ARG D 494 -37.77 -8.31 -27.01
CA ARG D 494 -39.14 -8.18 -26.51
C ARG D 494 -39.60 -6.73 -26.67
N PHE D 495 -39.88 -6.37 -27.92
CA PHE D 495 -40.23 -4.99 -28.28
C PHE D 495 -41.42 -4.50 -27.48
N ILE D 496 -41.44 -3.21 -27.21
CA ILE D 496 -42.53 -2.58 -26.49
C ILE D 496 -43.78 -2.50 -27.36
N LYS E 1 6.78 35.68 22.03
CA LYS E 1 6.37 34.92 20.86
C LYS E 1 7.48 33.97 20.41
N ASN E 2 7.08 32.83 19.85
CA ASN E 2 8.04 31.83 19.40
C ASN E 2 8.80 32.36 18.19
N GLU E 3 10.14 32.41 18.30
CA GLU E 3 10.97 32.86 17.18
C GLU E 3 10.86 31.94 15.97
N GLU E 4 10.51 30.67 16.17
CA GLU E 4 10.33 29.77 15.04
C GLU E 4 9.21 30.26 14.13
N LEU E 5 8.19 30.91 14.68
CA LEU E 5 7.12 31.42 13.83
C LEU E 5 7.61 32.57 12.97
N ARG E 6 8.41 33.46 13.54
CA ARG E 6 9.02 34.53 12.75
C ARG E 6 9.91 33.96 11.65
N LEU E 7 10.73 32.97 12.00
CA LEU E 7 11.62 32.39 11.00
C LEU E 7 10.83 31.70 9.89
N TYR E 8 9.79 30.95 10.25
CA TYR E 8 8.96 30.27 9.26
C TYR E 8 8.30 31.28 8.32
N HIS E 9 7.76 32.37 8.87
CA HIS E 9 7.13 33.38 8.02
C HIS E 9 8.16 34.08 7.16
N HIS E 10 9.35 34.34 7.70
CA HIS E 10 10.40 34.98 6.92
C HIS E 10 10.84 34.12 5.74
N LEU E 11 10.92 32.81 5.94
CA LEU E 11 11.37 31.92 4.88
C LEU E 11 10.27 31.61 3.86
N PHE E 12 9.07 31.28 4.33
CA PHE E 12 8.07 30.65 3.48
C PHE E 12 6.91 31.53 3.07
N ASN E 13 6.85 32.79 3.52
CA ASN E 13 5.79 33.67 3.03
C ASN E 13 5.95 33.97 1.54
N ASN E 14 7.18 33.92 1.02
CA ASN E 14 7.43 34.13 -0.40
C ASN E 14 8.36 33.01 -0.87
N TYR E 15 7.76 31.85 -1.18
CA TYR E 15 8.51 30.68 -1.57
C TYR E 15 7.69 29.87 -2.56
N ASP E 16 8.37 29.17 -3.46
CA ASP E 16 7.73 28.34 -4.46
C ASP E 16 8.42 26.98 -4.51
N PRO E 17 7.83 25.95 -3.88
CA PRO E 17 8.46 24.62 -3.90
C PRO E 17 8.48 23.97 -5.28
N GLY E 18 7.77 24.52 -6.26
CA GLY E 18 7.74 23.94 -7.59
C GLY E 18 8.96 24.20 -8.44
N SER E 19 9.86 25.08 -8.01
CA SER E 19 11.00 25.48 -8.82
C SER E 19 12.29 25.20 -8.08
N ARG E 20 13.32 24.83 -8.85
CA ARG E 20 14.60 24.44 -8.27
C ARG E 20 15.26 25.62 -7.58
N PRO E 21 16.09 25.36 -6.56
CA PRO E 21 16.84 26.45 -5.91
C PRO E 21 18.02 26.94 -6.72
N VAL E 22 17.78 27.41 -7.95
CA VAL E 22 18.84 27.88 -8.82
C VAL E 22 18.54 29.31 -9.25
N ARG E 23 19.58 30.14 -9.32
CA ARG E 23 19.40 31.53 -9.72
C ARG E 23 19.24 31.64 -11.23
N GLU E 24 19.95 30.81 -11.99
CA GLU E 24 19.82 30.74 -13.43
C GLU E 24 19.37 29.34 -13.84
N PRO E 25 18.58 29.23 -14.91
CA PRO E 25 18.02 27.91 -15.27
C PRO E 25 19.07 26.85 -15.57
N GLU E 26 20.25 27.24 -16.05
CA GLU E 26 21.26 26.28 -16.44
C GLU E 26 22.06 25.72 -15.27
N ASP E 27 21.84 26.20 -14.06
CA ASP E 27 22.57 25.69 -12.89
C ASP E 27 22.04 24.33 -12.46
N THR E 28 22.97 23.44 -12.11
CA THR E 28 22.62 22.15 -11.54
C THR E 28 22.51 22.24 -10.02
N VAL E 29 21.48 21.61 -9.47
CA VAL E 29 21.39 21.41 -8.03
C VAL E 29 22.22 20.20 -7.65
N THR E 30 23.22 20.40 -6.80
CA THR E 30 24.04 19.29 -6.32
C THR E 30 23.34 18.59 -5.16
N ILE E 31 23.18 17.28 -5.28
CA ILE E 31 22.54 16.45 -4.27
C ILE E 31 23.59 15.54 -3.65
N SER E 32 23.67 15.56 -2.33
CA SER E 32 24.50 14.60 -1.59
C SER E 32 23.62 13.44 -1.17
N LEU E 33 23.89 12.26 -1.73
CA LEU E 33 23.07 11.08 -1.50
C LEU E 33 23.81 10.07 -0.64
N LYS E 34 23.12 9.56 0.37
CA LYS E 34 23.63 8.46 1.19
C LYS E 34 22.48 7.52 1.51
N VAL E 35 22.74 6.22 1.40
CA VAL E 35 21.75 5.20 1.70
C VAL E 35 22.28 4.34 2.84
N THR E 36 21.51 4.26 3.92
CA THR E 36 21.85 3.45 5.08
C THR E 36 20.89 2.28 5.17
N LEU E 37 21.42 1.07 5.22
CA LEU E 37 20.62 -0.15 5.24
C LEU E 37 20.41 -0.59 6.68
N THR E 38 19.16 -0.66 7.11
CA THR E 38 18.85 -1.04 8.49
C THR E 38 18.76 -2.55 8.64
N ASN E 39 18.02 -3.22 7.77
CA ASN E 39 17.97 -4.67 7.74
C ASN E 39 17.59 -5.14 6.35
N LEU E 40 18.12 -6.31 5.98
CA LEU E 40 17.74 -6.99 4.74
C LEU E 40 16.60 -7.94 5.10
N ILE E 41 15.38 -7.55 4.74
CA ILE E 41 14.21 -8.29 5.21
C ILE E 41 14.18 -9.69 4.63
N SER E 42 14.34 -9.81 3.32
CA SER E 42 14.37 -11.11 2.66
C SER E 42 14.81 -10.93 1.22
N LEU E 43 15.28 -12.02 0.64
CA LEU E 43 15.38 -12.17 -0.81
C LEU E 43 14.51 -13.35 -1.21
N ASN E 44 13.50 -13.08 -2.04
CA ASN E 44 12.59 -14.12 -2.52
C ASN E 44 13.05 -14.52 -3.92
N GLU E 45 13.54 -15.75 -4.05
CA GLU E 45 14.04 -16.21 -5.34
C GLU E 45 12.91 -16.57 -6.29
N LYS E 46 11.76 -17.02 -5.76
CA LYS E 46 10.63 -17.35 -6.62
C LYS E 46 10.10 -16.10 -7.33
N GLU E 47 10.01 -14.98 -6.62
CA GLU E 47 9.54 -13.73 -7.19
C GLU E 47 10.67 -12.82 -7.65
N GLU E 48 11.92 -13.16 -7.34
CA GLU E 48 13.09 -12.34 -7.69
C GLU E 48 12.95 -10.91 -7.15
N THR E 49 12.58 -10.80 -5.88
CA THR E 49 12.42 -9.51 -5.22
C THR E 49 13.27 -9.49 -3.96
N LEU E 50 14.04 -8.42 -3.80
CA LEU E 50 14.79 -8.17 -2.57
C LEU E 50 14.07 -7.10 -1.77
N THR E 51 13.73 -7.40 -0.52
CA THR E 51 13.06 -6.46 0.36
C THR E 51 14.05 -5.95 1.39
N THR E 52 14.20 -4.63 1.46
CA THR E 52 15.14 -4.00 2.38
C THR E 52 14.49 -2.75 2.98
N SER E 53 14.91 -2.41 4.19
CA SER E 53 14.56 -1.15 4.83
C SER E 53 15.80 -0.27 4.84
N VAL E 54 15.70 0.91 4.22
CA VAL E 54 16.81 1.83 4.09
C VAL E 54 16.39 3.22 4.56
N TRP E 55 17.38 4.01 4.96
CA TRP E 55 17.21 5.43 5.19
C TRP E 55 17.99 6.19 4.14
N ILE E 56 17.34 7.14 3.47
CA ILE E 56 17.94 7.89 2.37
C ILE E 56 18.34 9.26 2.89
N GLY E 57 19.64 9.46 3.09
CA GLY E 57 20.14 10.76 3.49
C GLY E 57 20.39 11.67 2.30
N ILE E 58 19.59 12.72 2.18
CA ILE E 58 19.67 13.64 1.05
C ILE E 58 19.93 15.04 1.58
N ASP E 59 21.02 15.65 1.12
CA ASP E 59 21.37 17.03 1.48
C ASP E 59 21.54 17.87 0.22
N TRP E 60 21.09 19.12 0.28
CA TRP E 60 21.30 20.05 -0.81
C TRP E 60 21.22 21.47 -0.26
N GLN E 61 21.70 22.41 -1.07
CA GLN E 61 21.63 23.84 -0.74
C GLN E 61 20.40 24.45 -1.39
N ASP E 62 19.62 25.21 -0.61
CA ASP E 62 18.51 26.00 -1.12
C ASP E 62 18.74 27.44 -0.68
N TYR E 63 19.21 28.28 -1.62
CA TYR E 63 19.54 29.66 -1.29
C TYR E 63 18.34 30.45 -0.80
N ARG E 64 17.12 30.06 -1.19
CA ARG E 64 15.94 30.80 -0.76
C ARG E 64 15.64 30.60 0.72
N LEU E 65 16.03 29.46 1.28
CA LEU E 65 15.83 29.15 2.69
C LEU E 65 17.00 29.61 3.56
N ASN E 66 17.71 30.65 3.15
CA ASN E 66 18.90 31.10 3.87
C ASN E 66 18.50 32.06 4.99
N TYR E 67 19.10 31.86 6.16
CA TYR E 67 18.88 32.71 7.31
C TYR E 67 20.09 32.61 8.22
N SER E 68 20.20 33.54 9.16
CA SER E 68 21.27 33.54 10.14
C SER E 68 20.69 33.48 11.54
N LYS E 69 21.28 32.64 12.39
CA LYS E 69 20.76 32.44 13.74
C LYS E 69 20.78 33.72 14.55
N ASP E 70 21.74 34.61 14.28
CA ASP E 70 21.85 35.84 15.07
C ASP E 70 20.64 36.74 14.88
N ASP E 71 19.98 36.66 13.73
CA ASP E 71 18.80 37.46 13.45
C ASP E 71 17.51 36.84 13.98
N PHE E 72 17.54 35.58 14.41
CA PHE E 72 16.36 34.87 14.89
C PHE E 72 16.65 34.17 16.20
N GLY E 73 17.25 34.92 17.14
CA GLY E 73 17.38 34.45 18.50
C GLY E 73 18.24 33.23 18.69
N GLY E 74 19.08 32.89 17.71
CA GLY E 74 19.93 31.73 17.83
C GLY E 74 19.33 30.42 17.36
N ILE E 75 18.27 30.46 16.57
CA ILE E 75 17.71 29.25 15.98
C ILE E 75 18.71 28.70 14.96
N GLU E 76 19.22 27.50 15.21
CA GLU E 76 20.16 26.88 14.29
C GLU E 76 19.52 25.88 13.34
N THR E 77 18.36 25.33 13.69
CA THR E 77 17.65 24.41 12.82
C THR E 77 16.16 24.69 12.89
N LEU E 78 15.48 24.43 11.78
CA LEU E 78 14.02 24.47 11.73
C LEU E 78 13.52 23.18 11.11
N ARG E 79 12.45 22.63 11.68
CA ARG E 79 11.79 21.46 11.12
C ARG E 79 10.59 21.90 10.30
N VAL E 80 10.53 21.45 9.05
CA VAL E 80 9.49 21.85 8.12
C VAL E 80 8.91 20.60 7.46
N PRO E 81 7.59 20.48 7.32
CA PRO E 81 7.03 19.37 6.55
C PRO E 81 7.58 19.34 5.14
N SER E 82 7.97 18.15 4.68
CA SER E 82 8.66 18.03 3.41
C SER E 82 7.83 18.51 2.24
N GLU E 83 6.50 18.52 2.38
CA GLU E 83 5.63 19.04 1.33
C GLU E 83 5.83 20.53 1.07
N LEU E 84 6.42 21.26 2.02
CA LEU E 84 6.57 22.70 1.87
C LEU E 84 7.83 23.11 1.13
N VAL E 85 8.85 22.27 1.09
CA VAL E 85 10.09 22.61 0.41
C VAL E 85 10.15 21.88 -0.93
N TRP E 86 11.02 22.39 -1.82
CA TRP E 86 11.35 21.68 -3.03
C TRP E 86 12.12 20.39 -2.72
N LEU E 87 11.80 19.32 -3.44
CA LEU E 87 12.47 18.05 -3.24
C LEU E 87 12.97 17.51 -4.57
N PRO E 88 14.14 16.86 -4.59
CA PRO E 88 14.69 16.35 -5.86
C PRO E 88 13.94 15.16 -6.43
N GLU E 89 12.99 14.58 -5.70
CA GLU E 89 12.16 13.47 -6.19
C GLU E 89 13.01 12.24 -6.52
N ILE E 90 13.87 11.85 -5.59
CA ILE E 90 14.67 10.65 -5.77
C ILE E 90 13.78 9.42 -5.57
N VAL E 91 13.84 8.49 -6.52
CA VAL E 91 13.04 7.27 -6.49
C VAL E 91 13.92 6.08 -6.80
N LEU E 92 13.46 4.90 -6.37
CA LEU E 92 14.11 3.64 -6.72
C LEU E 92 13.59 3.19 -8.09
N GLU E 93 14.45 3.30 -9.11
CA GLU E 93 14.02 3.03 -10.47
C GLU E 93 13.67 1.55 -10.69
N ASN E 94 14.39 0.64 -10.05
CA ASN E 94 14.21 -0.79 -10.28
C ASN E 94 13.33 -1.46 -9.21
N ASN E 95 12.35 -0.74 -8.68
CA ASN E 95 11.34 -1.37 -7.85
C ASN E 95 10.47 -2.30 -8.69
N ILE E 96 9.88 -3.29 -8.04
CA ILE E 96 9.05 -4.27 -8.74
C ILE E 96 7.57 -4.05 -8.43
N ASP E 97 7.27 -3.48 -7.27
CA ASP E 97 5.88 -3.35 -6.83
C ASP E 97 5.22 -2.04 -7.25
N GLY E 98 5.97 -1.13 -7.88
CA GLY E 98 5.43 0.15 -8.25
C GLY E 98 5.53 1.22 -7.19
N GLN E 99 6.11 0.93 -6.02
CA GLN E 99 6.30 1.91 -4.96
C GLN E 99 7.63 2.62 -5.20
N PHE E 100 7.58 3.68 -6.01
CA PHE E 100 8.78 4.46 -6.28
C PHE E 100 9.23 5.27 -5.07
N GLY E 101 8.29 5.76 -4.26
CA GLY E 101 8.59 6.75 -3.25
C GLY E 101 8.92 6.16 -1.88
N VAL E 102 9.38 7.05 -1.00
CA VAL E 102 9.73 6.66 0.36
C VAL E 102 8.46 6.37 1.16
N ALA E 103 8.64 5.64 2.27
CA ALA E 103 7.52 5.14 3.05
C ALA E 103 7.01 6.15 4.09
N TYR E 104 7.78 7.18 4.41
CA TYR E 104 7.36 8.14 5.42
C TYR E 104 7.90 9.52 5.06
N ASP E 105 6.99 10.48 4.92
CA ASP E 105 7.39 11.86 4.65
C ASP E 105 7.89 12.56 5.90
N ALA E 106 9.10 12.20 6.34
CA ALA E 106 9.71 12.87 7.48
C ALA E 106 9.90 14.36 7.18
N ASN E 107 9.88 15.17 8.25
CA ASN E 107 10.20 16.58 8.12
C ASN E 107 11.62 16.76 7.58
N VAL E 108 11.80 17.78 6.75
CA VAL E 108 13.14 18.22 6.39
C VAL E 108 13.70 19.08 7.49
N LEU E 109 15.02 19.06 7.64
CA LEU E 109 15.72 19.96 8.55
C LEU E 109 16.39 21.06 7.74
N VAL E 110 16.05 22.31 8.04
CA VAL E 110 16.59 23.46 7.35
C VAL E 110 17.61 24.11 8.29
N TYR E 111 18.89 23.92 7.99
CA TYR E 111 19.95 24.50 8.80
C TYR E 111 20.21 25.94 8.38
N GLU E 112 20.78 26.70 9.30
CA GLU E 112 21.22 28.05 8.97
C GLU E 112 22.25 28.00 7.85
N GLY E 113 22.24 29.03 7.00
CA GLY E 113 23.01 29.02 5.79
C GLY E 113 22.34 28.34 4.60
N GLY E 114 21.10 27.91 4.75
CA GLY E 114 20.34 27.36 3.64
C GLY E 114 20.58 25.90 3.34
N SER E 115 21.30 25.18 4.19
CA SER E 115 21.47 23.75 3.99
C SER E 115 20.21 23.01 4.41
N VAL E 116 19.68 22.19 3.50
CA VAL E 116 18.50 21.36 3.76
C VAL E 116 18.94 19.91 3.85
N THR E 117 18.43 19.21 4.86
CA THR E 117 18.70 17.79 5.04
C THR E 117 17.39 17.03 5.14
N TRP E 118 17.30 15.91 4.43
CA TRP E 118 16.14 15.04 4.47
C TRP E 118 16.60 13.62 4.68
N LEU E 119 15.88 12.87 5.53
CA LEU E 119 16.26 11.52 5.91
C LEU E 119 15.03 10.63 6.06
N PRO E 120 14.27 10.43 4.99
CA PRO E 120 13.08 9.58 5.08
C PRO E 120 13.47 8.12 5.17
N PRO E 121 12.75 7.33 5.95
CA PRO E 121 12.88 5.87 5.85
C PRO E 121 12.08 5.33 4.68
N ALA E 122 12.52 4.17 4.17
CA ALA E 122 11.85 3.56 3.05
C ALA E 122 11.96 2.04 3.13
N ILE E 123 10.92 1.35 2.68
CA ILE E 123 10.95 -0.09 2.42
C ILE E 123 10.90 -0.27 0.91
N TYR E 124 11.91 -0.95 0.37
CA TYR E 124 12.05 -1.10 -1.08
C TYR E 124 12.04 -2.58 -1.46
N ARG E 125 11.14 -2.94 -2.36
CA ARG E 125 11.11 -4.27 -2.95
C ARG E 125 11.71 -4.24 -4.35
N SER E 126 13.03 -4.14 -4.39
CA SER E 126 13.75 -4.05 -5.65
C SER E 126 13.81 -5.39 -6.37
N VAL E 127 13.92 -5.33 -7.69
CA VAL E 127 14.18 -6.52 -8.50
C VAL E 127 15.59 -7.02 -8.25
N CYS E 128 15.73 -8.34 -8.12
CA CYS E 128 17.06 -8.96 -8.04
C CYS E 128 17.00 -10.32 -8.73
N ALA E 129 17.58 -10.41 -9.93
CA ALA E 129 17.66 -11.69 -10.62
C ALA E 129 18.58 -12.64 -9.87
N VAL E 130 18.18 -13.90 -9.81
CA VAL E 130 18.80 -14.90 -8.94
C VAL E 130 19.68 -15.82 -9.78
N GLU E 131 20.93 -15.97 -9.36
CA GLU E 131 21.87 -16.91 -9.98
C GLU E 131 21.71 -18.28 -9.32
N VAL E 132 20.89 -19.14 -9.94
CA VAL E 132 20.55 -20.43 -9.36
C VAL E 132 21.59 -21.51 -9.63
N THR E 133 22.65 -21.18 -10.38
CA THR E 133 23.57 -22.20 -10.87
C THR E 133 24.21 -23.00 -9.74
N TYR E 134 24.47 -22.38 -8.59
CA TYR E 134 25.14 -23.06 -7.49
C TYR E 134 24.31 -23.04 -6.23
N PHE E 135 22.99 -23.14 -6.37
CA PHE E 135 22.12 -23.20 -5.22
C PHE E 135 22.32 -24.55 -4.51
N PRO E 136 22.32 -24.56 -3.16
CA PRO E 136 22.13 -23.45 -2.22
C PRO E 136 23.40 -22.66 -1.91
N PHE E 137 24.54 -22.98 -2.52
CA PHE E 137 25.81 -22.36 -2.14
C PHE E 137 26.11 -21.10 -2.95
N ASP E 138 25.07 -20.42 -3.43
CA ASP E 138 25.21 -19.29 -4.33
C ASP E 138 25.36 -17.97 -3.57
N TRP E 139 25.88 -16.97 -4.26
CA TRP E 139 25.84 -15.58 -3.85
C TRP E 139 25.13 -14.76 -4.91
N GLN E 140 24.45 -13.69 -4.48
CA GLN E 140 23.60 -12.92 -5.36
C GLN E 140 24.04 -11.47 -5.40
N ASN E 141 24.04 -10.90 -6.60
CA ASN E 141 24.52 -9.54 -6.86
C ASN E 141 23.32 -8.62 -7.04
N CYS E 142 22.54 -8.44 -5.97
CA CYS E 142 21.40 -7.52 -6.05
C CYS E 142 21.89 -6.07 -6.14
N SER E 143 21.04 -5.22 -6.70
CA SER E 143 21.41 -3.82 -6.90
C SER E 143 20.22 -2.91 -6.63
N LEU E 144 20.52 -1.71 -6.15
CA LEU E 144 19.54 -0.65 -5.93
C LEU E 144 19.90 0.55 -6.80
N ILE E 145 18.99 0.95 -7.67
CA ILE E 145 19.25 2.02 -8.64
C ILE E 145 18.40 3.22 -8.26
N PHE E 146 19.06 4.30 -7.84
CA PHE E 146 18.41 5.54 -7.48
C PHE E 146 18.61 6.59 -8.56
N ARG E 147 17.54 7.31 -8.89
CA ARG E 147 17.62 8.42 -9.83
C ARG E 147 16.51 9.41 -9.53
N SER E 148 16.68 10.63 -10.02
CA SER E 148 15.60 11.60 -9.96
C SER E 148 14.56 11.28 -11.04
N GLN E 149 13.30 11.17 -10.62
CA GLN E 149 12.23 10.84 -11.55
C GLN E 149 11.92 11.97 -12.53
N THR E 150 12.21 13.22 -12.15
CA THR E 150 11.80 14.39 -12.90
C THR E 150 12.94 15.06 -13.65
N TYR E 151 14.06 15.29 -12.98
CA TYR E 151 15.10 16.20 -13.47
C TYR E 151 16.24 15.43 -14.12
N ASN E 152 16.73 15.95 -15.24
CA ASN E 152 17.84 15.35 -15.96
C ASN E 152 19.18 15.74 -15.34
N ALA E 153 20.27 15.26 -15.94
CA ALA E 153 21.60 15.46 -15.39
C ALA E 153 22.04 16.92 -15.38
N GLU E 154 21.40 17.77 -16.18
CA GLU E 154 21.73 19.19 -16.21
C GLU E 154 20.84 20.01 -15.28
N GLU E 155 19.99 19.36 -14.49
CA GLU E 155 19.15 20.02 -13.51
C GLU E 155 19.43 19.54 -12.09
N VAL E 156 19.64 18.24 -11.90
CA VAL E 156 19.96 17.67 -10.60
C VAL E 156 21.14 16.72 -10.79
N GLU E 157 22.13 16.84 -9.92
CA GLU E 157 23.37 16.07 -10.03
C GLU E 157 23.68 15.42 -8.69
N PHE E 158 23.91 14.12 -8.70
CA PHE E 158 24.15 13.37 -7.48
C PHE E 158 25.63 13.30 -7.14
N THR E 159 25.92 13.32 -5.85
CA THR E 159 27.26 13.07 -5.31
C THR E 159 27.11 12.28 -4.02
N PHE E 160 28.13 11.52 -3.68
CA PHE E 160 28.12 10.77 -2.43
C PHE E 160 28.38 11.68 -1.24
N ALA E 161 27.76 11.34 -0.11
CA ALA E 161 28.03 12.04 1.14
C ALA E 161 29.48 11.83 1.56
N VAL E 162 29.98 12.78 2.36
CA VAL E 162 31.34 12.74 2.88
C VAL E 162 31.27 12.43 4.37
N ASP E 163 32.00 11.39 4.79
CA ASP E 163 32.07 11.02 6.20
C ASP E 163 32.69 12.14 7.01
N ASN E 164 32.44 12.09 8.34
CA ASN E 164 33.01 13.09 9.24
C ASN E 164 34.53 13.09 9.23
N ASP E 165 35.16 11.98 8.83
CA ASP E 165 36.61 11.93 8.69
C ASP E 165 37.09 12.49 7.36
N GLY E 166 36.18 12.95 6.49
CA GLY E 166 36.56 13.53 5.22
C GLY E 166 36.68 12.56 4.07
N LYS E 167 36.17 11.35 4.21
CA LYS E 167 36.23 10.34 3.16
C LYS E 167 34.84 10.16 2.55
N THR E 168 34.80 10.08 1.22
CA THR E 168 33.53 9.86 0.54
C THR E 168 32.99 8.47 0.84
N ILE E 169 31.74 8.40 1.27
CA ILE E 169 31.10 7.12 1.56
C ILE E 169 30.45 6.61 0.29
N ASN E 170 31.25 6.00 -0.59
CA ASN E 170 30.72 5.44 -1.83
C ASN E 170 30.23 4.01 -1.61
N LYS E 171 29.42 3.80 -0.57
CA LYS E 171 28.89 2.49 -0.27
C LYS E 171 27.64 2.64 0.58
N ILE E 172 26.85 1.56 0.64
CA ILE E 172 25.75 1.50 1.59
C ILE E 172 26.30 1.46 3.00
N ASP E 173 25.80 2.35 3.85
CA ASP E 173 26.22 2.42 5.24
C ASP E 173 25.41 1.45 6.09
N ILE E 174 26.05 0.92 7.13
CA ILE E 174 25.42 -0.02 8.04
C ILE E 174 25.80 0.33 9.47
N ASP E 175 24.80 0.34 10.36
CA ASP E 175 25.01 0.45 11.80
C ASP E 175 25.51 -0.88 12.35
N THR E 176 26.83 -1.08 12.27
CA THR E 176 27.41 -2.35 12.67
C THR E 176 27.09 -2.70 14.12
N GLU E 177 26.87 -1.69 14.96
CA GLU E 177 26.55 -1.93 16.37
C GLU E 177 25.08 -2.24 16.62
N ALA E 178 24.22 -2.12 15.61
CA ALA E 178 22.79 -2.30 15.83
C ALA E 178 22.15 -3.15 14.74
N TYR E 179 22.78 -3.22 13.58
CA TYR E 179 22.32 -4.11 12.52
C TYR E 179 22.41 -5.57 12.97
N THR E 180 21.47 -6.39 12.49
CA THR E 180 21.49 -7.82 12.73
C THR E 180 21.37 -8.53 11.39
N GLU E 181 22.26 -9.50 11.16
CA GLU E 181 22.27 -10.22 9.89
C GLU E 181 20.98 -11.00 9.70
N ASN E 182 20.59 -11.16 8.45
CA ASN E 182 19.39 -11.92 8.12
C ASN E 182 19.61 -13.40 8.42
N GLY E 183 18.50 -14.10 8.68
CA GLY E 183 18.56 -15.51 9.00
C GLY E 183 18.91 -16.41 7.85
N GLU E 184 19.06 -15.87 6.64
CA GLU E 184 19.37 -16.66 5.46
C GLU E 184 20.48 -16.09 4.60
N TRP E 185 20.77 -14.79 4.67
CA TRP E 185 21.70 -14.12 3.78
C TRP E 185 22.67 -13.28 4.58
N ALA E 186 23.95 -13.30 4.18
CA ALA E 186 24.97 -12.43 4.74
C ALA E 186 25.47 -11.48 3.66
N ILE E 187 25.86 -10.28 4.07
CA ILE E 187 26.29 -9.24 3.15
C ILE E 187 27.81 -9.16 3.16
N ASP E 188 28.42 -9.25 1.98
CA ASP E 188 29.88 -9.19 1.84
C ASP E 188 30.36 -7.82 1.38
N PHE E 189 29.83 -7.31 0.28
CA PHE E 189 30.24 -6.02 -0.27
C PHE E 189 29.02 -5.21 -0.66
N CYS E 190 29.16 -3.89 -0.62
CA CYS E 190 28.06 -3.00 -0.98
C CYS E 190 28.54 -1.71 -1.63
N PRO E 191 29.35 -1.78 -2.69
CA PRO E 191 29.87 -0.54 -3.30
C PRO E 191 28.78 0.28 -3.95
N GLY E 192 29.04 1.59 -4.05
CA GLY E 192 28.18 2.49 -4.79
C GLY E 192 28.92 3.17 -5.91
N VAL E 193 28.22 3.42 -7.01
CA VAL E 193 28.77 4.09 -8.19
C VAL E 193 27.75 5.11 -8.70
N ILE E 194 28.23 6.28 -9.10
CA ILE E 194 27.41 7.27 -9.80
C ILE E 194 27.62 7.09 -11.29
N ARG E 195 26.53 6.85 -12.02
CA ARG E 195 26.57 6.65 -13.46
C ARG E 195 26.01 7.87 -14.18
N ARG E 196 26.69 8.28 -15.24
CA ARG E 196 26.18 9.29 -16.17
C ARG E 196 25.96 8.65 -17.52
N HIS E 197 24.76 8.79 -18.07
CA HIS E 197 24.38 8.18 -19.33
C HIS E 197 24.31 9.24 -20.42
N HIS E 198 24.78 8.88 -21.61
CA HIS E 198 24.59 9.73 -22.78
C HIS E 198 23.11 9.83 -23.12
N GLY E 199 22.72 10.97 -23.68
CA GLY E 199 21.38 11.15 -24.17
C GLY E 199 21.15 10.41 -25.48
N GLY E 200 20.00 10.69 -26.07
CA GLY E 200 19.65 10.12 -27.36
C GLY E 200 20.57 10.61 -28.47
N ALA E 201 20.39 9.99 -29.63
CA ALA E 201 21.18 10.36 -30.80
C ALA E 201 20.97 11.81 -31.21
N THR E 202 19.87 12.42 -30.78
CA THR E 202 19.63 13.85 -30.96
C THR E 202 20.48 14.70 -30.03
N ASP E 203 21.40 14.11 -29.26
CA ASP E 203 22.22 14.82 -28.29
C ASP E 203 21.36 15.51 -27.24
N GLY E 204 20.34 14.80 -26.74
CA GLY E 204 19.51 15.31 -25.69
C GLY E 204 20.22 15.36 -24.36
N PRO E 205 19.54 15.90 -23.35
CA PRO E 205 20.15 16.01 -22.02
C PRO E 205 20.51 14.65 -21.45
N GLY E 206 21.63 14.59 -20.75
CA GLY E 206 22.07 13.36 -20.12
C GLY E 206 21.24 13.02 -18.89
N GLU E 207 21.52 11.84 -18.34
CA GLU E 207 20.86 11.38 -17.13
C GLU E 207 21.90 10.83 -16.17
N THR E 208 21.54 10.81 -14.88
CA THR E 208 22.43 10.36 -13.82
C THR E 208 21.70 9.37 -12.92
N ASP E 209 22.36 8.26 -12.63
CA ASP E 209 21.87 7.28 -11.67
C ASP E 209 22.90 7.06 -10.57
N VAL E 210 22.42 6.68 -9.39
CA VAL E 210 23.26 6.13 -8.34
C VAL E 210 22.86 4.67 -8.16
N ILE E 211 23.83 3.77 -8.34
CA ILE E 211 23.60 2.33 -8.22
C ILE E 211 24.42 1.80 -7.05
N TYR E 212 23.73 1.12 -6.13
CA TYR E 212 24.37 0.38 -5.05
C TYR E 212 24.21 -1.11 -5.31
N SER E 213 25.29 -1.86 -5.18
CA SER E 213 25.30 -3.29 -5.48
C SER E 213 25.44 -4.07 -4.18
N LEU E 214 24.36 -4.69 -3.74
CA LEU E 214 24.38 -5.56 -2.57
C LEU E 214 24.82 -6.95 -2.99
N ILE E 215 26.08 -7.29 -2.70
CA ILE E 215 26.60 -8.62 -2.93
C ILE E 215 26.36 -9.44 -1.66
N ILE E 216 25.41 -10.37 -1.72
CA ILE E 216 24.97 -11.11 -0.55
C ILE E 216 25.20 -12.60 -0.78
N ARG E 217 25.39 -13.32 0.32
CA ARG E 217 25.79 -14.73 0.29
C ARG E 217 24.83 -15.54 1.13
N ARG E 218 24.36 -16.67 0.59
CA ARG E 218 23.41 -17.51 1.30
C ARG E 218 24.11 -18.31 2.40
N LYS E 219 23.42 -18.44 3.53
CA LYS E 219 23.82 -19.35 4.60
C LYS E 219 23.27 -20.74 4.31
N PRO E 220 24.11 -21.70 3.90
CA PRO E 220 23.60 -22.96 3.37
C PRO E 220 23.15 -23.97 4.41
N LEU E 221 23.36 -23.69 5.70
CA LEU E 221 23.18 -24.70 6.74
C LEU E 221 21.81 -25.37 6.68
N PHE E 222 20.74 -24.57 6.51
CA PHE E 222 19.39 -25.11 6.51
C PHE E 222 19.21 -26.21 5.46
N TYR E 223 19.65 -25.96 4.24
CA TYR E 223 19.43 -26.92 3.16
C TYR E 223 20.34 -28.14 3.29
N VAL E 224 21.54 -27.98 3.84
CA VAL E 224 22.41 -29.13 4.08
C VAL E 224 21.74 -30.10 5.04
N ILE E 225 21.19 -29.59 6.15
CA ILE E 225 20.58 -30.46 7.15
C ILE E 225 19.29 -31.07 6.62
N ASN E 226 18.40 -30.24 6.06
CA ASN E 226 17.05 -30.68 5.76
C ASN E 226 16.90 -31.35 4.39
N ILE E 227 17.83 -31.13 3.47
CA ILE E 227 17.68 -31.68 2.13
C ILE E 227 18.91 -32.47 1.69
N ILE E 228 20.08 -31.83 1.75
CA ILE E 228 21.27 -32.41 1.13
C ILE E 228 21.68 -33.70 1.82
N VAL E 229 21.85 -33.66 3.15
CA VAL E 229 22.26 -34.87 3.88
C VAL E 229 21.23 -35.99 3.76
N PRO E 230 19.92 -35.76 3.96
CA PRO E 230 18.94 -36.82 3.72
C PRO E 230 19.04 -37.44 2.34
N CYS E 231 19.08 -36.60 1.29
CA CYS E 231 19.14 -37.12 -0.07
C CYS E 231 20.41 -37.91 -0.30
N VAL E 232 21.55 -37.45 0.24
CA VAL E 232 22.81 -38.17 0.09
C VAL E 232 22.72 -39.55 0.73
N LEU E 233 22.20 -39.60 1.97
CA LEU E 233 22.09 -40.89 2.65
C LEU E 233 21.10 -41.81 1.94
N ILE E 234 20.00 -41.25 1.43
CA ILE E 234 19.00 -42.06 0.72
C ILE E 234 19.61 -42.65 -0.54
N SER E 235 20.38 -41.84 -1.29
CA SER E 235 21.06 -42.35 -2.47
C SER E 235 22.12 -43.39 -2.11
N GLY E 236 22.81 -43.20 -0.98
CA GLY E 236 23.72 -44.23 -0.51
C GLY E 236 23.04 -45.54 -0.17
N LEU E 237 21.78 -45.46 0.27
CA LEU E 237 21.01 -46.68 0.57
C LEU E 237 20.84 -47.56 -0.66
N VAL E 238 20.84 -46.98 -1.86
CA VAL E 238 20.59 -47.77 -3.07
C VAL E 238 21.70 -48.78 -3.28
N LEU E 239 22.93 -48.43 -2.94
CA LEU E 239 24.06 -49.34 -3.10
C LEU E 239 23.98 -50.55 -2.19
N LEU E 240 23.18 -50.50 -1.13
CA LEU E 240 22.98 -51.66 -0.27
C LEU E 240 22.26 -52.79 -0.98
N ALA E 241 21.53 -52.50 -2.06
CA ALA E 241 20.75 -53.52 -2.74
C ALA E 241 21.61 -54.68 -3.22
N TYR E 242 22.87 -54.39 -3.59
CA TYR E 242 23.75 -55.44 -4.09
C TYR E 242 24.11 -56.48 -3.04
N PHE E 243 23.92 -56.18 -1.76
CA PHE E 243 24.16 -57.16 -0.71
C PHE E 243 22.90 -57.95 -0.33
N LEU E 244 21.75 -57.55 -0.81
CA LEU E 244 20.55 -58.36 -0.61
C LEU E 244 20.62 -59.59 -1.51
N PRO E 245 20.44 -60.79 -0.96
CA PRO E 245 20.54 -62.00 -1.78
C PRO E 245 19.55 -62.00 -2.93
N ALA E 246 20.02 -62.43 -4.11
CA ALA E 246 19.17 -62.61 -5.28
C ALA E 246 18.43 -63.95 -5.19
N GLN E 247 17.63 -64.08 -4.14
CA GLN E 247 17.02 -65.34 -3.77
C GLN E 247 15.63 -65.05 -3.23
N ALA E 248 14.79 -66.09 -3.21
CA ALA E 248 13.43 -65.96 -2.69
C ALA E 248 13.46 -65.37 -1.29
N GLY E 249 12.59 -64.36 -1.06
CA GLY E 249 12.65 -63.56 0.14
C GLY E 249 13.51 -62.33 0.03
N GLY E 250 14.36 -62.23 -0.99
CA GLY E 250 15.11 -61.01 -1.21
C GLY E 250 14.21 -59.88 -1.67
N GLN E 251 14.61 -58.66 -1.34
CA GLN E 251 13.80 -57.47 -1.57
C GLN E 251 14.62 -56.40 -2.30
N LYS E 252 15.44 -56.82 -3.26
CA LYS E 252 16.35 -55.89 -3.94
C LYS E 252 15.57 -54.84 -4.72
N CYS E 253 14.66 -55.29 -5.58
CA CYS E 253 13.85 -54.37 -6.35
C CYS E 253 12.95 -53.53 -5.45
N THR E 254 12.37 -54.16 -4.41
CA THR E 254 11.56 -53.40 -3.45
C THR E 254 12.32 -52.21 -2.91
N VAL E 255 13.54 -52.46 -2.42
CA VAL E 255 14.36 -51.39 -1.85
C VAL E 255 14.64 -50.32 -2.91
N SER E 256 15.11 -50.75 -4.09
CA SER E 256 15.53 -49.76 -5.08
C SER E 256 14.36 -48.89 -5.55
N ILE E 257 13.20 -49.50 -5.84
CA ILE E 257 12.05 -48.74 -6.31
C ILE E 257 11.49 -47.85 -5.21
N ASN E 258 11.49 -48.31 -3.97
CA ASN E 258 10.94 -47.47 -2.91
C ASN E 258 11.89 -46.33 -2.56
N VAL E 259 13.20 -46.53 -2.70
CA VAL E 259 14.13 -45.42 -2.58
C VAL E 259 13.94 -44.41 -3.70
N LEU E 260 13.64 -44.91 -4.91
CA LEU E 260 13.31 -43.98 -6.00
C LEU E 260 12.03 -43.21 -5.72
N LEU E 261 11.03 -43.86 -5.13
CA LEU E 261 9.80 -43.16 -4.73
C LEU E 261 10.09 -42.11 -3.67
N ALA E 262 10.94 -42.44 -2.69
CA ALA E 262 11.39 -41.44 -1.71
C ALA E 262 12.06 -40.26 -2.39
N GLN E 263 12.92 -40.54 -3.38
CA GLN E 263 13.57 -39.47 -4.11
C GLN E 263 12.56 -38.63 -4.89
N THR E 264 11.47 -39.24 -5.35
CA THR E 264 10.41 -38.48 -6.00
C THR E 264 9.66 -37.59 -5.01
N VAL E 265 9.48 -38.08 -3.78
CA VAL E 265 8.90 -37.24 -2.74
C VAL E 265 9.80 -36.06 -2.44
N PHE E 266 11.12 -36.31 -2.38
CA PHE E 266 12.06 -35.20 -2.22
C PHE E 266 12.01 -34.24 -3.39
N LEU E 267 11.84 -34.76 -4.60
CA LEU E 267 11.67 -33.91 -5.78
C LEU E 267 10.46 -33.00 -5.63
N PHE E 268 9.35 -33.54 -5.11
CA PHE E 268 8.22 -32.69 -4.76
C PHE E 268 8.63 -31.64 -3.74
N LEU E 269 9.31 -32.06 -2.67
CA LEU E 269 9.74 -31.13 -1.63
C LEU E 269 10.71 -30.10 -2.19
N ILE E 270 11.69 -30.54 -2.99
CA ILE E 270 12.69 -29.62 -3.54
C ILE E 270 12.05 -28.62 -4.49
N ALA E 271 11.11 -29.09 -5.32
CA ALA E 271 10.48 -28.21 -6.30
C ALA E 271 9.71 -27.06 -5.68
N GLN E 272 9.35 -27.17 -4.39
CA GLN E 272 8.71 -26.04 -3.72
C GLN E 272 9.69 -24.92 -3.42
N LYS E 273 10.97 -25.24 -3.28
CA LYS E 273 11.97 -24.25 -2.88
C LYS E 273 12.66 -23.61 -4.08
N ILE E 274 12.97 -24.39 -5.10
CA ILE E 274 13.75 -23.88 -6.24
C ILE E 274 12.90 -22.91 -7.06
N PRO E 275 13.46 -21.77 -7.47
CA PRO E 275 12.71 -20.85 -8.33
C PRO E 275 12.49 -21.41 -9.73
N GLU E 276 11.46 -20.89 -10.40
CA GLU E 276 10.96 -21.43 -11.65
C GLU E 276 11.71 -20.92 -12.88
N THR E 277 12.84 -20.23 -12.72
CA THR E 277 13.53 -19.68 -13.87
C THR E 277 14.25 -20.78 -14.64
N SER E 278 14.47 -20.53 -15.93
CA SER E 278 15.00 -21.54 -16.84
C SER E 278 16.38 -21.20 -17.36
N LEU E 279 17.10 -20.27 -16.72
CA LEU E 279 18.41 -19.88 -17.23
C LEU E 279 19.47 -20.94 -16.96
N SER E 280 19.31 -21.72 -15.90
CA SER E 280 20.31 -22.72 -15.52
C SER E 280 19.66 -23.74 -14.59
N VAL E 281 20.39 -24.82 -14.35
CA VAL E 281 19.93 -25.93 -13.51
C VAL E 281 20.67 -25.86 -12.19
N PRO E 282 19.96 -25.82 -11.05
CA PRO E 282 20.64 -25.74 -9.76
C PRO E 282 21.55 -26.93 -9.50
N LEU E 283 22.58 -26.70 -8.70
CA LEU E 283 23.45 -27.80 -8.27
C LEU E 283 22.66 -28.88 -7.54
N LEU E 284 21.75 -28.48 -6.66
CA LEU E 284 20.89 -29.43 -5.99
C LEU E 284 20.03 -30.19 -7.00
N GLY E 285 19.54 -29.49 -8.03
CA GLY E 285 18.76 -30.16 -9.06
C GLY E 285 19.58 -31.13 -9.89
N ARG E 286 20.81 -30.74 -10.23
CA ARG E 286 21.70 -31.67 -10.94
C ARG E 286 21.99 -32.90 -10.10
N PHE E 287 22.24 -32.72 -8.80
CA PHE E 287 22.47 -33.86 -7.91
C PHE E 287 21.24 -34.75 -7.83
N LEU E 288 20.06 -34.15 -7.72
CA LEU E 288 18.82 -34.92 -7.68
C LEU E 288 18.62 -35.74 -8.94
N ILE E 289 18.85 -35.14 -10.11
CA ILE E 289 18.66 -35.86 -11.36
C ILE E 289 19.71 -36.97 -11.51
N PHE E 290 20.96 -36.68 -11.14
CA PHE E 290 22.00 -37.71 -11.15
C PHE E 290 21.62 -38.88 -10.25
N VAL E 291 21.13 -38.58 -9.04
CA VAL E 291 20.72 -39.62 -8.11
C VAL E 291 19.61 -40.47 -8.70
N MET E 292 18.61 -39.81 -9.30
CA MET E 292 17.49 -40.57 -9.87
C MET E 292 17.95 -41.45 -11.02
N VAL E 293 18.81 -40.94 -11.89
CA VAL E 293 19.34 -41.74 -13.00
C VAL E 293 20.12 -42.94 -12.47
N VAL E 294 20.99 -42.70 -11.49
CA VAL E 294 21.75 -43.80 -10.90
C VAL E 294 20.81 -44.82 -10.26
N ALA E 295 19.77 -44.36 -9.58
CA ALA E 295 18.81 -45.26 -8.96
C ALA E 295 18.11 -46.12 -10.00
N THR E 296 17.73 -45.54 -11.14
CA THR E 296 17.14 -46.34 -12.21
C THR E 296 18.14 -47.35 -12.77
N LEU E 297 19.41 -46.97 -12.86
CA LEU E 297 20.42 -47.94 -13.29
C LEU E 297 20.56 -49.08 -12.29
N ILE E 298 20.48 -48.78 -10.99
CA ILE E 298 20.54 -49.83 -9.98
C ILE E 298 19.32 -50.73 -10.06
N VAL E 299 18.15 -50.16 -10.33
CA VAL E 299 16.95 -50.97 -10.52
C VAL E 299 17.14 -51.91 -11.70
N MET E 300 17.67 -51.40 -12.81
CA MET E 300 17.94 -52.24 -13.97
C MET E 300 18.94 -53.34 -13.63
N ASN E 301 19.99 -53.01 -12.88
CA ASN E 301 20.98 -54.02 -12.53
C ASN E 301 20.40 -55.08 -11.60
N CYS E 302 19.57 -54.68 -10.64
CA CYS E 302 18.89 -55.64 -9.77
C CYS E 302 17.99 -56.57 -10.59
N VAL E 303 17.25 -56.01 -11.55
CA VAL E 303 16.39 -56.83 -12.39
C VAL E 303 17.23 -57.82 -13.20
N ILE E 304 18.36 -57.36 -13.74
CA ILE E 304 19.23 -58.24 -14.51
C ILE E 304 19.78 -59.36 -13.63
N VAL E 305 20.23 -59.02 -12.41
CA VAL E 305 20.80 -60.03 -11.53
C VAL E 305 19.75 -61.04 -11.10
N LEU E 306 18.54 -60.59 -10.82
CA LEU E 306 17.46 -61.52 -10.51
C LEU E 306 17.13 -62.40 -11.70
N ASN E 307 17.11 -61.83 -12.91
CA ASN E 307 16.87 -62.63 -14.11
C ASN E 307 17.96 -63.67 -14.31
N VAL E 308 19.20 -63.37 -13.92
CA VAL E 308 20.27 -64.35 -14.02
C VAL E 308 20.10 -65.44 -12.97
N SER E 309 19.89 -65.05 -11.72
CA SER E 309 19.86 -66.02 -10.62
C SER E 309 18.64 -66.92 -10.68
N GLN E 310 17.50 -66.41 -11.13
CA GLN E 310 16.26 -67.19 -11.13
C GLN E 310 16.16 -68.17 -12.29
N ARG E 311 17.17 -68.25 -13.15
CA ARG E 311 17.12 -69.18 -14.27
C ARG E 311 17.21 -70.62 -13.78
N THR E 312 16.75 -71.53 -14.63
CA THR E 312 16.70 -72.95 -14.34
C THR E 312 17.12 -73.72 -15.57
N PRO E 313 17.65 -74.93 -15.42
CA PRO E 313 18.02 -75.73 -16.61
C PRO E 313 16.84 -76.05 -17.51
N THR E 314 15.62 -76.08 -16.96
CA THR E 314 14.44 -76.33 -17.77
C THR E 314 14.09 -75.17 -18.70
N THR E 315 14.68 -74.00 -18.50
CA THR E 315 14.36 -72.82 -19.29
C THR E 315 15.54 -72.24 -20.04
N HIS E 316 16.74 -72.29 -19.48
CA HIS E 316 17.91 -71.67 -20.08
C HIS E 316 19.04 -72.69 -20.21
N ALA E 317 19.69 -72.68 -21.37
CA ALA E 317 20.94 -73.39 -21.57
C ALA E 317 22.09 -72.44 -21.25
N MET E 318 22.92 -72.81 -20.28
CA MET E 318 23.98 -71.93 -19.82
C MET E 318 25.07 -71.81 -20.89
N SER E 319 25.43 -70.57 -21.20
CA SER E 319 26.52 -70.33 -22.14
C SER E 319 27.86 -70.65 -21.47
N PRO E 320 28.68 -71.52 -22.05
CA PRO E 320 29.96 -71.86 -21.41
C PRO E 320 30.92 -70.69 -21.31
N ARG E 321 30.89 -69.76 -22.27
CA ARG E 321 31.76 -68.60 -22.21
C ARG E 321 31.43 -67.73 -21.00
N LEU E 322 30.15 -67.37 -20.84
CA LEU E 322 29.76 -66.55 -19.69
C LEU E 322 29.97 -67.30 -18.38
N ARG E 323 29.72 -68.62 -18.39
CA ARG E 323 30.01 -69.43 -17.22
C ARG E 323 31.47 -69.32 -16.81
N HIS E 324 32.39 -69.52 -17.76
CA HIS E 324 33.82 -69.45 -17.46
C HIS E 324 34.21 -68.04 -17.01
N VAL E 325 33.69 -67.01 -17.67
CA VAL E 325 34.03 -65.64 -17.31
C VAL E 325 33.59 -65.33 -15.88
N LEU E 326 32.33 -65.62 -15.56
CA LEU E 326 31.79 -65.23 -14.26
C LEU E 326 32.36 -66.08 -13.13
N LEU E 327 32.50 -67.39 -13.35
CA LEU E 327 32.91 -68.28 -12.27
C LEU E 327 34.42 -68.50 -12.18
N GLU E 328 35.15 -68.28 -13.27
CA GLU E 328 36.58 -68.58 -13.25
C GLU E 328 37.44 -67.37 -13.58
N LEU E 329 37.12 -66.69 -14.70
CA LEU E 329 37.96 -65.59 -15.14
C LEU E 329 37.88 -64.39 -14.20
N LEU E 330 36.68 -64.05 -13.74
CA LEU E 330 36.54 -62.95 -12.80
C LEU E 330 37.25 -63.20 -11.48
N PRO E 331 37.09 -64.34 -10.81
CA PRO E 331 37.92 -64.61 -9.62
C PRO E 331 39.41 -64.60 -9.90
N ARG E 332 39.83 -65.02 -11.10
CA ARG E 332 41.23 -65.00 -11.47
C ARG E 332 41.72 -63.60 -11.85
N LEU E 333 40.82 -62.68 -12.12
CA LEU E 333 41.19 -61.32 -12.51
C LEU E 333 41.71 -60.53 -11.30
N ARG E 649 11.25 -108.56 -9.34
CA ARG E 649 12.03 -107.44 -9.83
C ARG E 649 11.38 -106.11 -9.47
N CYS E 650 10.25 -106.20 -8.76
CA CYS E 650 9.49 -105.00 -8.39
C CYS E 650 10.34 -104.05 -7.56
N CYS E 651 10.96 -104.55 -6.50
CA CYS E 651 11.76 -103.70 -5.62
C CYS E 651 12.96 -103.12 -6.36
N VAL E 652 13.63 -103.93 -7.18
CA VAL E 652 14.80 -103.45 -7.91
C VAL E 652 14.42 -102.33 -8.87
N ASP E 653 13.35 -102.53 -9.64
CA ASP E 653 12.91 -101.50 -10.58
C ASP E 653 12.47 -100.22 -9.85
N ALA E 654 11.73 -100.37 -8.75
CA ALA E 654 11.29 -99.21 -7.99
C ALA E 654 12.47 -98.43 -7.43
N VAL E 655 13.43 -99.13 -6.83
CA VAL E 655 14.61 -98.45 -6.27
C VAL E 655 15.43 -97.80 -7.36
N ASN E 656 15.54 -98.45 -8.53
CA ASN E 656 16.27 -97.83 -9.64
C ASN E 656 15.60 -96.55 -10.10
N PHE E 657 14.27 -96.56 -10.21
CA PHE E 657 13.54 -95.36 -10.60
C PHE E 657 13.71 -94.25 -9.57
N VAL E 658 13.63 -94.60 -8.28
CA VAL E 658 13.80 -93.60 -7.22
C VAL E 658 15.20 -93.00 -7.27
N ALA E 659 16.22 -93.85 -7.43
CA ALA E 659 17.59 -93.35 -7.50
C ALA E 659 17.79 -92.46 -8.72
N GLU E 660 17.23 -92.85 -9.87
CA GLU E 660 17.37 -92.04 -11.07
C GLU E 660 16.71 -90.67 -10.88
N SER E 661 15.50 -90.65 -10.32
CA SER E 661 14.80 -89.38 -10.11
C SER E 661 15.57 -88.47 -9.16
N THR E 662 16.05 -89.03 -8.05
CA THR E 662 16.82 -88.22 -7.09
C THR E 662 18.12 -87.71 -7.70
N ARG E 663 18.82 -88.55 -8.46
CA ARG E 663 20.06 -88.12 -9.09
C ARG E 663 19.81 -87.02 -10.11
N ASP E 664 18.74 -87.13 -10.90
CA ASP E 664 18.42 -86.07 -11.85
C ASP E 664 18.04 -84.77 -11.13
N GLN E 665 17.31 -84.88 -10.02
CA GLN E 665 17.00 -83.70 -9.23
C GLN E 665 18.26 -83.02 -8.72
N GLU E 666 19.23 -83.81 -8.23
CA GLU E 666 20.49 -83.24 -7.77
C GLU E 666 21.27 -82.61 -8.92
N ALA E 667 21.25 -83.24 -10.10
CA ALA E 667 21.95 -82.69 -11.25
C ALA E 667 21.36 -81.35 -11.67
N THR E 668 20.03 -81.22 -11.62
CA THR E 668 19.41 -79.93 -11.91
C THR E 668 19.73 -78.91 -10.83
N GLY E 669 19.75 -79.34 -9.56
CA GLY E 669 20.12 -78.42 -8.50
C GLY E 669 21.53 -77.89 -8.61
N GLU E 670 22.44 -78.69 -9.16
CA GLU E 670 23.80 -78.20 -9.38
C GLU E 670 23.83 -77.06 -10.39
N GLU E 671 23.06 -77.19 -11.49
CA GLU E 671 22.98 -76.10 -12.46
C GLU E 671 22.33 -74.87 -11.85
N VAL E 672 21.29 -75.06 -11.04
CA VAL E 672 20.68 -73.94 -10.32
C VAL E 672 21.72 -73.24 -9.45
N SER E 673 22.54 -74.01 -8.74
CA SER E 673 23.57 -73.42 -7.90
C SER E 673 24.62 -72.67 -8.72
N ASP E 674 24.93 -73.16 -9.93
CA ASP E 674 25.87 -72.45 -10.78
C ASP E 674 25.29 -71.12 -11.25
N TRP E 675 24.00 -71.10 -11.59
CA TRP E 675 23.35 -69.83 -11.92
C TRP E 675 23.37 -68.87 -10.72
N VAL E 676 23.13 -69.40 -9.52
CA VAL E 676 23.18 -68.56 -8.32
C VAL E 676 24.58 -67.96 -8.15
N ARG E 677 25.62 -68.78 -8.35
CA ARG E 677 26.99 -68.28 -8.23
C ARG E 677 27.28 -67.20 -9.25
N MET E 678 26.82 -67.38 -10.50
CA MET E 678 27.01 -66.33 -11.51
C MET E 678 26.30 -65.04 -11.11
N GLY E 679 25.09 -65.15 -10.58
CA GLY E 679 24.39 -63.97 -10.10
C GLY E 679 25.13 -63.27 -8.98
N ASN E 680 25.69 -64.05 -8.05
CA ASN E 680 26.46 -63.46 -6.95
C ASN E 680 27.69 -62.73 -7.48
N ALA E 681 28.37 -63.32 -8.47
CA ALA E 681 29.53 -62.65 -9.05
C ALA E 681 29.15 -61.34 -9.73
N LEU E 682 28.04 -61.35 -10.47
CA LEU E 682 27.56 -60.12 -11.09
C LEU E 682 27.23 -59.07 -10.04
N ASP E 683 26.55 -59.47 -8.96
CA ASP E 683 26.27 -58.55 -7.86
C ASP E 683 27.55 -57.95 -7.30
N ASN E 684 28.57 -58.80 -7.07
CA ASN E 684 29.79 -58.34 -6.43
C ASN E 684 30.54 -57.34 -7.31
N ILE E 685 30.62 -57.59 -8.62
CA ILE E 685 31.30 -56.63 -9.48
C ILE E 685 30.48 -55.34 -9.64
N CYS E 686 29.16 -55.47 -9.81
CA CYS E 686 28.32 -54.30 -10.01
C CYS E 686 28.28 -53.41 -8.77
N PHE E 687 28.39 -54.00 -7.58
CA PHE E 687 28.46 -53.18 -6.37
C PHE E 687 29.62 -52.20 -6.44
N TRP E 688 30.83 -52.71 -6.72
CA TRP E 688 31.99 -51.82 -6.78
C TRP E 688 31.87 -50.81 -7.92
N ALA E 689 31.37 -51.26 -9.08
CA ALA E 689 31.20 -50.33 -10.19
C ALA E 689 30.27 -49.18 -9.82
N ALA E 690 29.09 -49.52 -9.27
CA ALA E 690 28.11 -48.50 -8.91
C ALA E 690 28.61 -47.62 -7.77
N LEU E 691 29.31 -48.20 -6.80
CA LEU E 691 29.86 -47.40 -5.70
C LEU E 691 30.84 -46.36 -6.22
N VAL E 692 31.75 -46.77 -7.10
CA VAL E 692 32.71 -45.82 -7.65
C VAL E 692 31.99 -44.75 -8.45
N LEU E 693 31.04 -45.15 -9.30
CA LEU E 693 30.30 -44.18 -10.10
C LEU E 693 29.58 -43.17 -9.23
N PHE E 694 28.86 -43.64 -8.21
CA PHE E 694 28.13 -42.75 -7.31
C PHE E 694 29.06 -41.82 -6.57
N SER E 695 30.14 -42.35 -6.00
CA SER E 695 31.05 -41.51 -5.22
C SER E 695 31.65 -40.42 -6.10
N VAL E 696 32.15 -40.79 -7.28
CA VAL E 696 32.75 -39.80 -8.17
C VAL E 696 31.73 -38.75 -8.59
N GLY E 697 30.55 -39.19 -9.03
CA GLY E 697 29.55 -38.24 -9.50
C GLY E 697 29.10 -37.28 -8.42
N SER E 698 28.79 -37.80 -7.23
CA SER E 698 28.37 -36.93 -6.14
C SER E 698 29.48 -35.97 -5.73
N SER E 699 30.73 -36.46 -5.63
CA SER E 699 31.83 -35.58 -5.26
C SER E 699 32.02 -34.47 -6.28
N LEU E 700 32.01 -34.80 -7.57
CA LEU E 700 32.18 -33.78 -8.60
C LEU E 700 31.02 -32.80 -8.64
N ILE E 701 29.80 -33.26 -8.35
CA ILE E 701 28.65 -32.36 -8.31
C ILE E 701 28.78 -31.39 -7.15
N PHE E 702 29.08 -31.90 -5.95
CA PHE E 702 29.18 -31.03 -4.78
C PHE E 702 30.41 -30.13 -4.82
N LEU E 703 31.46 -30.53 -5.55
CA LEU E 703 32.71 -29.77 -5.55
C LEU E 703 32.51 -28.34 -6.03
N GLY E 704 31.52 -28.10 -6.89
CA GLY E 704 31.25 -26.76 -7.34
C GLY E 704 30.93 -25.78 -6.23
N ALA E 705 30.38 -26.29 -5.12
CA ALA E 705 30.09 -25.43 -3.97
C ALA E 705 31.33 -24.76 -3.40
N TYR E 706 32.48 -25.44 -3.47
CA TYR E 706 33.71 -24.85 -2.94
C TYR E 706 34.21 -23.72 -3.83
N PHE E 707 34.21 -23.93 -5.14
CA PHE E 707 34.83 -22.98 -6.06
C PHE E 707 34.00 -21.72 -6.25
N ASN E 708 32.68 -21.79 -6.08
CA ASN E 708 31.80 -20.66 -6.34
C ASN E 708 31.41 -19.92 -5.07
N ARG E 709 32.34 -19.80 -4.11
CA ARG E 709 32.19 -18.82 -3.05
C ARG E 709 32.28 -17.41 -3.62
N VAL E 710 31.93 -16.43 -2.79
CA VAL E 710 31.98 -15.04 -3.25
C VAL E 710 33.40 -14.67 -3.65
N PRO E 711 33.61 -14.05 -4.80
CA PRO E 711 34.98 -13.69 -5.21
C PRO E 711 35.56 -12.58 -4.36
N ASP E 712 36.88 -12.54 -4.30
CA ASP E 712 37.58 -11.40 -3.74
C ASP E 712 37.50 -10.21 -4.68
N LEU E 713 37.28 -9.03 -4.11
CA LEU E 713 37.01 -7.82 -4.87
C LEU E 713 37.77 -6.66 -4.24
N PRO E 714 38.06 -5.61 -5.02
CA PRO E 714 38.76 -4.45 -4.45
C PRO E 714 37.93 -3.67 -3.45
N TYR E 715 36.61 -3.85 -3.44
CA TYR E 715 35.75 -3.08 -2.55
C TYR E 715 36.02 -3.44 -1.10
N ALA E 716 35.87 -2.44 -0.23
CA ALA E 716 35.94 -2.68 1.21
C ALA E 716 34.75 -3.53 1.65
N PRO E 717 34.93 -4.36 2.68
CA PRO E 717 33.78 -5.11 3.21
C PRO E 717 32.70 -4.18 3.73
N CYS E 718 31.44 -4.58 3.52
CA CYS E 718 30.33 -3.68 3.82
C CYS E 718 30.23 -3.39 5.31
N ILE E 719 30.50 -4.39 6.14
CA ILE E 719 30.50 -4.25 7.60
C ILE E 719 31.94 -4.27 8.07
N GLN E 720 32.38 -3.17 8.67
CA GLN E 720 33.74 -3.11 9.20
C GLN E 720 33.88 -4.02 10.41
N PRO E 721 35.08 -4.58 10.64
CA PRO E 721 35.35 -5.50 11.75
C PRO E 721 34.95 -4.94 13.11
N GLU F 1 -8.15 58.29 -23.22
CA GLU F 1 -7.98 58.04 -21.80
C GLU F 1 -6.58 57.53 -21.48
N VAL F 2 -6.26 56.34 -22.00
CA VAL F 2 -4.95 55.75 -21.75
C VAL F 2 -3.88 56.60 -22.42
N GLN F 3 -2.93 57.11 -21.63
CA GLN F 3 -1.82 57.89 -22.15
C GLN F 3 -0.57 57.58 -21.34
N LEU F 4 0.57 57.59 -22.02
CA LEU F 4 1.87 57.48 -21.38
C LEU F 4 2.77 58.59 -21.88
N GLN F 5 3.40 59.30 -20.95
CA GLN F 5 4.31 60.40 -21.26
C GLN F 5 5.72 60.03 -20.82
N GLU F 6 6.66 60.09 -21.75
CA GLU F 6 8.06 59.79 -21.48
C GLU F 6 8.83 61.11 -21.32
N SER F 7 9.67 61.18 -20.29
CA SER F 7 10.42 62.39 -20.01
C SER F 7 11.78 62.03 -19.42
N GLY F 8 12.71 62.96 -19.54
CA GLY F 8 14.05 62.78 -19.02
C GLY F 8 15.07 63.59 -19.79
N PRO F 9 16.31 63.58 -19.32
CA PRO F 9 17.36 64.38 -19.99
C PRO F 9 17.56 63.95 -21.43
N GLY F 10 17.32 64.88 -22.36
CA GLY F 10 17.49 64.58 -23.76
C GLY F 10 18.93 64.52 -24.20
N LEU F 11 19.80 65.30 -23.57
CA LEU F 11 21.23 65.29 -23.87
C LEU F 11 21.97 64.67 -22.69
N VAL F 12 22.73 63.61 -22.95
CA VAL F 12 23.46 62.89 -21.92
C VAL F 12 24.86 62.61 -22.44
N GLN F 13 25.87 62.89 -21.61
CA GLN F 13 27.25 62.59 -21.96
C GLN F 13 27.53 61.10 -21.84
N PRO F 14 28.58 60.61 -22.51
CA PRO F 14 28.99 59.22 -22.30
C PRO F 14 29.38 58.91 -20.87
N SER F 15 29.29 57.64 -20.49
CA SER F 15 29.76 57.11 -19.20
C SER F 15 28.95 57.58 -17.99
N GLU F 16 27.95 58.44 -18.19
CA GLU F 16 27.11 58.82 -17.08
C GLU F 16 25.74 58.19 -17.20
N THR F 17 25.07 58.02 -16.06
CA THR F 17 23.83 57.25 -16.02
C THR F 17 22.68 58.02 -16.67
N LEU F 18 22.08 57.43 -17.69
CA LEU F 18 20.80 57.91 -18.20
C LEU F 18 19.68 57.56 -17.23
N SER F 19 18.74 58.48 -17.06
CA SER F 19 17.53 58.24 -16.30
C SER F 19 16.33 58.75 -17.07
N LEU F 20 15.27 57.94 -17.13
CA LEU F 20 14.03 58.31 -17.80
C LEU F 20 12.86 57.98 -16.91
N THR F 21 11.79 58.76 -17.05
CA THR F 21 10.55 58.54 -16.31
C THR F 21 9.39 58.43 -17.28
N CYS F 22 8.51 57.46 -17.02
CA CYS F 22 7.29 57.27 -17.78
C CYS F 22 6.11 57.55 -16.86
N THR F 23 5.24 58.48 -17.26
CA THR F 23 4.08 58.86 -16.48
C THR F 23 2.83 58.24 -17.10
N VAL F 24 2.06 57.55 -16.27
CA VAL F 24 0.93 56.75 -16.72
C VAL F 24 -0.37 57.44 -16.35
N SER F 25 -1.30 57.49 -17.30
CA SER F 25 -2.63 58.04 -17.07
C SER F 25 -3.67 57.13 -17.69
N GLY F 26 -4.81 56.99 -16.99
CA GLY F 26 -5.92 56.20 -17.47
C GLY F 26 -5.93 54.75 -17.05
N PHE F 27 -4.86 54.25 -16.44
CA PHE F 27 -4.83 52.89 -15.94
C PHE F 27 -3.89 52.81 -14.74
N SER F 28 -3.98 51.71 -14.02
CA SER F 28 -3.19 51.49 -12.81
C SER F 28 -2.06 50.52 -13.10
N LEU F 29 -0.86 50.83 -12.61
CA LEU F 29 0.29 49.97 -12.81
C LEU F 29 0.14 48.60 -12.16
N THR F 30 -0.79 48.46 -11.21
CA THR F 30 -1.01 47.17 -10.56
C THR F 30 -1.80 46.21 -11.43
N SER F 31 -2.39 46.66 -12.53
CA SER F 31 -3.15 45.81 -13.41
C SER F 31 -2.59 45.68 -14.82
N TYR F 32 -1.64 46.53 -15.22
CA TYR F 32 -1.01 46.44 -16.52
C TYR F 32 0.50 46.56 -16.39
N SER F 33 1.22 45.68 -17.10
CA SER F 33 2.66 45.77 -17.17
C SER F 33 3.08 46.95 -18.06
N VAL F 34 4.29 47.45 -17.82
CA VAL F 34 4.86 48.54 -18.60
C VAL F 34 6.24 48.12 -19.08
N SER F 35 6.51 48.33 -20.36
CA SER F 35 7.74 47.88 -20.98
C SER F 35 8.42 49.05 -21.67
N TRP F 36 9.75 48.98 -21.75
CA TRP F 36 10.56 50.03 -22.36
C TRP F 36 11.11 49.53 -23.70
N LEU F 37 10.91 50.33 -24.74
CA LEU F 37 11.45 50.05 -26.06
C LEU F 37 12.49 51.10 -26.44
N ARG F 38 13.50 50.67 -27.19
CA ARG F 38 14.53 51.55 -27.68
C ARG F 38 14.61 51.46 -29.19
N GLN F 39 14.75 52.60 -29.86
CA GLN F 39 14.91 52.66 -31.31
C GLN F 39 16.16 53.42 -31.67
N PRO F 40 17.30 52.74 -31.87
CA PRO F 40 18.50 53.44 -32.34
C PRO F 40 18.26 54.09 -33.70
N SER F 41 18.85 55.26 -33.88
CA SER F 41 18.64 56.02 -35.11
C SER F 41 19.11 55.22 -36.32
N GLY F 42 18.23 55.07 -37.30
CA GLY F 42 18.53 54.28 -38.48
C GLY F 42 18.33 52.79 -38.32
N LYS F 43 17.60 52.36 -37.29
CA LYS F 43 17.34 50.95 -37.07
C LYS F 43 15.90 50.78 -36.58
N GLY F 44 15.40 49.55 -36.71
CA GLY F 44 14.13 49.20 -36.12
C GLY F 44 14.21 49.14 -34.61
N PRO F 45 13.07 49.24 -33.94
CA PRO F 45 13.07 49.25 -32.48
C PRO F 45 13.57 47.93 -31.90
N GLU F 46 13.86 47.95 -30.61
CA GLU F 46 14.22 46.75 -29.87
C GLU F 46 13.63 46.83 -28.47
N TRP F 47 13.48 45.67 -27.85
CA TRP F 47 12.89 45.55 -26.52
C TRP F 47 14.00 45.52 -25.48
N MET F 48 13.87 46.37 -24.46
CA MET F 48 14.88 46.48 -23.41
C MET F 48 14.49 45.78 -22.12
N GLY F 49 13.24 45.90 -21.69
CA GLY F 49 12.83 45.29 -20.44
C GLY F 49 11.41 45.70 -20.09
N ARG F 50 10.87 45.01 -19.08
CA ARG F 50 9.48 45.18 -18.69
C ARG F 50 9.36 45.34 -17.19
N MET F 51 8.50 46.26 -16.78
CA MET F 51 8.05 46.35 -15.39
C MET F 51 6.77 45.54 -15.26
N TRP F 52 6.83 44.41 -14.57
CA TRP F 52 5.66 43.55 -14.43
C TRP F 52 4.64 44.18 -13.49
N ASP F 53 3.38 43.80 -13.69
CA ASP F 53 2.32 44.23 -12.78
C ASP F 53 2.54 43.71 -11.37
N ASP F 54 3.13 42.53 -11.22
CA ASP F 54 3.41 41.99 -9.89
C ASP F 54 4.57 42.68 -9.19
N GLY F 55 5.24 43.61 -9.86
CA GLY F 55 6.33 44.35 -9.26
C GLY F 55 7.72 43.79 -9.49
N GLY F 56 7.84 42.69 -10.23
CA GLY F 56 9.13 42.21 -10.66
C GLY F 56 9.56 42.84 -11.97
N THR F 57 10.78 42.50 -12.39
CA THR F 57 11.35 43.06 -13.60
C THR F 57 12.04 41.96 -14.41
N VAL F 58 12.19 42.22 -15.70
CA VAL F 58 12.92 41.37 -16.61
C VAL F 58 13.62 42.26 -17.62
N TYR F 59 14.80 41.85 -18.08
CA TYR F 59 15.62 42.67 -18.95
C TYR F 59 16.10 41.88 -20.15
N ASN F 60 16.37 42.59 -21.24
CA ASN F 60 17.05 42.01 -22.38
C ASN F 60 18.38 41.43 -21.93
N SER F 61 18.68 40.20 -22.37
CA SER F 61 19.87 39.51 -21.88
C SER F 61 21.15 40.24 -22.21
N GLY F 62 21.17 40.97 -23.34
CA GLY F 62 22.34 41.79 -23.65
C GLY F 62 22.45 43.02 -22.78
N LEU F 63 21.32 43.55 -22.33
CA LEU F 63 21.29 44.75 -21.50
C LEU F 63 21.07 44.44 -20.03
N LYS F 64 21.04 43.15 -19.66
CA LYS F 64 20.71 42.74 -18.30
C LYS F 64 21.58 43.44 -17.26
N SER F 65 22.88 43.58 -17.54
CA SER F 65 23.79 44.17 -16.57
C SER F 65 23.67 45.68 -16.49
N ARG F 66 23.29 46.33 -17.59
CA ARG F 66 23.26 47.79 -17.66
C ARG F 66 21.95 48.38 -17.16
N LEU F 67 20.83 47.74 -17.46
CA LEU F 67 19.52 48.34 -17.20
C LEU F 67 19.08 48.11 -15.76
N SER F 68 18.34 49.08 -15.23
CA SER F 68 17.61 48.93 -13.98
C SER F 68 16.26 49.62 -14.12
N ILE F 69 15.20 48.93 -13.71
CA ILE F 69 13.84 49.42 -13.84
C ILE F 69 13.15 49.32 -12.49
N SER F 70 12.31 50.32 -12.20
CA SER F 70 11.52 50.34 -10.97
C SER F 70 10.28 51.19 -11.23
N ARG F 71 9.36 51.14 -10.26
CA ARG F 71 8.10 51.86 -10.39
C ARG F 71 7.70 52.42 -9.03
N ASP F 72 6.73 53.34 -9.06
CA ASP F 72 6.04 53.81 -7.86
C ASP F 72 4.55 53.78 -8.15
N THR F 73 3.86 52.79 -7.60
CA THR F 73 2.43 52.65 -7.80
C THR F 73 1.63 53.80 -7.18
N SER F 74 2.21 54.49 -6.18
CA SER F 74 1.49 55.56 -5.52
C SER F 74 1.36 56.82 -6.37
N LYS F 75 2.17 56.95 -7.42
CA LYS F 75 2.10 58.13 -8.28
C LYS F 75 2.13 57.76 -9.76
N ASN F 76 1.91 56.50 -10.10
CA ASN F 76 1.77 56.03 -11.48
C ASN F 76 2.97 56.44 -12.34
N GLN F 77 4.17 56.16 -11.84
CA GLN F 77 5.39 56.42 -12.59
C GLN F 77 6.24 55.15 -12.68
N VAL F 78 6.94 55.02 -13.80
CA VAL F 78 7.89 53.95 -14.03
C VAL F 78 9.23 54.58 -14.37
N PHE F 79 10.30 54.11 -13.75
CA PHE F 79 11.62 54.72 -13.88
C PHE F 79 12.57 53.75 -14.55
N LEU F 80 13.49 54.30 -15.33
CA LEU F 80 14.55 53.53 -15.97
C LEU F 80 15.89 54.16 -15.66
N LYS F 81 16.85 53.34 -15.23
CA LYS F 81 18.22 53.76 -15.08
C LYS F 81 19.12 52.91 -15.96
N MET F 82 20.11 53.55 -16.57
CA MET F 82 21.01 52.88 -17.51
C MET F 82 22.37 53.54 -17.44
N ASN F 83 23.40 52.76 -17.13
CA ASN F 83 24.74 53.28 -17.01
C ASN F 83 25.57 52.97 -18.26
N SER F 84 26.83 53.41 -18.25
CA SER F 84 27.83 53.02 -19.25
C SER F 84 27.38 53.34 -20.68
N LEU F 85 26.73 54.49 -20.84
CA LEU F 85 26.22 54.89 -22.15
C LEU F 85 27.36 55.12 -23.13
N GLN F 86 27.06 54.85 -24.40
CA GLN F 86 27.96 55.11 -25.52
C GLN F 86 27.18 55.76 -26.64
N THR F 87 27.90 56.23 -27.66
CA THR F 87 27.26 56.87 -28.80
C THR F 87 26.23 55.95 -29.46
N ASP F 88 26.46 54.63 -29.40
CA ASP F 88 25.52 53.68 -29.98
C ASP F 88 24.16 53.68 -29.28
N ASP F 89 24.07 54.24 -28.08
CA ASP F 89 22.80 54.30 -27.36
C ASP F 89 21.91 55.46 -27.77
N THR F 90 22.37 56.31 -28.70
CA THR F 90 21.54 57.40 -29.18
C THR F 90 20.31 56.86 -29.91
N GLY F 91 19.15 57.41 -29.58
CA GLY F 91 17.92 56.98 -30.22
C GLY F 91 16.71 57.52 -29.48
N THR F 92 15.55 56.99 -29.85
CA THR F 92 14.28 57.35 -29.23
C THR F 92 13.82 56.22 -28.32
N TYR F 93 13.40 56.58 -27.11
CA TYR F 93 13.02 55.61 -26.09
C TYR F 93 11.53 55.73 -25.80
N TYR F 94 10.82 54.61 -25.90
CA TYR F 94 9.37 54.56 -25.67
C TYR F 94 9.08 53.64 -24.50
N CYS F 95 8.23 54.10 -23.58
CA CYS F 95 7.57 53.20 -22.65
C CYS F 95 6.22 52.79 -23.22
N THR F 96 5.85 51.52 -23.00
CA THR F 96 4.63 50.96 -23.55
C THR F 96 3.85 50.23 -22.48
N ARG F 97 2.53 50.21 -22.65
CA ARG F 97 1.66 49.33 -21.88
C ARG F 97 1.50 48.01 -22.63
N ASP F 98 1.55 46.91 -21.89
CA ASP F 98 1.52 45.58 -22.49
C ASP F 98 0.19 44.89 -22.20
N GLU F 99 -0.41 44.32 -23.23
CA GLU F 99 -1.52 43.41 -23.06
C GLU F 99 -0.99 42.01 -22.76
N ARG F 100 -1.86 41.17 -22.21
CA ARG F 100 -1.52 39.78 -21.99
C ARG F 100 -2.63 38.88 -22.52
N ILE F 101 -2.22 37.68 -22.94
CA ILE F 101 -3.13 36.56 -23.15
C ILE F 101 -2.41 35.33 -22.60
N ARG F 102 -2.93 34.78 -21.51
CA ARG F 102 -2.21 33.77 -20.73
C ARG F 102 -0.82 34.30 -20.38
N ALA F 103 0.23 33.62 -20.84
CA ALA F 103 1.60 34.06 -20.59
C ALA F 103 2.17 34.92 -21.70
N ILE F 104 1.47 35.06 -22.82
CA ILE F 104 1.98 35.82 -23.96
C ILE F 104 1.69 37.30 -23.75
N ASN F 105 2.65 38.15 -24.14
CA ASN F 105 2.53 39.58 -23.99
C ASN F 105 2.86 40.29 -25.30
N TRP F 106 2.22 41.43 -25.53
CA TRP F 106 2.55 42.29 -26.65
C TRP F 106 2.27 43.74 -26.27
N PHE F 107 2.77 44.66 -27.08
CA PHE F 107 2.69 46.09 -26.81
C PHE F 107 1.45 46.67 -27.47
N ALA F 108 0.62 47.35 -26.69
CA ALA F 108 -0.65 47.88 -27.19
C ALA F 108 -0.70 49.39 -27.30
N TYR F 109 -0.02 50.12 -26.40
CA TYR F 109 0.01 51.57 -26.44
C TYR F 109 1.44 52.06 -26.24
N TRP F 110 1.80 53.11 -26.97
CA TRP F 110 3.13 53.69 -26.91
C TRP F 110 3.07 55.09 -26.32
N GLY F 111 4.15 55.48 -25.66
CA GLY F 111 4.36 56.87 -25.32
C GLY F 111 4.81 57.68 -26.53
N GLN F 112 4.85 59.01 -26.34
CA GLN F 112 5.32 59.89 -27.39
C GLN F 112 6.80 59.69 -27.70
N GLY F 113 7.56 59.11 -26.77
CA GLY F 113 8.97 58.85 -26.98
C GLY F 113 9.87 60.04 -26.69
N THR F 114 10.94 59.80 -25.94
CA THR F 114 11.93 60.83 -25.65
C THR F 114 13.22 60.51 -26.41
N LEU F 115 13.72 61.47 -27.16
CA LEU F 115 15.01 61.31 -27.83
C LEU F 115 16.13 61.47 -26.82
N VAL F 116 17.04 60.50 -26.79
CA VAL F 116 18.26 60.58 -25.99
C VAL F 116 19.44 60.56 -26.95
N THR F 117 20.28 61.58 -26.87
CA THR F 117 21.48 61.68 -27.70
C THR F 117 22.72 61.62 -26.81
N VAL F 118 23.70 60.83 -27.24
CA VAL F 118 24.98 60.70 -26.54
C VAL F 118 26.06 61.22 -27.45
N SER F 119 26.72 62.31 -27.03
CA SER F 119 27.82 62.87 -27.80
C SER F 119 28.78 63.58 -26.86
N SER F 120 30.06 63.58 -27.23
CA SER F 120 31.08 64.33 -26.51
C SER F 120 31.02 65.83 -26.80
N ALA F 121 30.22 66.25 -27.78
CA ALA F 121 30.19 67.65 -28.18
C ALA F 121 29.59 68.53 -27.09
N GLU F 122 29.72 69.83 -27.29
CA GLU F 122 29.23 70.82 -26.34
C GLU F 122 28.62 72.00 -27.10
N THR F 123 27.88 72.84 -26.36
CA THR F 123 27.10 73.90 -26.97
C THR F 123 27.98 74.84 -27.79
N THR F 124 27.48 75.22 -28.96
CA THR F 124 28.16 76.17 -29.83
C THR F 124 27.13 76.88 -30.69
N ALA F 125 27.47 78.10 -31.11
CA ALA F 125 26.61 78.89 -31.97
C ALA F 125 26.80 78.49 -33.44
N PRO F 126 25.76 78.66 -34.26
CA PRO F 126 25.91 78.37 -35.70
C PRO F 126 26.77 79.43 -36.39
N SER F 127 27.77 78.97 -37.13
CA SER F 127 28.57 79.83 -38.00
C SER F 127 27.79 80.09 -39.29
N VAL F 128 26.87 81.07 -39.20
CA VAL F 128 26.02 81.38 -40.34
C VAL F 128 26.88 81.92 -41.49
N TYR F 129 26.55 81.50 -42.70
CA TYR F 129 27.29 81.89 -43.90
C TYR F 129 26.30 82.14 -45.03
N PRO F 130 26.62 83.06 -45.93
CA PRO F 130 25.72 83.36 -47.04
C PRO F 130 25.89 82.38 -48.19
N LEU F 131 24.86 82.32 -49.04
CA LEU F 131 24.92 81.62 -50.32
C LEU F 131 24.10 82.38 -51.35
N ALA F 132 24.64 82.49 -52.56
CA ALA F 132 23.95 83.15 -53.65
C ALA F 132 24.45 82.55 -54.96
N PRO F 133 23.66 82.62 -56.03
CA PRO F 133 24.12 82.07 -57.32
C PRO F 133 25.35 82.77 -57.88
N GLY F 134 25.64 84.00 -57.45
CA GLY F 134 26.79 84.72 -57.94
C GLY F 134 26.89 86.13 -57.39
N VAL F 143 14.35 83.74 -57.59
CA VAL F 143 15.34 82.72 -57.92
C VAL F 143 15.79 81.99 -56.65
N THR F 144 16.44 80.84 -56.85
CA THR F 144 16.92 80.06 -55.72
C THR F 144 18.06 80.79 -55.01
N LEU F 145 18.00 80.81 -53.69
CA LEU F 145 19.05 81.43 -52.87
C LEU F 145 19.24 80.58 -51.63
N GLY F 146 20.44 80.67 -51.05
CA GLY F 146 20.81 79.74 -49.99
C GLY F 146 21.25 80.37 -48.69
N CYS F 147 21.26 79.57 -47.63
CA CYS F 147 21.71 79.99 -46.32
C CYS F 147 22.33 78.78 -45.64
N LEU F 148 23.39 79.00 -44.86
CA LEU F 148 24.17 77.92 -44.30
C LEU F 148 24.38 78.15 -42.81
N VAL F 149 24.33 77.06 -42.04
CA VAL F 149 24.68 77.05 -40.63
C VAL F 149 25.67 75.92 -40.39
N LYS F 150 26.69 76.18 -39.56
CA LYS F 150 27.73 75.20 -39.29
C LYS F 150 28.07 75.20 -37.81
N GLY F 151 28.47 74.02 -37.31
CA GLY F 151 29.09 73.90 -36.01
C GLY F 151 28.20 74.18 -34.82
N TYR F 152 26.89 74.30 -35.00
CA TYR F 152 26.02 74.59 -33.87
C TYR F 152 25.68 73.32 -33.11
N PHE F 153 25.43 73.49 -31.81
CA PHE F 153 25.07 72.37 -30.94
C PHE F 153 24.39 72.92 -29.71
N PRO F 154 23.37 72.24 -29.17
CA PRO F 154 22.61 71.13 -29.78
C PRO F 154 21.60 71.63 -30.81
N GLU F 155 20.91 70.71 -31.47
CA GLU F 155 19.71 71.04 -32.24
C GLU F 155 18.57 71.39 -31.28
N PRO F 156 17.50 72.03 -31.76
CA PRO F 156 17.24 72.53 -33.13
C PRO F 156 17.92 73.85 -33.43
N VAL F 157 17.73 74.36 -34.66
CA VAL F 157 18.11 75.71 -35.03
C VAL F 157 16.94 76.35 -35.76
N THR F 158 16.70 77.63 -35.49
CA THR F 158 15.61 78.38 -36.09
C THR F 158 16.16 79.30 -37.17
N VAL F 159 15.47 79.35 -38.31
CA VAL F 159 15.92 80.11 -39.46
C VAL F 159 14.73 80.77 -40.14
N THR F 160 14.95 81.99 -40.62
CA THR F 160 13.95 82.79 -41.32
C THR F 160 14.66 83.62 -42.38
N TRP F 161 13.89 84.18 -43.30
CA TRP F 161 14.45 84.95 -44.40
C TRP F 161 13.82 86.34 -44.44
N ASN F 162 14.68 87.33 -44.65
CA ASN F 162 14.27 88.74 -44.74
C ASN F 162 13.33 89.15 -43.62
N GLY F 169 7.64 80.03 -49.01
CA GLY F 169 8.55 79.63 -50.06
C GLY F 169 9.93 79.27 -49.56
N VAL F 170 10.15 79.46 -48.26
CA VAL F 170 11.39 79.04 -47.61
C VAL F 170 11.38 77.53 -47.46
N HIS F 171 12.47 76.89 -47.88
CA HIS F 171 12.61 75.44 -47.79
C HIS F 171 13.81 75.11 -46.92
N THR F 172 13.60 74.28 -45.91
CA THR F 172 14.63 73.91 -44.95
C THR F 172 14.91 72.41 -45.05
N PHE F 173 16.15 72.03 -44.77
CA PHE F 173 16.60 70.66 -44.90
C PHE F 173 17.05 70.13 -43.54
N PRO F 174 16.89 68.83 -43.29
CA PRO F 174 17.24 68.28 -41.99
C PRO F 174 18.73 68.41 -41.69
N ALA F 175 19.04 68.64 -40.41
CA ALA F 175 20.41 68.81 -39.97
C ALA F 175 21.21 67.52 -40.15
N VAL F 176 22.53 67.68 -40.24
CA VAL F 176 23.45 66.56 -40.33
C VAL F 176 24.61 66.79 -39.37
N LEU F 177 25.32 65.71 -39.06
CA LEU F 177 26.43 65.74 -38.12
C LEU F 177 27.74 65.56 -38.88
N GLN F 178 28.64 66.53 -38.76
CA GLN F 178 29.95 66.41 -39.40
C GLN F 178 30.93 65.67 -38.51
N SER F 179 31.10 66.13 -37.27
CA SER F 179 32.01 65.50 -36.32
C SER F 179 31.38 65.47 -34.93
N GLY F 180 30.11 65.05 -34.85
CA GLY F 180 29.39 65.08 -33.60
C GLY F 180 28.71 66.39 -33.28
N LEU F 181 28.78 67.37 -34.18
CA LEU F 181 28.06 68.63 -34.00
C LEU F 181 27.38 68.98 -35.32
N TYR F 182 26.35 69.82 -35.23
CA TYR F 182 25.35 69.88 -36.28
C TYR F 182 25.70 70.89 -37.36
N THR F 183 25.12 70.67 -38.54
CA THR F 183 25.12 71.64 -39.62
C THR F 183 23.74 71.60 -40.28
N LEU F 184 23.38 72.70 -40.94
CA LEU F 184 22.11 72.76 -41.63
C LEU F 184 22.21 73.69 -42.83
N THR F 185 21.41 73.41 -43.84
CA THR F 185 21.28 74.27 -45.02
C THR F 185 19.84 74.72 -45.15
N SER F 186 19.65 75.95 -45.62
CA SER F 186 18.32 76.52 -45.82
C SER F 186 18.30 77.28 -47.13
N SER F 187 17.09 77.53 -47.64
CA SER F 187 16.93 78.12 -48.95
C SER F 187 15.58 78.82 -49.04
N VAL F 188 15.45 79.68 -50.05
CA VAL F 188 14.21 80.38 -50.31
C VAL F 188 13.85 80.30 -51.79
N VAL F 200 19.31 90.59 -49.95
CA VAL F 200 18.67 89.37 -49.46
C VAL F 200 19.42 88.86 -48.23
N THR F 201 18.66 88.52 -47.18
CA THR F 201 19.25 88.11 -45.92
C THR F 201 18.44 86.96 -45.33
N CYS F 202 19.13 85.99 -44.75
CA CYS F 202 18.52 84.96 -43.94
C CYS F 202 18.80 85.23 -42.46
N ASN F 203 17.77 85.10 -41.64
CA ASN F 203 17.85 85.38 -40.21
C ASN F 203 17.77 84.06 -39.44
N VAL F 204 18.75 83.84 -38.56
CA VAL F 204 18.92 82.56 -37.88
C VAL F 204 18.87 82.80 -36.38
N ALA F 205 18.26 81.85 -35.66
CA ALA F 205 18.23 81.86 -34.21
C ALA F 205 18.60 80.47 -33.70
N HIS F 206 19.27 80.43 -32.55
CA HIS F 206 19.70 79.18 -31.96
C HIS F 206 19.42 79.19 -30.46
N PRO F 207 18.72 78.19 -29.93
CA PRO F 207 18.31 78.22 -28.52
C PRO F 207 19.40 77.86 -27.53
N GLY F 208 20.54 77.36 -27.99
CA GLY F 208 21.60 76.99 -27.08
C GLY F 208 22.16 78.15 -26.28
N GLN F 209 22.04 79.37 -26.81
CA GLN F 209 22.46 80.55 -26.05
C GLN F 209 21.51 81.72 -26.25
N GLN F 210 20.28 81.48 -26.73
CA GLN F 210 19.29 82.54 -26.99
C GLN F 210 19.84 83.60 -27.93
N HIS F 211 20.68 83.20 -28.87
CA HIS F 211 21.29 84.13 -29.81
C HIS F 211 20.41 84.30 -31.05
N GLN F 212 20.59 85.42 -31.73
CA GLN F 212 19.95 85.66 -33.02
C GLN F 212 20.89 86.49 -33.88
N ARG F 213 20.85 86.26 -35.18
CA ARG F 213 21.74 86.94 -36.10
C ARG F 213 21.15 86.88 -37.51
N TRP F 214 21.64 87.77 -38.37
CA TRP F 214 21.23 87.85 -39.76
C TRP F 214 22.46 87.93 -40.65
N THR F 215 22.44 87.18 -41.75
CA THR F 215 23.56 87.10 -42.67
C THR F 215 23.10 87.57 -44.04
N ARG F 216 23.76 88.59 -44.58
CA ARG F 216 23.50 89.07 -45.93
C ARG F 216 24.39 88.34 -46.93
N LYS F 217 23.99 88.38 -48.20
CA LYS F 217 24.71 87.68 -49.24
C LYS F 217 26.02 88.39 -49.55
N LEU F 218 26.94 87.65 -50.19
CA LEU F 218 28.22 88.19 -50.61
C LEU F 218 28.12 89.03 -51.88
N CYS F 219 26.97 89.03 -52.55
CA CYS F 219 26.79 89.82 -53.77
C CYS F 219 26.84 91.31 -53.46
N ASP G 1 -13.05 29.00 41.41
CA ASP G 1 -12.18 29.91 40.68
C ASP G 1 -11.02 30.37 41.54
N ILE G 2 -9.99 30.92 40.90
CA ILE G 2 -8.81 31.40 41.62
C ILE G 2 -9.19 32.60 42.46
N VAL G 3 -9.03 32.47 43.78
CA VAL G 3 -9.20 33.61 44.67
C VAL G 3 -7.95 34.48 44.61
N ILE G 4 -8.15 35.78 44.47
CA ILE G 4 -7.06 36.75 44.35
C ILE G 4 -7.00 37.58 45.61
N THR G 5 -5.83 37.62 46.24
CA THR G 5 -5.59 38.44 47.42
C THR G 5 -4.55 39.50 47.08
N GLN G 6 -4.79 40.73 47.53
CA GLN G 6 -3.97 41.86 47.14
C GLN G 6 -3.62 42.67 48.38
N SER G 7 -2.36 43.08 48.48
CA SER G 7 -1.86 43.76 49.66
C SER G 7 -0.65 44.61 49.25
N PRO G 8 -0.32 45.66 50.02
CA PRO G 8 -1.00 46.16 51.23
C PRO G 8 -2.27 46.93 50.90
N SER G 9 -3.30 46.82 51.75
CA SER G 9 -4.60 47.44 51.44
C SER G 9 -4.47 48.94 51.24
N LEU G 10 -3.63 49.60 52.03
CA LEU G 10 -3.36 51.02 51.87
C LEU G 10 -1.86 51.24 51.85
N LEU G 11 -1.37 51.99 50.86
CA LEU G 11 0.03 52.36 50.75
C LEU G 11 0.15 53.87 50.72
N SER G 12 0.93 54.42 51.65
CA SER G 12 1.21 55.85 51.70
C SER G 12 2.63 56.11 51.22
N ALA G 13 2.77 56.96 50.20
CA ALA G 13 4.07 57.22 49.61
C ALA G 13 4.11 58.63 49.05
N SER G 14 5.31 59.18 48.94
CA SER G 14 5.54 60.55 48.48
C SER G 14 5.94 60.55 47.01
N VAL G 15 5.79 61.71 46.38
CA VAL G 15 6.12 61.87 44.98
C VAL G 15 7.59 61.55 44.75
N GLY G 16 7.86 60.73 43.73
CA GLY G 16 9.21 60.31 43.41
C GLY G 16 9.69 59.05 44.12
N ASP G 17 8.91 58.51 45.04
CA ASP G 17 9.27 57.26 45.68
C ASP G 17 9.06 56.08 44.75
N ARG G 18 9.96 55.11 44.83
CA ARG G 18 9.68 53.79 44.28
C ARG G 18 8.70 53.06 45.19
N VAL G 19 7.70 52.43 44.58
CA VAL G 19 6.71 51.65 45.32
C VAL G 19 6.46 50.35 44.58
N THR G 20 6.04 49.33 45.33
CA THR G 20 5.73 48.03 44.78
C THR G 20 4.39 47.55 45.34
N LEU G 21 3.60 46.93 44.47
CA LEU G 21 2.29 46.38 44.84
C LEU G 21 2.30 44.89 44.55
N THR G 22 1.68 44.11 45.43
CA THR G 22 1.75 42.66 45.36
C THR G 22 0.36 42.06 45.19
N CYS G 23 0.30 40.98 44.41
CA CYS G 23 -0.94 40.28 44.14
C CYS G 23 -0.64 38.79 44.21
N LYS G 24 -1.47 38.05 44.93
CA LYS G 24 -1.23 36.63 45.13
C LYS G 24 -2.53 35.85 44.97
N GLY G 25 -2.51 34.85 44.09
CA GLY G 25 -3.67 34.01 43.89
C GLY G 25 -3.66 32.81 44.81
N SER G 26 -4.81 32.13 44.86
CA SER G 26 -4.90 30.84 45.54
C SER G 26 -4.38 29.69 44.69
N GLN G 27 -4.13 29.91 43.40
CA GLN G 27 -3.68 28.86 42.49
C GLN G 27 -2.72 29.46 41.48
N ASN G 28 -2.06 28.58 40.74
CA ASN G 28 -1.19 29.02 39.66
C ASN G 28 -1.98 29.80 38.62
N ILE G 29 -1.44 30.96 38.24
CA ILE G 29 -2.10 31.86 37.30
C ILE G 29 -1.39 31.90 35.94
N ASP G 30 -0.22 31.27 35.82
CA ASP G 30 0.49 31.13 34.55
C ASP G 30 0.75 32.48 33.88
N ASN G 31 1.06 33.50 34.68
CA ASN G 31 1.36 34.84 34.20
C ASN G 31 0.18 35.53 33.51
N TYR G 32 -0.99 34.87 33.47
CA TYR G 32 -2.19 35.50 32.95
C TYR G 32 -2.83 36.37 34.03
N LEU G 33 -2.12 37.43 34.39
CA LEU G 33 -2.61 38.41 35.36
C LEU G 33 -2.42 39.81 34.79
N ALA G 34 -3.36 40.69 35.09
CA ALA G 34 -3.37 42.04 34.53
C ALA G 34 -3.62 43.06 35.63
N TRP G 35 -3.20 44.28 35.37
CA TRP G 35 -3.34 45.39 36.31
C TRP G 35 -4.02 46.55 35.63
N TYR G 36 -4.94 47.21 36.33
CA TYR G 36 -5.56 48.43 35.82
C TYR G 36 -5.64 49.45 36.94
N GLN G 37 -5.63 50.72 36.55
CA GLN G 37 -5.67 51.84 37.48
C GLN G 37 -7.01 52.55 37.36
N GLN G 38 -7.62 52.84 38.49
CA GLN G 38 -8.88 53.59 38.54
C GLN G 38 -8.74 54.77 39.49
N LYS G 39 -8.91 55.98 38.96
CA LYS G 39 -9.09 57.15 39.81
C LYS G 39 -10.55 57.29 40.21
N LEU G 40 -10.79 58.02 41.30
CA LEU G 40 -12.13 58.17 41.82
C LEU G 40 -13.06 58.80 40.79
N GLY G 41 -14.19 58.15 40.55
CA GLY G 41 -15.24 58.73 39.72
C GLY G 41 -14.96 58.78 38.23
N GLU G 42 -14.00 57.99 37.73
CA GLU G 42 -13.67 58.01 36.32
C GLU G 42 -13.43 56.58 35.84
N ALA G 43 -13.37 56.44 34.52
CA ALA G 43 -13.18 55.13 33.90
C ALA G 43 -11.81 54.57 34.26
N PRO G 44 -11.74 53.31 34.70
CA PRO G 44 -10.43 52.66 34.87
C PRO G 44 -9.67 52.58 33.55
N LYS G 45 -8.35 52.43 33.67
CA LYS G 45 -7.47 52.28 32.52
C LYS G 45 -6.53 51.11 32.76
N LEU G 46 -6.39 50.26 31.75
CA LEU G 46 -5.51 49.10 31.85
C LEU G 46 -4.06 49.52 31.79
N LEU G 47 -3.25 49.04 32.74
CA LEU G 47 -1.82 49.32 32.73
C LEU G 47 -1.01 48.19 32.09
N ILE G 48 -1.24 46.95 32.51
CA ILE G 48 -0.37 45.84 32.18
C ILE G 48 -1.23 44.61 31.95
N TYR G 49 -0.81 43.76 31.01
CA TYR G 49 -1.43 42.46 30.82
C TYR G 49 -0.33 41.43 30.61
N LYS G 50 -0.68 40.16 30.84
CA LYS G 50 0.25 39.04 30.77
C LYS G 50 1.46 39.26 31.68
N THR G 51 1.26 40.03 32.74
CA THR G 51 2.20 40.26 33.83
C THR G 51 3.43 41.06 33.39
N ASN G 52 3.63 41.24 32.10
CA ASN G 52 4.80 41.95 31.59
C ASN G 52 4.47 42.97 30.51
N SER G 53 3.53 42.65 29.63
CA SER G 53 3.29 43.48 28.46
C SER G 53 2.67 44.82 28.90
N LEU G 54 3.38 45.90 28.63
CA LEU G 54 2.89 47.23 28.98
C LEU G 54 1.86 47.69 27.96
N GLN G 55 0.77 48.25 28.45
CA GLN G 55 -0.28 48.75 27.58
C GLN G 55 0.22 49.96 26.79
N THR G 56 -0.24 50.08 25.55
CA THR G 56 0.18 51.17 24.69
C THR G 56 -0.28 52.51 25.26
N GLY G 57 0.62 53.49 25.22
CA GLY G 57 0.36 54.80 25.79
C GLY G 57 0.59 54.92 27.27
N ILE G 58 0.72 53.82 27.99
CA ILE G 58 1.10 53.87 29.40
C ILE G 58 2.59 54.15 29.51
N PRO G 59 3.03 55.06 30.37
CA PRO G 59 4.47 55.34 30.48
C PRO G 59 5.23 54.15 31.06
N SER G 60 6.47 53.99 30.61
CA SER G 60 7.32 52.90 31.08
C SER G 60 7.61 52.96 32.57
N ARG G 61 7.18 54.03 33.24
CA ARG G 61 7.27 54.09 34.70
C ARG G 61 6.63 52.88 35.36
N PHE G 62 5.52 52.40 34.80
CA PHE G 62 4.87 51.20 35.32
C PHE G 62 5.54 49.95 34.78
N SER G 63 5.75 48.97 35.67
CA SER G 63 6.38 47.72 35.28
C SER G 63 5.77 46.59 36.11
N GLY G 64 5.71 45.40 35.50
CA GLY G 64 5.13 44.25 36.16
C GLY G 64 6.04 43.05 36.06
N SER G 65 5.99 42.21 37.09
CA SER G 65 6.82 41.03 37.15
C SER G 65 6.19 40.03 38.10
N GLY G 66 6.55 38.77 37.94
CA GLY G 66 6.04 37.71 38.78
C GLY G 66 5.87 36.43 37.99
N SER G 67 5.58 35.36 38.71
CA SER G 67 5.33 34.07 38.09
C SER G 67 4.58 33.18 39.08
N GLY G 68 3.94 32.15 38.55
CA GLY G 68 3.26 31.16 39.35
C GLY G 68 2.14 31.72 40.21
N THR G 69 2.34 31.72 41.53
CA THR G 69 1.31 32.09 42.48
C THR G 69 1.39 33.54 42.93
N ASP G 70 2.52 34.21 42.71
CA ASP G 70 2.75 35.55 43.25
C ASP G 70 3.20 36.50 42.15
N TYR G 71 2.70 37.72 42.20
CA TYR G 71 2.92 38.71 41.16
C TYR G 71 3.12 40.08 41.81
N THR G 72 3.80 40.98 41.10
CA THR G 72 4.09 42.30 41.63
C THR G 72 3.93 43.35 40.54
N LEU G 73 3.38 44.50 40.94
CA LEU G 73 3.40 45.73 40.13
C LEU G 73 4.31 46.74 40.83
N THR G 74 5.20 47.37 40.06
CA THR G 74 6.20 48.25 40.61
C THR G 74 6.25 49.55 39.84
N ILE G 75 6.29 50.67 40.57
CA ILE G 75 6.35 52.01 40.00
C ILE G 75 7.74 52.56 40.28
N SER G 76 8.42 53.02 39.22
CA SER G 76 9.81 53.45 39.38
C SER G 76 9.91 54.78 40.15
N SER G 77 9.02 55.73 39.84
CA SER G 77 9.12 57.06 40.46
C SER G 77 7.70 57.64 40.52
N LEU G 78 7.04 57.44 41.66
CA LEU G 78 5.65 57.83 41.85
C LEU G 78 5.41 59.29 41.49
N HIS G 79 4.65 59.52 40.43
CA HIS G 79 4.23 60.87 40.06
C HIS G 79 2.98 61.27 40.85
N SER G 80 2.77 62.58 40.93
CA SER G 80 1.59 63.09 41.64
C SER G 80 0.30 62.61 41.01
N GLU G 81 0.27 62.45 39.68
CA GLU G 81 -0.93 62.03 38.98
C GLU G 81 -1.23 60.54 39.14
N ASP G 82 -0.31 59.76 39.68
CA ASP G 82 -0.50 58.32 39.77
C ASP G 82 -1.23 57.88 41.05
N LEU G 83 -1.57 58.80 41.94
CA LEU G 83 -2.30 58.44 43.15
C LEU G 83 -3.71 57.97 42.79
N ALA G 84 -3.94 56.65 42.92
CA ALA G 84 -5.19 56.05 42.51
C ALA G 84 -5.26 54.65 43.10
N THR G 85 -6.43 54.02 42.95
CA THR G 85 -6.61 52.64 43.36
C THR G 85 -6.20 51.70 42.24
N TYR G 86 -5.44 50.66 42.58
CA TYR G 86 -4.94 49.68 41.62
C TYR G 86 -5.55 48.32 41.89
N TYR G 87 -5.97 47.63 40.83
CA TYR G 87 -6.57 46.31 40.92
C TYR G 87 -5.80 45.33 40.04
N CYS G 88 -5.47 44.16 40.59
CA CYS G 88 -5.05 43.03 39.78
C CYS G 88 -6.23 42.10 39.53
N TYR G 89 -6.21 41.43 38.38
CA TYR G 89 -7.18 40.38 38.11
C TYR G 89 -6.57 39.33 37.19
N GLN G 90 -7.06 38.10 37.32
CA GLN G 90 -6.66 36.98 36.48
C GLN G 90 -7.79 36.61 35.53
N TYR G 91 -7.43 36.00 34.40
CA TYR G 91 -8.41 35.74 33.36
C TYR G 91 -8.22 34.40 32.66
N ILE G 92 -7.78 33.36 33.37
CA ILE G 92 -7.72 32.03 32.79
C ILE G 92 -8.69 31.04 33.43
N ASN G 93 -9.17 31.29 34.65
CA ASN G 93 -10.12 30.39 35.29
C ASN G 93 -11.19 31.28 35.91
N GLY G 94 -12.18 31.63 35.10
CA GLY G 94 -13.09 32.70 35.47
C GLY G 94 -12.37 34.04 35.47
N TYR G 95 -13.09 35.05 35.94
CA TYR G 95 -12.55 36.38 36.14
C TYR G 95 -12.72 36.75 37.60
N THR G 96 -11.60 37.00 38.28
CA THR G 96 -11.62 37.35 39.70
C THR G 96 -10.68 38.52 39.93
N PHE G 97 -11.12 39.46 40.77
CA PHE G 97 -10.42 40.72 40.96
C PHE G 97 -9.95 40.83 42.40
N GLY G 98 -8.81 41.50 42.57
CA GLY G 98 -8.35 41.84 43.90
C GLY G 98 -9.23 42.87 44.58
N THR G 99 -9.04 42.99 45.89
CA THR G 99 -9.77 43.99 46.66
C THR G 99 -9.36 45.42 46.32
N GLY G 100 -8.24 45.61 45.62
CA GLY G 100 -7.76 46.93 45.29
C GLY G 100 -6.94 47.57 46.39
N THR G 101 -5.81 48.17 46.02
CA THR G 101 -4.93 48.84 46.95
C THR G 101 -4.93 50.32 46.64
N LYS G 102 -5.26 51.15 47.63
CA LYS G 102 -5.31 52.59 47.46
C LYS G 102 -3.92 53.17 47.72
N LEU G 103 -3.44 54.00 46.80
CA LEU G 103 -2.15 54.64 46.91
C LEU G 103 -2.35 56.11 47.31
N GLU G 104 -1.80 56.49 48.46
CA GLU G 104 -2.06 57.78 49.07
C GLU G 104 -0.76 58.57 49.24
N LEU G 105 -0.89 59.89 49.20
CA LEU G 105 0.27 60.76 49.28
C LEU G 105 0.80 60.82 50.71
N LYS G 106 2.11 60.67 50.86
CA LYS G 106 2.73 60.75 52.18
C LYS G 106 2.66 62.16 52.74
N ARG G 107 2.54 62.26 54.07
CA ARG G 107 2.43 63.54 54.75
C ARG G 107 2.92 63.37 56.18
N ALA G 108 3.21 64.51 56.81
CA ALA G 108 3.42 64.53 58.25
C ALA G 108 2.11 64.24 58.99
N ASP G 109 2.24 63.65 60.18
CA ASP G 109 1.07 63.35 60.99
C ASP G 109 0.40 64.62 61.49
N ALA G 110 -0.89 64.49 61.82
CA ALA G 110 -1.65 65.59 62.38
C ALA G 110 -2.66 65.05 63.39
N ALA G 111 -2.79 65.74 64.50
CA ALA G 111 -3.72 65.32 65.55
C ALA G 111 -5.16 65.61 65.14
N PRO G 112 -6.11 64.77 65.58
CA PRO G 112 -7.51 65.01 65.23
C PRO G 112 -8.12 66.13 66.06
N THR G 113 -8.78 67.06 65.39
CA THR G 113 -9.51 68.15 66.04
C THR G 113 -10.85 67.62 66.55
N VAL G 114 -10.78 66.78 67.58
CA VAL G 114 -11.96 66.10 68.07
C VAL G 114 -12.91 67.10 68.74
N SER G 115 -14.21 66.91 68.50
CA SER G 115 -15.23 67.71 69.15
C SER G 115 -16.52 66.89 69.25
N ILE G 116 -17.40 67.31 70.15
CA ILE G 116 -18.69 66.65 70.35
C ILE G 116 -19.80 67.68 70.27
N PHE G 117 -20.98 67.24 69.86
CA PHE G 117 -22.15 68.11 69.73
C PHE G 117 -23.40 67.41 70.23
N PRO G 118 -23.96 67.82 71.37
CA PRO G 118 -25.22 67.24 71.85
C PRO G 118 -26.36 67.56 70.90
N PRO G 119 -27.43 66.77 70.93
CA PRO G 119 -28.55 66.99 69.99
C PRO G 119 -29.30 68.29 70.31
N SER G 120 -29.40 69.16 69.31
CA SER G 120 -30.13 70.40 69.46
C SER G 120 -31.64 70.14 69.50
N THR G 121 -32.38 71.16 69.94
CA THR G 121 -33.83 71.04 70.08
C THR G 121 -34.54 70.81 68.76
N GLU G 122 -33.89 71.12 67.63
CA GLU G 122 -34.49 70.88 66.33
C GLU G 122 -34.44 69.40 65.92
N GLN G 123 -33.59 68.60 66.57
CA GLN G 123 -33.41 67.21 66.20
C GLN G 123 -34.67 66.39 66.50
N SER G 130 -29.55 64.65 65.62
CA SER G 130 -29.09 63.80 66.70
C SER G 130 -27.68 64.18 67.13
N VAL G 131 -27.24 63.61 68.26
CA VAL G 131 -25.89 63.85 68.73
C VAL G 131 -24.87 63.38 67.70
N VAL G 132 -23.73 64.08 67.64
CA VAL G 132 -22.71 63.79 66.64
C VAL G 132 -21.35 64.06 67.25
N CYS G 133 -20.37 63.25 66.85
CA CYS G 133 -18.97 63.43 67.22
C CYS G 133 -18.14 63.50 65.93
N LEU G 134 -17.08 64.29 65.96
CA LEU G 134 -16.28 64.50 64.76
C LEU G 134 -14.82 64.71 65.11
N MET G 135 -13.96 64.44 64.12
CA MET G 135 -12.54 64.73 64.19
C MET G 135 -12.11 65.22 62.82
N ASN G 136 -11.27 66.27 62.79
CA ASN G 136 -10.96 66.97 61.56
C ASN G 136 -9.46 67.04 61.32
N ASN G 137 -9.09 66.95 60.04
CA ASN G 137 -7.74 67.24 59.55
C ASN G 137 -6.67 66.38 60.21
N PHE G 138 -7.01 65.15 60.59
CA PHE G 138 -6.00 64.25 61.10
C PHE G 138 -5.25 63.58 59.95
N TYR G 139 -4.06 63.07 60.27
CA TYR G 139 -3.27 62.25 59.36
C TYR G 139 -2.43 61.30 60.19
N PRO G 140 -2.25 60.04 59.76
CA PRO G 140 -2.86 59.38 58.60
C PRO G 140 -4.35 59.10 58.76
N ARG G 141 -5.00 58.59 57.71
CA ARG G 141 -6.43 58.31 57.77
C ARG G 141 -6.75 57.20 58.78
N ASP G 142 -5.80 56.31 59.04
CA ASP G 142 -6.01 55.25 60.03
C ASP G 142 -6.11 55.86 61.41
N ILE G 143 -7.24 55.64 62.09
CA ILE G 143 -7.50 56.21 63.40
C ILE G 143 -8.56 55.40 64.11
N SER G 144 -8.66 55.57 65.43
CA SER G 144 -9.67 54.90 66.23
C SER G 144 -10.39 55.94 67.07
N VAL G 145 -11.67 55.67 67.36
CA VAL G 145 -12.50 56.59 68.13
C VAL G 145 -13.48 55.78 68.96
N LYS G 146 -13.89 56.37 70.08
CA LYS G 146 -14.81 55.71 71.00
C LYS G 146 -15.62 56.79 71.73
N TRP G 147 -16.76 56.37 72.27
CA TRP G 147 -17.65 57.28 72.97
C TRP G 147 -18.37 56.53 74.07
N LYS G 148 -18.86 57.29 75.05
CA LYS G 148 -19.62 56.72 76.16
C LYS G 148 -20.65 57.74 76.62
N ILE G 149 -21.74 57.23 77.21
CA ILE G 149 -22.80 58.07 77.75
C ILE G 149 -23.21 57.52 79.10
N ASP G 150 -23.37 58.43 80.07
CA ASP G 150 -23.67 58.06 81.46
C ASP G 150 -22.68 57.04 82.00
N GLY G 151 -21.44 57.08 81.51
CA GLY G 151 -20.43 56.12 81.89
C GLY G 151 -20.51 54.79 81.16
N THR G 152 -21.45 54.62 80.24
CA THR G 152 -21.61 53.38 79.49
C THR G 152 -21.12 53.60 78.06
N GLU G 153 -20.24 52.71 77.60
CA GLU G 153 -19.64 52.85 76.29
C GLU G 153 -20.61 52.51 75.17
N ARG G 154 -20.41 53.16 74.02
CA ARG G 154 -21.18 52.93 72.80
C ARG G 154 -22.66 53.30 72.95
N ARG G 155 -23.38 53.28 71.83
CA ARG G 155 -24.79 53.64 71.82
C ARG G 155 -25.45 52.97 70.62
N ASP G 156 -26.78 52.85 70.70
CA ASP G 156 -27.54 52.22 69.63
C ASP G 156 -27.42 53.01 68.34
N GLY G 157 -27.44 52.30 67.21
CA GLY G 157 -27.37 52.93 65.91
C GLY G 157 -26.06 53.61 65.60
N VAL G 158 -24.96 53.17 66.20
CA VAL G 158 -23.66 53.78 65.97
C VAL G 158 -23.29 53.67 64.49
N LEU G 159 -22.83 54.78 63.91
CA LEU G 159 -22.46 54.81 62.51
C LEU G 159 -21.34 55.83 62.33
N ASP G 160 -20.60 55.70 61.23
CA ASP G 160 -19.46 56.55 60.97
C ASP G 160 -19.39 56.91 59.49
N SER G 161 -18.76 58.04 59.21
CA SER G 161 -18.63 58.54 57.84
C SER G 161 -17.37 59.39 57.77
N VAL G 162 -16.45 59.05 56.88
CA VAL G 162 -15.15 59.69 56.82
C VAL G 162 -14.98 60.37 55.46
N THR G 163 -14.25 61.47 55.46
CA THR G 163 -14.05 62.25 54.25
C THR G 163 -13.01 61.62 53.35
N ASP G 164 -13.07 61.97 52.06
CA ASP G 164 -11.98 61.67 51.14
C ASP G 164 -10.73 62.45 51.55
N GLN G 165 -9.62 62.11 50.90
CA GLN G 165 -8.37 62.82 51.15
C GLN G 165 -8.47 64.26 50.66
N ASP G 166 -7.95 65.19 51.46
CA ASP G 166 -7.91 66.59 51.08
C ASP G 166 -7.04 66.77 49.85
N SER G 167 -7.57 67.44 48.83
CA SER G 167 -6.82 67.63 47.60
C SER G 167 -5.59 68.51 47.81
N LYS G 168 -5.66 69.43 48.77
CA LYS G 168 -4.53 70.31 49.08
C LYS G 168 -3.75 69.86 50.32
N ASP G 169 -4.45 69.66 51.44
CA ASP G 169 -3.78 69.34 52.70
C ASP G 169 -3.45 67.85 52.83
N SER G 170 -4.09 66.99 52.04
CA SER G 170 -3.95 65.54 52.11
C SER G 170 -4.34 64.96 53.47
N THR G 171 -4.94 65.76 54.34
CA THR G 171 -5.43 65.28 55.63
C THR G 171 -6.78 64.58 55.46
N TYR G 172 -7.30 64.03 56.55
CA TYR G 172 -8.56 63.31 56.54
C TYR G 172 -9.43 63.79 57.71
N SER G 173 -10.73 63.56 57.58
CA SER G 173 -11.68 63.93 58.61
C SER G 173 -12.71 62.81 58.76
N MET G 174 -13.36 62.79 59.92
CA MET G 174 -14.35 61.76 60.23
C MET G 174 -15.47 62.37 61.06
N SER G 175 -16.64 61.72 61.01
CA SER G 175 -17.75 62.07 61.86
C SER G 175 -18.52 60.80 62.21
N SER G 176 -19.20 60.83 63.35
CA SER G 176 -19.95 59.68 63.83
C SER G 176 -21.17 60.15 64.60
N THR G 177 -22.19 59.29 64.65
CA THR G 177 -23.46 59.65 65.25
C THR G 177 -24.09 58.41 65.87
N LEU G 178 -25.09 58.64 66.71
CA LEU G 178 -25.79 57.55 67.39
C LEU G 178 -27.26 57.92 67.50
N SER G 179 -28.08 56.91 67.83
CA SER G 179 -29.53 57.09 67.95
C SER G 179 -29.85 57.86 69.23
N LEU G 180 -29.62 59.18 69.17
CA LEU G 180 -29.88 60.08 70.29
C LEU G 180 -30.56 61.34 69.75
N THR G 181 -31.88 61.27 69.63
CA THR G 181 -32.67 62.41 69.19
C THR G 181 -32.73 63.47 70.30
N LYS G 182 -33.39 64.58 69.99
CA LYS G 182 -33.58 65.63 70.99
C LYS G 182 -34.40 65.14 72.18
N ALA G 183 -35.41 64.31 71.92
CA ALA G 183 -36.17 63.68 73.00
C ALA G 183 -35.39 62.54 73.64
N ASP G 184 -34.68 61.76 72.81
CA ASP G 184 -33.91 60.63 73.32
C ASP G 184 -32.71 61.07 74.15
N TYR G 185 -32.34 62.35 74.10
CA TYR G 185 -31.21 62.84 74.87
C TYR G 185 -31.38 62.64 76.38
N GLU G 186 -32.61 62.46 76.85
CA GLU G 186 -32.86 62.18 78.26
C GLU G 186 -32.35 60.80 78.69
N SER G 187 -31.92 59.96 77.75
CA SER G 187 -31.41 58.65 78.11
C SER G 187 -30.13 58.71 78.94
N HIS G 188 -29.43 59.84 78.94
CA HIS G 188 -28.25 60.02 79.77
C HIS G 188 -28.11 61.48 80.14
N ASN G 189 -27.50 61.71 81.31
CA ASN G 189 -27.26 63.08 81.76
C ASN G 189 -26.07 63.74 81.06
N LEU G 190 -25.11 62.94 80.60
CA LEU G 190 -23.93 63.48 79.95
C LEU G 190 -23.28 62.37 79.12
N TYR G 191 -22.42 62.79 78.19
CA TYR G 191 -21.73 61.86 77.31
C TYR G 191 -20.44 62.50 76.83
N THR G 192 -19.56 61.67 76.27
CA THR G 192 -18.26 62.10 75.81
C THR G 192 -17.82 61.24 74.65
N CYS G 193 -16.93 61.78 73.82
CA CYS G 193 -16.33 61.02 72.73
C CYS G 193 -14.86 61.43 72.58
N GLU G 194 -14.07 60.52 72.02
CA GLU G 194 -12.64 60.73 71.91
C GLU G 194 -12.12 59.98 70.68
N VAL G 195 -10.94 60.38 70.23
CA VAL G 195 -10.29 59.75 69.08
C VAL G 195 -8.78 59.79 69.29
N VAL G 196 -8.09 58.88 68.63
CA VAL G 196 -6.64 58.73 68.75
C VAL G 196 -6.01 58.73 67.36
N HIS G 197 -4.76 59.17 67.30
CA HIS G 197 -4.03 59.23 66.04
C HIS G 197 -2.54 59.26 66.34
N LYS G 198 -1.73 59.23 65.27
CA LYS G 198 -0.29 59.16 65.41
C LYS G 198 0.28 60.36 66.16
N THR G 199 -0.33 61.53 66.01
CA THR G 199 0.15 62.75 66.65
C THR G 199 -0.44 62.98 68.03
N SER G 200 -1.28 62.07 68.51
CA SER G 200 -1.92 62.22 69.83
C SER G 200 -2.12 60.83 70.41
N SER G 201 -1.15 60.37 71.20
CA SER G 201 -1.25 59.05 71.81
C SER G 201 -2.35 59.02 72.87
N SER G 202 -2.41 60.04 73.72
CA SER G 202 -3.56 60.21 74.58
C SER G 202 -4.75 60.71 73.75
N PRO G 203 -5.95 60.19 73.99
CA PRO G 203 -7.09 60.56 73.15
C PRO G 203 -7.50 62.01 73.39
N VAL G 204 -7.64 62.77 72.30
CA VAL G 204 -8.30 64.07 72.38
C VAL G 204 -9.80 63.83 72.50
N VAL G 205 -10.44 64.53 73.44
CA VAL G 205 -11.81 64.24 73.80
C VAL G 205 -12.56 65.54 74.08
N LYS G 206 -13.88 65.46 73.99
CA LYS G 206 -14.77 66.56 74.31
C LYS G 206 -16.05 65.96 74.89
N SER G 207 -16.71 66.72 75.75
CA SER G 207 -17.87 66.21 76.47
C SER G 207 -18.87 67.34 76.69
N PHE G 208 -20.12 66.95 76.89
CA PHE G 208 -21.19 67.87 77.24
C PHE G 208 -21.85 67.39 78.53
N ASN G 209 -22.23 68.35 79.37
CA ASN G 209 -22.92 68.07 80.62
C ASN G 209 -24.43 68.12 80.37
N ARG G 210 -25.23 68.22 81.44
CA ARG G 210 -26.67 68.39 81.30
C ARG G 210 -27.03 69.67 80.54
N ASN G 211 -26.10 70.61 80.40
CA ASN G 211 -26.27 71.78 79.56
C ASN G 211 -25.17 71.79 78.51
N GLU G 212 -25.53 72.26 77.31
CA GLU G 212 -24.58 72.33 76.20
C GLU G 212 -23.46 73.33 76.47
N GLU H 1 -9.58 58.18 21.05
CA GLU H 1 -10.53 57.73 20.02
C GLU H 1 -11.49 56.69 20.59
N VAL H 2 -10.94 55.55 21.00
CA VAL H 2 -11.76 54.48 21.57
C VAL H 2 -12.37 54.97 22.87
N GLN H 3 -13.70 54.95 22.94
CA GLN H 3 -14.40 55.37 24.15
C GLN H 3 -15.73 54.65 24.23
N LEU H 4 -16.19 54.40 25.46
CA LEU H 4 -17.46 53.76 25.73
C LEU H 4 -18.22 54.57 26.76
N GLN H 5 -19.50 54.83 26.50
CA GLN H 5 -20.35 55.57 27.41
C GLN H 5 -21.40 54.64 27.98
N GLU H 6 -21.28 54.32 29.27
CA GLU H 6 -22.35 53.60 29.97
C GLU H 6 -23.50 54.54 30.28
N SER H 7 -24.71 54.02 30.22
CA SER H 7 -25.90 54.83 30.49
C SER H 7 -27.03 53.91 30.92
N GLY H 8 -28.03 54.52 31.56
CA GLY H 8 -29.20 53.79 32.00
C GLY H 8 -29.84 54.41 33.22
N PRO H 9 -30.92 53.79 33.71
CA PRO H 9 -31.63 54.34 34.88
C PRO H 9 -30.80 54.20 36.14
N GLY H 10 -30.47 55.34 36.76
CA GLY H 10 -29.71 55.31 37.99
C GLY H 10 -30.50 54.73 39.16
N LEU H 11 -31.79 55.02 39.24
CA LEU H 11 -32.66 54.48 40.26
C LEU H 11 -33.68 53.55 39.62
N VAL H 12 -33.79 52.33 40.15
CA VAL H 12 -34.72 51.33 39.65
C VAL H 12 -35.44 50.72 40.84
N GLN H 13 -36.74 50.47 40.67
CA GLN H 13 -37.52 49.84 41.72
C GLN H 13 -37.11 48.37 41.88
N PRO H 14 -37.15 47.83 43.09
CA PRO H 14 -36.92 46.40 43.26
C PRO H 14 -37.90 45.57 42.45
N SER H 15 -37.43 44.41 41.99
CA SER H 15 -38.19 43.48 41.15
C SER H 15 -38.52 44.03 39.78
N GLU H 16 -38.10 45.26 39.49
CA GLU H 16 -38.19 45.80 38.13
C GLU H 16 -37.06 45.25 37.27
N THR H 17 -36.94 45.75 36.05
CA THR H 17 -35.89 45.34 35.13
C THR H 17 -34.93 46.50 34.89
N LEU H 18 -33.64 46.24 35.11
CA LEU H 18 -32.60 47.18 34.71
C LEU H 18 -32.40 47.11 33.20
N SER H 19 -32.16 48.27 32.58
CA SER H 19 -32.11 48.37 31.12
C SER H 19 -30.92 49.25 30.69
N LEU H 20 -29.73 48.95 31.20
CA LEU H 20 -28.56 49.73 30.88
C LEU H 20 -28.22 49.64 29.40
N THR H 21 -27.62 50.70 28.87
CA THR H 21 -27.19 50.76 27.48
C THR H 21 -25.75 51.25 27.43
N CYS H 22 -24.91 50.56 26.68
CA CYS H 22 -23.53 50.94 26.45
C CYS H 22 -23.39 51.44 25.02
N THR H 23 -22.84 52.65 24.85
CA THR H 23 -22.65 53.26 23.55
C THR H 23 -21.18 53.21 23.17
N VAL H 24 -20.89 52.73 21.97
CA VAL H 24 -19.53 52.46 21.51
C VAL H 24 -19.15 53.49 20.45
N SER H 25 -17.93 54.01 20.55
CA SER H 25 -17.39 54.90 19.53
C SER H 25 -15.91 54.58 19.32
N GLY H 26 -15.44 54.79 18.09
CA GLY H 26 -14.06 54.57 17.75
C GLY H 26 -13.72 53.18 17.29
N PHE H 27 -14.64 52.23 17.35
CA PHE H 27 -14.42 50.88 16.88
C PHE H 27 -15.76 50.24 16.55
N SER H 28 -15.69 49.11 15.85
CA SER H 28 -16.89 48.42 15.39
C SER H 28 -17.17 47.20 16.26
N LEU H 29 -18.42 47.08 16.71
CA LEU H 29 -18.83 45.94 17.52
C LEU H 29 -18.60 44.63 16.79
N THR H 30 -18.59 44.64 15.46
CA THR H 30 -18.38 43.43 14.67
C THR H 30 -16.96 42.92 14.75
N SER H 31 -16.03 43.66 15.36
CA SER H 31 -14.64 43.24 15.43
C SER H 31 -14.04 43.30 16.83
N TYR H 32 -14.80 43.73 17.83
CA TYR H 32 -14.35 43.69 19.22
C TYR H 32 -15.48 43.21 20.11
N SER H 33 -15.19 42.26 20.99
CA SER H 33 -16.14 41.82 21.99
C SER H 33 -16.36 42.91 23.03
N VAL H 34 -17.60 43.01 23.53
CA VAL H 34 -17.94 43.92 24.60
C VAL H 34 -18.46 43.10 25.78
N SER H 35 -18.04 43.45 26.98
CA SER H 35 -18.36 42.69 28.18
C SER H 35 -18.87 43.63 29.25
N TRP H 36 -19.72 43.09 30.13
CA TRP H 36 -20.32 43.86 31.20
C TRP H 36 -19.71 43.45 32.54
N LEU H 37 -19.29 44.44 33.32
CA LEU H 37 -18.80 44.23 34.68
C LEU H 37 -19.66 45.03 35.63
N ARG H 38 -19.79 44.53 36.86
CA ARG H 38 -20.39 45.31 37.93
C ARG H 38 -19.52 45.23 39.17
N GLN H 39 -19.47 46.34 39.91
CA GLN H 39 -18.77 46.39 41.19
C GLN H 39 -19.79 46.72 42.28
N PRO H 40 -20.28 45.74 43.02
CA PRO H 40 -21.28 46.02 44.05
C PRO H 40 -20.73 46.95 45.13
N SER H 41 -21.66 47.61 45.83
CA SER H 41 -21.32 48.50 46.93
C SER H 41 -20.55 47.76 48.01
N GLY H 42 -19.29 48.11 48.20
CA GLY H 42 -18.45 47.43 49.16
C GLY H 42 -18.03 46.03 48.74
N LYS H 43 -17.72 45.85 47.47
CA LYS H 43 -17.25 44.56 46.97
C LYS H 43 -16.29 44.80 45.81
N GLY H 44 -15.49 43.78 45.51
CA GLY H 44 -14.67 43.79 44.31
C GLY H 44 -15.51 43.50 43.08
N PRO H 45 -15.01 43.91 41.92
CA PRO H 45 -15.79 43.73 40.68
C PRO H 45 -16.00 42.26 40.37
N GLU H 46 -17.02 42.00 39.55
CA GLU H 46 -17.26 40.65 39.06
C GLU H 46 -17.70 40.72 37.61
N TRP H 47 -17.42 39.66 36.87
CA TRP H 47 -17.79 39.57 35.47
C TRP H 47 -19.22 39.07 35.32
N MET H 48 -19.97 39.71 34.43
CA MET H 48 -21.37 39.39 34.21
C MET H 48 -21.64 38.66 32.90
N GLY H 49 -21.02 39.09 31.81
CA GLY H 49 -21.23 38.43 30.53
C GLY H 49 -20.49 39.17 29.44
N ARG H 50 -20.54 38.58 28.25
CA ARG H 50 -19.83 39.11 27.10
C ARG H 50 -20.73 39.10 25.87
N MET H 51 -20.68 40.18 25.11
CA MET H 51 -21.24 40.21 23.76
C MET H 51 -20.11 39.95 22.78
N TRP H 52 -20.15 38.80 22.12
CA TRP H 52 -19.08 38.44 21.20
C TRP H 52 -19.17 39.28 19.93
N ASP H 53 -18.03 39.39 19.25
CA ASP H 53 -18.00 40.04 17.94
C ASP H 53 -18.92 39.32 16.95
N ASP H 54 -18.94 37.98 17.01
CA ASP H 54 -19.82 37.19 16.15
C ASP H 54 -21.30 37.31 16.53
N GLY H 55 -21.64 38.08 17.56
CA GLY H 55 -23.02 38.31 17.92
C GLY H 55 -23.62 37.30 18.88
N GLY H 56 -22.87 36.27 19.27
CA GLY H 56 -23.30 35.42 20.35
C GLY H 56 -23.08 36.06 21.71
N THR H 57 -23.50 35.35 22.74
CA THR H 57 -23.36 35.83 24.11
C THR H 57 -22.90 34.69 25.01
N VAL H 58 -22.30 35.07 26.14
CA VAL H 58 -22.00 34.16 27.23
C VAL H 58 -22.25 34.92 28.52
N TYR H 59 -22.64 34.19 29.57
CA TYR H 59 -23.04 34.82 30.82
C TYR H 59 -22.35 34.14 31.99
N ASN H 60 -22.19 34.90 33.08
CA ASN H 60 -21.77 34.33 34.35
C ASN H 60 -22.78 33.27 34.76
N SER H 61 -22.29 32.08 35.11
CA SER H 61 -23.18 30.96 35.40
C SER H 61 -24.10 31.25 36.58
N GLY H 62 -23.66 32.09 37.52
CA GLY H 62 -24.52 32.48 38.62
C GLY H 62 -25.63 33.44 38.22
N LEU H 63 -25.48 34.12 37.09
CA LEU H 63 -26.46 35.08 36.60
C LEU H 63 -27.12 34.66 35.30
N LYS H 64 -26.80 33.47 34.79
CA LYS H 64 -27.34 33.00 33.52
C LYS H 64 -28.86 33.10 33.47
N SER H 65 -29.53 32.77 34.58
CA SER H 65 -30.99 32.80 34.60
C SER H 65 -31.56 34.20 34.63
N ARG H 66 -30.76 35.21 34.97
CA ARG H 66 -31.27 36.56 35.17
C ARG H 66 -30.90 37.54 34.05
N LEU H 67 -29.74 37.40 33.43
CA LEU H 67 -29.26 38.39 32.49
C LEU H 67 -29.80 38.14 31.09
N SER H 68 -29.83 39.21 30.30
CA SER H 68 -29.95 39.14 28.85
C SER H 68 -29.06 40.22 28.25
N ILE H 69 -28.32 39.87 27.21
CA ILE H 69 -27.45 40.80 26.51
C ILE H 69 -27.78 40.79 25.03
N SER H 70 -27.86 41.98 24.43
CA SER H 70 -28.19 42.13 23.03
C SER H 70 -27.50 43.38 22.51
N ARG H 71 -27.40 43.48 21.18
CA ARG H 71 -26.69 44.58 20.57
C ARG H 71 -27.39 45.02 19.29
N ASP H 72 -27.07 46.24 18.86
CA ASP H 72 -27.47 46.77 17.56
C ASP H 72 -26.22 47.27 16.87
N THR H 73 -25.71 46.49 15.91
CA THR H 73 -24.51 46.90 15.18
C THR H 73 -24.73 48.17 14.40
N SER H 74 -25.97 48.44 13.98
CA SER H 74 -26.27 49.69 13.29
C SER H 74 -26.13 50.90 14.21
N LYS H 75 -26.44 50.73 15.50
CA LYS H 75 -26.44 51.84 16.45
C LYS H 75 -25.15 51.94 17.25
N ASN H 76 -24.25 50.97 17.14
CA ASN H 76 -23.08 50.86 18.01
C ASN H 76 -23.49 50.87 19.48
N GLN H 77 -24.54 50.11 19.78
CA GLN H 77 -25.07 50.02 21.14
C GLN H 77 -25.09 48.57 21.59
N VAL H 78 -24.81 48.35 22.87
CA VAL H 78 -24.93 47.05 23.51
C VAL H 78 -25.81 47.22 24.75
N PHE H 79 -26.73 46.29 24.94
CA PHE H 79 -27.75 46.41 25.97
C PHE H 79 -27.60 45.28 26.97
N LEU H 80 -27.84 45.61 28.25
CA LEU H 80 -27.86 44.62 29.33
C LEU H 80 -29.21 44.72 30.02
N LYS H 81 -30.01 43.67 29.91
CA LYS H 81 -31.33 43.61 30.52
C LYS H 81 -31.33 42.58 31.63
N MET H 82 -31.71 43.00 32.83
CA MET H 82 -31.59 42.17 34.03
C MET H 82 -32.86 42.32 34.85
N ASN H 83 -33.39 41.19 35.33
CA ASN H 83 -34.63 41.18 36.08
C ASN H 83 -34.38 40.69 37.51
N SER H 84 -35.44 40.71 38.31
CA SER H 84 -35.41 40.26 39.71
C SER H 84 -34.35 41.01 40.51
N LEU H 85 -34.26 42.32 40.28
CA LEU H 85 -33.26 43.13 40.98
C LEU H 85 -33.50 43.11 42.48
N GLN H 86 -32.41 43.13 43.24
CA GLN H 86 -32.46 43.16 44.69
C GLN H 86 -31.43 44.15 45.20
N THR H 87 -31.46 44.40 46.51
CA THR H 87 -30.53 45.35 47.11
C THR H 87 -29.08 44.94 46.90
N ASP H 88 -28.81 43.64 46.82
CA ASP H 88 -27.46 43.17 46.55
C ASP H 88 -26.97 43.57 45.16
N ASP H 89 -27.87 43.91 44.26
CA ASP H 89 -27.48 44.32 42.91
C ASP H 89 -27.06 45.78 42.82
N THR H 90 -27.15 46.54 43.91
CA THR H 90 -26.71 47.93 43.89
C THR H 90 -25.20 48.00 43.71
N GLY H 91 -24.77 48.91 42.85
CA GLY H 91 -23.35 49.05 42.56
C GLY H 91 -23.13 49.82 41.28
N THR H 92 -21.87 49.87 40.87
CA THR H 92 -21.47 50.51 39.61
C THR H 92 -21.32 49.44 38.54
N TYR H 93 -21.94 49.66 37.39
CA TYR H 93 -21.90 48.72 36.27
C TYR H 93 -21.06 49.31 35.15
N TYR H 94 -20.05 48.56 34.71
CA TYR H 94 -19.15 48.98 33.65
C TYR H 94 -19.36 48.09 32.42
N CYS H 95 -19.43 48.71 31.25
CA CYS H 95 -19.18 47.98 30.02
C CYS H 95 -17.73 48.18 29.60
N THR H 96 -17.13 47.11 29.06
CA THR H 96 -15.73 47.14 28.67
C THR H 96 -15.56 46.56 27.27
N ARG H 97 -14.64 47.13 26.50
CA ARG H 97 -14.15 46.48 25.30
C ARG H 97 -13.08 45.46 25.67
N ASP H 98 -13.15 44.30 25.02
CA ASP H 98 -12.16 43.25 25.28
C ASP H 98 -11.02 43.30 24.28
N GLU H 99 -10.01 42.47 24.54
CA GLU H 99 -8.92 42.21 23.63
C GLU H 99 -8.59 40.73 23.75
N ARG H 100 -8.00 40.17 22.70
CA ARG H 100 -7.82 38.72 22.69
C ARG H 100 -6.54 38.33 21.96
N ILE H 101 -5.97 37.22 22.41
CA ILE H 101 -5.00 36.44 21.65
C ILE H 101 -5.48 35.00 21.67
N ARG H 102 -5.55 34.38 20.49
CA ARG H 102 -6.15 33.06 20.35
C ARG H 102 -7.54 33.05 20.99
N ALA H 103 -7.76 32.14 21.94
CA ALA H 103 -9.04 32.02 22.63
C ALA H 103 -9.08 32.74 23.96
N ILE H 104 -8.02 33.46 24.34
CA ILE H 104 -7.91 34.10 25.65
C ILE H 104 -8.33 35.55 25.53
N ASN H 105 -9.26 35.98 26.38
CA ASN H 105 -9.79 37.34 26.35
C ASN H 105 -9.51 38.04 27.67
N TRP H 106 -9.29 39.36 27.58
CA TRP H 106 -9.17 40.18 28.78
C TRP H 106 -9.72 41.57 28.50
N PHE H 107 -10.11 42.26 29.56
CA PHE H 107 -10.70 43.58 29.43
C PHE H 107 -9.60 44.62 29.14
N ALA H 108 -9.84 45.46 28.15
CA ALA H 108 -8.83 46.40 27.68
C ALA H 108 -9.19 47.87 27.93
N TYR H 109 -10.47 48.24 27.80
CA TYR H 109 -10.89 49.61 28.02
C TYR H 109 -12.22 49.59 28.78
N TRP H 110 -12.38 50.52 29.71
CA TRP H 110 -13.57 50.61 30.54
C TRP H 110 -14.40 51.83 30.18
N GLY H 111 -15.71 51.71 30.38
CA GLY H 111 -16.57 52.88 30.42
C GLY H 111 -16.50 53.58 31.76
N GLN H 112 -17.10 54.77 31.81
CA GLN H 112 -17.13 55.53 33.06
C GLN H 112 -17.97 54.85 34.13
N GLY H 113 -18.85 53.93 33.75
CA GLY H 113 -19.68 53.22 34.70
C GLY H 113 -20.88 54.01 35.16
N THR H 114 -22.02 53.33 35.34
CA THR H 114 -23.24 53.95 35.83
C THR H 114 -23.55 53.44 37.22
N LEU H 115 -23.75 54.35 38.17
CA LEU H 115 -24.16 53.97 39.51
C LEU H 115 -25.63 53.57 39.51
N VAL H 116 -25.90 52.32 39.87
CA VAL H 116 -27.25 51.78 39.94
C VAL H 116 -27.55 51.44 41.40
N THR H 117 -28.66 51.99 41.91
CA THR H 117 -29.13 51.71 43.25
C THR H 117 -30.62 51.41 43.21
N VAL H 118 -31.06 50.53 44.11
CA VAL H 118 -32.46 50.11 44.18
C VAL H 118 -32.92 50.17 45.63
N SER H 119 -34.12 50.71 45.83
CA SER H 119 -34.75 50.72 47.14
C SER H 119 -36.23 51.03 46.96
N SER H 120 -37.02 50.61 47.95
CA SER H 120 -38.44 50.95 47.97
C SER H 120 -38.73 52.36 48.44
N ALA H 121 -37.75 53.04 49.02
CA ALA H 121 -37.98 54.37 49.57
C ALA H 121 -38.28 55.38 48.48
N GLU H 122 -39.29 56.22 48.72
CA GLU H 122 -39.58 57.36 47.86
C GLU H 122 -38.66 58.53 48.19
N THR H 123 -38.56 59.46 47.25
CA THR H 123 -37.75 60.65 47.44
C THR H 123 -38.32 61.54 48.53
N THR H 124 -37.43 62.18 49.29
CA THR H 124 -37.84 63.08 50.35
C THR H 124 -36.74 64.11 50.59
N ALA H 125 -37.13 65.30 51.06
CA ALA H 125 -36.18 66.33 51.41
C ALA H 125 -35.61 66.10 52.80
N PRO H 126 -34.37 66.54 53.06
CA PRO H 126 -33.76 66.31 54.37
C PRO H 126 -34.35 67.19 55.45
N SER H 127 -34.60 66.59 56.61
CA SER H 127 -34.70 67.36 57.84
C SER H 127 -33.30 67.75 58.30
N VAL H 128 -33.21 68.82 59.08
CA VAL H 128 -31.92 69.36 59.49
C VAL H 128 -32.01 69.85 60.93
N TYR H 129 -30.87 69.83 61.62
CA TYR H 129 -30.75 70.34 62.97
C TYR H 129 -29.33 70.82 63.16
N PRO H 130 -29.12 71.88 63.93
CA PRO H 130 -27.75 72.37 64.17
C PRO H 130 -27.00 71.49 65.15
N LEU H 131 -25.67 71.48 64.99
CA LEU H 131 -24.77 70.85 65.94
C LEU H 131 -24.57 71.79 67.12
N ALA H 132 -25.27 71.54 68.22
CA ALA H 132 -25.13 72.39 69.39
C ALA H 132 -23.73 72.25 69.98
N PRO H 133 -23.12 73.34 70.43
CA PRO H 133 -21.75 73.27 70.96
C PRO H 133 -21.69 72.42 72.22
N GLY H 134 -20.66 71.59 72.31
CA GLY H 134 -20.49 70.69 73.44
C GLY H 134 -20.29 71.38 74.76
N MET H 142 -9.75 76.85 67.01
CA MET H 142 -10.58 77.93 66.51
C MET H 142 -12.06 77.60 66.67
N VAL H 143 -12.90 78.63 66.66
CA VAL H 143 -14.34 78.43 66.74
C VAL H 143 -14.84 77.80 65.45
N THR H 144 -15.85 76.94 65.57
CA THR H 144 -16.42 76.26 64.41
C THR H 144 -17.87 75.90 64.71
N LEU H 145 -18.62 75.65 63.64
CA LEU H 145 -20.03 75.30 63.74
C LEU H 145 -20.34 74.23 62.71
N GLY H 146 -21.47 73.55 62.90
CA GLY H 146 -21.82 72.45 62.02
C GLY H 146 -23.31 72.26 61.92
N CYS H 147 -23.71 71.60 60.83
CA CYS H 147 -25.10 71.25 60.56
C CYS H 147 -25.21 69.76 60.31
N LEU H 148 -26.29 69.15 60.79
CA LEU H 148 -26.58 67.75 60.56
C LEU H 148 -27.92 67.62 59.85
N VAL H 149 -28.02 66.60 58.99
CA VAL H 149 -29.21 66.38 58.18
C VAL H 149 -29.51 64.90 58.12
N LYS H 150 -30.79 64.57 57.93
CA LYS H 150 -31.23 63.19 57.92
C LYS H 150 -32.56 63.10 57.19
N GLY H 151 -32.91 61.88 56.78
CA GLY H 151 -34.24 61.63 56.25
C GLY H 151 -34.46 62.02 54.80
N TYR H 152 -33.42 62.02 53.98
CA TYR H 152 -33.52 62.45 52.60
C TYR H 152 -33.17 61.31 51.65
N PHE H 153 -33.76 61.36 50.46
CA PHE H 153 -33.48 60.42 49.38
C PHE H 153 -33.84 61.09 48.06
N PRO H 154 -33.08 60.84 46.99
CA PRO H 154 -31.74 60.26 46.96
C PRO H 154 -30.66 61.34 47.05
N GLU H 155 -29.39 60.96 46.87
CA GLU H 155 -28.33 61.93 46.60
C GLU H 155 -28.40 62.38 45.15
N PRO H 156 -27.72 63.48 44.79
CA PRO H 156 -26.88 64.38 45.58
C PRO H 156 -27.68 65.36 46.44
N VAL H 157 -26.99 66.08 47.32
CA VAL H 157 -27.58 67.16 48.10
C VAL H 157 -26.54 68.27 48.22
N THR H 158 -27.00 69.52 48.21
CA THR H 158 -26.11 70.68 48.26
C THR H 158 -26.18 71.34 49.63
N VAL H 159 -25.02 71.70 50.16
CA VAL H 159 -24.92 72.43 51.41
C VAL H 159 -23.91 73.56 51.25
N THR H 160 -24.24 74.72 51.82
CA THR H 160 -23.40 75.90 51.76
C THR H 160 -23.48 76.62 53.09
N TRP H 161 -22.51 77.50 53.34
CA TRP H 161 -22.41 78.21 54.61
C TRP H 161 -22.47 79.71 54.36
N ASN H 162 -23.24 80.41 55.20
CA ASN H 162 -23.38 81.86 55.16
C ASN H 162 -23.58 82.41 53.74
N GLY H 169 -12.18 75.99 54.07
CA GLY H 169 -12.10 75.24 55.31
C GLY H 169 -13.35 74.43 55.59
N VAL H 170 -14.34 74.56 54.71
CA VAL H 170 -15.57 73.78 54.85
C VAL H 170 -15.25 72.30 54.70
N HIS H 171 -15.90 71.48 55.53
CA HIS H 171 -15.74 70.03 55.48
C HIS H 171 -17.12 69.38 55.48
N THR H 172 -17.27 68.35 54.65
CA THR H 172 -18.54 67.66 54.49
C THR H 172 -18.28 66.16 54.48
N PHE H 173 -19.32 65.40 54.82
CA PHE H 173 -19.17 63.96 55.02
C PHE H 173 -20.12 63.19 54.10
N PRO H 174 -19.73 61.98 53.69
CA PRO H 174 -20.56 61.23 52.74
C PRO H 174 -21.93 60.88 53.32
N ALA H 175 -22.90 60.77 52.41
CA ALA H 175 -24.25 60.37 52.80
C ALA H 175 -24.25 58.96 53.37
N VAL H 176 -24.71 58.83 54.62
CA VAL H 176 -24.71 57.56 55.33
C VAL H 176 -26.15 57.11 55.53
N LEU H 177 -26.42 55.85 55.20
CA LEU H 177 -27.76 55.29 55.39
C LEU H 177 -27.99 54.98 56.86
N GLN H 178 -29.12 55.47 57.40
CA GLN H 178 -29.51 55.11 58.75
C GLN H 178 -30.34 53.82 58.76
N SER H 179 -31.47 53.83 58.06
CA SER H 179 -32.36 52.68 58.02
C SER H 179 -32.87 52.52 56.59
N GLY H 180 -31.97 52.55 55.62
CA GLY H 180 -32.37 52.62 54.23
C GLY H 180 -32.72 54.02 53.77
N LEU H 181 -32.30 55.04 54.53
CA LEU H 181 -32.56 56.42 54.20
C LEU H 181 -31.33 57.23 54.60
N TYR H 182 -31.01 58.25 53.80
CA TYR H 182 -29.71 58.89 53.93
C TYR H 182 -29.68 59.90 55.08
N THR H 183 -28.47 60.14 55.57
CA THR H 183 -28.18 61.14 56.59
C THR H 183 -26.88 61.83 56.22
N LEU H 184 -26.71 63.05 56.73
CA LEU H 184 -25.53 63.84 56.38
C LEU H 184 -25.15 64.73 57.55
N THR H 185 -23.86 65.08 57.60
CA THR H 185 -23.35 66.08 58.54
C THR H 185 -22.41 67.01 57.78
N SER H 186 -22.28 68.23 58.30
CA SER H 186 -21.44 69.24 57.67
C SER H 186 -20.83 70.11 58.76
N SER H 187 -19.69 70.72 58.43
CA SER H 187 -18.97 71.56 59.38
C SER H 187 -18.23 72.65 58.62
N VAL H 188 -17.97 73.75 59.31
CA VAL H 188 -17.25 74.87 58.71
C VAL H 188 -16.45 75.61 59.77
N VAL H 200 -23.95 81.92 62.50
CA VAL H 200 -23.53 81.10 61.37
C VAL H 200 -24.68 80.21 60.91
N THR H 201 -24.94 80.22 59.61
CA THR H 201 -26.09 79.53 59.03
C THR H 201 -25.65 78.71 57.84
N CYS H 202 -26.14 77.48 57.77
CA CYS H 202 -25.94 76.62 56.60
C CYS H 202 -27.18 76.66 55.72
N ASN H 203 -26.95 76.75 54.41
CA ASN H 203 -28.02 76.72 53.42
C ASN H 203 -27.98 75.41 52.65
N VAL H 204 -29.13 74.74 52.54
CA VAL H 204 -29.22 73.40 52.00
C VAL H 204 -30.20 73.41 50.82
N ALA H 205 -29.88 72.63 49.80
CA ALA H 205 -30.77 72.44 48.66
C ALA H 205 -30.77 70.97 48.28
N HIS H 206 -31.95 70.48 47.86
CA HIS H 206 -32.12 69.07 47.55
C HIS H 206 -32.97 68.94 46.29
N PRO H 207 -32.59 68.06 45.36
CA PRO H 207 -33.31 67.99 44.08
C PRO H 207 -34.66 67.30 44.14
N GLY H 208 -35.02 66.67 45.25
CA GLY H 208 -36.29 65.98 45.35
C GLY H 208 -36.63 65.52 46.76
N GLN H 212 -35.39 74.04 49.20
CA GLN H 212 -34.30 74.60 49.99
C GLN H 212 -34.59 74.47 51.48
N ARG H 213 -33.57 74.74 52.30
CA ARG H 213 -33.70 74.63 53.75
C ARG H 213 -32.65 75.53 54.39
N TRP H 214 -32.80 75.77 55.68
CA TRP H 214 -31.84 76.55 56.44
C TRP H 214 -31.72 76.01 57.86
N THR H 215 -30.55 76.20 58.44
CA THR H 215 -30.24 75.79 59.80
C THR H 215 -29.08 76.64 60.28
N ARG H 216 -29.10 77.01 61.56
CA ARG H 216 -28.13 77.97 62.06
C ARG H 216 -27.67 77.59 63.46
N LYS H 217 -26.41 77.91 63.75
CA LYS H 217 -25.83 77.71 65.06
C LYS H 217 -26.20 78.86 65.99
N LEU H 218 -26.31 78.54 67.29
CA LEU H 218 -26.63 79.54 68.30
C LEU H 218 -26.05 79.10 69.63
N CYS H 219 -25.95 80.04 70.55
CA CYS H 219 -25.43 79.76 71.88
C CYS H 219 -26.31 78.77 72.63
N ILE I 1 -14.80 -0.88 -61.35
CA ILE I 1 -15.93 -0.37 -60.60
C ILE I 1 -15.45 0.55 -59.49
N VAL I 2 -16.35 1.42 -59.01
CA VAL I 2 -16.07 2.33 -57.90
C VAL I 2 -16.87 1.88 -56.69
N CYS I 3 -16.20 1.71 -55.57
CA CYS I 3 -16.83 1.26 -54.33
C CYS I 3 -16.44 2.19 -53.20
N HIS I 4 -17.30 2.28 -52.19
CA HIS I 4 -16.93 2.91 -50.94
C HIS I 4 -15.89 2.06 -50.23
N THR I 5 -14.94 2.71 -49.56
CA THR I 5 -13.89 2.01 -48.83
C THR I 5 -13.74 2.62 -47.44
N THR I 6 -13.53 1.75 -46.45
CA THR I 6 -13.17 2.17 -45.10
C THR I 6 -11.66 2.21 -44.87
N ALA I 7 -10.86 1.92 -45.90
CA ALA I 7 -9.41 2.03 -45.75
C ALA I 7 -8.98 3.48 -45.55
N THR I 8 -9.61 4.40 -46.27
CA THR I 8 -9.38 5.82 -46.05
C THR I 8 -10.24 6.34 -44.91
N SER I 9 -9.75 7.39 -44.26
CA SER I 9 -10.50 8.11 -43.25
C SER I 9 -10.77 9.53 -43.74
N PRO I 10 -12.03 9.96 -43.89
CA PRO I 10 -13.27 9.19 -43.74
C PRO I 10 -13.52 8.23 -44.90
N ILE I 11 -14.67 7.54 -44.89
CA ILE I 11 -15.05 6.69 -46.00
C ILE I 11 -15.13 7.51 -47.29
N SER I 12 -14.59 6.95 -48.37
CA SER I 12 -14.57 7.64 -49.66
C SER I 12 -14.83 6.62 -50.77
N ALA I 13 -15.24 7.13 -51.91
CA ALA I 13 -15.47 6.32 -53.10
C ALA I 13 -14.18 6.22 -53.90
N VAL I 14 -13.72 4.98 -54.13
CA VAL I 14 -12.45 4.72 -54.77
C VAL I 14 -12.65 3.66 -55.85
N THR I 15 -12.05 3.87 -57.01
CA THR I 15 -12.09 2.87 -58.07
C THR I 15 -11.27 1.65 -57.67
N CYS I 16 -11.82 0.47 -57.92
CA CYS I 16 -11.16 -0.76 -57.52
C CYS I 16 -9.82 -0.91 -58.23
N PRO I 17 -8.80 -1.45 -57.57
CA PRO I 17 -7.59 -1.83 -58.28
C PRO I 17 -7.89 -2.91 -59.30
N PRO I 18 -7.13 -2.97 -60.39
CA PRO I 18 -7.38 -4.00 -61.42
C PRO I 18 -7.25 -5.40 -60.85
N GLY I 19 -8.16 -6.28 -61.28
CA GLY I 19 -8.28 -7.62 -60.74
C GLY I 19 -9.30 -7.79 -59.65
N GLU I 20 -9.83 -6.70 -59.10
CA GLU I 20 -10.92 -6.73 -58.14
C GLU I 20 -12.06 -5.85 -58.66
N ASN I 21 -13.29 -6.35 -58.56
CA ASN I 21 -14.41 -5.63 -59.16
C ASN I 21 -15.62 -5.52 -58.22
N LEU I 22 -15.85 -6.55 -57.41
CA LEU I 22 -17.03 -6.59 -56.56
C LEU I 22 -16.91 -5.63 -55.38
N CYS I 23 -17.92 -4.78 -55.20
CA CYS I 23 -18.09 -4.06 -53.95
C CYS I 23 -18.70 -4.98 -52.90
N TYR I 24 -18.32 -4.74 -51.64
CA TYR I 24 -18.89 -5.50 -50.54
C TYR I 24 -19.02 -4.60 -49.31
N ARG I 25 -19.96 -4.97 -48.44
CA ARG I 25 -20.09 -4.38 -47.12
C ARG I 25 -20.14 -5.49 -46.08
N LYS I 26 -19.25 -5.42 -45.09
CA LYS I 26 -19.24 -6.34 -43.97
C LYS I 26 -19.56 -5.57 -42.69
N MET I 27 -20.50 -6.11 -41.90
CA MET I 27 -20.87 -5.51 -40.63
C MET I 27 -20.97 -6.58 -39.55
N TRP I 28 -20.45 -6.27 -38.37
CA TRP I 28 -20.52 -7.18 -37.23
C TRP I 28 -20.51 -6.36 -35.96
N CYS I 29 -21.08 -6.94 -34.90
CA CYS I 29 -21.13 -6.26 -33.61
C CYS I 29 -19.85 -6.45 -32.82
N ASP I 30 -19.62 -5.53 -31.90
CA ASP I 30 -18.53 -5.64 -30.93
C ASP I 30 -19.04 -5.12 -29.59
N ALA I 31 -18.11 -4.94 -28.64
CA ALA I 31 -18.47 -4.52 -27.30
C ALA I 31 -19.20 -3.18 -27.26
N PHE I 32 -19.05 -2.36 -28.30
CA PHE I 32 -19.65 -1.04 -28.34
C PHE I 32 -20.95 -1.00 -29.14
N CYS I 33 -21.48 -2.16 -29.54
CA CYS I 33 -22.83 -2.19 -30.11
C CYS I 33 -23.90 -1.74 -29.14
N SER I 34 -23.57 -1.56 -27.86
CA SER I 34 -24.54 -1.00 -26.92
C SER I 34 -24.98 0.40 -27.30
N SER I 35 -24.12 1.18 -27.95
CA SER I 35 -24.48 2.54 -28.33
C SER I 35 -24.13 2.84 -29.78
N ARG I 36 -23.01 2.30 -30.26
CA ARG I 36 -22.48 2.67 -31.56
C ARG I 36 -23.01 1.83 -32.71
N GLY I 37 -23.74 0.77 -32.42
CA GLY I 37 -24.18 -0.14 -33.46
C GLY I 37 -23.03 -0.98 -34.02
N LYS I 38 -23.36 -1.71 -35.08
CA LYS I 38 -22.41 -2.63 -35.70
C LYS I 38 -21.20 -1.90 -36.26
N VAL I 39 -20.04 -2.56 -36.15
CA VAL I 39 -18.87 -2.12 -36.91
C VAL I 39 -19.17 -2.22 -38.40
N VAL I 40 -18.56 -1.34 -39.18
CA VAL I 40 -18.73 -1.33 -40.63
C VAL I 40 -17.37 -1.45 -41.29
N GLU I 41 -17.27 -2.34 -42.28
CA GLU I 41 -16.12 -2.46 -43.15
C GLU I 41 -16.58 -2.35 -44.59
N LEU I 42 -15.94 -1.47 -45.36
CA LEU I 42 -16.25 -1.27 -46.76
C LEU I 42 -14.99 -1.43 -47.60
N GLY I 43 -15.13 -2.06 -48.75
CA GLY I 43 -14.01 -2.18 -49.65
C GLY I 43 -14.41 -2.81 -50.96
N CYS I 44 -13.40 -3.15 -51.75
CA CYS I 44 -13.57 -3.86 -53.01
C CYS I 44 -12.71 -5.12 -53.00
N ALA I 45 -13.21 -6.17 -53.65
CA ALA I 45 -12.51 -7.45 -53.62
C ALA I 45 -12.69 -8.16 -54.95
N ALA I 46 -11.78 -9.10 -55.22
CA ALA I 46 -11.87 -9.94 -56.41
C ALA I 46 -12.94 -11.02 -56.28
N THR I 47 -13.37 -11.35 -55.07
CA THR I 47 -14.44 -12.31 -54.85
C THR I 47 -15.17 -11.93 -53.58
N CYS I 48 -16.42 -12.39 -53.48
CA CYS I 48 -17.24 -12.05 -52.33
C CYS I 48 -16.59 -12.58 -51.06
N PRO I 49 -16.34 -11.73 -50.07
CA PRO I 49 -15.58 -12.16 -48.89
C PRO I 49 -16.29 -13.25 -48.09
N SER I 50 -15.49 -14.04 -47.38
CA SER I 50 -16.04 -15.02 -46.45
C SER I 50 -16.69 -14.32 -45.27
N LYS I 51 -17.59 -15.05 -44.60
CA LYS I 51 -18.33 -14.50 -43.48
C LYS I 51 -18.23 -15.43 -42.28
N LYS I 52 -17.89 -14.86 -41.12
CA LYS I 52 -17.98 -15.56 -39.86
C LYS I 52 -19.45 -15.66 -39.45
N PRO I 53 -19.78 -16.55 -38.51
CA PRO I 53 -21.20 -16.70 -38.13
C PRO I 53 -21.82 -15.43 -37.60
N TYR I 54 -21.05 -14.55 -36.97
CA TYR I 54 -21.55 -13.31 -36.40
C TYR I 54 -21.36 -12.11 -37.33
N GLU I 55 -20.83 -12.30 -38.52
CA GLU I 55 -20.58 -11.23 -39.47
C GLU I 55 -21.59 -11.28 -40.61
N GLU I 56 -22.29 -10.18 -40.84
CA GLU I 56 -23.10 -10.03 -42.03
C GLU I 56 -22.25 -9.51 -43.19
N VAL I 57 -22.41 -10.14 -44.35
CA VAL I 57 -21.69 -9.75 -45.56
C VAL I 57 -22.68 -9.63 -46.70
N THR I 58 -22.51 -8.57 -47.50
CA THR I 58 -23.30 -8.36 -48.71
C THR I 58 -22.35 -8.03 -49.85
N CYS I 59 -22.65 -8.55 -51.04
CA CYS I 59 -21.79 -8.39 -52.19
C CYS I 59 -22.60 -7.96 -53.40
N CYS I 60 -22.08 -6.96 -54.12
CA CYS I 60 -22.78 -6.38 -55.26
C CYS I 60 -21.76 -5.80 -56.23
N SER I 61 -22.13 -5.81 -57.51
CA SER I 61 -21.21 -5.40 -58.58
C SER I 61 -21.40 -3.96 -59.03
N THR I 62 -22.52 -3.33 -58.69
CA THR I 62 -22.78 -1.97 -59.16
C THR I 62 -21.85 -0.97 -58.48
N ASP I 63 -21.75 0.21 -59.08
CA ASP I 63 -20.96 1.29 -58.50
C ASP I 63 -21.67 1.88 -57.28
N LYS I 64 -20.90 2.17 -56.23
CA LYS I 64 -21.41 2.77 -55.00
C LYS I 64 -22.52 1.96 -54.36
N CYS I 65 -22.53 0.65 -54.59
CA CYS I 65 -23.60 -0.20 -54.06
C CYS I 65 -23.36 -0.66 -52.63
N ASN I 66 -22.29 -0.19 -51.98
CA ASN I 66 -22.02 -0.55 -50.59
C ASN I 66 -21.93 0.68 -49.69
N PRO I 67 -22.96 1.53 -49.63
CA PRO I 67 -22.88 2.73 -48.78
C PRO I 67 -22.84 2.38 -47.30
N HIS I 68 -22.35 3.33 -46.51
CA HIS I 68 -22.54 3.26 -45.07
C HIS I 68 -24.04 3.34 -44.78
N PRO I 69 -24.52 2.64 -43.75
CA PRO I 69 -25.97 2.65 -43.46
C PRO I 69 -26.56 4.04 -43.28
N LYS I 70 -25.76 5.02 -42.87
CA LYS I 70 -26.23 6.40 -42.73
C LYS I 70 -26.07 7.21 -44.00
N GLN I 71 -25.69 6.58 -45.11
CA GLN I 71 -25.50 7.27 -46.37
C GLN I 71 -26.31 6.59 -47.46
N ARG I 72 -26.93 7.40 -48.33
CA ARG I 72 -27.73 6.89 -49.42
C ARG I 72 -26.84 6.46 -50.59
N PRO I 73 -27.27 5.44 -51.37
CA PRO I 73 -26.56 5.02 -52.58
C PRO I 73 -26.45 6.15 -53.61
N SER J 1 14.70 31.76 -10.33
CA SER J 1 13.58 31.10 -9.66
C SER J 1 12.33 31.98 -9.72
N GLU J 2 12.52 33.28 -9.51
CA GLU J 2 11.39 34.21 -9.54
C GLU J 2 10.76 34.23 -10.94
N HIS J 3 11.58 34.15 -11.98
CA HIS J 3 11.07 34.07 -13.34
C HIS J 3 10.14 32.87 -13.52
N GLU J 4 10.59 31.69 -13.08
CA GLU J 4 9.77 30.49 -13.23
C GLU J 4 8.50 30.56 -12.41
N THR J 5 8.57 31.12 -11.21
CA THR J 5 7.36 31.30 -10.41
C THR J 5 6.37 32.22 -11.12
N ARG J 6 6.86 33.33 -11.67
CA ARG J 6 5.99 34.24 -12.41
C ARG J 6 5.37 33.54 -13.62
N LEU J 7 6.18 32.77 -14.34
CA LEU J 7 5.68 32.03 -15.50
C LEU J 7 4.55 31.08 -15.11
N VAL J 8 4.79 30.26 -14.09
CA VAL J 8 3.80 29.29 -13.65
C VAL J 8 2.52 29.99 -13.20
N ALA J 9 2.67 31.14 -12.53
CA ALA J 9 1.49 31.90 -12.12
C ALA J 9 0.72 32.41 -13.33
N LYS J 10 1.44 32.98 -14.31
CA LYS J 10 0.78 33.55 -15.48
C LYS J 10 0.08 32.49 -16.32
N LEU J 11 0.66 31.29 -16.42
CA LEU J 11 0.05 30.25 -17.24
C LEU J 11 -1.29 29.79 -16.68
N PHE J 12 -1.32 29.43 -15.40
CA PHE J 12 -2.46 28.75 -14.81
C PHE J 12 -3.44 29.68 -14.12
N LYS J 13 -3.24 30.99 -14.20
CA LYS J 13 -4.15 31.94 -13.59
C LYS J 13 -5.59 31.70 -14.05
N ASP J 14 -5.77 31.47 -15.35
CA ASP J 14 -7.10 31.28 -15.94
C ASP J 14 -7.14 30.04 -16.83
N TYR J 15 -6.29 29.07 -16.53
CA TYR J 15 -6.26 27.82 -17.26
C TYR J 15 -7.45 26.94 -16.86
N SER J 16 -7.86 26.07 -17.78
CA SER J 16 -8.91 25.10 -17.53
C SER J 16 -8.45 23.73 -18.02
N SER J 17 -8.52 22.74 -17.15
CA SER J 17 -8.15 21.38 -17.50
C SER J 17 -9.31 20.57 -18.07
N VAL J 18 -10.51 21.15 -18.12
CA VAL J 18 -11.66 20.42 -18.63
C VAL J 18 -11.70 20.47 -20.16
N VAL J 19 -11.48 21.65 -20.73
CA VAL J 19 -11.53 21.79 -22.18
C VAL J 19 -10.27 21.19 -22.81
N ARG J 20 -10.40 20.75 -24.05
CA ARG J 20 -9.26 20.26 -24.79
C ARG J 20 -8.32 21.42 -25.15
N PRO J 21 -7.01 21.17 -25.20
CA PRO J 21 -6.03 22.24 -25.36
C PRO J 21 -5.82 22.64 -26.81
N VAL J 22 -6.89 23.08 -27.46
CA VAL J 22 -6.85 23.47 -28.86
C VAL J 22 -7.38 24.89 -29.00
N GLU J 23 -6.93 25.57 -30.06
CA GLU J 23 -7.41 26.92 -30.32
C GLU J 23 -8.90 26.93 -30.63
N ASP J 24 -9.37 25.94 -31.39
CA ASP J 24 -10.76 25.87 -31.81
C ASP J 24 -11.25 24.45 -31.60
N HIS J 25 -12.47 24.32 -31.10
CA HIS J 25 -12.99 23.01 -30.71
C HIS J 25 -13.15 22.06 -31.89
N ARG J 26 -13.21 22.58 -33.11
CA ARG J 26 -13.26 21.72 -34.29
C ARG J 26 -11.91 21.12 -34.64
N GLN J 27 -10.83 21.55 -34.00
CA GLN J 27 -9.53 20.91 -34.18
C GLN J 27 -9.46 19.60 -33.41
N VAL J 28 -8.53 18.75 -33.81
CA VAL J 28 -8.29 17.45 -33.18
C VAL J 28 -6.96 17.53 -32.41
N VAL J 29 -6.98 17.09 -31.16
CA VAL J 29 -5.75 17.00 -30.38
C VAL J 29 -4.92 15.82 -30.88
N GLU J 30 -3.72 16.11 -31.36
CA GLU J 30 -2.80 15.08 -31.84
C GLU J 30 -1.94 14.61 -30.69
N VAL J 31 -2.19 13.39 -30.20
CA VAL J 31 -1.44 12.79 -29.11
C VAL J 31 -0.56 11.69 -29.68
N THR J 32 0.74 11.75 -29.37
CA THR J 32 1.69 10.74 -29.79
C THR J 32 1.97 9.81 -28.62
N VAL J 33 1.74 8.51 -28.81
CA VAL J 33 1.80 7.52 -27.75
C VAL J 33 2.92 6.54 -28.05
N GLY J 34 3.77 6.29 -27.06
CA GLY J 34 4.84 5.32 -27.21
C GLY J 34 5.00 4.43 -25.99
N LEU J 35 4.83 3.13 -26.17
CA LEU J 35 4.98 2.19 -25.07
C LEU J 35 6.43 1.76 -24.91
N GLN J 36 6.96 1.93 -23.70
CA GLN J 36 8.28 1.41 -23.33
C GLN J 36 8.10 0.28 -22.33
N LEU J 37 8.68 -0.88 -22.65
CA LEU J 37 8.55 -2.07 -21.81
C LEU J 37 9.78 -2.20 -20.92
N ILE J 38 9.59 -2.15 -19.62
CA ILE J 38 10.70 -2.21 -18.68
C ILE J 38 10.97 -3.65 -18.23
N GLN J 39 9.92 -4.41 -17.91
CA GLN J 39 10.11 -5.76 -17.41
C GLN J 39 8.85 -6.58 -17.64
N LEU J 40 9.03 -7.81 -18.09
CA LEU J 40 7.96 -8.81 -18.12
C LEU J 40 7.92 -9.48 -16.75
N ILE J 41 7.03 -9.00 -15.88
CA ILE J 41 7.06 -9.44 -14.48
C ILE J 41 6.56 -10.87 -14.34
N ASN J 42 5.45 -11.21 -14.98
CA ASN J 42 4.83 -12.51 -14.77
C ASN J 42 3.98 -12.88 -15.98
N VAL J 43 3.89 -14.18 -16.24
CA VAL J 43 2.88 -14.75 -17.11
C VAL J 43 2.07 -15.75 -16.29
N ASP J 44 0.77 -15.49 -16.16
CA ASP J 44 -0.14 -16.36 -15.41
C ASP J 44 -0.89 -17.20 -16.43
N GLU J 45 -0.46 -18.45 -16.61
CA GLU J 45 -1.08 -19.30 -17.62
C GLU J 45 -2.48 -19.74 -17.23
N VAL J 46 -2.74 -19.99 -15.95
CA VAL J 46 -4.04 -20.52 -15.56
C VAL J 46 -5.11 -19.44 -15.64
N ASN J 47 -4.77 -18.21 -15.27
CA ASN J 47 -5.71 -17.09 -15.37
C ASN J 47 -5.57 -16.31 -16.68
N GLN J 48 -4.56 -16.61 -17.49
CA GLN J 48 -4.35 -15.95 -18.79
C GLN J 48 -4.04 -14.45 -18.61
N ILE J 49 -3.30 -14.11 -17.55
CA ILE J 49 -2.98 -12.73 -17.22
C ILE J 49 -1.47 -12.54 -17.34
N VAL J 50 -1.07 -11.48 -18.06
CA VAL J 50 0.33 -11.11 -18.20
C VAL J 50 0.57 -9.81 -17.45
N THR J 51 1.53 -9.83 -16.53
CA THR J 51 1.89 -8.65 -15.75
C THR J 51 3.18 -8.06 -16.28
N THR J 52 3.15 -6.77 -16.62
CA THR J 52 4.30 -6.09 -17.19
C THR J 52 4.47 -4.73 -16.52
N ASN J 53 5.71 -4.27 -16.46
CA ASN J 53 6.05 -2.93 -16.02
C ASN J 53 6.42 -2.11 -17.24
N VAL J 54 5.72 -0.98 -17.45
CA VAL J 54 5.85 -0.20 -18.67
C VAL J 54 5.94 1.28 -18.33
N ARG J 55 6.46 2.04 -19.28
CA ARG J 55 6.33 3.50 -19.31
C ARG J 55 5.47 3.87 -20.51
N LEU J 56 4.37 4.58 -20.24
CA LEU J 56 3.45 4.98 -21.31
C LEU J 56 3.72 6.45 -21.66
N LYS J 57 4.74 6.67 -22.48
CA LYS J 57 5.06 8.02 -22.93
C LYS J 57 3.92 8.59 -23.76
N GLN J 58 3.50 9.81 -23.41
CA GLN J 58 2.47 10.52 -24.15
C GLN J 58 2.97 11.93 -24.45
N GLN J 59 2.75 12.38 -25.69
CA GLN J 59 3.17 13.71 -26.11
C GLN J 59 2.04 14.40 -26.84
N TRP J 60 1.80 15.66 -26.49
CA TRP J 60 0.82 16.48 -27.19
C TRP J 60 1.19 17.94 -26.97
N VAL J 61 0.59 18.82 -27.78
CA VAL J 61 0.81 20.24 -27.70
C VAL J 61 -0.39 20.89 -27.01
N ASP J 62 -0.14 21.64 -25.95
CA ASP J 62 -1.15 22.43 -25.27
C ASP J 62 -1.07 23.85 -25.81
N TYR J 63 -2.10 24.26 -26.57
CA TYR J 63 -2.08 25.56 -27.22
C TYR J 63 -2.00 26.71 -26.23
N ASN J 64 -2.52 26.53 -25.02
CA ASN J 64 -2.60 27.62 -24.06
C ASN J 64 -1.37 27.76 -23.17
N LEU J 65 -0.44 26.80 -23.22
CA LEU J 65 0.72 26.82 -22.35
C LEU J 65 1.97 27.34 -23.05
N LYS J 66 1.81 28.12 -24.11
CA LYS J 66 2.95 28.78 -24.74
C LYS J 66 3.45 29.93 -23.87
N TRP J 67 4.74 30.21 -23.97
CA TRP J 67 5.28 31.44 -23.41
C TRP J 67 6.47 31.89 -24.24
N ASN J 68 6.85 33.16 -24.07
CA ASN J 68 8.00 33.72 -24.76
C ASN J 68 9.21 33.62 -23.83
N PRO J 69 10.26 32.89 -24.22
CA PRO J 69 11.39 32.69 -23.30
C PRO J 69 12.05 33.97 -22.84
N ASP J 70 12.08 35.01 -23.68
CA ASP J 70 12.73 36.25 -23.30
C ASP J 70 11.95 37.04 -22.27
N ASP J 71 10.66 36.73 -22.08
CA ASP J 71 9.91 37.35 -21.01
C ASP J 71 10.28 36.82 -19.64
N TYR J 72 10.88 35.62 -19.57
CA TYR J 72 11.16 34.96 -18.30
C TYR J 72 12.60 34.52 -18.21
N GLY J 73 13.52 35.37 -18.70
CA GLY J 73 14.93 35.13 -18.49
C GLY J 73 15.51 33.94 -19.23
N GLY J 74 14.87 33.50 -20.31
CA GLY J 74 15.35 32.37 -21.07
C GLY J 74 14.92 31.01 -20.57
N VAL J 75 13.96 30.96 -19.64
CA VAL J 75 13.39 29.69 -19.21
C VAL J 75 12.70 29.03 -20.40
N LYS J 76 13.21 27.87 -20.81
CA LYS J 76 12.68 27.17 -21.98
C LYS J 76 11.89 25.91 -21.65
N LYS J 77 11.99 25.39 -20.43
CA LYS J 77 11.19 24.25 -20.05
C LYS J 77 10.98 24.25 -18.55
N ILE J 78 9.83 23.73 -18.12
CA ILE J 78 9.46 23.66 -16.71
C ILE J 78 8.74 22.35 -16.46
N HIS J 79 8.77 21.90 -15.21
CA HIS J 79 8.08 20.69 -14.79
C HIS J 79 6.89 21.09 -13.91
N ILE J 80 5.71 20.58 -14.26
CA ILE J 80 4.49 20.93 -13.54
C ILE J 80 3.69 19.67 -13.23
N PRO J 81 2.92 19.65 -12.14
CA PRO J 81 2.13 18.46 -11.81
C PRO J 81 1.11 18.15 -12.91
N SER J 82 1.04 16.87 -13.28
CA SER J 82 0.14 16.45 -14.35
C SER J 82 -1.33 16.56 -13.96
N GLU J 83 -1.65 16.66 -12.67
CA GLU J 83 -3.04 16.81 -12.26
C GLU J 83 -3.63 18.16 -12.67
N LYS J 84 -2.80 19.16 -12.95
CA LYS J 84 -3.32 20.48 -13.26
C LYS J 84 -3.68 20.63 -14.73
N ILE J 85 -3.04 19.89 -15.61
CA ILE J 85 -3.24 20.07 -17.05
C ILE J 85 -4.28 19.08 -17.56
N TRP J 86 -4.81 19.37 -18.74
CA TRP J 86 -5.60 18.39 -19.48
C TRP J 86 -4.70 17.24 -19.90
N ARG J 87 -5.23 16.02 -19.81
CA ARG J 87 -4.48 14.82 -20.17
C ARG J 87 -5.35 13.90 -21.00
N PRO J 88 -4.75 13.17 -21.94
CA PRO J 88 -5.50 12.10 -22.61
C PRO J 88 -5.77 10.96 -21.62
N ASP J 89 -6.99 10.45 -21.68
CA ASP J 89 -7.44 9.41 -20.76
C ASP J 89 -7.24 8.00 -21.33
N LEU J 90 -6.00 7.68 -21.70
CA LEU J 90 -5.71 6.36 -22.26
C LEU J 90 -6.05 5.28 -21.26
N VAL J 91 -6.75 4.24 -21.73
CA VAL J 91 -7.16 3.12 -20.90
C VAL J 91 -6.71 1.84 -21.59
N LEU J 92 -6.19 0.90 -20.80
CA LEU J 92 -5.90 -0.45 -21.27
C LEU J 92 -7.22 -1.20 -21.44
N TYR J 93 -7.66 -1.34 -22.70
CA TYR J 93 -8.97 -1.92 -22.97
C TYR J 93 -9.05 -3.36 -22.48
N ASN J 94 -8.01 -4.15 -22.75
CA ASN J 94 -7.99 -5.57 -22.40
C ASN J 94 -7.38 -5.83 -21.03
N ASN J 95 -7.55 -4.92 -20.09
CA ASN J 95 -7.10 -5.15 -18.73
C ASN J 95 -7.82 -6.35 -18.13
N ALA J 96 -7.05 -7.22 -17.47
CA ALA J 96 -7.65 -8.35 -16.77
C ALA J 96 -8.12 -7.96 -15.38
N ASP J 97 -7.17 -7.64 -14.48
CA ASP J 97 -7.52 -7.27 -13.13
C ASP J 97 -6.62 -6.18 -12.56
N GLY J 98 -5.98 -5.38 -13.41
CA GLY J 98 -5.14 -4.28 -12.97
C GLY J 98 -5.84 -2.94 -13.06
N ASP J 99 -5.04 -1.88 -13.00
CA ASP J 99 -5.57 -0.54 -13.20
C ASP J 99 -5.86 -0.29 -14.67
N PHE J 100 -7.03 0.27 -14.96
CA PHE J 100 -7.38 0.59 -16.34
C PHE J 100 -6.55 1.76 -16.87
N ALA J 101 -6.49 2.85 -16.12
CA ALA J 101 -5.80 4.05 -16.53
C ALA J 101 -4.53 4.25 -15.70
N ILE J 102 -3.79 5.30 -16.05
CA ILE J 102 -2.63 5.70 -15.27
C ILE J 102 -3.08 6.18 -13.89
N VAL J 103 -2.36 5.73 -12.86
CA VAL J 103 -2.63 6.18 -11.50
C VAL J 103 -1.42 6.85 -10.85
N LYS J 104 -0.21 6.66 -11.37
CA LYS J 104 0.99 7.34 -10.88
C LYS J 104 1.14 8.64 -11.66
N PHE J 105 0.60 9.73 -11.12
CA PHE J 105 0.62 11.03 -11.78
C PHE J 105 1.96 11.72 -11.51
N THR J 106 2.97 11.32 -12.28
CA THR J 106 4.25 12.00 -12.27
C THR J 106 4.12 13.37 -12.94
N LYS J 107 5.17 14.19 -12.78
CA LYS J 107 5.19 15.50 -13.40
C LYS J 107 5.46 15.40 -14.90
N VAL J 108 4.83 16.31 -15.65
CA VAL J 108 5.09 16.42 -17.08
C VAL J 108 6.21 17.43 -17.31
N LEU J 109 6.86 17.31 -18.47
CA LEU J 109 7.80 18.30 -18.95
C LEU J 109 7.11 19.21 -19.96
N LEU J 110 7.05 20.50 -19.66
CA LEU J 110 6.39 21.48 -20.51
C LEU J 110 7.43 22.42 -21.10
N GLN J 111 7.47 22.51 -22.42
CA GLN J 111 8.40 23.38 -23.12
C GLN J 111 7.70 24.67 -23.57
N TYR J 112 8.51 25.68 -23.88
CA TYR J 112 7.96 26.98 -24.24
C TYR J 112 7.08 26.92 -25.48
N THR J 113 7.26 25.92 -26.34
CA THR J 113 6.38 25.75 -27.48
C THR J 113 5.01 25.20 -27.10
N GLY J 114 4.79 24.90 -25.82
CA GLY J 114 3.59 24.23 -25.39
C GLY J 114 3.62 22.73 -25.55
N HIS J 115 4.73 22.17 -25.98
CA HIS J 115 4.86 20.72 -26.13
C HIS J 115 4.96 20.07 -24.76
N ILE J 116 4.10 19.09 -24.50
CA ILE J 116 4.06 18.37 -23.23
C ILE J 116 4.53 16.95 -23.46
N THR J 117 5.46 16.49 -22.63
CA THR J 117 5.88 15.10 -22.60
C THR J 117 5.58 14.51 -21.24
N TRP J 118 4.82 13.43 -21.21
CA TRP J 118 4.44 12.75 -19.98
C TRP J 118 4.78 11.27 -20.12
N THR J 119 5.54 10.73 -19.17
CA THR J 119 5.97 9.34 -19.19
C THR J 119 5.67 8.66 -17.86
N PRO J 120 4.39 8.50 -17.53
CA PRO J 120 4.03 7.89 -16.25
C PRO J 120 4.33 6.40 -16.25
N PRO J 121 4.82 5.87 -15.13
CA PRO J 121 4.96 4.42 -15.01
C PRO J 121 3.62 3.76 -14.68
N ALA J 122 3.46 2.53 -15.17
CA ALA J 122 2.28 1.75 -14.86
C ALA J 122 2.61 0.27 -14.90
N ILE J 123 1.86 -0.52 -14.15
CA ILE J 123 1.89 -1.98 -14.22
C ILE J 123 0.62 -2.44 -14.91
N PHE J 124 0.77 -3.07 -16.07
CA PHE J 124 -0.36 -3.50 -16.89
C PHE J 124 -0.55 -5.00 -16.76
N LYS J 125 -1.72 -5.40 -16.27
CA LYS J 125 -2.09 -6.81 -16.20
C LYS J 125 -3.03 -7.15 -17.36
N SER J 126 -2.46 -7.15 -18.55
CA SER J 126 -3.25 -7.37 -19.76
C SER J 126 -3.74 -8.80 -19.86
N TYR J 127 -4.99 -8.98 -20.27
CA TYR J 127 -5.52 -10.30 -20.55
C TYR J 127 -4.96 -10.82 -21.87
N CYS J 128 -4.48 -12.06 -21.85
CA CYS J 128 -3.86 -12.66 -23.02
C CYS J 128 -4.47 -14.02 -23.28
N GLU J 129 -4.75 -14.31 -24.55
CA GLU J 129 -5.26 -15.62 -24.97
C GLU J 129 -4.11 -16.62 -24.99
N ILE J 130 -3.84 -17.21 -23.83
CA ILE J 130 -2.77 -18.18 -23.69
C ILE J 130 -3.13 -19.46 -24.44
N ILE J 131 -2.22 -19.93 -25.29
CA ILE J 131 -2.38 -21.18 -26.02
C ILE J 131 -1.41 -22.19 -25.41
N VAL J 132 -1.95 -23.30 -24.90
CA VAL J 132 -1.19 -24.23 -24.09
C VAL J 132 -0.88 -25.54 -24.81
N THR J 133 -1.24 -25.66 -26.09
CA THR J 133 -1.12 -26.94 -26.79
C THR J 133 0.33 -27.43 -26.79
N HIS J 134 1.28 -26.57 -27.14
CA HIS J 134 2.68 -26.94 -27.25
C HIS J 134 3.45 -26.78 -25.94
N PHE J 135 2.75 -26.65 -24.82
CA PHE J 135 3.40 -26.47 -23.54
C PHE J 135 4.37 -27.62 -23.28
N PRO J 136 5.61 -27.34 -22.85
CA PRO J 136 6.17 -26.04 -22.48
C PRO J 136 6.96 -25.35 -23.59
N PHE J 137 6.81 -25.76 -24.85
CA PHE J 137 7.51 -25.15 -25.96
C PHE J 137 6.65 -24.13 -26.69
N ASP J 138 5.69 -23.54 -26.00
CA ASP J 138 4.68 -22.70 -26.62
C ASP J 138 5.21 -21.29 -26.88
N GLU J 139 4.64 -20.64 -27.89
CA GLU J 139 4.83 -19.22 -28.13
C GLU J 139 3.51 -18.51 -27.85
N GLN J 140 3.57 -17.45 -27.05
CA GLN J 140 2.37 -16.71 -26.64
C GLN J 140 2.40 -15.34 -27.28
N ASN J 141 1.35 -15.02 -28.03
CA ASN J 141 1.19 -13.71 -28.67
C ASN J 141 0.28 -12.86 -27.80
N CYS J 142 0.86 -12.29 -26.74
CA CYS J 142 0.12 -11.44 -25.82
C CYS J 142 0.19 -9.98 -26.29
N SER J 143 -0.92 -9.26 -26.09
CA SER J 143 -1.07 -7.94 -26.66
C SER J 143 -1.66 -6.99 -25.63
N MET J 144 -1.46 -5.69 -25.87
CA MET J 144 -2.00 -4.62 -25.03
C MET J 144 -2.74 -3.64 -25.92
N LYS J 145 -4.02 -3.42 -25.65
CA LYS J 145 -4.84 -2.50 -26.43
C LYS J 145 -5.01 -1.20 -25.66
N LEU J 146 -4.46 -0.12 -26.19
CA LEU J 146 -4.50 1.19 -25.55
C LEU J 146 -5.31 2.15 -26.42
N GLY J 147 -6.28 2.82 -25.81
CA GLY J 147 -7.02 3.86 -26.51
C GLY J 147 -7.63 4.83 -25.52
N THR J 148 -7.94 6.03 -26.01
CA THR J 148 -8.72 6.97 -25.23
C THR J 148 -10.09 6.38 -24.92
N TRP J 149 -10.48 6.45 -23.65
CA TRP J 149 -11.72 5.80 -23.24
C TRP J 149 -12.95 6.55 -23.75
N THR J 150 -12.96 7.87 -23.58
CA THR J 150 -14.13 8.67 -23.91
C THR J 150 -13.97 9.51 -25.17
N TYR J 151 -12.77 10.00 -25.46
CA TYR J 151 -12.54 10.77 -26.67
C TYR J 151 -12.46 9.86 -27.88
N ASP J 152 -13.15 10.25 -28.95
CA ASP J 152 -13.12 9.52 -30.21
C ASP J 152 -12.19 10.21 -31.20
N GLY J 153 -11.96 9.53 -32.33
CA GLY J 153 -10.95 9.97 -33.27
C GLY J 153 -11.26 11.27 -33.99
N SER J 154 -12.50 11.74 -33.92
CA SER J 154 -12.84 13.07 -34.44
C SER J 154 -12.59 14.16 -33.42
N VAL J 155 -12.13 13.81 -32.22
CA VAL J 155 -11.99 14.76 -31.12
C VAL J 155 -10.55 14.72 -30.61
N VAL J 156 -10.03 13.52 -30.39
CA VAL J 156 -8.63 13.30 -30.03
C VAL J 156 -8.10 12.16 -30.88
N ALA J 157 -6.96 12.40 -31.54
CA ALA J 157 -6.32 11.40 -32.39
C ALA J 157 -5.00 10.98 -31.77
N ILE J 158 -4.82 9.69 -31.56
CA ILE J 158 -3.59 9.13 -31.02
C ILE J 158 -2.80 8.47 -32.13
N ASN J 159 -1.48 8.69 -32.13
CA ASN J 159 -0.59 8.12 -33.13
C ASN J 159 0.57 7.41 -32.44
N PRO J 160 1.00 6.27 -32.95
CA PRO J 160 2.13 5.57 -32.32
C PRO J 160 3.44 6.34 -32.54
N GLU J 161 4.22 6.45 -31.47
CA GLU J 161 5.51 7.13 -31.56
C GLU J 161 6.46 6.38 -32.49
N SER J 162 6.40 5.06 -32.50
CA SER J 162 7.26 4.24 -33.34
C SER J 162 6.52 2.96 -33.69
N ASP J 163 6.96 2.33 -34.77
CA ASP J 163 6.34 1.09 -35.21
C ASP J 163 6.49 -0.04 -34.19
N GLN J 164 7.49 0.03 -33.32
CA GLN J 164 7.72 -1.02 -32.34
C GLN J 164 7.87 -0.43 -30.95
N PRO J 165 7.49 -1.20 -29.91
CA PRO J 165 7.75 -0.75 -28.54
C PRO J 165 9.23 -0.55 -28.29
N ASP J 166 9.54 0.38 -27.39
CA ASP J 166 10.92 0.64 -27.00
C ASP J 166 11.35 -0.41 -25.97
N LEU J 167 12.28 -1.28 -26.37
CA LEU J 167 12.84 -2.30 -25.48
C LEU J 167 14.23 -1.96 -24.98
N SER J 168 14.70 -0.73 -25.19
CA SER J 168 16.07 -0.39 -24.84
C SER J 168 16.36 -0.48 -23.35
N ASN J 169 15.33 -0.39 -22.52
CA ASN J 169 15.48 -0.53 -21.07
C ASN J 169 14.98 -1.87 -20.55
N PHE J 170 14.60 -2.79 -21.44
CA PHE J 170 13.96 -4.03 -21.03
C PHE J 170 14.90 -4.89 -20.19
N MET J 171 14.44 -5.25 -18.99
CA MET J 171 15.15 -6.22 -18.16
C MET J 171 14.88 -7.63 -18.67
N GLU J 172 15.95 -8.39 -18.88
CA GLU J 172 15.80 -9.72 -19.47
C GLU J 172 15.09 -10.67 -18.51
N SER J 173 14.06 -11.34 -19.01
CA SER J 173 13.31 -12.29 -18.20
C SER J 173 14.05 -13.61 -18.11
N GLY J 174 13.93 -14.27 -16.97
CA GLY J 174 14.50 -15.59 -16.77
C GLY J 174 13.66 -16.74 -17.30
N GLU J 175 12.49 -16.46 -17.88
CA GLU J 175 11.58 -17.49 -18.33
C GLU J 175 11.11 -17.33 -19.76
N TRP J 176 11.11 -16.12 -20.31
CA TRP J 176 10.54 -15.84 -21.63
C TRP J 176 11.51 -15.03 -22.46
N VAL J 177 11.53 -15.31 -23.76
CA VAL J 177 12.27 -14.53 -24.74
C VAL J 177 11.28 -13.86 -25.67
N ILE J 178 11.37 -12.54 -25.80
CA ILE J 178 10.51 -11.78 -26.70
C ILE J 178 11.09 -11.90 -28.11
N LYS J 179 10.45 -12.71 -28.95
CA LYS J 179 10.92 -12.92 -30.31
C LYS J 179 10.59 -11.73 -31.21
N GLU J 180 9.42 -11.14 -31.04
CA GLU J 180 8.95 -10.09 -31.94
C GLU J 180 8.03 -9.15 -31.19
N SER J 181 8.02 -7.88 -31.60
CA SER J 181 7.07 -6.91 -31.08
C SER J 181 6.77 -5.88 -32.17
N ARG J 182 5.55 -5.36 -32.14
CA ARG J 182 5.07 -4.42 -33.15
C ARG J 182 3.87 -3.68 -32.59
N GLY J 183 3.67 -2.46 -33.05
CA GLY J 183 2.51 -1.67 -32.69
C GLY J 183 1.69 -1.30 -33.93
N TRP J 184 0.38 -1.40 -33.81
CA TRP J 184 -0.53 -1.08 -34.90
C TRP J 184 -1.60 -0.12 -34.43
N LYS J 185 -1.92 0.87 -35.26
CA LYS J 185 -3.03 1.78 -35.00
C LYS J 185 -4.26 1.30 -35.78
N HIS J 186 -5.35 1.05 -35.06
CA HIS J 186 -6.59 0.62 -35.67
C HIS J 186 -7.64 1.72 -35.56
N SER J 187 -8.30 2.03 -36.67
CA SER J 187 -9.47 2.89 -36.69
C SER J 187 -10.68 2.05 -37.08
N VAL J 188 -11.76 2.20 -36.32
CA VAL J 188 -12.99 1.46 -36.58
C VAL J 188 -14.14 2.45 -36.67
N THR J 189 -15.03 2.22 -37.64
CA THR J 189 -16.19 3.06 -37.88
C THR J 189 -17.45 2.25 -37.60
N TYR J 190 -18.45 2.89 -37.02
CA TYR J 190 -19.63 2.21 -36.52
C TYR J 190 -20.86 2.72 -37.25
N SER J 191 -21.86 1.84 -37.38
CA SER J 191 -23.05 2.14 -38.17
C SER J 191 -23.86 3.30 -37.62
N CYS J 192 -23.63 3.69 -36.36
CA CYS J 192 -24.31 4.87 -35.83
C CYS J 192 -23.80 6.15 -36.47
N CYS J 193 -22.51 6.20 -36.77
CA CYS J 193 -21.79 7.47 -36.83
C CYS J 193 -20.67 7.35 -37.86
N PRO J 194 -20.92 7.76 -39.10
CA PRO J 194 -19.85 7.68 -40.11
C PRO J 194 -18.65 8.56 -39.82
N ASP J 195 -18.85 9.69 -39.15
CA ASP J 195 -17.83 10.73 -39.05
C ASP J 195 -17.00 10.66 -37.78
N THR J 196 -17.24 9.69 -36.90
CA THR J 196 -16.54 9.60 -35.61
C THR J 196 -15.84 8.25 -35.53
N PRO J 197 -14.70 8.09 -36.20
CA PRO J 197 -13.92 6.87 -36.04
C PRO J 197 -13.38 6.76 -34.62
N TYR J 198 -13.29 5.54 -34.12
CA TYR J 198 -12.71 5.27 -32.81
C TYR J 198 -11.34 4.62 -32.99
N LEU J 199 -10.37 5.09 -32.22
CA LEU J 199 -8.97 4.76 -32.43
C LEU J 199 -8.42 3.97 -31.26
N ASP J 200 -7.53 3.03 -31.56
CA ASP J 200 -6.73 2.36 -30.54
C ASP J 200 -5.38 2.00 -31.13
N ILE J 201 -4.39 1.85 -30.26
CA ILE J 201 -3.08 1.31 -30.63
C ILE J 201 -2.90 0.01 -29.88
N THR J 202 -2.62 -1.07 -30.61
CA THR J 202 -2.40 -2.39 -30.03
C THR J 202 -0.93 -2.76 -30.13
N TYR J 203 -0.30 -2.98 -28.99
CA TYR J 203 1.07 -3.45 -28.91
C TYR J 203 1.06 -4.93 -28.54
N HIS J 204 1.81 -5.75 -29.28
CA HIS J 204 1.84 -7.18 -29.04
C HIS J 204 3.26 -7.68 -29.00
N PHE J 205 3.52 -8.64 -28.12
CA PHE J 205 4.84 -9.24 -27.95
C PHE J 205 4.72 -10.74 -28.16
N VAL J 206 5.51 -11.28 -29.10
CA VAL J 206 5.56 -12.71 -29.33
C VAL J 206 6.64 -13.30 -28.43
N MET J 207 6.21 -13.98 -27.37
CA MET J 207 7.11 -14.53 -26.37
C MET J 207 7.21 -16.03 -26.54
N GLN J 208 8.43 -16.56 -26.51
CA GLN J 208 8.67 -18.00 -26.52
C GLN J 208 9.23 -18.43 -25.17
N ARG J 209 8.65 -19.47 -24.60
CA ARG J 209 9.09 -19.96 -23.30
C ARG J 209 10.47 -20.61 -23.39
N LEU J 210 11.27 -20.41 -22.35
CA LEU J 210 12.48 -21.18 -22.15
C LEU J 210 12.13 -22.51 -21.48
N PRO J 211 12.31 -23.64 -22.17
CA PRO J 211 11.74 -24.91 -21.69
C PRO J 211 12.58 -25.63 -20.65
N LEU J 212 13.78 -25.13 -20.32
CA LEU J 212 14.73 -25.94 -19.57
C LEU J 212 14.19 -26.37 -18.21
N TYR J 213 13.48 -25.48 -17.51
CA TYR J 213 12.96 -25.83 -16.19
C TYR J 213 12.02 -27.03 -16.25
N PHE J 214 11.08 -27.01 -17.19
CA PHE J 214 10.12 -28.10 -17.28
C PHE J 214 10.77 -29.38 -17.81
N ILE J 215 11.71 -29.24 -18.75
CA ILE J 215 12.45 -30.40 -19.24
C ILE J 215 13.15 -31.10 -18.09
N VAL J 216 13.85 -30.33 -17.25
CA VAL J 216 14.65 -30.94 -16.18
C VAL J 216 13.75 -31.49 -15.08
N ASN J 217 12.80 -30.70 -14.59
CA ASN J 217 12.05 -31.08 -13.40
C ASN J 217 10.81 -31.91 -13.67
N VAL J 218 10.36 -32.03 -14.92
CA VAL J 218 9.12 -32.76 -15.19
C VAL J 218 9.35 -33.87 -16.19
N ILE J 219 9.91 -33.54 -17.36
CA ILE J 219 10.00 -34.51 -18.44
C ILE J 219 10.95 -35.65 -18.09
N ILE J 220 12.10 -35.32 -17.49
CA ILE J 220 13.09 -36.36 -17.18
C ILE J 220 12.55 -37.42 -16.22
N PRO J 221 11.94 -37.08 -15.07
CA PRO J 221 11.42 -38.14 -14.20
C PRO J 221 10.28 -38.92 -14.83
N CYS J 222 9.44 -38.29 -15.66
CA CYS J 222 8.41 -39.04 -16.37
C CYS J 222 9.03 -40.04 -17.33
N LEU J 223 10.08 -39.64 -18.03
CA LEU J 223 10.78 -40.57 -18.93
C LEU J 223 11.42 -41.71 -18.14
N LEU J 224 12.00 -41.40 -16.98
CA LEU J 224 12.61 -42.44 -16.16
C LEU J 224 11.56 -43.45 -15.68
N PHE J 225 10.41 -42.96 -15.22
CA PHE J 225 9.34 -43.87 -14.81
C PHE J 225 8.83 -44.69 -15.99
N SER J 226 8.71 -44.08 -17.16
CA SER J 226 8.30 -44.81 -18.35
C SER J 226 9.29 -45.93 -18.68
N PHE J 227 10.59 -45.63 -18.61
CA PHE J 227 11.61 -46.63 -18.90
C PHE J 227 11.50 -47.83 -17.96
N LEU J 228 11.36 -47.58 -16.66
CA LEU J 228 11.31 -48.67 -15.69
C LEU J 228 10.11 -49.57 -15.89
N THR J 229 9.06 -49.06 -16.54
CA THR J 229 7.83 -49.84 -16.70
C THR J 229 8.07 -51.13 -17.47
N GLY J 230 8.96 -51.10 -18.47
CA GLY J 230 9.21 -52.29 -19.26
C GLY J 230 10.02 -53.35 -18.52
N LEU J 231 10.81 -52.94 -17.53
CA LEU J 231 11.71 -53.87 -16.86
C LEU J 231 10.98 -54.97 -16.10
N VAL J 232 9.71 -54.77 -15.75
CA VAL J 232 8.97 -55.78 -15.02
C VAL J 232 8.85 -57.07 -15.82
N PHE J 233 8.89 -56.99 -17.15
CA PHE J 233 8.75 -58.18 -17.98
C PHE J 233 10.02 -59.00 -18.07
N TYR J 234 11.17 -58.43 -17.73
CA TYR J 234 12.40 -59.20 -17.65
C TYR J 234 12.64 -59.77 -16.27
N LEU J 235 12.11 -59.11 -15.24
CA LEU J 235 12.14 -59.57 -13.85
C LEU J 235 11.32 -60.84 -13.71
N PRO J 236 11.93 -61.97 -13.32
CA PRO J 236 11.21 -63.24 -13.34
C PRO J 236 10.06 -63.28 -12.35
N THR J 237 9.05 -64.09 -12.69
CA THR J 237 7.90 -64.26 -11.81
C THR J 237 8.29 -64.86 -10.47
N ASP J 238 9.20 -65.84 -10.48
CA ASP J 238 9.58 -66.53 -9.25
C ASP J 238 10.22 -65.60 -8.23
N SER J 239 10.71 -64.43 -8.66
CA SER J 239 11.23 -63.45 -7.70
C SER J 239 10.13 -62.91 -6.81
N GLY J 240 8.90 -62.82 -7.31
CA GLY J 240 7.83 -62.16 -6.62
C GLY J 240 7.91 -60.64 -6.62
N GLU J 241 8.91 -60.06 -7.28
CA GLU J 241 9.09 -58.61 -7.28
C GLU J 241 8.34 -57.92 -8.41
N LYS J 242 7.79 -58.66 -9.37
CA LYS J 242 7.09 -58.06 -10.51
C LYS J 242 6.01 -57.09 -10.04
N MET J 243 5.10 -57.59 -9.20
CA MET J 243 3.95 -56.80 -8.77
C MET J 243 4.39 -55.62 -7.93
N THR J 244 5.30 -55.84 -6.98
CA THR J 244 5.83 -54.75 -6.19
C THR J 244 6.47 -53.68 -7.07
N LEU J 245 7.23 -54.09 -8.08
CA LEU J 245 7.88 -53.14 -8.97
C LEU J 245 6.85 -52.30 -9.73
N SER J 246 5.89 -52.96 -10.39
CA SER J 246 4.93 -52.21 -11.19
C SER J 246 4.06 -51.31 -10.32
N ILE J 247 3.64 -51.80 -9.15
CA ILE J 247 2.79 -51.01 -8.27
C ILE J 247 3.55 -49.82 -7.70
N SER J 248 4.84 -50.00 -7.38
CA SER J 248 5.61 -48.86 -6.89
C SER J 248 5.89 -47.84 -7.98
N VAL J 249 6.07 -48.30 -9.23
CA VAL J 249 6.17 -47.36 -10.35
C VAL J 249 4.88 -46.57 -10.48
N LEU J 250 3.73 -47.24 -10.37
CA LEU J 250 2.46 -46.54 -10.44
C LEU J 250 2.30 -45.53 -9.31
N LEU J 251 2.69 -45.91 -8.09
CA LEU J 251 2.62 -45.00 -6.96
C LEU J 251 3.49 -43.78 -7.17
N SER J 252 4.72 -43.99 -7.64
CA SER J 252 5.61 -42.86 -7.90
C SER J 252 5.05 -41.96 -9.00
N LEU J 253 4.49 -42.56 -10.04
CA LEU J 253 3.88 -41.76 -11.11
C LEU J 253 2.70 -40.94 -10.60
N THR J 254 1.91 -41.51 -9.68
CA THR J 254 0.77 -40.77 -9.14
C THR J 254 1.24 -39.65 -8.22
N VAL J 255 2.25 -39.91 -7.39
CA VAL J 255 2.84 -38.86 -6.55
C VAL J 255 3.40 -37.74 -7.42
N PHE J 256 3.96 -38.09 -8.58
CA PHE J 256 4.50 -37.06 -9.47
C PHE J 256 3.38 -36.30 -10.18
N LEU J 257 2.29 -36.99 -10.53
CA LEU J 257 1.11 -36.31 -11.06
C LEU J 257 0.57 -35.31 -10.07
N LEU J 258 0.63 -35.64 -8.77
CA LEU J 258 0.20 -34.71 -7.73
C LEU J 258 0.96 -33.39 -7.80
N VAL J 259 2.16 -33.40 -8.37
CA VAL J 259 2.99 -32.20 -8.48
C VAL J 259 2.79 -31.58 -9.85
N ILE J 260 2.51 -32.42 -10.84
CA ILE J 260 2.40 -31.94 -12.23
C ILE J 260 1.07 -31.22 -12.47
N VAL J 261 -0.01 -31.65 -11.81
CA VAL J 261 -1.32 -31.05 -12.06
C VAL J 261 -1.37 -29.58 -11.69
N GLU J 262 -0.55 -29.15 -10.71
CA GLU J 262 -0.55 -27.75 -10.33
C GLU J 262 0.30 -26.88 -11.25
N LEU J 263 1.28 -27.49 -11.93
CA LEU J 263 2.10 -26.73 -12.88
C LEU J 263 1.41 -26.63 -14.24
N ILE J 264 0.78 -27.71 -14.69
CA ILE J 264 0.05 -27.68 -15.96
C ILE J 264 -1.07 -26.65 -15.87
N PRO J 265 -1.25 -25.81 -16.89
CA PRO J 265 -2.36 -24.84 -16.84
C PRO J 265 -3.71 -25.54 -16.90
N SER J 266 -4.66 -25.04 -16.09
CA SER J 266 -6.01 -25.59 -16.02
C SER J 266 -6.88 -25.18 -17.19
N THR J 267 -6.34 -24.44 -18.17
CA THR J 267 -7.12 -24.01 -19.32
C THR J 267 -7.63 -25.22 -20.11
N SER J 268 -8.94 -25.43 -20.10
CA SER J 268 -9.55 -26.64 -20.64
C SER J 268 -9.93 -26.50 -22.12
N SER J 269 -9.36 -25.52 -22.82
CA SER J 269 -9.61 -25.41 -24.25
C SER J 269 -8.99 -26.57 -25.01
N ALA J 270 -7.78 -26.96 -24.64
CA ALA J 270 -7.09 -28.07 -25.29
C ALA J 270 -6.17 -28.74 -24.29
N VAL J 271 -5.86 -30.00 -24.55
CA VAL J 271 -4.93 -30.73 -23.68
C VAL J 271 -3.51 -30.27 -23.94
N PRO J 272 -2.72 -29.96 -22.90
CA PRO J 272 -1.30 -29.69 -23.11
C PRO J 272 -0.57 -30.93 -23.60
N LEU J 273 0.52 -30.70 -24.33
CA LEU J 273 1.34 -31.81 -24.82
C LEU J 273 1.90 -32.62 -23.66
N ILE J 274 2.37 -31.94 -22.61
CA ILE J 274 2.84 -32.65 -21.42
C ILE J 274 1.70 -33.42 -20.76
N GLY J 275 0.48 -32.91 -20.84
CA GLY J 275 -0.65 -33.66 -20.31
C GLY J 275 -0.93 -34.92 -21.11
N LYS J 276 -0.83 -34.83 -22.44
CA LYS J 276 -0.96 -36.03 -23.26
C LYS J 276 0.14 -37.04 -22.95
N TYR J 277 1.37 -36.56 -22.75
CA TYR J 277 2.45 -37.46 -22.39
C TYR J 277 2.21 -38.13 -21.04
N MET J 278 1.68 -37.38 -20.07
CA MET J 278 1.34 -37.96 -18.77
C MET J 278 0.25 -39.01 -18.91
N LEU J 279 -0.78 -38.72 -19.71
CA LEU J 279 -1.84 -39.70 -19.94
C LEU J 279 -1.30 -40.96 -20.59
N PHE J 280 -0.41 -40.79 -21.58
CA PHE J 280 0.25 -41.93 -22.20
C PHE J 280 1.00 -42.76 -21.17
N THR J 281 1.82 -42.11 -20.34
CA THR J 281 2.59 -42.84 -19.34
C THR J 281 1.68 -43.59 -18.36
N MET J 282 0.60 -42.94 -17.92
CA MET J 282 -0.33 -43.58 -16.99
C MET J 282 -0.98 -44.81 -17.63
N VAL J 283 -1.51 -44.66 -18.83
CA VAL J 283 -2.15 -45.78 -19.51
C VAL J 283 -1.14 -46.90 -19.77
N PHE J 284 0.09 -46.53 -20.11
CA PHE J 284 1.15 -47.51 -20.34
C PHE J 284 1.42 -48.33 -19.08
N VAL J 285 1.53 -47.65 -17.93
CA VAL J 285 1.75 -48.35 -16.66
C VAL J 285 0.56 -49.26 -16.34
N ILE J 286 -0.65 -48.75 -16.54
CA ILE J 286 -1.86 -49.54 -16.23
C ILE J 286 -1.89 -50.81 -17.08
N ALA J 287 -1.62 -50.68 -18.38
CA ALA J 287 -1.60 -51.84 -19.26
C ALA J 287 -0.49 -52.81 -18.85
N SER J 288 0.67 -52.28 -18.48
CA SER J 288 1.76 -53.14 -18.03
C SER J 288 1.36 -53.93 -16.80
N ILE J 289 0.65 -53.30 -15.86
CA ILE J 289 0.22 -54.00 -14.66
C ILE J 289 -0.79 -55.09 -15.00
N ILE J 290 -1.77 -54.76 -15.85
CA ILE J 290 -2.78 -55.75 -16.24
C ILE J 290 -2.12 -56.95 -16.89
N ILE J 291 -1.23 -56.71 -17.85
CA ILE J 291 -0.56 -57.81 -18.54
C ILE J 291 0.34 -58.58 -17.59
N THR J 292 0.99 -57.91 -16.65
CA THR J 292 1.80 -58.59 -15.66
C THR J 292 0.95 -59.52 -14.80
N VAL J 293 -0.26 -59.08 -14.43
CA VAL J 293 -1.16 -59.95 -13.67
C VAL J 293 -1.55 -61.16 -14.50
N ILE J 294 -1.82 -60.95 -15.80
CA ILE J 294 -2.14 -62.07 -16.67
C ILE J 294 -0.99 -63.06 -16.74
N VAL J 295 0.24 -62.56 -16.90
CA VAL J 295 1.41 -63.42 -17.00
C VAL J 295 1.63 -64.19 -15.71
N ILE J 296 1.49 -63.52 -14.56
CA ILE J 296 1.67 -64.19 -13.27
C ILE J 296 0.63 -65.30 -13.10
N ASN J 297 -0.62 -65.01 -13.46
CA ASN J 297 -1.65 -66.04 -13.38
C ASN J 297 -1.32 -67.22 -14.30
N THR J 298 -0.82 -66.93 -15.49
CA THR J 298 -0.42 -68.00 -16.41
C THR J 298 0.67 -68.86 -15.80
N HIS J 299 1.68 -68.23 -15.18
CA HIS J 299 2.82 -68.96 -14.65
C HIS J 299 2.40 -69.96 -13.57
N HIS J 300 1.49 -69.57 -12.69
CA HIS J 300 1.11 -70.40 -11.56
C HIS J 300 0.06 -71.45 -11.89
N ARG J 301 -0.33 -71.60 -13.15
CA ARG J 301 -1.22 -72.69 -13.52
C ARG J 301 -0.53 -74.04 -13.37
N SER J 302 -1.33 -75.08 -13.25
CA SER J 302 -0.83 -76.43 -13.02
C SER J 302 -1.81 -77.41 -13.65
N PRO J 303 -1.46 -78.71 -13.69
CA PRO J 303 -2.44 -79.71 -14.16
C PRO J 303 -3.73 -79.73 -13.35
N SER J 304 -3.71 -79.15 -12.15
CA SER J 304 -4.95 -78.93 -11.41
C SER J 304 -5.89 -77.99 -12.15
N THR J 305 -5.36 -77.13 -13.01
CA THR J 305 -6.17 -76.30 -13.90
C THR J 305 -6.62 -77.07 -15.15
N HIS J 306 -6.30 -78.36 -15.23
CA HIS J 306 -6.54 -79.23 -16.39
C HIS J 306 -5.69 -78.83 -17.59
N VAL J 307 -5.71 -79.68 -18.62
CA VAL J 307 -4.66 -79.68 -19.63
C VAL J 307 -4.60 -78.36 -20.39
N MET J 308 -3.38 -77.96 -20.75
CA MET J 308 -3.16 -76.81 -21.61
C MET J 308 -3.77 -77.06 -22.98
N PRO J 309 -4.45 -76.07 -23.57
CA PRO J 309 -4.92 -76.24 -24.96
C PRO J 309 -3.74 -76.36 -25.92
N ASN J 310 -3.90 -77.24 -26.91
CA ASN J 310 -2.78 -77.60 -27.77
C ASN J 310 -2.26 -76.42 -28.58
N TRP J 311 -3.13 -75.45 -28.90
CA TRP J 311 -2.67 -74.29 -29.68
C TRP J 311 -1.71 -73.41 -28.88
N VAL J 312 -1.90 -73.31 -27.56
CA VAL J 312 -0.96 -72.56 -26.74
C VAL J 312 0.41 -73.22 -26.76
N ARG J 313 0.45 -74.55 -26.65
CA ARG J 313 1.71 -75.27 -26.77
C ARG J 313 2.35 -75.05 -28.13
N LYS J 314 1.56 -75.16 -29.20
CA LYS J 314 2.08 -74.99 -30.55
C LYS J 314 2.67 -73.61 -30.75
N VAL J 315 2.02 -72.58 -30.23
CA VAL J 315 2.51 -71.22 -30.39
C VAL J 315 3.74 -70.98 -29.51
N PHE J 316 3.57 -71.08 -28.19
CA PHE J 316 4.60 -70.57 -27.29
C PHE J 316 5.73 -71.57 -27.06
N ILE J 317 5.43 -72.87 -27.02
CA ILE J 317 6.46 -73.86 -26.75
C ILE J 317 7.20 -74.26 -28.03
N ASP J 318 6.49 -74.38 -29.14
CA ASP J 318 7.11 -74.78 -30.41
C ASP J 318 7.51 -73.58 -31.26
N THR J 319 6.52 -72.77 -31.65
CA THR J 319 6.74 -71.81 -32.74
C THR J 319 7.66 -70.67 -32.33
N ILE J 320 7.31 -69.93 -31.27
CA ILE J 320 8.02 -68.70 -30.95
C ILE J 320 9.51 -68.92 -30.69
N PRO J 321 9.93 -69.88 -29.87
CA PRO J 321 11.39 -70.05 -29.66
C PRO J 321 12.13 -70.50 -30.92
N ASN J 322 11.44 -71.04 -31.91
CA ASN J 322 12.06 -71.36 -33.19
C ASN J 322 12.19 -70.15 -34.09
N ILE J 323 11.48 -69.06 -33.79
CA ILE J 323 11.49 -67.86 -34.63
C ILE J 323 12.67 -66.97 -34.27
N MET J 324 13.56 -67.46 -33.41
CA MET J 324 14.70 -66.69 -32.98
C MET J 324 15.87 -67.60 -32.61
N PRO J 370 3.71 -111.09 5.88
CA PRO J 370 3.30 -110.25 4.77
C PRO J 370 3.89 -108.83 4.85
N GLU J 371 4.58 -108.54 5.95
CA GLU J 371 5.13 -107.21 6.16
C GLU J 371 6.21 -106.88 5.13
N VAL J 372 7.02 -107.87 4.76
CA VAL J 372 8.04 -107.64 3.74
C VAL J 372 7.39 -107.37 2.38
N LYS J 373 6.36 -108.12 2.03
CA LYS J 373 5.62 -107.86 0.80
C LYS J 373 4.96 -106.49 0.84
N SER J 374 4.42 -106.11 2.00
CA SER J 374 3.83 -104.78 2.14
C SER J 374 4.88 -103.68 1.96
N ALA J 375 6.10 -103.91 2.47
CA ALA J 375 7.17 -102.94 2.28
C ALA J 375 7.59 -102.85 0.82
N ILE J 376 7.65 -103.97 0.12
CA ILE J 376 7.98 -103.95 -1.31
C ILE J 376 6.90 -103.19 -2.09
N GLU J 377 5.64 -103.45 -1.77
CA GLU J 377 4.55 -102.72 -2.41
C GLU J 377 4.59 -101.24 -2.06
N GLY J 378 5.02 -100.90 -0.84
CA GLY J 378 5.19 -99.49 -0.49
C GLY J 378 6.30 -98.82 -1.28
N ILE J 379 7.40 -99.54 -1.51
CA ILE J 379 8.48 -98.99 -2.35
C ILE J 379 7.98 -98.80 -3.78
N LYS J 380 7.18 -99.73 -4.28
CA LYS J 380 6.53 -99.55 -5.59
C LYS J 380 5.64 -98.31 -5.59
N TYR J 381 4.88 -98.12 -4.50
CA TYR J 381 4.03 -96.93 -4.37
C TYR J 381 4.86 -95.65 -4.36
N ILE J 382 6.02 -95.69 -3.71
CA ILE J 382 6.91 -94.53 -3.70
C ILE J 382 7.41 -94.22 -5.10
N ALA J 383 7.80 -95.25 -5.85
CA ALA J 383 8.24 -95.04 -7.23
C ALA J 383 7.11 -94.46 -8.09
N GLU J 384 5.90 -94.99 -7.94
CA GLU J 384 4.75 -94.45 -8.67
C GLU J 384 4.47 -93.00 -8.29
N THR J 385 4.57 -92.69 -6.99
CA THR J 385 4.40 -91.33 -6.51
C THR J 385 5.41 -90.40 -7.16
N MET J 386 6.68 -90.80 -7.19
CA MET J 386 7.71 -89.96 -7.79
C MET J 386 7.48 -89.77 -9.28
N LYS J 387 7.01 -90.82 -9.97
CA LYS J 387 6.70 -90.68 -11.39
C LYS J 387 5.56 -89.68 -11.62
N SER J 388 4.49 -89.79 -10.82
CA SER J 388 3.39 -88.85 -10.94
C SER J 388 3.83 -87.43 -10.62
N ASP J 389 4.65 -87.27 -9.58
CA ASP J 389 5.18 -85.96 -9.23
C ASP J 389 5.98 -85.37 -10.38
N GLN J 390 6.86 -86.18 -11.00
CA GLN J 390 7.65 -85.67 -12.11
C GLN J 390 6.77 -85.28 -13.30
N GLU J 391 5.73 -86.07 -13.57
CA GLU J 391 4.80 -85.70 -14.64
C GLU J 391 4.11 -84.37 -14.35
N SER J 392 3.64 -84.20 -13.11
CA SER J 392 2.98 -82.94 -12.74
C SER J 392 3.96 -81.77 -12.81
N ASN J 393 5.21 -81.98 -12.39
CA ASN J 393 6.21 -80.93 -12.46
C ASN J 393 6.52 -80.54 -13.89
N ASN J 394 6.59 -81.52 -14.80
CA ASN J 394 6.76 -81.18 -16.21
C ASN J 394 5.57 -80.41 -16.75
N ALA J 395 4.36 -80.80 -16.36
CA ALA J 395 3.17 -80.08 -16.79
C ALA J 395 3.18 -78.63 -16.30
N ALA J 396 3.65 -78.41 -15.08
CA ALA J 396 3.78 -77.05 -14.56
C ALA J 396 4.88 -76.28 -15.28
N ALA J 397 6.01 -76.95 -15.56
CA ALA J 397 7.10 -76.30 -16.27
C ALA J 397 6.69 -75.88 -17.66
N GLU J 398 5.74 -76.59 -18.27
CA GLU J 398 5.18 -76.14 -19.54
C GLU J 398 4.57 -74.74 -19.41
N TRP J 399 3.71 -74.55 -18.41
CA TRP J 399 3.11 -73.25 -18.18
C TRP J 399 4.17 -72.20 -17.84
N LYS J 400 5.17 -72.58 -17.06
CA LYS J 400 6.23 -71.64 -16.70
C LYS J 400 7.02 -71.20 -17.93
N TYR J 401 7.32 -72.13 -18.83
CA TYR J 401 8.01 -71.76 -20.07
C TYR J 401 7.14 -70.87 -20.95
N VAL J 402 5.84 -71.17 -21.03
CA VAL J 402 4.92 -70.30 -21.77
C VAL J 402 4.97 -68.88 -21.20
N ALA J 403 4.93 -68.78 -19.87
CA ALA J 403 4.96 -67.46 -19.23
C ALA J 403 6.28 -66.75 -19.50
N MET J 404 7.39 -67.48 -19.50
CA MET J 404 8.68 -66.87 -19.80
C MET J 404 8.74 -66.35 -21.24
N VAL J 405 8.19 -67.11 -22.19
CA VAL J 405 8.16 -66.65 -23.57
C VAL J 405 7.28 -65.42 -23.71
N MET J 406 6.14 -65.41 -23.05
CA MET J 406 5.29 -64.23 -23.02
C MET J 406 6.05 -63.03 -22.48
N ASP J 407 6.77 -63.22 -21.38
CA ASP J 407 7.58 -62.14 -20.80
C ASP J 407 8.61 -61.62 -21.80
N HIS J 408 9.31 -62.52 -22.49
CA HIS J 408 10.34 -62.09 -23.43
C HIS J 408 9.76 -61.35 -24.62
N ILE J 409 8.57 -61.73 -25.08
CA ILE J 409 7.91 -60.96 -26.14
C ILE J 409 7.50 -59.59 -25.62
N LEU J 410 6.85 -59.57 -24.45
CA LEU J 410 6.28 -58.34 -23.91
C LEU J 410 7.35 -57.31 -23.58
N LEU J 411 8.53 -57.77 -23.16
CA LEU J 411 9.62 -56.82 -22.89
C LEU J 411 9.95 -55.98 -24.12
N GLY J 412 10.19 -56.64 -25.26
CA GLY J 412 10.46 -55.91 -26.48
C GLY J 412 9.29 -55.07 -26.95
N VAL J 413 8.08 -55.64 -26.88
CA VAL J 413 6.89 -54.90 -27.31
C VAL J 413 6.75 -53.62 -26.50
N PHE J 414 6.89 -53.71 -25.18
CA PHE J 414 6.70 -52.55 -24.31
C PHE J 414 7.82 -51.53 -24.48
N MET J 415 9.06 -51.98 -24.66
CA MET J 415 10.12 -51.00 -24.90
C MET J 415 9.91 -50.25 -26.22
N LEU J 416 9.49 -50.97 -27.26
CA LEU J 416 9.18 -50.31 -28.53
C LEU J 416 8.02 -49.33 -28.38
N VAL J 417 6.97 -49.73 -27.67
CA VAL J 417 5.84 -48.85 -27.45
C VAL J 417 6.25 -47.61 -26.66
N CYS J 418 7.11 -47.79 -25.66
CA CYS J 418 7.60 -46.66 -24.87
C CYS J 418 8.35 -45.66 -25.75
N ILE J 419 9.31 -46.15 -26.54
CA ILE J 419 10.10 -45.22 -27.35
C ILE J 419 9.23 -44.55 -28.41
N ILE J 420 8.32 -45.31 -29.04
CA ILE J 420 7.46 -44.73 -30.07
C ILE J 420 6.52 -43.67 -29.47
N GLY J 421 5.96 -43.95 -28.29
CA GLY J 421 5.10 -42.97 -27.64
C GLY J 421 5.86 -41.73 -27.21
N THR J 422 7.10 -41.90 -26.73
CA THR J 422 7.91 -40.75 -26.38
C THR J 422 8.21 -39.90 -27.61
N LEU J 423 8.51 -40.53 -28.75
CA LEU J 423 8.77 -39.79 -29.97
C LEU J 423 7.52 -39.07 -30.47
N ALA J 424 6.38 -39.77 -30.51
CA ALA J 424 5.20 -39.29 -31.21
C ALA J 424 4.71 -37.94 -30.69
N VAL J 425 4.92 -37.66 -29.40
CA VAL J 425 4.49 -36.38 -28.85
C VAL J 425 5.49 -35.27 -29.20
N PHE J 426 6.75 -35.45 -28.82
CA PHE J 426 7.69 -34.34 -28.86
C PHE J 426 8.32 -34.10 -30.22
N ALA J 427 8.31 -35.10 -31.12
CA ALA J 427 9.03 -34.98 -32.37
C ALA J 427 8.51 -33.81 -33.21
N GLY J 428 7.18 -33.68 -33.32
CA GLY J 428 6.62 -32.63 -34.15
C GLY J 428 6.99 -31.25 -33.67
N ARG J 429 6.86 -31.00 -32.36
CA ARG J 429 7.18 -29.69 -31.83
C ARG J 429 8.68 -29.42 -31.87
N LEU J 430 9.52 -30.44 -31.69
CA LEU J 430 10.96 -30.23 -31.81
C LEU J 430 11.38 -29.97 -33.25
N ILE J 431 10.64 -30.53 -34.21
CA ILE J 431 10.88 -30.21 -35.62
C ILE J 431 10.48 -28.77 -35.91
N GLU J 432 9.30 -28.36 -35.42
CA GLU J 432 8.86 -26.98 -35.61
C GLU J 432 9.82 -25.99 -34.96
N LEU J 433 10.37 -26.35 -33.79
CA LEU J 433 11.35 -25.50 -33.13
C LEU J 433 12.66 -25.42 -33.91
N ASN J 434 12.94 -26.37 -34.79
CA ASN J 434 14.20 -26.39 -35.53
C ASN J 434 13.95 -26.62 -37.02
N ILE K 1 39.59 9.29 41.73
CA ILE K 1 39.76 10.16 40.57
C ILE K 1 38.41 10.69 40.12
N VAL K 2 38.43 11.79 39.37
CA VAL K 2 37.23 12.40 38.82
C VAL K 2 37.22 12.20 37.32
N CYS K 3 36.13 11.66 36.80
CA CYS K 3 35.98 11.41 35.37
C CYS K 3 34.66 11.97 34.88
N HIS K 4 34.62 12.32 33.60
CA HIS K 4 33.35 12.70 32.98
C HIS K 4 32.47 11.48 32.79
N THR K 5 31.16 11.68 32.92
CA THR K 5 30.19 10.60 32.76
C THR K 5 29.04 11.07 31.88
N THR K 6 28.55 10.16 31.04
CA THR K 6 27.37 10.41 30.22
C THR K 6 26.09 9.89 30.86
N ALA K 7 26.16 9.38 32.09
CA ALA K 7 24.97 8.92 32.79
C ALA K 7 24.03 10.08 33.09
N THR K 8 24.59 11.23 33.47
CA THR K 8 23.81 12.43 33.72
C THR K 8 23.64 13.24 32.43
N SER K 9 22.58 14.03 32.39
CA SER K 9 22.31 14.93 31.27
C SER K 9 22.35 16.36 31.75
N PRO K 10 23.24 17.21 31.22
CA PRO K 10 24.27 16.91 30.21
C PRO K 10 25.47 16.19 30.82
N ILE K 11 26.52 15.95 30.04
CA ILE K 11 27.72 15.31 30.57
C ILE K 11 28.32 16.17 31.67
N SER K 12 28.71 15.54 32.76
CA SER K 12 29.30 16.23 33.90
C SER K 12 30.43 15.39 34.48
N ALA K 13 31.32 16.04 35.22
CA ALA K 13 32.43 15.38 35.87
C ALA K 13 32.00 14.91 37.25
N VAL K 14 32.16 13.62 37.51
CA VAL K 14 31.74 13.00 38.77
C VAL K 14 32.89 12.18 39.31
N THR K 15 33.09 12.24 40.63
CA THR K 15 34.13 11.45 41.26
C THR K 15 33.77 9.96 41.20
N CYS K 16 34.77 9.13 40.94
CA CYS K 16 34.53 7.71 40.80
C CYS K 16 34.02 7.12 42.11
N PRO K 17 33.11 6.15 42.06
CA PRO K 17 32.74 5.44 43.28
C PRO K 17 33.94 4.69 43.84
N PRO K 18 33.97 4.45 45.15
CA PRO K 18 35.10 3.74 45.74
C PRO K 18 35.27 2.35 45.12
N GLY K 19 36.51 1.99 44.84
CA GLY K 19 36.85 0.76 44.16
C GLY K 19 37.18 0.92 42.69
N GLU K 20 36.83 2.05 42.10
CA GLU K 20 37.15 2.35 40.71
C GLU K 20 37.91 3.66 40.62
N ASN K 21 38.89 3.71 39.72
CA ASN K 21 39.72 4.90 39.59
C ASN K 21 39.92 5.34 38.14
N LEU K 22 39.97 4.38 37.22
CA LEU K 22 40.33 4.68 35.84
C LEU K 22 39.21 5.38 35.09
N CYS K 23 39.54 6.49 34.43
CA CYS K 23 38.65 7.11 33.47
C CYS K 23 38.73 6.40 32.13
N TYR K 24 37.61 6.39 31.41
CA TYR K 24 37.61 5.80 30.08
C TYR K 24 36.65 6.55 29.16
N ARG K 25 36.91 6.46 27.87
CA ARG K 25 36.02 6.95 26.83
C ARG K 25 35.89 5.87 25.76
N LYS K 26 34.66 5.46 25.48
CA LYS K 26 34.38 4.47 24.44
C LYS K 26 33.57 5.13 23.33
N MET K 27 34.00 4.95 22.09
CA MET K 27 33.32 5.51 20.94
C MET K 27 33.20 4.47 19.84
N TRP K 28 32.02 4.39 19.22
CA TRP K 28 31.79 3.52 18.08
C TRP K 28 30.72 4.15 17.21
N CYS K 29 30.73 3.79 15.93
CA CYS K 29 29.79 4.34 14.97
C CYS K 29 28.47 3.58 14.99
N ASP K 30 27.42 4.28 14.55
CA ASP K 30 26.10 3.69 14.37
C ASP K 30 25.52 4.26 13.08
N ALA K 31 24.23 4.01 12.84
CA ALA K 31 23.60 4.42 11.59
C ALA K 31 23.61 5.92 11.39
N PHE K 32 23.75 6.70 12.46
CA PHE K 32 23.71 8.15 12.38
C PHE K 32 25.09 8.78 12.29
N CYS K 33 26.13 7.96 12.10
CA CYS K 33 27.47 8.48 11.85
C CYS K 33 27.57 9.25 10.53
N SER K 34 26.49 9.32 9.74
CA SER K 34 26.52 10.09 8.52
C SER K 34 26.77 11.57 8.75
N SER K 35 26.23 12.14 9.84
CA SER K 35 26.40 13.55 10.13
C SER K 35 26.79 13.75 11.59
N ARG K 36 26.31 12.86 12.45
CA ARG K 36 26.46 13.05 13.89
C ARG K 36 27.77 12.49 14.44
N GLY K 37 28.51 11.73 13.67
CA GLY K 37 29.76 11.15 14.16
C GLY K 37 29.52 10.00 15.12
N LYS K 38 30.62 9.51 15.68
CA LYS K 38 30.59 8.32 16.52
C LYS K 38 29.83 8.58 17.82
N VAL K 39 29.19 7.52 18.33
CA VAL K 39 28.59 7.58 19.66
C VAL K 39 29.69 7.82 20.69
N VAL K 40 29.34 8.49 21.78
CA VAL K 40 30.28 8.77 22.86
C VAL K 40 29.70 8.22 24.16
N GLU K 41 30.52 7.48 24.90
CA GLU K 41 30.17 7.00 26.23
C GLU K 41 31.28 7.38 27.20
N LEU K 42 30.92 8.00 28.31
CA LEU K 42 31.86 8.42 29.32
C LEU K 42 31.50 7.84 30.68
N GLY K 43 32.50 7.42 31.43
CA GLY K 43 32.27 6.90 32.77
C GLY K 43 33.58 6.57 33.45
N CYS K 44 33.45 5.89 34.60
CA CYS K 44 34.60 5.44 35.36
C CYS K 44 34.46 3.95 35.66
N ALA K 45 35.60 3.26 35.71
CA ALA K 45 35.63 1.82 35.96
C ALA K 45 36.88 1.47 36.75
N ALA K 46 36.83 0.31 37.41
CA ALA K 46 37.98 -0.18 38.16
C ALA K 46 39.07 -0.73 37.27
N THR K 47 38.74 -1.11 36.04
CA THR K 47 39.71 -1.60 35.08
C THR K 47 39.23 -1.19 33.69
N CYS K 48 40.21 -0.99 32.79
CA CYS K 48 39.95 -0.61 31.41
C CYS K 48 38.82 -1.47 30.84
N PRO K 49 37.69 -0.85 30.48
CA PRO K 49 36.51 -1.63 30.06
C PRO K 49 36.79 -2.48 28.83
N SER K 50 36.00 -3.54 28.69
CA SER K 50 36.13 -4.43 27.54
C SER K 50 35.75 -3.69 26.26
N LYS K 51 36.25 -4.19 25.15
CA LYS K 51 36.05 -3.54 23.85
C LYS K 51 35.45 -4.52 22.87
N LYS K 52 34.37 -4.11 22.21
CA LYS K 52 33.78 -4.89 21.15
C LYS K 52 34.63 -4.77 19.89
N PRO K 53 34.48 -5.69 18.94
CA PRO K 53 35.30 -5.62 17.72
C PRO K 53 35.15 -4.31 16.97
N TYR K 54 33.98 -3.68 17.03
CA TYR K 54 33.73 -2.44 16.31
C TYR K 54 33.78 -1.21 17.22
N GLU K 55 34.07 -1.37 18.50
CA GLU K 55 34.09 -0.28 19.46
C GLU K 55 35.52 0.01 19.90
N GLU K 56 35.93 1.27 19.79
CA GLU K 56 37.24 1.70 20.26
C GLU K 56 37.12 2.21 21.68
N VAL K 57 37.96 1.68 22.57
CA VAL K 57 37.93 2.04 23.99
C VAL K 57 39.29 2.64 24.36
N THR K 58 39.25 3.79 25.02
CA THR K 58 40.44 4.47 25.52
C THR K 58 40.38 4.53 27.04
N CYS K 59 41.53 4.33 27.68
CA CYS K 59 41.61 4.29 29.13
C CYS K 59 42.78 5.14 29.60
N CYS K 60 42.54 5.99 30.59
CA CYS K 60 43.58 6.89 31.11
C CYS K 60 43.29 7.18 32.58
N SER K 61 44.36 7.37 33.34
CA SER K 61 44.25 7.60 34.78
C SER K 61 44.39 9.08 35.17
N THR K 62 44.84 9.94 34.25
CA THR K 62 45.04 11.33 34.57
C THR K 62 43.70 12.04 34.79
N ASP K 63 43.76 13.21 35.41
CA ASP K 63 42.56 13.98 35.70
C ASP K 63 42.05 14.66 34.43
N LYS K 64 40.73 14.62 34.24
CA LYS K 64 40.06 15.27 33.11
C LYS K 64 40.59 14.77 31.77
N CYS K 65 41.04 13.51 31.72
CA CYS K 65 41.60 12.94 30.51
C CYS K 65 40.56 12.31 29.60
N ASN K 66 39.27 12.46 29.92
CA ASN K 66 38.19 11.89 29.11
C ASN K 66 37.08 12.91 28.81
N PRO K 67 37.41 14.03 28.18
CA PRO K 67 36.39 15.03 27.83
C PRO K 67 35.61 14.58 26.60
N HIS K 68 34.61 15.37 26.25
CA HIS K 68 33.93 15.17 24.99
C HIS K 68 34.82 15.64 23.84
N PRO K 69 34.81 14.96 22.70
CA PRO K 69 35.71 15.33 21.60
C PRO K 69 35.66 16.80 21.19
N LYS K 70 34.54 17.48 21.43
CA LYS K 70 34.39 18.88 21.07
C LYS K 70 34.69 19.82 22.23
N GLN K 71 35.22 19.31 23.34
CA GLN K 71 35.58 20.12 24.50
C GLN K 71 37.00 19.81 24.92
N ARG K 72 37.72 20.84 25.35
CA ARG K 72 39.12 20.69 25.72
C ARG K 72 39.24 20.16 27.15
N PRO K 73 40.30 19.38 27.44
CA PRO K 73 40.58 18.87 28.79
C PRO K 73 40.76 19.99 29.81
#